data_1S4Z
#
_entry.id   1S4Z
#
loop_
_entity.id
_entity.type
_entity.pdbx_description
1 polymer 'Chromobox protein homolog 1'
2 polymer 'Chromatin assembly factor 1 subunit A'
#
loop_
_entity_poly.entity_id
_entity_poly.type
_entity_poly.pdbx_seq_one_letter_code
_entity_poly.pdbx_strand_id
1 'polypeptide(L)' HMKEESEKPRGFARGLEPERIIGATDSSGELMFLMKWKNSDEADLVPAKEANVKCPQVVISFYEERLTWHSYPSD A,B
2 'polypeptide(L)' GSKAGDLLFIEKVPVVVLEDILATKPSIAS C
#
# COMPACT_ATOMS: atom_id res chain seq x y z
N HIS A 1 -14.33 10.12 27.53
CA HIS A 1 -13.84 9.63 28.84
C HIS A 1 -12.52 8.86 28.68
N MET A 2 -12.42 8.09 27.59
CA MET A 2 -11.23 7.30 27.30
C MET A 2 -11.01 6.22 28.36
N LYS A 3 -10.70 5.00 27.90
CA LYS A 3 -10.46 3.89 28.79
C LYS A 3 -9.23 4.12 29.65
N GLU A 4 -9.35 3.84 30.95
CA GLU A 4 -8.25 4.00 31.90
C GLU A 4 -7.86 5.47 32.03
N GLU A 5 -7.65 5.91 33.28
CA GLU A 5 -7.28 7.29 33.55
C GLU A 5 -5.88 7.59 32.99
N SER A 6 -4.97 6.63 33.12
CA SER A 6 -3.61 6.80 32.63
C SER A 6 -3.60 7.21 31.16
N GLU A 7 -2.76 8.19 30.84
CA GLU A 7 -2.65 8.70 29.47
C GLU A 7 -2.18 7.59 28.52
N LYS A 8 -2.79 7.54 27.34
CA LYS A 8 -2.43 6.54 26.34
C LYS A 8 -2.04 7.20 25.01
N PRO A 9 -1.02 6.66 24.33
CA PRO A 9 -0.54 7.20 23.04
C PRO A 9 -1.65 7.28 21.98
N ARG A 10 -1.23 7.45 20.73
CA ARG A 10 -2.17 7.56 19.62
C ARG A 10 -2.43 6.18 19.00
N GLY A 11 -2.23 6.05 17.68
CA GLY A 11 -2.46 4.78 17.02
C GLY A 11 -1.59 3.67 17.55
N PHE A 12 -2.18 2.49 17.74
CA PHE A 12 -1.45 1.33 18.25
C PHE A 12 -0.79 1.67 19.58
N ALA A 13 -1.52 2.38 20.43
CA ALA A 13 -1.01 2.78 21.72
C ALA A 13 -0.64 1.56 22.57
N ARG A 14 -1.61 0.70 22.81
CA ARG A 14 -1.39 -0.51 23.60
C ARG A 14 -1.14 -1.70 22.69
N GLY A 15 -2.09 -1.96 21.81
CA GLY A 15 -1.97 -3.08 20.88
C GLY A 15 -3.32 -3.70 20.58
N LEU A 16 -4.35 -2.86 20.56
CA LEU A 16 -5.71 -3.32 20.29
C LEU A 16 -5.87 -3.75 18.83
N GLU A 17 -6.69 -4.77 18.62
CA GLU A 17 -6.94 -5.31 17.28
C GLU A 17 -7.44 -4.23 16.31
N PRO A 18 -6.89 -4.18 15.09
CA PRO A 18 -7.31 -3.21 14.08
C PRO A 18 -8.68 -3.58 13.51
N GLU A 19 -9.66 -2.69 13.70
CA GLU A 19 -11.00 -2.93 13.20
C GLU A 19 -11.05 -2.92 11.69
N ARG A 20 -10.81 -1.73 11.11
CA ARG A 20 -10.83 -1.57 9.65
C ARG A 20 -10.50 -0.14 9.28
N ILE A 21 -9.58 0.03 8.33
CA ILE A 21 -9.20 1.36 7.88
C ILE A 21 -10.35 2.02 7.12
N ILE A 22 -10.60 3.29 7.41
CA ILE A 22 -11.67 4.03 6.77
C ILE A 22 -11.27 5.48 6.53
N GLY A 23 -9.98 5.70 6.32
CA GLY A 23 -9.48 7.04 6.09
C GLY A 23 -8.02 7.04 5.67
N ALA A 24 -7.64 8.06 4.92
CA ALA A 24 -6.27 8.20 4.44
C ALA A 24 -6.04 9.62 3.93
N THR A 25 -5.08 10.31 4.52
CA THR A 25 -4.80 11.69 4.12
C THR A 25 -3.32 12.02 4.27
N ASP A 26 -2.76 12.65 3.24
CA ASP A 26 -1.35 13.04 3.26
C ASP A 26 -1.16 14.36 3.99
N SER A 27 -0.42 14.33 5.09
CA SER A 27 -0.15 15.53 5.87
C SER A 27 0.96 16.35 5.21
N SER A 28 1.97 16.74 6.01
CA SER A 28 3.09 17.51 5.49
C SER A 28 3.77 16.79 4.33
N GLY A 29 3.92 15.48 4.48
CA GLY A 29 4.55 14.68 3.45
C GLY A 29 4.51 13.19 3.76
N GLU A 30 3.40 12.75 4.32
CA GLU A 30 3.22 11.35 4.68
C GLU A 30 1.75 11.04 4.93
N LEU A 31 1.30 9.87 4.48
CA LEU A 31 -0.08 9.46 4.67
C LEU A 31 -0.43 9.43 6.14
N MET A 32 -1.70 9.60 6.45
CA MET A 32 -2.13 9.58 7.84
C MET A 32 -3.32 8.63 8.01
N PHE A 33 -3.05 7.34 7.82
CA PHE A 33 -4.10 6.32 7.92
C PHE A 33 -4.99 6.53 9.14
N LEU A 34 -6.29 6.61 8.88
CA LEU A 34 -7.29 6.79 9.92
C LEU A 34 -7.74 5.43 10.46
N MET A 35 -6.98 4.90 11.41
CA MET A 35 -7.26 3.58 12.00
C MET A 35 -8.51 3.60 12.87
N LYS A 36 -9.37 2.61 12.65
CA LYS A 36 -10.61 2.47 13.42
C LYS A 36 -10.38 1.54 14.61
N TRP A 37 -10.98 1.87 15.75
CA TRP A 37 -10.83 1.04 16.95
C TRP A 37 -12.18 0.64 17.53
N LYS A 38 -12.32 -0.65 17.82
CA LYS A 38 -13.57 -1.18 18.38
C LYS A 38 -13.82 -0.63 19.76
N ASN A 39 -12.84 -0.76 20.64
CA ASN A 39 -12.96 -0.29 22.01
C ASN A 39 -12.34 1.08 22.20
N SER A 40 -11.14 1.26 21.66
CA SER A 40 -10.41 2.52 21.78
C SER A 40 -11.07 3.63 20.98
N ASP A 41 -10.62 4.86 21.24
CA ASP A 41 -11.15 6.03 20.55
C ASP A 41 -11.11 5.82 19.05
N GLU A 42 -12.17 5.23 18.52
CA GLU A 42 -12.27 4.95 17.09
C GLU A 42 -11.78 6.12 16.25
N ALA A 43 -11.10 5.78 15.15
CA ALA A 43 -10.55 6.77 14.23
C ALA A 43 -9.41 7.56 14.86
N ASP A 44 -8.22 7.45 14.26
CA ASP A 44 -7.02 8.15 14.75
C ASP A 44 -5.98 8.24 13.65
N LEU A 45 -5.40 9.42 13.46
CA LEU A 45 -4.38 9.63 12.44
C LEU A 45 -3.07 8.96 12.83
N VAL A 46 -2.43 8.32 11.84
CA VAL A 46 -1.16 7.65 12.06
C VAL A 46 -0.28 7.78 10.81
N PRO A 47 0.94 8.32 10.97
CA PRO A 47 1.86 8.50 9.84
C PRO A 47 2.16 7.18 9.14
N ALA A 48 2.00 7.18 7.82
CA ALA A 48 2.24 5.98 7.02
C ALA A 48 3.58 5.33 7.37
N LYS A 49 4.59 6.16 7.59
CA LYS A 49 5.92 5.68 7.94
C LYS A 49 5.87 4.86 9.22
N GLU A 50 5.06 5.30 10.17
CA GLU A 50 4.91 4.61 11.45
C GLU A 50 3.94 3.44 11.35
N ALA A 51 2.88 3.60 10.58
CA ALA A 51 1.86 2.57 10.41
C ALA A 51 2.39 1.31 9.73
N ASN A 52 3.21 1.49 8.70
CA ASN A 52 3.75 0.34 7.95
C ASN A 52 4.37 -0.71 8.88
N VAL A 53 5.11 -0.26 9.89
CA VAL A 53 5.75 -1.19 10.82
C VAL A 53 4.73 -1.80 11.78
N LYS A 54 3.72 -1.01 12.15
CA LYS A 54 2.68 -1.48 13.06
C LYS A 54 1.97 -2.72 12.53
N CYS A 55 1.56 -2.67 11.26
CA CYS A 55 0.87 -3.80 10.64
C CYS A 55 0.77 -3.61 9.13
N PRO A 56 1.82 -4.01 8.39
CA PRO A 56 1.83 -3.88 6.92
C PRO A 56 0.74 -4.73 6.28
N GLN A 57 0.48 -5.89 6.85
CA GLN A 57 -0.54 -6.79 6.33
C GLN A 57 -1.89 -6.08 6.25
N VAL A 58 -2.20 -5.29 7.27
CA VAL A 58 -3.47 -4.57 7.32
C VAL A 58 -3.54 -3.47 6.27
N VAL A 59 -2.52 -2.62 6.22
CA VAL A 59 -2.49 -1.52 5.26
C VAL A 59 -2.48 -2.02 3.82
N ILE A 60 -1.58 -2.95 3.51
CA ILE A 60 -1.48 -3.51 2.16
C ILE A 60 -2.82 -4.08 1.72
N SER A 61 -3.51 -4.77 2.63
CA SER A 61 -4.80 -5.36 2.33
C SER A 61 -5.85 -4.29 2.02
N PHE A 62 -5.80 -3.20 2.77
CA PHE A 62 -6.74 -2.10 2.59
C PHE A 62 -6.74 -1.58 1.16
N TYR A 63 -5.55 -1.38 0.61
CA TYR A 63 -5.41 -0.88 -0.76
C TYR A 63 -5.96 -1.87 -1.78
N GLU A 64 -5.75 -3.16 -1.54
CA GLU A 64 -6.21 -4.20 -2.46
C GLU A 64 -7.69 -4.01 -2.82
N GLU A 65 -8.54 -3.95 -1.80
CA GLU A 65 -9.97 -3.80 -2.03
C GLU A 65 -10.27 -2.43 -2.62
N ARG A 66 -9.59 -1.40 -2.12
CA ARG A 66 -9.79 -0.04 -2.59
C ARG A 66 -9.06 0.20 -3.91
N LEU A 67 -9.07 -0.78 -4.80
CA LEU A 67 -8.41 -0.66 -6.09
C LEU A 67 -9.42 -0.34 -7.18
N THR A 68 -9.19 0.75 -7.90
CA THR A 68 -10.10 1.18 -8.97
C THR A 68 -9.60 0.80 -10.35
N TRP A 69 -8.28 0.78 -10.50
CA TRP A 69 -7.66 0.45 -11.77
C TRP A 69 -7.91 1.55 -12.81
N HIS A 70 -6.86 1.92 -13.54
CA HIS A 70 -6.97 2.96 -14.56
C HIS A 70 -7.72 2.42 -15.79
N SER A 71 -7.03 2.27 -16.91
CA SER A 71 -7.65 1.77 -18.14
C SER A 71 -6.62 1.01 -18.97
N TYR A 72 -6.99 -0.21 -19.36
CA TYR A 72 -6.10 -1.06 -20.17
C TYR A 72 -6.04 -0.58 -21.62
N PRO A 73 -4.87 -0.13 -22.08
CA PRO A 73 -4.70 0.32 -23.47
C PRO A 73 -4.49 -0.83 -24.43
N SER A 74 -5.16 -0.76 -25.57
CA SER A 74 -5.05 -1.80 -26.59
C SER A 74 -5.72 -1.36 -27.88
N ASP A 75 -5.49 -0.11 -28.25
CA ASP A 75 -6.07 0.46 -29.46
C ASP A 75 -5.63 -0.33 -30.69
N HIS B 1 20.13 -14.85 -21.53
CA HIS B 1 21.26 -15.70 -21.08
C HIS B 1 21.17 -15.97 -19.58
N MET B 2 20.73 -14.97 -18.82
CA MET B 2 20.59 -15.10 -17.37
C MET B 2 21.95 -15.30 -16.69
N LYS B 3 22.18 -14.57 -15.61
CA LYS B 3 23.43 -14.66 -14.87
C LYS B 3 23.60 -16.04 -14.24
N GLU B 4 24.80 -16.59 -14.38
CA GLU B 4 25.12 -17.92 -13.84
C GLU B 4 24.29 -19.01 -14.51
N GLU B 5 24.96 -20.12 -14.86
CA GLU B 5 24.29 -21.24 -15.51
C GLU B 5 23.27 -21.89 -14.58
N SER B 6 23.62 -21.99 -13.30
CA SER B 6 22.73 -22.60 -12.31
C SER B 6 21.35 -21.93 -12.32
N GLU B 7 20.31 -22.74 -12.25
CA GLU B 7 18.94 -22.24 -12.26
C GLU B 7 18.67 -21.37 -11.05
N LYS B 8 17.98 -20.25 -11.26
CA LYS B 8 17.65 -19.33 -10.19
C LYS B 8 16.13 -19.12 -10.09
N PRO B 9 15.59 -19.00 -8.86
CA PRO B 9 14.15 -18.80 -8.64
C PRO B 9 13.61 -17.55 -9.33
N ARG B 10 12.42 -17.13 -8.90
CA ARG B 10 11.78 -15.94 -9.48
C ARG B 10 12.16 -14.69 -8.68
N GLY B 11 11.16 -13.87 -8.32
CA GLY B 11 11.42 -12.67 -7.56
C GLY B 11 12.13 -12.94 -6.25
N PHE B 12 13.10 -12.10 -5.92
CA PHE B 12 13.86 -12.26 -4.68
C PHE B 12 14.51 -13.64 -4.62
N ALA B 13 15.03 -14.08 -5.76
CA ALA B 13 15.68 -15.38 -5.85
C ALA B 13 16.90 -15.46 -4.94
N ARG B 14 17.88 -14.61 -5.20
CA ARG B 14 19.10 -14.57 -4.39
C ARG B 14 18.97 -13.54 -3.27
N GLY B 15 18.74 -12.30 -3.67
CA GLY B 15 18.60 -11.22 -2.72
C GLY B 15 19.12 -9.91 -3.28
N LEU B 16 18.99 -9.75 -4.60
CA LEU B 16 19.44 -8.55 -5.28
C LEU B 16 18.58 -7.34 -4.91
N GLU B 17 19.22 -6.17 -4.85
CA GLU B 17 18.53 -4.94 -4.50
C GLU B 17 17.34 -4.67 -5.44
N PRO B 18 16.19 -4.25 -4.89
CA PRO B 18 15.00 -3.95 -5.68
C PRO B 18 15.06 -2.53 -6.26
N GLU B 19 15.15 -2.43 -7.58
CA GLU B 19 15.22 -1.13 -8.25
C GLU B 19 13.95 -0.32 -7.97
N ARG B 20 12.80 -0.81 -8.45
CA ARG B 20 11.54 -0.12 -8.26
C ARG B 20 10.38 -0.93 -8.84
N ILE B 21 9.26 -0.96 -8.12
CA ILE B 21 8.08 -1.69 -8.58
C ILE B 21 7.44 -0.97 -9.77
N ILE B 22 7.17 -1.73 -10.83
CA ILE B 22 6.55 -1.16 -12.02
C ILE B 22 5.05 -0.98 -11.83
N GLY B 23 4.40 -1.99 -11.26
CA GLY B 23 2.98 -1.94 -11.03
C GLY B 23 2.45 -3.16 -10.31
N ALA B 24 1.29 -3.65 -10.76
CA ALA B 24 0.66 -4.82 -10.16
C ALA B 24 -0.48 -5.35 -11.03
N THR B 25 -0.61 -6.67 -11.10
CA THR B 25 -1.66 -7.30 -11.91
C THR B 25 -2.33 -8.43 -11.15
N ASP B 26 -3.67 -8.43 -11.15
CA ASP B 26 -4.44 -9.46 -10.46
C ASP B 26 -4.46 -10.75 -11.27
N SER B 27 -3.34 -11.47 -11.26
CA SER B 27 -3.24 -12.72 -12.00
C SER B 27 -3.68 -13.90 -11.14
N SER B 28 -4.51 -14.77 -11.71
CA SER B 28 -5.00 -15.96 -11.01
C SER B 28 -5.75 -15.57 -9.73
N GLY B 29 -6.53 -14.49 -9.79
CA GLY B 29 -7.29 -14.05 -8.65
C GLY B 29 -6.41 -13.59 -7.49
N GLU B 30 -5.21 -13.14 -7.81
CA GLU B 30 -4.28 -12.65 -6.79
C GLU B 30 -3.36 -11.58 -7.37
N LEU B 31 -3.28 -10.45 -6.67
CA LEU B 31 -2.44 -9.34 -7.12
C LEU B 31 -0.97 -9.75 -7.15
N MET B 32 -0.29 -9.40 -8.23
CA MET B 32 1.12 -9.72 -8.38
C MET B 32 1.93 -8.48 -8.73
N PHE B 33 3.02 -8.27 -8.00
CA PHE B 33 3.86 -7.11 -8.23
C PHE B 33 5.04 -7.45 -9.13
N LEU B 34 5.20 -6.68 -10.20
CA LEU B 34 6.29 -6.88 -11.13
C LEU B 34 7.55 -6.19 -10.61
N MET B 35 8.40 -6.96 -9.93
CA MET B 35 9.63 -6.43 -9.36
C MET B 35 10.69 -6.21 -10.43
N LYS B 36 11.14 -4.97 -10.54
CA LYS B 36 12.18 -4.60 -11.51
C LYS B 36 13.55 -4.90 -10.92
N TRP B 37 14.42 -5.50 -11.73
CA TRP B 37 15.77 -5.84 -11.28
C TRP B 37 16.82 -5.15 -12.12
N LYS B 38 17.79 -4.53 -11.46
CA LYS B 38 18.86 -3.82 -12.14
C LYS B 38 19.77 -4.77 -12.90
N ASN B 39 20.29 -5.78 -12.22
CA ASN B 39 21.18 -6.74 -12.84
C ASN B 39 20.42 -7.99 -13.32
N SER B 40 19.55 -8.49 -12.46
CA SER B 40 18.76 -9.69 -12.78
C SER B 40 17.72 -9.42 -13.85
N ASP B 41 17.14 -10.49 -14.37
CA ASP B 41 16.12 -10.40 -15.40
C ASP B 41 15.03 -9.43 -14.97
N GLU B 42 15.26 -8.16 -15.27
CA GLU B 42 14.32 -7.09 -14.92
C GLU B 42 12.86 -7.51 -15.13
N ALA B 43 12.03 -7.19 -14.15
CA ALA B 43 10.60 -7.50 -14.19
C ALA B 43 10.33 -9.00 -14.04
N ASP B 44 9.58 -9.34 -12.99
CA ASP B 44 9.22 -10.73 -12.70
C ASP B 44 7.92 -10.79 -11.91
N LEU B 45 7.03 -11.68 -12.30
CA LEU B 45 5.74 -11.84 -11.61
C LEU B 45 5.93 -12.50 -10.26
N VAL B 46 5.29 -11.94 -9.24
CA VAL B 46 5.37 -12.47 -7.88
C VAL B 46 4.04 -12.25 -7.16
N PRO B 47 3.51 -13.30 -6.50
CA PRO B 47 2.24 -13.21 -5.76
C PRO B 47 2.30 -12.22 -4.61
N ALA B 48 1.20 -11.53 -4.38
CA ALA B 48 1.11 -10.55 -3.31
C ALA B 48 1.46 -11.18 -1.97
N LYS B 49 1.06 -12.44 -1.80
CA LYS B 49 1.32 -13.15 -0.56
C LYS B 49 2.82 -13.30 -0.31
N GLU B 50 3.57 -13.60 -1.37
CA GLU B 50 5.01 -13.76 -1.27
C GLU B 50 5.72 -12.40 -1.23
N ALA B 51 5.20 -11.44 -1.98
CA ALA B 51 5.79 -10.11 -2.05
C ALA B 51 5.72 -9.35 -0.72
N ASN B 52 4.56 -9.41 -0.06
CA ASN B 52 4.38 -8.70 1.21
C ASN B 52 5.46 -9.05 2.22
N VAL B 53 5.76 -10.34 2.37
CA VAL B 53 6.77 -10.77 3.31
C VAL B 53 8.18 -10.37 2.86
N LYS B 54 8.41 -10.44 1.56
CA LYS B 54 9.72 -10.09 0.99
C LYS B 54 10.11 -8.64 1.30
N CYS B 55 9.17 -7.72 1.12
CA CYS B 55 9.43 -6.30 1.37
C CYS B 55 8.14 -5.49 1.40
N PRO B 56 7.46 -5.47 2.57
CA PRO B 56 6.20 -4.72 2.73
C PRO B 56 6.40 -3.21 2.56
N GLN B 57 7.58 -2.74 2.92
CA GLN B 57 7.91 -1.32 2.82
C GLN B 57 7.75 -0.81 1.39
N VAL B 58 8.42 -1.47 0.45
CA VAL B 58 8.35 -1.08 -0.95
C VAL B 58 6.92 -1.22 -1.45
N VAL B 59 6.25 -2.28 -0.99
CA VAL B 59 4.88 -2.56 -1.37
C VAL B 59 3.92 -1.46 -0.92
N ILE B 60 3.93 -1.17 0.38
CA ILE B 60 3.07 -0.14 0.95
C ILE B 60 3.37 1.22 0.34
N SER B 61 4.65 1.51 0.19
CA SER B 61 5.10 2.79 -0.36
C SER B 61 4.61 2.98 -1.80
N PHE B 62 4.63 1.90 -2.58
CA PHE B 62 4.20 1.96 -3.97
C PHE B 62 2.82 2.59 -4.08
N TYR B 63 1.86 2.05 -3.34
CA TYR B 63 0.49 2.56 -3.36
C TYR B 63 0.44 4.00 -2.87
N GLU B 64 1.25 4.31 -1.87
CA GLU B 64 1.28 5.65 -1.29
C GLU B 64 1.43 6.71 -2.37
N GLU B 65 2.32 6.46 -3.33
CA GLU B 65 2.55 7.39 -4.43
C GLU B 65 1.38 7.39 -5.41
N ARG B 66 1.04 6.21 -5.92
CA ARG B 66 -0.06 6.07 -6.87
C ARG B 66 -1.41 6.02 -6.17
N LEU B 67 -1.59 6.91 -5.18
CA LEU B 67 -2.84 6.96 -4.43
C LEU B 67 -3.69 8.15 -4.86
N THR B 68 -5.00 7.98 -4.76
CA THR B 68 -5.94 9.04 -5.11
C THR B 68 -7.22 8.89 -4.31
N TRP B 69 -7.62 9.95 -3.63
CA TRP B 69 -8.82 9.93 -2.80
C TRP B 69 -10.04 10.42 -3.56
N HIS B 70 -11.19 9.81 -3.25
CA HIS B 70 -12.45 10.17 -3.89
C HIS B 70 -13.02 11.46 -3.32
N SER B 71 -14.05 11.98 -3.98
CA SER B 71 -14.70 13.22 -3.57
C SER B 71 -15.19 13.13 -2.13
N TYR B 72 -15.01 14.23 -1.39
CA TYR B 72 -15.45 14.30 0.00
C TYR B 72 -16.97 14.20 0.08
N PRO B 73 -17.49 13.16 0.75
CA PRO B 73 -18.93 12.93 0.89
C PRO B 73 -19.70 14.16 1.37
N SER B 74 -19.23 14.75 2.47
CA SER B 74 -19.88 15.92 3.04
C SER B 74 -19.95 17.06 2.02
N ASP B 75 -21.15 17.57 1.80
CA ASP B 75 -21.37 18.66 0.86
C ASP B 75 -20.74 19.96 1.36
N GLY C 1 -4.14 23.43 20.43
CA GLY C 1 -3.69 22.88 19.13
C GLY C 1 -2.32 22.23 19.21
N SER C 2 -2.09 21.48 20.28
CA SER C 2 -0.82 20.80 20.49
C SER C 2 -0.64 19.65 19.49
N LYS C 3 -0.25 18.48 19.99
CA LYS C 3 -0.04 17.32 19.13
C LYS C 3 -1.32 16.92 18.42
N ALA C 4 -2.44 16.98 19.12
CA ALA C 4 -3.74 16.63 18.56
C ALA C 4 -4.30 17.75 17.69
N GLY C 5 -3.46 18.28 16.81
CA GLY C 5 -3.89 19.37 15.94
C GLY C 5 -4.98 18.93 14.97
N ASP C 6 -4.81 17.76 14.37
CA ASP C 6 -5.79 17.24 13.41
C ASP C 6 -7.17 17.12 14.05
N LEU C 7 -8.18 17.64 13.37
CA LEU C 7 -9.55 17.60 13.86
C LEU C 7 -10.53 17.34 12.72
N LEU C 8 -10.27 17.94 11.55
CA LEU C 8 -11.13 17.77 10.39
C LEU C 8 -10.31 17.72 9.10
N PHE C 9 -10.63 16.76 8.26
CA PHE C 9 -9.92 16.57 7.00
C PHE C 9 -10.80 15.90 5.94
N ILE C 10 -10.33 14.76 5.42
CA ILE C 10 -11.07 14.03 4.40
C ILE C 10 -11.65 12.74 4.95
N GLU C 11 -12.89 12.45 4.57
CA GLU C 11 -13.58 11.24 4.99
C GLU C 11 -14.37 10.68 3.82
N LYS C 12 -13.63 10.32 2.77
CA LYS C 12 -14.22 9.79 1.55
C LYS C 12 -13.94 8.29 1.40
N VAL C 13 -13.51 7.89 0.22
CA VAL C 13 -13.21 6.50 -0.05
C VAL C 13 -11.95 6.38 -0.90
N PRO C 14 -10.82 5.98 -0.28
CA PRO C 14 -9.53 5.86 -0.98
C PRO C 14 -9.57 4.85 -2.12
N VAL C 15 -8.84 5.17 -3.18
CA VAL C 15 -8.77 4.32 -4.36
C VAL C 15 -7.38 4.43 -4.99
N VAL C 16 -6.87 3.30 -5.47
CA VAL C 16 -5.55 3.27 -6.09
C VAL C 16 -5.66 3.05 -7.59
N VAL C 17 -4.82 3.75 -8.34
CA VAL C 17 -4.83 3.62 -9.78
C VAL C 17 -3.60 2.86 -10.26
N LEU C 18 -3.84 1.82 -11.05
CA LEU C 18 -2.77 1.00 -11.57
C LEU C 18 -3.04 0.62 -13.02
N GLU C 19 -1.98 0.58 -13.82
CA GLU C 19 -2.10 0.25 -15.22
C GLU C 19 -1.54 -1.14 -15.49
N ASP C 20 -1.99 -2.10 -14.69
CA ASP C 20 -1.54 -3.48 -14.82
C ASP C 20 -0.04 -3.58 -14.58
N ILE C 21 0.70 -4.14 -15.55
CA ILE C 21 2.14 -4.28 -15.43
C ILE C 21 2.82 -3.99 -16.77
N LEU C 22 2.24 -4.50 -17.84
CA LEU C 22 2.75 -4.29 -19.18
C LEU C 22 1.62 -3.88 -20.11
N ALA C 23 0.69 -3.08 -19.56
CA ALA C 23 -0.47 -2.62 -20.32
C ALA C 23 -0.08 -1.61 -21.39
N THR C 24 0.79 -0.67 -21.04
CA THR C 24 1.23 0.34 -21.99
C THR C 24 2.68 0.12 -22.42
N LYS C 25 2.91 0.25 -23.72
CA LYS C 25 4.25 0.06 -24.28
C LYS C 25 4.45 0.91 -25.54
N PRO C 26 4.50 2.24 -25.39
CA PRO C 26 4.67 3.16 -26.52
C PRO C 26 5.92 2.86 -27.34
N SER C 27 5.78 2.87 -28.66
CA SER C 27 6.89 2.60 -29.56
C SER C 27 6.70 3.33 -30.89
N ILE C 28 7.79 3.91 -31.40
CA ILE C 28 7.74 4.64 -32.65
C ILE C 28 8.47 3.87 -33.75
N ALA C 29 9.61 3.28 -33.39
CA ALA C 29 10.41 2.52 -34.35
C ALA C 29 9.84 1.11 -34.53
N SER C 30 8.54 1.03 -34.76
CA SER C 30 7.88 -0.26 -34.96
C SER C 30 6.67 -0.12 -35.88
N HIS A 1 -15.48 9.82 24.24
CA HIS A 1 -14.27 9.91 25.09
C HIS A 1 -13.60 8.54 25.26
N MET A 2 -12.29 8.51 25.11
CA MET A 2 -11.53 7.26 25.24
C MET A 2 -11.65 6.71 26.66
N LYS A 3 -11.91 5.41 26.76
CA LYS A 3 -12.04 4.76 28.05
C LYS A 3 -10.74 4.85 28.85
N GLU A 4 -10.86 5.22 30.12
CA GLU A 4 -9.70 5.34 31.00
C GLU A 4 -8.66 6.29 30.41
N GLU A 5 -9.12 7.45 29.96
CA GLU A 5 -8.24 8.45 29.35
C GLU A 5 -7.49 9.24 30.43
N SER A 6 -6.94 8.54 31.41
CA SER A 6 -6.19 9.18 32.48
C SER A 6 -4.94 9.87 31.93
N GLU A 7 -4.22 9.13 31.08
CA GLU A 7 -3.00 9.64 30.47
C GLU A 7 -2.46 8.65 29.44
N LYS A 8 -3.36 8.07 28.67
CA LYS A 8 -3.00 7.09 27.66
C LYS A 8 -2.69 7.76 26.32
N PRO A 9 -1.71 7.22 25.56
CA PRO A 9 -1.32 7.76 24.26
C PRO A 9 -2.46 7.70 23.25
N ARG A 10 -2.17 7.18 22.06
CA ARG A 10 -3.18 7.06 21.01
C ARG A 10 -2.73 6.10 19.92
N GLY A 11 -3.66 5.31 19.41
CA GLY A 11 -3.34 4.36 18.36
C GLY A 11 -2.90 3.02 18.93
N PHE A 12 -1.77 2.51 18.44
CA PHE A 12 -1.24 1.23 18.92
C PHE A 12 -0.56 1.39 20.27
N ALA A 13 -1.21 2.12 21.17
CA ALA A 13 -0.65 2.34 22.51
C ALA A 13 -0.50 1.04 23.28
N ARG A 14 -1.62 0.36 23.51
CA ARG A 14 -1.60 -0.90 24.24
C ARG A 14 -1.61 -2.09 23.27
N GLY A 15 -2.50 -2.05 22.28
CA GLY A 15 -2.57 -3.11 21.31
C GLY A 15 -3.88 -3.09 20.53
N LEU A 16 -4.99 -3.22 21.25
CA LEU A 16 -6.32 -3.21 20.63
C LEU A 16 -6.35 -4.11 19.39
N GLU A 17 -7.10 -3.71 18.37
CA GLU A 17 -7.20 -4.49 17.14
C GLU A 17 -7.85 -3.66 16.03
N PRO A 18 -7.23 -3.65 14.83
CA PRO A 18 -7.73 -2.89 13.68
C PRO A 18 -9.10 -3.36 13.21
N GLU A 19 -10.05 -2.43 13.18
CA GLU A 19 -11.40 -2.74 12.73
C GLU A 19 -11.45 -2.66 11.21
N ARG A 20 -11.14 -1.48 10.69
CA ARG A 20 -11.13 -1.26 9.24
C ARG A 20 -10.72 0.19 8.93
N ILE A 21 -9.72 0.34 8.07
CA ILE A 21 -9.24 1.67 7.69
C ILE A 21 -10.25 2.33 6.74
N ILE A 22 -10.52 3.61 6.97
CA ILE A 22 -11.46 4.35 6.14
C ILE A 22 -11.03 5.81 5.96
N GLY A 23 -9.73 6.05 6.00
CA GLY A 23 -9.23 7.41 5.86
C GLY A 23 -7.74 7.47 5.64
N ALA A 24 -7.30 8.54 4.98
CA ALA A 24 -5.89 8.75 4.70
C ALA A 24 -5.65 10.16 4.18
N THR A 25 -4.69 10.86 4.76
CA THR A 25 -4.39 12.22 4.36
C THR A 25 -2.93 12.57 4.65
N ASP A 26 -2.25 13.12 3.64
CA ASP A 26 -0.85 13.50 3.79
C ASP A 26 -0.73 14.85 4.48
N SER A 27 -0.10 14.84 5.66
CA SER A 27 0.09 16.06 6.42
C SER A 27 1.19 16.93 5.79
N SER A 28 2.20 17.28 6.56
CA SER A 28 3.30 18.08 6.05
C SER A 28 3.99 17.37 4.88
N GLY A 29 4.11 16.05 4.99
CA GLY A 29 4.74 15.26 3.95
C GLY A 29 4.71 13.78 4.26
N GLU A 30 3.58 13.29 4.76
CA GLU A 30 3.43 11.88 5.11
C GLU A 30 1.95 11.52 5.27
N LEU A 31 1.58 10.32 4.82
CA LEU A 31 0.20 9.87 4.93
C LEU A 31 -0.19 9.70 6.38
N MET A 32 -1.45 9.91 6.68
CA MET A 32 -1.96 9.79 8.04
C MET A 32 -3.29 9.04 8.05
N PHE A 33 -3.23 7.74 7.76
CA PHE A 33 -4.42 6.91 7.72
C PHE A 33 -5.27 7.07 8.98
N LEU A 34 -6.56 7.31 8.80
CA LEU A 34 -7.47 7.47 9.93
C LEU A 34 -7.76 6.08 10.51
N MET A 35 -6.88 5.63 11.39
CA MET A 35 -7.00 4.31 12.00
C MET A 35 -8.27 4.21 12.86
N LYS A 36 -9.01 3.13 12.69
CA LYS A 36 -10.23 2.89 13.44
C LYS A 36 -10.05 1.69 14.38
N TRP A 37 -10.57 1.80 15.60
CA TRP A 37 -10.45 0.72 16.57
C TRP A 37 -11.82 0.30 17.09
N LYS A 38 -12.10 -0.99 17.03
CA LYS A 38 -13.36 -1.54 17.48
C LYS A 38 -13.53 -1.41 18.99
N ASN A 39 -12.45 -1.70 19.73
CA ASN A 39 -12.48 -1.61 21.18
C ASN A 39 -12.81 -0.19 21.62
N SER A 40 -12.12 0.79 21.04
CA SER A 40 -12.35 2.19 21.37
C SER A 40 -11.45 3.10 20.52
N ASP A 41 -10.86 4.12 21.15
CA ASP A 41 -9.98 5.05 20.43
C ASP A 41 -10.55 5.40 19.06
N GLU A 42 -11.86 5.59 19.01
CA GLU A 42 -12.54 5.92 17.75
C GLU A 42 -11.81 7.04 17.00
N ALA A 43 -11.45 6.74 15.76
CA ALA A 43 -10.75 7.69 14.90
C ALA A 43 -9.40 8.11 15.50
N ASP A 44 -8.34 7.94 14.72
CA ASP A 44 -7.00 8.30 15.16
C ASP A 44 -6.01 8.17 14.00
N LEU A 45 -5.30 9.25 13.71
CA LEU A 45 -4.33 9.27 12.62
C LEU A 45 -3.04 8.56 13.00
N VAL A 46 -2.43 7.92 12.00
CA VAL A 46 -1.18 7.20 12.19
C VAL A 46 -0.27 7.42 10.99
N PRO A 47 0.96 7.92 11.22
CA PRO A 47 1.92 8.18 10.14
C PRO A 47 2.20 6.93 9.32
N ALA A 48 2.01 7.02 8.01
CA ALA A 48 2.24 5.88 7.12
C ALA A 48 3.61 5.27 7.36
N LYS A 49 4.61 6.11 7.61
CA LYS A 49 5.97 5.66 7.86
C LYS A 49 6.02 4.68 9.04
N GLU A 50 5.19 4.94 10.05
CA GLU A 50 5.14 4.10 11.23
C GLU A 50 4.16 2.94 11.06
N ALA A 51 3.01 3.23 10.44
CA ALA A 51 1.98 2.22 10.23
C ALA A 51 2.45 1.07 9.34
N ASN A 52 3.28 1.36 8.35
CA ASN A 52 3.77 0.33 7.43
C ASN A 52 4.35 -0.85 8.20
N VAL A 53 5.05 -0.58 9.29
CA VAL A 53 5.64 -1.65 10.10
C VAL A 53 4.65 -2.16 11.15
N LYS A 54 3.77 -1.28 11.62
CA LYS A 54 2.77 -1.65 12.63
C LYS A 54 1.90 -2.81 12.15
N CYS A 55 1.42 -2.72 10.93
CA CYS A 55 0.56 -3.75 10.35
C CYS A 55 0.47 -3.60 8.84
N PRO A 56 1.55 -3.92 8.11
CA PRO A 56 1.58 -3.81 6.66
C PRO A 56 0.46 -4.59 5.99
N GLN A 57 0.16 -5.77 6.53
CA GLN A 57 -0.90 -6.60 6.00
C GLN A 57 -2.23 -5.85 6.01
N VAL A 58 -2.48 -5.10 7.07
CA VAL A 58 -3.73 -4.34 7.20
C VAL A 58 -3.78 -3.17 6.21
N VAL A 59 -2.73 -2.35 6.19
CA VAL A 59 -2.69 -1.21 5.28
C VAL A 59 -2.74 -1.66 3.82
N ILE A 60 -1.90 -2.62 3.46
CA ILE A 60 -1.87 -3.15 2.09
C ILE A 60 -3.23 -3.68 1.69
N SER A 61 -3.88 -4.40 2.61
CA SER A 61 -5.20 -4.98 2.34
C SER A 61 -6.20 -3.87 2.00
N PHE A 62 -6.10 -2.75 2.71
CA PHE A 62 -6.99 -1.62 2.49
C PHE A 62 -6.95 -1.17 1.03
N TYR A 63 -5.74 -0.99 0.50
CA TYR A 63 -5.59 -0.57 -0.88
C TYR A 63 -6.20 -1.57 -1.85
N GLU A 64 -5.94 -2.85 -1.60
CA GLU A 64 -6.45 -3.92 -2.45
C GLU A 64 -7.97 -3.90 -2.52
N GLU A 65 -8.61 -3.69 -1.37
CA GLU A 65 -10.07 -3.66 -1.29
C GLU A 65 -10.66 -2.56 -2.17
N ARG A 66 -10.17 -1.33 -2.00
CA ARG A 66 -10.67 -0.20 -2.78
C ARG A 66 -9.85 0.04 -4.04
N LEU A 67 -9.40 -1.04 -4.67
CA LEU A 67 -8.61 -0.91 -5.89
C LEU A 67 -9.53 -0.73 -7.10
N THR A 68 -9.37 0.41 -7.78
CA THR A 68 -10.19 0.71 -8.95
C THR A 68 -9.52 0.28 -10.25
N TRP A 69 -8.21 0.14 -10.18
CA TRP A 69 -7.42 -0.25 -11.34
C TRP A 69 -7.40 0.85 -12.40
N HIS A 70 -6.98 0.52 -13.61
CA HIS A 70 -6.91 1.51 -14.69
C HIS A 70 -6.50 0.86 -16.01
N SER A 71 -6.99 1.41 -17.10
CA SER A 71 -6.65 0.88 -18.42
C SER A 71 -5.23 1.30 -18.79
N TYR A 72 -4.33 0.33 -18.88
CA TYR A 72 -2.94 0.59 -19.22
C TYR A 72 -2.71 0.49 -20.72
N PRO A 73 -2.38 1.62 -21.39
CA PRO A 73 -2.13 1.65 -22.82
C PRO A 73 -0.73 1.18 -23.18
N SER A 74 0.21 1.40 -22.27
CA SER A 74 1.61 1.01 -22.49
C SER A 74 2.21 1.78 -23.65
N ASP A 75 2.02 3.09 -23.65
CA ASP A 75 2.55 3.94 -24.71
C ASP A 75 4.07 3.81 -24.80
N HIS B 1 17.92 -11.60 -21.72
CA HIS B 1 18.16 -12.88 -21.03
C HIS B 1 18.87 -12.67 -19.69
N MET B 2 18.40 -13.37 -18.66
CA MET B 2 18.98 -13.25 -17.33
C MET B 2 20.43 -13.74 -17.33
N LYS B 3 21.31 -12.96 -16.70
CA LYS B 3 22.72 -13.31 -16.62
C LYS B 3 22.91 -14.61 -15.86
N GLU B 4 23.73 -15.51 -16.42
CA GLU B 4 24.00 -16.80 -15.80
C GLU B 4 22.71 -17.57 -15.53
N GLU B 5 21.83 -17.63 -16.53
CA GLU B 5 20.57 -18.33 -16.41
C GLU B 5 20.75 -19.84 -16.57
N SER B 6 21.75 -20.38 -15.89
CA SER B 6 22.01 -21.82 -15.95
C SER B 6 20.84 -22.60 -15.37
N GLU B 7 20.38 -22.15 -14.21
CA GLU B 7 19.26 -22.79 -13.53
C GLU B 7 18.86 -21.99 -12.28
N LYS B 8 18.86 -20.67 -12.44
CA LYS B 8 18.51 -19.77 -11.34
C LYS B 8 17.00 -19.51 -11.29
N PRO B 9 16.45 -19.37 -10.07
CA PRO B 9 15.01 -19.11 -9.87
C PRO B 9 14.57 -17.79 -10.48
N ARG B 10 13.81 -17.00 -9.72
CA ARG B 10 13.34 -15.71 -10.18
C ARG B 10 12.76 -14.89 -9.03
N GLY B 11 13.08 -13.61 -9.00
CA GLY B 11 12.60 -12.75 -7.94
C GLY B 11 13.13 -13.14 -6.57
N PHE B 12 13.85 -12.21 -5.94
CA PHE B 12 14.44 -12.43 -4.62
C PHE B 12 15.12 -13.79 -4.53
N ALA B 13 15.72 -14.24 -5.64
CA ALA B 13 16.41 -15.52 -5.66
C ALA B 13 17.68 -15.45 -4.83
N ARG B 14 18.60 -14.57 -5.24
CA ARG B 14 19.86 -14.39 -4.54
C ARG B 14 19.79 -13.20 -3.58
N GLY B 15 19.29 -12.07 -4.09
CA GLY B 15 19.17 -10.88 -3.28
C GLY B 15 18.89 -9.64 -4.11
N LEU B 16 19.83 -9.31 -4.99
CA LEU B 16 19.69 -8.15 -5.87
C LEU B 16 19.21 -6.93 -5.09
N GLU B 17 18.46 -6.04 -5.75
CA GLU B 17 17.95 -4.84 -5.11
C GLU B 17 16.81 -4.23 -5.93
N PRO B 18 15.64 -4.00 -5.30
CA PRO B 18 14.46 -3.44 -5.97
C PRO B 18 14.66 -1.99 -6.41
N GLU B 19 14.39 -1.72 -7.68
CA GLU B 19 14.51 -0.37 -8.22
C GLU B 19 13.21 0.41 -8.03
N ARG B 20 12.10 -0.19 -8.46
CA ARG B 20 10.78 0.43 -8.35
C ARG B 20 9.71 -0.49 -8.93
N ILE B 21 8.65 -0.71 -8.17
CA ILE B 21 7.57 -1.57 -8.62
C ILE B 21 6.81 -0.92 -9.78
N ILE B 22 6.65 -1.66 -10.87
CA ILE B 22 5.95 -1.14 -12.04
C ILE B 22 4.44 -1.13 -11.82
N GLY B 23 3.93 -2.23 -11.27
CA GLY B 23 2.50 -2.32 -11.01
C GLY B 23 2.10 -3.65 -10.40
N ALA B 24 0.93 -4.15 -10.80
CA ALA B 24 0.42 -5.42 -10.28
C ALA B 24 -0.82 -5.86 -11.04
N THR B 25 -0.95 -7.18 -11.25
CA THR B 25 -2.10 -7.74 -11.95
C THR B 25 -2.55 -9.05 -11.31
N ASP B 26 -3.85 -9.17 -11.08
CA ASP B 26 -4.42 -10.36 -10.46
C ASP B 26 -4.42 -11.54 -11.42
N SER B 27 -3.25 -12.13 -11.63
CA SER B 27 -3.12 -13.27 -12.53
C SER B 27 -3.75 -14.52 -11.91
N SER B 28 -4.64 -15.17 -12.68
CA SER B 28 -5.34 -16.37 -12.23
C SER B 28 -6.36 -16.05 -11.13
N GLY B 29 -5.87 -15.57 -9.99
CA GLY B 29 -6.75 -15.23 -8.89
C GLY B 29 -5.99 -14.64 -7.72
N GLU B 30 -4.84 -14.05 -8.02
CA GLU B 30 -3.99 -13.43 -6.99
C GLU B 30 -3.17 -12.29 -7.60
N LEU B 31 -3.09 -11.18 -6.89
CA LEU B 31 -2.34 -10.02 -7.36
C LEU B 31 -0.88 -10.39 -7.59
N MET B 32 -0.32 -9.93 -8.70
CA MET B 32 1.08 -10.22 -9.03
C MET B 32 1.84 -8.92 -9.29
N PHE B 33 2.74 -8.58 -8.37
CA PHE B 33 3.54 -7.38 -8.49
C PHE B 33 4.78 -7.63 -9.35
N LEU B 34 4.94 -6.83 -10.40
CA LEU B 34 6.09 -6.97 -11.28
C LEU B 34 7.32 -6.34 -10.63
N MET B 35 8.11 -7.16 -9.96
CA MET B 35 9.32 -6.67 -9.28
C MET B 35 10.44 -6.37 -10.26
N LYS B 36 10.80 -5.09 -10.36
CA LYS B 36 11.88 -4.67 -11.24
C LYS B 36 13.21 -4.70 -10.49
N TRP B 37 14.28 -5.10 -11.17
CA TRP B 37 15.59 -5.17 -10.54
C TRP B 37 16.64 -4.38 -11.30
N LYS B 38 17.46 -3.66 -10.56
CA LYS B 38 18.51 -2.83 -11.12
C LYS B 38 19.60 -3.69 -11.77
N ASN B 39 20.02 -4.72 -11.05
CA ASN B 39 21.07 -5.62 -11.52
C ASN B 39 20.66 -6.36 -12.78
N SER B 40 19.50 -7.00 -12.75
CA SER B 40 19.01 -7.75 -13.91
C SER B 40 17.60 -8.28 -13.66
N ASP B 41 17.35 -9.53 -14.05
CA ASP B 41 16.04 -10.14 -13.86
C ASP B 41 14.94 -9.17 -14.27
N GLU B 42 15.19 -8.43 -15.35
CA GLU B 42 14.23 -7.44 -15.84
C GLU B 42 12.81 -8.01 -15.88
N ALA B 43 11.93 -7.40 -15.10
CA ALA B 43 10.53 -7.81 -15.03
C ALA B 43 10.38 -9.26 -14.54
N ASP B 44 9.60 -9.43 -13.48
CA ASP B 44 9.35 -10.76 -12.92
C ASP B 44 8.11 -10.74 -12.03
N LEU B 45 7.19 -11.65 -12.29
CA LEU B 45 5.96 -11.76 -11.52
C LEU B 45 6.24 -12.31 -10.13
N VAL B 46 5.56 -11.74 -9.14
CA VAL B 46 5.70 -12.18 -7.75
C VAL B 46 4.36 -12.17 -7.05
N PRO B 47 3.97 -13.29 -6.41
CA PRO B 47 2.69 -13.39 -5.69
C PRO B 47 2.55 -12.34 -4.61
N ALA B 48 1.35 -11.75 -4.53
CA ALA B 48 1.07 -10.73 -3.53
C ALA B 48 1.41 -11.22 -2.13
N LYS B 49 1.02 -12.45 -1.83
CA LYS B 49 1.29 -13.04 -0.53
C LYS B 49 2.79 -13.06 -0.24
N GLU B 50 3.57 -13.37 -1.27
CA GLU B 50 5.01 -13.40 -1.15
C GLU B 50 5.59 -12.02 -0.88
N ALA B 51 5.14 -11.05 -1.66
CA ALA B 51 5.61 -9.67 -1.53
C ALA B 51 5.26 -9.06 -0.17
N ASN B 52 4.05 -9.33 0.33
CA ASN B 52 3.60 -8.79 1.61
C ASN B 52 4.61 -9.05 2.72
N VAL B 53 5.26 -10.21 2.68
CA VAL B 53 6.24 -10.56 3.70
C VAL B 53 7.67 -10.28 3.23
N LYS B 54 7.90 -10.46 1.93
CA LYS B 54 9.22 -10.26 1.34
C LYS B 54 9.69 -8.82 1.47
N CYS B 55 8.80 -7.87 1.18
CA CYS B 55 9.13 -6.45 1.26
C CYS B 55 7.88 -5.58 1.29
N PRO B 56 7.06 -5.70 2.35
CA PRO B 56 5.83 -4.91 2.50
C PRO B 56 6.07 -3.41 2.40
N GLN B 57 7.23 -2.98 2.86
CA GLN B 57 7.59 -1.55 2.84
C GLN B 57 7.50 -0.99 1.42
N VAL B 58 8.20 -1.61 0.48
CA VAL B 58 8.19 -1.15 -0.90
C VAL B 58 6.78 -1.28 -1.47
N VAL B 59 6.10 -2.35 -1.08
CA VAL B 59 4.74 -2.63 -1.52
C VAL B 59 3.78 -1.52 -1.09
N ILE B 60 3.87 -1.12 0.17
CA ILE B 60 3.02 -0.07 0.71
C ILE B 60 3.35 1.28 0.08
N SER B 61 4.64 1.52 -0.13
CA SER B 61 5.11 2.76 -0.72
C SER B 61 4.61 2.94 -2.15
N PHE B 62 4.61 1.85 -2.92
CA PHE B 62 4.17 1.91 -4.30
C PHE B 62 2.78 2.53 -4.40
N TYR B 63 1.82 1.95 -3.69
CA TYR B 63 0.46 2.46 -3.69
C TYR B 63 0.40 3.84 -3.04
N GLU B 64 1.25 4.04 -2.04
CA GLU B 64 1.31 5.31 -1.33
C GLU B 64 1.46 6.47 -2.30
N GLU B 65 2.38 6.32 -3.26
CA GLU B 65 2.61 7.35 -4.25
C GLU B 65 1.44 7.45 -5.22
N ARG B 66 1.01 6.31 -5.74
CA ARG B 66 -0.10 6.27 -6.68
C ARG B 66 -1.45 6.22 -5.96
N LEU B 67 -1.53 6.94 -4.84
CA LEU B 67 -2.77 6.98 -4.07
C LEU B 67 -3.67 8.09 -4.58
N THR B 68 -4.78 7.71 -5.19
CA THR B 68 -5.74 8.68 -5.70
C THR B 68 -6.85 8.87 -4.68
N TRP B 69 -7.12 10.11 -4.35
CA TRP B 69 -8.15 10.40 -3.36
C TRP B 69 -9.48 10.71 -4.02
N HIS B 70 -10.48 9.91 -3.67
CA HIS B 70 -11.83 10.06 -4.20
C HIS B 70 -12.77 10.57 -3.12
N SER B 71 -13.62 11.53 -3.49
CA SER B 71 -14.56 12.12 -2.54
C SER B 71 -15.56 11.09 -2.01
N TYR B 72 -15.70 11.06 -0.68
CA TYR B 72 -16.64 10.15 -0.03
C TYR B 72 -17.54 10.93 0.90
N PRO B 73 -18.85 10.99 0.60
CA PRO B 73 -19.79 11.73 1.42
C PRO B 73 -20.30 10.94 2.62
N SER B 74 -19.46 10.09 3.18
CA SER B 74 -19.82 9.28 4.34
C SER B 74 -21.20 8.65 4.18
N ASP B 75 -21.45 8.07 3.00
CA ASP B 75 -22.74 7.44 2.72
C ASP B 75 -23.04 6.34 3.74
N GLY C 1 -1.27 18.61 24.27
CA GLY C 1 -0.19 18.97 23.32
C GLY C 1 -0.72 19.46 21.98
N SER C 2 -1.72 20.34 22.03
CA SER C 2 -2.32 20.88 20.82
C SER C 2 -1.47 21.99 20.22
N LYS C 3 -0.16 21.73 20.09
CA LYS C 3 0.77 22.71 19.53
C LYS C 3 0.36 23.11 18.12
N ALA C 4 0.06 22.12 17.29
CA ALA C 4 -0.35 22.36 15.91
C ALA C 4 -0.71 21.05 15.20
N GLY C 5 -1.85 21.05 14.53
CA GLY C 5 -2.28 19.86 13.81
C GLY C 5 -3.66 20.04 13.18
N ASP C 6 -3.77 19.68 11.91
CA ASP C 6 -5.03 19.79 11.19
C ASP C 6 -6.06 18.81 11.73
N LEU C 7 -7.28 19.28 11.97
CA LEU C 7 -8.35 18.44 12.49
C LEU C 7 -9.10 17.79 11.35
N LEU C 8 -9.72 18.62 10.51
CA LEU C 8 -10.47 18.12 9.36
C LEU C 8 -9.60 18.08 8.13
N PHE C 9 -9.74 17.01 7.37
CA PHE C 9 -8.95 16.81 6.19
C PHE C 9 -9.69 15.93 5.18
N ILE C 10 -9.00 14.97 4.58
CA ILE C 10 -9.60 14.08 3.61
C ILE C 10 -9.67 12.64 4.14
N GLU C 11 -10.73 12.37 4.89
CA GLU C 11 -10.95 11.03 5.44
C GLU C 11 -12.10 10.39 4.70
N LYS C 12 -11.95 10.34 3.38
CA LYS C 12 -12.97 9.79 2.49
C LYS C 12 -12.55 8.44 1.92
N VAL C 13 -12.68 8.27 0.60
CA VAL C 13 -12.31 7.01 -0.04
C VAL C 13 -11.03 7.18 -0.86
N PRO C 14 -9.88 6.81 -0.27
CA PRO C 14 -8.58 6.91 -0.94
C PRO C 14 -8.31 5.75 -1.89
N VAL C 15 -9.09 5.68 -2.98
CA VAL C 15 -8.91 4.62 -3.96
C VAL C 15 -7.49 4.61 -4.51
N VAL C 16 -7.22 3.70 -5.45
CA VAL C 16 -5.90 3.59 -6.06
C VAL C 16 -6.00 3.19 -7.51
N VAL C 17 -5.20 3.84 -8.35
CA VAL C 17 -5.20 3.55 -9.78
C VAL C 17 -3.93 2.80 -10.18
N LEU C 18 -4.12 1.62 -10.74
CA LEU C 18 -3.02 0.79 -11.19
C LEU C 18 -3.14 0.50 -12.67
N GLU C 19 -2.01 0.45 -13.35
CA GLU C 19 -2.00 0.18 -14.79
C GLU C 19 -1.45 -1.21 -15.04
N ASP C 20 -1.89 -2.16 -14.21
CA ASP C 20 -1.45 -3.54 -14.32
C ASP C 20 0.07 -3.61 -14.34
N ILE C 21 0.62 -4.25 -15.36
CA ILE C 21 2.07 -4.37 -15.51
C ILE C 21 2.44 -4.34 -16.99
N LEU C 22 1.67 -5.08 -17.78
CA LEU C 22 1.86 -5.15 -19.22
C LEU C 22 0.51 -5.35 -19.91
N ALA C 23 -0.50 -4.58 -19.48
CA ALA C 23 -1.84 -4.70 -20.05
C ALA C 23 -1.80 -4.70 -21.58
N THR C 24 -0.96 -3.83 -22.14
CA THR C 24 -0.83 -3.73 -23.60
C THR C 24 0.56 -4.17 -24.04
N LYS C 25 0.62 -4.90 -25.16
CA LYS C 25 1.89 -5.39 -25.70
C LYS C 25 1.80 -5.53 -27.22
N PRO C 26 1.79 -4.40 -27.95
CA PRO C 26 1.70 -4.40 -29.41
C PRO C 26 3.01 -4.81 -30.08
N SER C 27 3.49 -6.00 -29.76
CA SER C 27 4.74 -6.51 -30.34
C SER C 27 4.72 -8.03 -30.43
N ILE C 28 5.15 -8.56 -31.58
CA ILE C 28 5.19 -10.00 -31.80
C ILE C 28 6.62 -10.51 -31.83
N ALA C 29 7.51 -9.74 -32.44
CA ALA C 29 8.92 -10.13 -32.54
C ALA C 29 9.77 -8.95 -33.03
N SER C 30 9.57 -7.80 -32.42
CA SER C 30 10.33 -6.60 -32.79
C SER C 30 10.47 -5.66 -31.60
N HIS A 1 -12.60 -3.73 28.70
CA HIS A 1 -11.97 -3.85 30.05
C HIS A 1 -12.28 -2.64 30.92
N MET A 2 -11.31 -2.19 31.71
CA MET A 2 -11.49 -1.05 32.59
C MET A 2 -11.75 0.22 31.78
N LYS A 3 -11.00 0.39 30.70
CA LYS A 3 -11.15 1.56 29.84
C LYS A 3 -12.57 1.64 29.27
N GLU A 4 -13.13 2.85 29.28
CA GLU A 4 -14.48 3.07 28.77
C GLU A 4 -14.82 4.55 28.73
N GLU A 5 -14.54 5.26 29.84
CA GLU A 5 -14.83 6.68 29.93
C GLU A 5 -13.83 7.37 30.86
N SER A 6 -12.55 7.08 30.68
CA SER A 6 -11.51 7.67 31.53
C SER A 6 -10.11 7.32 31.00
N GLU A 7 -9.28 8.34 30.84
CA GLU A 7 -7.91 8.15 30.35
C GLU A 7 -7.90 7.32 29.07
N LYS A 8 -8.76 7.67 28.14
CA LYS A 8 -8.85 6.96 26.87
C LYS A 8 -7.61 7.23 26.01
N PRO A 9 -6.90 6.17 25.61
CA PRO A 9 -5.70 6.30 24.78
C PRO A 9 -6.05 6.67 23.33
N ARG A 10 -5.30 6.10 22.38
CA ARG A 10 -5.54 6.36 20.97
C ARG A 10 -4.62 5.52 20.09
N GLY A 11 -5.09 5.18 18.90
CA GLY A 11 -4.30 4.37 17.98
C GLY A 11 -4.13 2.94 18.47
N PHE A 12 -2.91 2.42 18.34
CA PHE A 12 -2.63 1.05 18.76
C PHE A 12 -2.64 0.91 20.28
N ALA A 13 -2.02 1.87 20.97
CA ALA A 13 -1.95 1.82 22.42
C ALA A 13 -1.31 0.52 22.89
N ARG A 14 -2.00 -0.22 23.76
CA ARG A 14 -1.49 -1.49 24.25
C ARG A 14 -1.30 -2.47 23.09
N GLY A 15 -2.24 -2.47 22.15
CA GLY A 15 -2.17 -3.36 21.01
C GLY A 15 -3.50 -4.01 20.69
N LEU A 16 -4.57 -3.22 20.76
CA LEU A 16 -5.91 -3.73 20.49
C LEU A 16 -6.09 -4.07 19.01
N GLU A 17 -6.87 -5.11 18.74
CA GLU A 17 -7.13 -5.57 17.38
C GLU A 17 -7.63 -4.45 16.48
N PRO A 18 -7.03 -4.29 15.28
CA PRO A 18 -7.43 -3.29 14.31
C PRO A 18 -8.65 -3.74 13.51
N GLU A 19 -9.72 -2.95 13.54
CA GLU A 19 -10.94 -3.30 12.82
C GLU A 19 -10.74 -3.18 11.30
N ARG A 20 -10.47 -1.97 10.83
CA ARG A 20 -10.26 -1.73 9.41
C ARG A 20 -9.97 -0.27 9.13
N ILE A 21 -8.99 -0.01 8.29
CA ILE A 21 -8.62 1.35 7.93
C ILE A 21 -9.70 1.99 7.06
N ILE A 22 -10.01 3.24 7.35
CA ILE A 22 -11.03 3.97 6.59
C ILE A 22 -10.67 5.44 6.45
N GLY A 23 -9.37 5.71 6.40
CA GLY A 23 -8.91 7.08 6.26
C GLY A 23 -7.45 7.17 5.89
N ALA A 24 -7.10 8.25 5.20
CA ALA A 24 -5.73 8.49 4.77
C ALA A 24 -5.60 9.90 4.20
N THR A 25 -4.57 10.61 4.62
CA THR A 25 -4.34 11.97 4.16
C THR A 25 -2.87 12.35 4.22
N ASP A 26 -2.36 12.85 3.09
CA ASP A 26 -0.95 13.25 3.02
C ASP A 26 -0.76 14.64 3.61
N SER A 27 -0.11 14.69 4.77
CA SER A 27 0.16 15.96 5.44
C SER A 27 1.30 16.70 4.74
N SER A 28 2.30 17.13 5.51
CA SER A 28 3.45 17.84 4.95
C SER A 28 4.11 17.03 3.85
N GLY A 29 4.19 15.71 4.07
CA GLY A 29 4.79 14.83 3.09
C GLY A 29 4.73 13.37 3.51
N GLU A 30 3.60 12.97 4.08
CA GLU A 30 3.41 11.60 4.54
C GLU A 30 1.93 11.31 4.78
N LEU A 31 1.50 10.12 4.41
CA LEU A 31 0.11 9.71 4.59
C LEU A 31 -0.22 9.62 6.07
N MET A 32 -1.49 9.80 6.41
CA MET A 32 -1.93 9.73 7.79
C MET A 32 -3.11 8.77 7.94
N PHE A 33 -2.80 7.47 7.87
CA PHE A 33 -3.82 6.43 7.97
C PHE A 33 -4.70 6.61 9.21
N LEU A 34 -6.01 6.60 9.00
CA LEU A 34 -6.96 6.72 10.10
C LEU A 34 -7.50 5.33 10.45
N MET A 35 -6.77 4.62 11.31
CA MET A 35 -7.16 3.26 11.71
C MET A 35 -8.31 3.26 12.71
N LYS A 36 -9.28 2.40 12.43
CA LYS A 36 -10.47 2.26 13.28
C LYS A 36 -10.19 1.21 14.37
N TRP A 37 -10.75 1.43 15.56
CA TRP A 37 -10.53 0.49 16.65
C TRP A 37 -11.84 0.07 17.31
N LYS A 38 -11.96 -1.23 17.60
CA LYS A 38 -13.15 -1.79 18.21
C LYS A 38 -13.36 -1.30 19.63
N ASN A 39 -12.32 -1.43 20.45
CA ASN A 39 -12.41 -1.03 21.84
C ASN A 39 -11.60 0.24 22.10
N SER A 40 -10.45 0.36 21.43
CA SER A 40 -9.58 1.51 21.60
C SER A 40 -10.24 2.77 21.07
N ASP A 41 -9.59 3.91 21.31
CA ASP A 41 -10.10 5.19 20.85
C ASP A 41 -10.36 5.15 19.35
N GLU A 42 -11.56 4.68 18.99
CA GLU A 42 -11.96 4.56 17.60
C GLU A 42 -11.54 5.78 16.79
N ALA A 43 -10.99 5.53 15.61
CA ALA A 43 -10.52 6.59 14.72
C ALA A 43 -9.32 7.31 15.33
N ASP A 44 -8.21 7.32 14.61
CA ASP A 44 -7.01 7.99 15.07
C ASP A 44 -6.00 8.11 13.92
N LEU A 45 -5.50 9.31 13.72
CA LEU A 45 -4.54 9.57 12.66
C LEU A 45 -3.19 8.90 12.96
N VAL A 46 -2.58 8.27 11.95
CA VAL A 46 -1.29 7.61 12.12
C VAL A 46 -0.43 7.79 10.88
N PRO A 47 0.83 8.24 11.05
CA PRO A 47 1.76 8.45 9.94
C PRO A 47 2.03 7.16 9.16
N ALA A 48 2.03 7.26 7.84
CA ALA A 48 2.29 6.09 6.99
C ALA A 48 3.62 5.45 7.36
N LYS A 49 4.62 6.27 7.64
CA LYS A 49 5.94 5.79 8.02
C LYS A 49 5.85 4.93 9.29
N GLU A 50 4.88 5.24 10.14
CA GLU A 50 4.70 4.50 11.39
C GLU A 50 3.78 3.30 11.18
N ALA A 51 2.60 3.54 10.63
CA ALA A 51 1.62 2.48 10.40
C ALA A 51 2.16 1.36 9.52
N ASN A 52 3.00 1.71 8.55
CA ASN A 52 3.56 0.71 7.63
C ASN A 52 4.29 -0.40 8.40
N VAL A 53 5.01 -0.02 9.45
CA VAL A 53 5.73 -1.00 10.25
C VAL A 53 4.83 -1.68 11.29
N LYS A 54 3.87 -0.92 11.82
CA LYS A 54 2.96 -1.45 12.83
C LYS A 54 2.12 -2.60 12.30
N CYS A 55 1.58 -2.45 11.09
CA CYS A 55 0.75 -3.49 10.49
C CYS A 55 0.70 -3.33 8.97
N PRO A 56 1.81 -3.65 8.28
CA PRO A 56 1.87 -3.56 6.82
C PRO A 56 0.86 -4.46 6.13
N GLN A 57 0.70 -5.67 6.65
CA GLN A 57 -0.23 -6.64 6.08
C GLN A 57 -1.64 -6.06 6.01
N VAL A 58 -2.05 -5.36 7.05
CA VAL A 58 -3.38 -4.76 7.11
C VAL A 58 -3.51 -3.55 6.18
N VAL A 59 -2.51 -2.67 6.21
CA VAL A 59 -2.53 -1.47 5.38
C VAL A 59 -2.48 -1.81 3.88
N ILE A 60 -1.64 -2.77 3.51
CA ILE A 60 -1.50 -3.17 2.12
C ILE A 60 -2.83 -3.69 1.57
N SER A 61 -3.53 -4.48 2.37
CA SER A 61 -4.82 -5.04 1.98
C SER A 61 -5.83 -3.94 1.66
N PHE A 62 -5.84 -2.89 2.47
CA PHE A 62 -6.76 -1.78 2.28
C PHE A 62 -6.71 -1.24 0.85
N TYR A 63 -5.49 -1.01 0.35
CA TYR A 63 -5.30 -0.51 -1.01
C TYR A 63 -5.72 -1.54 -2.05
N GLU A 64 -5.36 -2.80 -1.78
CA GLU A 64 -5.66 -3.90 -2.70
C GLU A 64 -7.14 -3.96 -3.06
N GLU A 65 -8.01 -3.94 -2.04
CA GLU A 65 -9.45 -4.01 -2.28
C GLU A 65 -9.97 -2.74 -2.95
N ARG A 66 -9.55 -1.59 -2.45
CA ARG A 66 -10.00 -0.31 -3.01
C ARG A 66 -9.21 0.06 -4.27
N LEU A 67 -8.96 -0.92 -5.13
CA LEU A 67 -8.23 -0.68 -6.37
C LEU A 67 -9.21 -0.37 -7.50
N THR A 68 -9.00 0.75 -8.19
CA THR A 68 -9.88 1.18 -9.27
C THR A 68 -9.28 0.88 -10.64
N TRP A 69 -7.97 0.85 -10.71
CA TRP A 69 -7.25 0.59 -11.95
C TRP A 69 -7.37 1.76 -12.92
N HIS A 70 -6.25 2.13 -13.52
CA HIS A 70 -6.20 3.23 -14.48
C HIS A 70 -6.74 2.77 -15.85
N SER A 71 -5.93 2.97 -16.89
CA SER A 71 -6.30 2.58 -18.25
C SER A 71 -5.08 2.56 -19.14
N TYR A 72 -4.11 1.73 -18.77
CA TYR A 72 -2.85 1.60 -19.51
C TYR A 72 -3.13 1.41 -21.01
N PRO A 73 -2.71 2.38 -21.84
CA PRO A 73 -2.93 2.32 -23.28
C PRO A 73 -1.91 1.44 -24.00
N SER A 74 -0.63 1.71 -23.79
CA SER A 74 0.44 0.94 -24.41
C SER A 74 0.25 0.87 -25.93
N ASP A 75 -0.10 2.01 -26.52
CA ASP A 75 -0.33 2.09 -27.97
C ASP A 75 -1.40 1.10 -28.41
N HIS B 1 27.60 -9.83 -11.79
CA HIS B 1 28.52 -10.95 -11.46
C HIS B 1 28.59 -11.96 -12.61
N MET B 2 28.64 -13.25 -12.28
CA MET B 2 28.71 -14.29 -13.29
C MET B 2 27.45 -14.30 -14.15
N LYS B 3 26.30 -14.12 -13.51
CA LYS B 3 25.02 -14.10 -14.22
C LYS B 3 25.00 -12.98 -15.25
N GLU B 4 24.49 -13.28 -16.45
CA GLU B 4 24.41 -12.30 -17.51
C GLU B 4 23.63 -12.85 -18.71
N GLU B 5 23.97 -14.07 -19.11
CA GLU B 5 23.31 -14.71 -20.24
C GLU B 5 23.31 -16.23 -20.09
N SER B 6 22.94 -16.70 -18.92
CA SER B 6 22.88 -18.14 -18.64
C SER B 6 22.27 -18.43 -17.29
N GLU B 7 21.29 -19.33 -17.27
CA GLU B 7 20.60 -19.71 -16.04
C GLU B 7 20.10 -18.49 -15.28
N LYS B 8 19.49 -17.56 -16.01
CA LYS B 8 18.96 -16.34 -15.41
C LYS B 8 17.77 -16.65 -14.50
N PRO B 9 17.84 -16.26 -13.22
CA PRO B 9 16.75 -16.50 -12.26
C PRO B 9 15.57 -15.57 -12.50
N ARG B 10 14.95 -15.10 -11.42
CA ARG B 10 13.82 -14.20 -11.51
C ARG B 10 13.35 -13.76 -10.12
N GLY B 11 12.81 -12.55 -10.04
CA GLY B 11 12.35 -12.03 -8.76
C GLY B 11 13.48 -11.71 -7.82
N PHE B 12 13.28 -12.02 -6.54
CA PHE B 12 14.29 -11.75 -5.52
C PHE B 12 15.51 -12.63 -5.72
N ALA B 13 15.28 -13.92 -5.98
CA ALA B 13 16.38 -14.86 -6.16
C ALA B 13 17.29 -14.83 -4.94
N ARG B 14 18.58 -14.59 -5.15
CA ARG B 14 19.53 -14.54 -4.04
C ARG B 14 19.17 -13.40 -3.08
N GLY B 15 18.75 -12.26 -3.65
CA GLY B 15 18.37 -11.13 -2.83
C GLY B 15 18.92 -9.82 -3.39
N LEU B 16 18.86 -9.67 -4.71
CA LEU B 16 19.37 -8.47 -5.36
C LEU B 16 18.49 -7.25 -5.05
N GLU B 17 19.12 -6.08 -5.00
CA GLU B 17 18.42 -4.83 -4.69
C GLU B 17 17.27 -4.57 -5.66
N PRO B 18 16.09 -4.20 -5.13
CA PRO B 18 14.91 -3.90 -5.95
C PRO B 18 14.99 -2.50 -6.54
N GLU B 19 14.82 -2.39 -7.86
CA GLU B 19 14.89 -1.10 -8.53
C GLU B 19 13.63 -0.28 -8.28
N ARG B 20 12.47 -0.82 -8.67
CA ARG B 20 11.19 -0.14 -8.49
C ARG B 20 10.03 -0.99 -9.02
N ILE B 21 8.95 -1.05 -8.25
CA ILE B 21 7.77 -1.82 -8.65
C ILE B 21 7.11 -1.18 -9.88
N ILE B 22 6.90 -1.99 -10.93
CA ILE B 22 6.27 -1.49 -12.14
C ILE B 22 4.77 -1.33 -11.94
N GLY B 23 4.15 -2.34 -11.35
CA GLY B 23 2.72 -2.29 -11.10
C GLY B 23 2.21 -3.51 -10.36
N ALA B 24 1.02 -3.98 -10.74
CA ALA B 24 0.41 -5.14 -10.10
C ALA B 24 -0.80 -5.63 -10.90
N THR B 25 -1.15 -6.90 -10.73
CA THR B 25 -2.29 -7.48 -11.44
C THR B 25 -2.94 -8.61 -10.62
N ASP B 26 -4.25 -8.52 -10.45
CA ASP B 26 -4.99 -9.53 -9.70
C ASP B 26 -5.12 -10.83 -10.48
N SER B 27 -4.02 -11.58 -10.57
CA SER B 27 -4.02 -12.85 -11.29
C SER B 27 -4.75 -13.92 -10.49
N SER B 28 -5.84 -14.43 -11.07
CA SER B 28 -6.66 -15.47 -10.44
C SER B 28 -7.48 -14.89 -9.27
N GLY B 29 -6.81 -14.20 -8.36
CA GLY B 29 -7.49 -13.59 -7.23
C GLY B 29 -6.52 -12.97 -6.25
N GLU B 30 -5.37 -12.54 -6.76
CA GLU B 30 -4.34 -11.92 -5.92
C GLU B 30 -3.52 -10.92 -6.74
N LEU B 31 -3.33 -9.71 -6.19
CA LEU B 31 -2.56 -8.69 -6.89
C LEU B 31 -1.07 -9.02 -6.88
N MET B 32 -0.59 -9.62 -7.96
CA MET B 32 0.83 -9.95 -8.07
C MET B 32 1.63 -8.72 -8.46
N PHE B 33 2.67 -8.42 -7.72
CA PHE B 33 3.50 -7.25 -8.00
C PHE B 33 4.66 -7.59 -8.92
N LEU B 34 4.76 -6.86 -10.03
CA LEU B 34 5.84 -7.07 -10.98
C LEU B 34 7.08 -6.34 -10.50
N MET B 35 7.95 -7.06 -9.80
CA MET B 35 9.17 -6.47 -9.27
C MET B 35 10.24 -6.29 -10.34
N LYS B 36 10.71 -5.05 -10.50
CA LYS B 36 11.76 -4.74 -11.45
C LYS B 36 13.11 -4.91 -10.77
N TRP B 37 14.09 -5.45 -11.50
CA TRP B 37 15.41 -5.67 -10.91
C TRP B 37 16.52 -5.09 -11.78
N LYS B 38 17.48 -4.45 -11.11
CA LYS B 38 18.61 -3.83 -11.78
C LYS B 38 19.51 -4.87 -12.44
N ASN B 39 19.91 -5.88 -11.68
CA ASN B 39 20.78 -6.91 -12.19
C ASN B 39 20.02 -8.22 -12.45
N SER B 40 19.11 -8.54 -11.53
CA SER B 40 18.33 -9.77 -11.65
C SER B 40 17.41 -9.73 -12.85
N ASP B 41 16.77 -10.85 -13.13
CA ASP B 41 15.85 -10.96 -14.25
C ASP B 41 14.79 -9.86 -14.17
N GLU B 42 15.14 -8.69 -14.71
CA GLU B 42 14.26 -7.54 -14.71
C GLU B 42 12.82 -7.95 -15.03
N ALA B 43 11.89 -7.47 -14.21
CA ALA B 43 10.47 -7.79 -14.38
C ALA B 43 10.21 -9.26 -14.10
N ASP B 44 9.31 -9.52 -13.17
CA ASP B 44 8.95 -10.89 -12.79
C ASP B 44 7.75 -10.89 -11.85
N LEU B 45 6.74 -11.70 -12.17
CA LEU B 45 5.53 -11.78 -11.36
C LEU B 45 5.84 -12.37 -9.98
N VAL B 46 5.17 -11.83 -8.97
CA VAL B 46 5.35 -12.30 -7.59
C VAL B 46 4.03 -12.22 -6.83
N PRO B 47 3.63 -13.30 -6.15
CA PRO B 47 2.38 -13.34 -5.38
C PRO B 47 2.24 -12.18 -4.42
N ALA B 48 1.00 -11.70 -4.28
CA ALA B 48 0.70 -10.59 -3.39
C ALA B 48 1.14 -10.88 -1.97
N LYS B 49 0.84 -12.09 -1.50
CA LYS B 49 1.20 -12.50 -0.15
C LYS B 49 2.71 -12.54 0.02
N GLU B 50 3.40 -12.99 -1.02
CA GLU B 50 4.85 -13.08 -1.00
C GLU B 50 5.50 -11.70 -0.99
N ALA B 51 4.93 -10.78 -1.75
CA ALA B 51 5.46 -9.43 -1.86
C ALA B 51 5.40 -8.68 -0.53
N ASN B 52 4.29 -8.81 0.19
CA ASN B 52 4.11 -8.09 1.46
C ASN B 52 5.15 -8.53 2.50
N VAL B 53 5.44 -9.81 2.56
CA VAL B 53 6.42 -10.32 3.54
C VAL B 53 7.85 -10.02 3.12
N LYS B 54 8.16 -10.21 1.84
CA LYS B 54 9.51 -9.97 1.32
C LYS B 54 9.94 -8.52 1.46
N CYS B 55 9.03 -7.58 1.17
CA CYS B 55 9.36 -6.16 1.26
C CYS B 55 8.10 -5.29 1.32
N PRO B 56 7.44 -5.24 2.49
CA PRO B 56 6.22 -4.45 2.68
C PRO B 56 6.46 -2.95 2.47
N GLN B 57 7.62 -2.47 2.90
CA GLN B 57 7.96 -1.06 2.77
C GLN B 57 7.85 -0.58 1.33
N VAL B 58 8.50 -1.30 0.41
CA VAL B 58 8.45 -0.94 -1.01
C VAL B 58 7.02 -1.04 -1.53
N VAL B 59 6.32 -2.07 -1.09
CA VAL B 59 4.94 -2.31 -1.49
C VAL B 59 4.01 -1.18 -1.06
N ILE B 60 3.94 -0.93 0.24
CA ILE B 60 3.10 0.11 0.79
C ILE B 60 3.43 1.47 0.16
N SER B 61 4.72 1.72 -0.02
CA SER B 61 5.19 2.97 -0.60
C SER B 61 4.68 3.17 -2.03
N PHE B 62 4.69 2.11 -2.83
CA PHE B 62 4.24 2.18 -4.21
C PHE B 62 2.87 2.82 -4.31
N TYR B 63 1.93 2.37 -3.48
CA TYR B 63 0.58 2.91 -3.50
C TYR B 63 0.54 4.32 -2.92
N GLU B 64 1.37 4.58 -1.91
CA GLU B 64 1.42 5.89 -1.26
C GLU B 64 1.49 7.00 -2.31
N GLU B 65 2.43 6.87 -3.24
CA GLU B 65 2.60 7.87 -4.29
C GLU B 65 1.50 7.73 -5.34
N ARG B 66 1.23 6.49 -5.75
CA ARG B 66 0.20 6.22 -6.75
C ARG B 66 -1.18 6.18 -6.10
N LEU B 67 -1.47 7.17 -5.27
CA LEU B 67 -2.76 7.25 -4.58
C LEU B 67 -3.53 8.50 -4.98
N THR B 68 -4.85 8.41 -4.88
CA THR B 68 -5.73 9.53 -5.22
C THR B 68 -7.05 9.44 -4.46
N TRP B 69 -7.45 10.55 -3.89
CA TRP B 69 -8.69 10.61 -3.12
C TRP B 69 -9.92 10.58 -4.01
N HIS B 70 -10.87 9.71 -3.67
CA HIS B 70 -12.10 9.61 -4.44
C HIS B 70 -13.06 10.72 -4.02
N SER B 71 -14.20 10.80 -4.70
CA SER B 71 -15.20 11.82 -4.39
C SER B 71 -15.79 11.60 -3.00
N TYR B 72 -15.89 12.67 -2.23
CA TYR B 72 -16.45 12.58 -0.88
C TYR B 72 -17.92 12.16 -0.96
N PRO B 73 -18.27 11.00 -0.37
CA PRO B 73 -19.65 10.50 -0.41
C PRO B 73 -20.58 11.20 0.56
N SER B 74 -20.19 11.26 1.83
CA SER B 74 -21.01 11.90 2.86
C SER B 74 -21.33 13.34 2.50
N ASP B 75 -22.58 13.73 2.70
CA ASP B 75 -23.02 15.09 2.40
C ASP B 75 -22.30 16.11 3.28
N GLY C 1 -12.00 25.86 15.55
CA GLY C 1 -11.02 25.48 14.49
C GLY C 1 -9.60 25.39 15.02
N SER C 2 -9.43 24.68 16.13
CA SER C 2 -8.11 24.52 16.74
C SER C 2 -7.13 23.89 15.75
N LYS C 3 -5.94 24.47 15.66
CA LYS C 3 -4.91 23.98 14.75
C LYS C 3 -4.46 22.58 15.14
N ALA C 4 -4.17 22.39 16.43
CA ALA C 4 -3.72 21.10 16.93
C ALA C 4 -4.81 20.04 16.74
N GLY C 5 -4.37 18.82 16.41
CA GLY C 5 -5.32 17.74 16.20
C GLY C 5 -6.17 17.94 14.96
N ASP C 6 -6.26 16.90 14.15
CA ASP C 6 -7.04 16.95 12.93
C ASP C 6 -8.52 17.19 13.22
N LEU C 7 -9.10 18.20 12.58
CA LEU C 7 -10.49 18.54 12.78
C LEU C 7 -11.39 17.72 11.85
N LEU C 8 -11.20 17.95 10.54
CA LEU C 8 -11.95 17.25 9.51
C LEU C 8 -11.36 17.52 8.14
N PHE C 9 -11.39 16.50 7.29
CA PHE C 9 -10.86 16.59 5.95
C PHE C 9 -11.58 15.64 4.99
N ILE C 10 -10.91 14.55 4.62
CA ILE C 10 -11.49 13.58 3.71
C ILE C 10 -11.87 12.30 4.45
N GLU C 11 -12.99 11.72 4.06
CA GLU C 11 -13.46 10.49 4.67
C GLU C 11 -14.14 9.62 3.62
N LYS C 12 -13.49 9.51 2.46
CA LYS C 12 -14.02 8.72 1.36
C LYS C 12 -13.17 7.46 1.17
N VAL C 13 -12.95 7.07 -0.08
CA VAL C 13 -12.16 5.90 -0.38
C VAL C 13 -10.91 6.30 -1.17
N PRO C 14 -9.72 5.98 -0.64
CA PRO C 14 -8.45 6.32 -1.29
C PRO C 14 -8.18 5.42 -2.50
N VAL C 15 -8.99 5.57 -3.54
CA VAL C 15 -8.83 4.76 -4.75
C VAL C 15 -7.39 4.83 -5.25
N VAL C 16 -6.87 3.70 -5.71
CA VAL C 16 -5.51 3.64 -6.21
C VAL C 16 -5.49 3.47 -7.72
N VAL C 17 -4.53 4.13 -8.36
CA VAL C 17 -4.39 4.06 -9.80
C VAL C 17 -3.17 3.22 -10.18
N LEU C 18 -3.37 2.33 -11.13
CA LEU C 18 -2.31 1.44 -11.61
C LEU C 18 -2.51 1.13 -13.08
N GLU C 19 -1.40 0.95 -13.78
CA GLU C 19 -1.43 0.63 -15.21
C GLU C 19 -1.06 -0.82 -15.41
N ASP C 20 -1.60 -1.68 -14.55
CA ASP C 20 -1.34 -3.11 -14.63
C ASP C 20 0.17 -3.35 -14.64
N ILE C 21 0.61 -4.37 -15.38
CA ILE C 21 2.03 -4.65 -15.49
C ILE C 21 2.45 -4.62 -16.95
N LEU C 22 1.62 -5.22 -17.81
CA LEU C 22 1.87 -5.24 -19.25
C LEU C 22 0.54 -5.27 -20.00
N ALA C 23 -0.42 -4.45 -19.56
CA ALA C 23 -1.73 -4.40 -20.20
C ALA C 23 -1.61 -3.96 -21.65
N THR C 24 -1.52 -4.95 -22.54
CA THR C 24 -1.41 -4.68 -23.97
C THR C 24 -2.03 -5.82 -24.79
N LYS C 25 -2.76 -5.44 -25.83
CA LYS C 25 -3.41 -6.42 -26.71
C LYS C 25 -3.56 -5.84 -28.12
N PRO C 26 -2.43 -5.68 -28.84
CA PRO C 26 -2.42 -5.12 -30.20
C PRO C 26 -3.28 -5.94 -31.17
N SER C 27 -4.05 -5.23 -32.00
CA SER C 27 -4.90 -5.87 -32.97
C SER C 27 -5.08 -4.98 -34.20
N ILE C 28 -3.98 -4.64 -34.83
CA ILE C 28 -3.99 -3.78 -36.01
C ILE C 28 -3.66 -4.56 -37.28
N ALA C 29 -2.65 -5.42 -37.20
CA ALA C 29 -2.22 -6.22 -38.34
C ALA C 29 -1.85 -5.33 -39.52
N SER C 30 -1.06 -4.30 -39.26
CA SER C 30 -0.63 -3.39 -40.30
C SER C 30 0.72 -2.77 -39.97
N HIS A 1 -18.55 -3.05 30.82
CA HIS A 1 -18.04 -1.69 31.17
C HIS A 1 -16.91 -1.27 30.23
N MET A 2 -16.94 0.00 29.83
CA MET A 2 -15.92 0.54 28.93
C MET A 2 -14.52 0.42 29.53
N LYS A 3 -13.55 0.06 28.70
CA LYS A 3 -12.18 -0.10 29.15
C LYS A 3 -11.63 1.20 29.72
N GLU A 4 -10.98 1.11 30.88
CA GLU A 4 -10.42 2.28 31.55
C GLU A 4 -9.27 2.88 30.74
N GLU A 5 -9.27 4.21 30.63
CA GLU A 5 -8.23 4.91 29.89
C GLU A 5 -6.89 4.86 30.63
N SER A 6 -6.93 5.14 31.93
CA SER A 6 -5.73 5.14 32.77
C SER A 6 -4.66 6.09 32.22
N GLU A 7 -5.11 7.23 31.72
CA GLU A 7 -4.20 8.24 31.17
C GLU A 7 -3.23 7.66 30.15
N LYS A 8 -3.75 6.81 29.27
CA LYS A 8 -2.93 6.19 28.23
C LYS A 8 -2.82 7.11 27.01
N PRO A 9 -1.70 7.03 26.27
CA PRO A 9 -1.47 7.86 25.08
C PRO A 9 -2.57 7.72 24.03
N ARG A 10 -2.20 7.30 22.81
CA ARG A 10 -3.17 7.16 21.73
C ARG A 10 -2.61 6.26 20.62
N GLY A 11 -3.50 5.54 19.95
CA GLY A 11 -3.09 4.65 18.87
C GLY A 11 -2.62 3.31 19.40
N PHE A 12 -1.43 2.89 18.96
CA PHE A 12 -0.87 1.61 19.42
C PHE A 12 -0.26 1.75 20.80
N ALA A 13 -0.93 2.49 21.68
CA ALA A 13 -0.46 2.71 23.04
C ALA A 13 -0.57 1.45 23.88
N ARG A 14 -1.81 1.02 24.15
CA ARG A 14 -2.07 -0.17 24.95
C ARG A 14 -1.94 -1.44 24.10
N GLY A 15 -2.55 -1.43 22.92
CA GLY A 15 -2.49 -2.59 22.05
C GLY A 15 -3.85 -2.96 21.48
N LEU A 16 -4.64 -1.94 21.13
CA LEU A 16 -5.96 -2.16 20.58
C LEU A 16 -5.90 -2.75 19.18
N GLU A 17 -6.67 -3.82 18.96
CA GLU A 17 -6.71 -4.48 17.66
C GLU A 17 -7.39 -3.60 16.62
N PRO A 18 -6.76 -3.43 15.44
CA PRO A 18 -7.32 -2.61 14.36
C PRO A 18 -8.48 -3.31 13.65
N GLU A 19 -9.64 -2.65 13.62
CA GLU A 19 -10.82 -3.20 12.97
C GLU A 19 -10.72 -3.04 11.45
N ARG A 20 -10.48 -1.82 11.00
CA ARG A 20 -10.34 -1.52 9.58
C ARG A 20 -9.99 -0.05 9.37
N ILE A 21 -9.01 0.21 8.53
CA ILE A 21 -8.59 1.58 8.23
C ILE A 21 -9.63 2.29 7.37
N ILE A 22 -9.88 3.55 7.70
CA ILE A 22 -10.85 4.36 6.96
C ILE A 22 -10.36 5.80 6.79
N GLY A 23 -9.04 5.95 6.75
CA GLY A 23 -8.46 7.27 6.60
C GLY A 23 -7.26 7.27 5.68
N ALA A 24 -6.90 8.45 5.21
CA ALA A 24 -5.77 8.63 4.31
C ALA A 24 -5.66 10.10 3.89
N THR A 25 -4.66 10.79 4.42
CA THR A 25 -4.48 12.21 4.11
C THR A 25 -3.03 12.64 4.25
N ASP A 26 -2.54 13.37 3.25
CA ASP A 26 -1.17 13.86 3.27
C ASP A 26 -1.08 15.18 4.02
N SER A 27 -0.64 15.11 5.27
CA SER A 27 -0.51 16.30 6.12
C SER A 27 0.64 17.19 5.62
N SER A 28 1.57 17.51 6.51
CA SER A 28 2.71 18.36 6.14
C SER A 28 3.45 17.79 4.94
N GLY A 29 3.63 16.47 4.93
CA GLY A 29 4.32 15.82 3.83
C GLY A 29 4.38 14.32 4.01
N GLU A 30 3.26 13.72 4.42
CA GLU A 30 3.19 12.29 4.63
C GLU A 30 1.73 11.84 4.70
N LEU A 31 1.48 10.61 4.24
CA LEU A 31 0.13 10.06 4.26
C LEU A 31 -0.22 9.59 5.66
N MET A 32 -1.48 9.77 6.05
CA MET A 32 -1.90 9.39 7.39
C MET A 32 -3.20 8.60 7.34
N PHE A 33 -3.18 7.39 7.91
CA PHE A 33 -4.36 6.53 7.93
C PHE A 33 -5.15 6.69 9.22
N LEU A 34 -6.42 7.03 9.08
CA LEU A 34 -7.30 7.18 10.24
C LEU A 34 -7.79 5.81 10.68
N MET A 35 -6.98 5.14 11.50
CA MET A 35 -7.30 3.80 11.98
C MET A 35 -8.53 3.78 12.87
N LYS A 36 -9.42 2.82 12.59
CA LYS A 36 -10.64 2.65 13.36
C LYS A 36 -10.45 1.58 14.43
N TRP A 37 -10.93 1.86 15.64
CA TRP A 37 -10.81 0.92 16.74
C TRP A 37 -12.16 0.28 17.07
N LYS A 38 -12.16 -1.04 17.25
CA LYS A 38 -13.37 -1.78 17.57
C LYS A 38 -13.93 -1.38 18.92
N ASN A 39 -13.07 -1.35 19.92
CA ASN A 39 -13.47 -1.00 21.27
C ASN A 39 -13.58 0.51 21.46
N SER A 40 -12.53 1.23 21.08
CA SER A 40 -12.51 2.69 21.22
C SER A 40 -13.41 3.34 20.19
N ASP A 41 -14.29 4.23 20.66
CA ASP A 41 -15.20 4.94 19.77
C ASP A 41 -14.46 5.93 18.89
N GLU A 42 -13.66 6.79 19.52
CA GLU A 42 -12.88 7.78 18.80
C GLU A 42 -11.68 7.14 18.12
N ALA A 43 -11.53 7.37 16.82
CA ALA A 43 -10.43 6.82 16.05
C ALA A 43 -9.11 7.52 16.38
N ASP A 44 -8.18 7.51 15.42
CA ASP A 44 -6.87 8.14 15.61
C ASP A 44 -6.06 8.08 14.32
N LEU A 45 -5.63 9.24 13.84
CA LEU A 45 -4.85 9.30 12.62
C LEU A 45 -3.39 8.95 12.91
N VAL A 46 -2.81 8.10 12.08
CA VAL A 46 -1.42 7.68 12.25
C VAL A 46 -0.63 7.82 10.96
N PRO A 47 0.59 8.40 11.04
CA PRO A 47 1.46 8.60 9.86
C PRO A 47 1.76 7.28 9.16
N ALA A 48 1.92 7.35 7.84
CA ALA A 48 2.22 6.15 7.04
C ALA A 48 3.58 5.57 7.41
N LYS A 49 4.57 6.45 7.54
CA LYS A 49 5.92 6.02 7.89
C LYS A 49 5.93 5.22 9.19
N GLU A 50 5.11 5.63 10.15
CA GLU A 50 5.04 4.96 11.44
C GLU A 50 4.08 3.77 11.42
N ALA A 51 2.96 3.91 10.72
CA ALA A 51 1.96 2.87 10.64
C ALA A 51 2.46 1.60 9.94
N ASN A 52 3.28 1.78 8.91
CA ASN A 52 3.80 0.64 8.15
C ASN A 52 4.47 -0.40 9.06
N VAL A 53 5.26 0.06 10.03
CA VAL A 53 5.93 -0.85 10.95
C VAL A 53 4.95 -1.49 11.93
N LYS A 54 3.93 -0.72 12.31
CA LYS A 54 2.93 -1.21 13.27
C LYS A 54 2.17 -2.42 12.71
N CYS A 55 1.74 -2.33 11.46
CA CYS A 55 1.01 -3.42 10.82
C CYS A 55 0.90 -3.21 9.31
N PRO A 56 1.94 -3.62 8.55
CA PRO A 56 1.94 -3.47 7.10
C PRO A 56 0.86 -4.30 6.42
N GLN A 57 0.60 -5.49 6.98
CA GLN A 57 -0.42 -6.37 6.43
C GLN A 57 -1.77 -5.67 6.39
N VAL A 58 -2.05 -4.87 7.41
CA VAL A 58 -3.30 -4.13 7.50
C VAL A 58 -3.38 -3.01 6.46
N VAL A 59 -2.31 -2.22 6.36
CA VAL A 59 -2.27 -1.12 5.41
C VAL A 59 -2.30 -1.60 3.96
N ILE A 60 -1.51 -2.63 3.66
CA ILE A 60 -1.45 -3.17 2.30
C ILE A 60 -2.84 -3.64 1.86
N SER A 61 -3.53 -4.33 2.76
CA SER A 61 -4.87 -4.84 2.47
C SER A 61 -5.84 -3.67 2.22
N PHE A 62 -5.62 -2.58 2.95
CA PHE A 62 -6.47 -1.39 2.84
C PHE A 62 -6.53 -0.90 1.40
N TYR A 63 -5.36 -0.83 0.76
CA TYR A 63 -5.29 -0.37 -0.63
C TYR A 63 -5.86 -1.40 -1.60
N GLU A 64 -5.57 -2.68 -1.35
CA GLU A 64 -6.02 -3.77 -2.20
C GLU A 64 -7.52 -3.69 -2.47
N GLU A 65 -8.31 -3.59 -1.41
CA GLU A 65 -9.77 -3.52 -1.54
C GLU A 65 -10.18 -2.25 -2.27
N ARG A 66 -9.54 -1.14 -1.93
CA ARG A 66 -9.84 0.15 -2.55
C ARG A 66 -9.17 0.30 -3.90
N LEU A 67 -9.10 -0.79 -4.66
CA LEU A 67 -8.49 -0.77 -5.98
C LEU A 67 -9.53 -0.47 -7.05
N THR A 68 -9.18 0.38 -8.01
CA THR A 68 -10.11 0.76 -9.09
C THR A 68 -9.59 0.39 -10.47
N TRP A 69 -8.27 0.41 -10.61
CA TRP A 69 -7.63 0.10 -11.89
C TRP A 69 -7.89 1.19 -12.93
N HIS A 70 -6.85 1.57 -13.67
CA HIS A 70 -6.97 2.59 -14.70
C HIS A 70 -7.68 2.03 -15.93
N SER A 71 -6.95 1.85 -17.02
CA SER A 71 -7.52 1.31 -18.26
C SER A 71 -6.43 1.03 -19.29
N TYR A 72 -6.54 -0.12 -19.95
CA TYR A 72 -5.56 -0.50 -20.98
C TYR A 72 -5.50 0.53 -22.10
N PRO A 73 -4.28 0.87 -22.55
CA PRO A 73 -4.08 1.86 -23.61
C PRO A 73 -4.86 1.50 -24.88
N SER A 74 -4.50 0.36 -25.48
CA SER A 74 -5.17 -0.11 -26.69
C SER A 74 -4.76 -1.54 -27.02
N ASP A 75 -3.45 -1.74 -27.21
CA ASP A 75 -2.91 -3.05 -27.52
C ASP A 75 -3.06 -4.01 -26.34
N HIS B 1 30.95 -7.21 -16.66
CA HIS B 1 30.30 -8.41 -17.25
C HIS B 1 28.99 -8.76 -16.54
N MET B 2 27.98 -9.10 -17.33
CA MET B 2 26.67 -9.46 -16.79
C MET B 2 26.78 -10.62 -15.82
N LYS B 3 26.05 -10.53 -14.71
CA LYS B 3 26.06 -11.57 -13.68
C LYS B 3 25.60 -12.90 -14.27
N GLU B 4 26.34 -13.96 -13.94
CA GLU B 4 26.02 -15.31 -14.43
C GLU B 4 24.71 -15.82 -13.84
N GLU B 5 23.88 -16.41 -14.69
CA GLU B 5 22.59 -16.95 -14.26
C GLU B 5 22.78 -18.20 -13.40
N SER B 6 23.62 -19.11 -13.87
CA SER B 6 23.90 -20.35 -13.14
C SER B 6 22.61 -21.14 -12.89
N GLU B 7 21.71 -21.12 -13.88
CA GLU B 7 20.45 -21.84 -13.78
C GLU B 7 19.70 -21.51 -12.49
N LYS B 8 19.67 -20.24 -12.14
CA LYS B 8 18.98 -19.79 -10.93
C LYS B 8 17.49 -19.57 -11.22
N PRO B 9 16.63 -19.77 -10.19
CA PRO B 9 15.17 -19.60 -10.34
C PRO B 9 14.78 -18.21 -10.85
N ARG B 10 13.98 -17.48 -10.07
CA ARG B 10 13.54 -16.15 -10.47
C ARG B 10 13.02 -15.37 -9.28
N GLY B 11 13.22 -14.05 -9.31
CA GLY B 11 12.79 -13.21 -8.21
C GLY B 11 13.78 -13.16 -7.08
N PHE B 12 13.31 -13.42 -5.87
CA PHE B 12 14.18 -13.41 -4.69
C PHE B 12 14.98 -14.70 -4.59
N ALA B 13 15.44 -15.21 -5.73
CA ALA B 13 16.21 -16.44 -5.78
C ALA B 13 17.61 -16.24 -5.22
N ARG B 14 18.41 -15.44 -5.90
CA ARG B 14 19.78 -15.17 -5.47
C ARG B 14 19.83 -14.11 -4.39
N GLY B 15 19.14 -13.00 -4.63
CA GLY B 15 19.11 -11.91 -3.66
C GLY B 15 19.29 -10.55 -4.29
N LEU B 16 18.70 -10.37 -5.47
CA LEU B 16 18.80 -9.11 -6.19
C LEU B 16 18.04 -8.00 -5.48
N GLU B 17 18.70 -6.87 -5.30
CA GLU B 17 18.07 -5.72 -4.64
C GLU B 17 16.98 -5.12 -5.51
N PRO B 18 15.75 -4.97 -4.98
CA PRO B 18 14.62 -4.40 -5.73
C PRO B 18 14.82 -2.93 -6.05
N GLU B 19 14.72 -2.59 -7.33
CA GLU B 19 14.88 -1.20 -7.77
C GLU B 19 13.60 -0.40 -7.53
N ARG B 20 12.48 -0.91 -8.04
CA ARG B 20 11.19 -0.25 -7.89
C ARG B 20 10.08 -1.10 -8.49
N ILE B 21 8.96 -1.20 -7.79
CA ILE B 21 7.82 -1.99 -8.25
C ILE B 21 7.18 -1.32 -9.47
N ILE B 22 7.01 -2.08 -10.55
CA ILE B 22 6.42 -1.54 -11.78
C ILE B 22 4.90 -1.46 -11.67
N GLY B 23 4.27 -2.55 -11.24
CA GLY B 23 2.82 -2.56 -11.11
C GLY B 23 2.29 -3.84 -10.49
N ALA B 24 1.15 -4.31 -10.99
CA ALA B 24 0.52 -5.53 -10.48
C ALA B 24 -0.63 -5.98 -11.39
N THR B 25 -0.83 -7.29 -11.47
CA THR B 25 -1.90 -7.85 -12.30
C THR B 25 -2.53 -9.07 -11.63
N ASP B 26 -3.85 -9.12 -11.61
CA ASP B 26 -4.58 -10.23 -11.00
C ASP B 26 -4.44 -11.51 -11.82
N SER B 27 -3.26 -12.14 -11.73
CA SER B 27 -3.01 -13.39 -12.45
C SER B 27 -3.53 -14.58 -11.66
N SER B 28 -4.31 -15.43 -12.32
CA SER B 28 -4.88 -16.63 -11.70
C SER B 28 -5.92 -16.29 -10.63
N GLY B 29 -5.48 -15.64 -9.56
CA GLY B 29 -6.39 -15.26 -8.50
C GLY B 29 -5.73 -14.44 -7.42
N GLU B 30 -4.56 -13.88 -7.73
CA GLU B 30 -3.83 -13.05 -6.78
C GLU B 30 -3.02 -11.99 -7.52
N LEU B 31 -3.09 -10.76 -7.04
CA LEU B 31 -2.37 -9.65 -7.65
C LEU B 31 -0.86 -9.88 -7.63
N MET B 32 -0.30 -10.20 -8.80
CA MET B 32 1.14 -10.43 -8.91
C MET B 32 1.86 -9.13 -9.26
N PHE B 33 2.87 -8.79 -8.47
CA PHE B 33 3.63 -7.57 -8.69
C PHE B 33 4.84 -7.82 -9.58
N LEU B 34 4.91 -7.08 -10.69
CA LEU B 34 6.05 -7.22 -11.59
C LEU B 34 7.27 -6.55 -10.96
N MET B 35 8.09 -7.33 -10.28
CA MET B 35 9.26 -6.81 -9.60
C MET B 35 10.39 -6.48 -10.57
N LYS B 36 10.77 -5.22 -10.62
CA LYS B 36 11.84 -4.77 -11.50
C LYS B 36 13.20 -4.93 -10.82
N TRP B 37 14.20 -5.37 -11.57
CA TRP B 37 15.54 -5.55 -11.02
C TRP B 37 16.53 -4.57 -11.66
N LYS B 38 17.36 -3.98 -10.81
CA LYS B 38 18.36 -3.02 -11.28
C LYS B 38 19.38 -3.67 -12.20
N ASN B 39 19.95 -4.78 -11.75
CA ASN B 39 20.95 -5.50 -12.52
C ASN B 39 20.31 -6.33 -13.63
N SER B 40 19.26 -7.07 -13.28
CA SER B 40 18.57 -7.90 -14.27
C SER B 40 17.66 -7.05 -15.15
N ASP B 41 17.81 -7.21 -16.46
CA ASP B 41 16.99 -6.46 -17.42
C ASP B 41 15.53 -6.88 -17.34
N GLU B 42 15.30 -8.19 -17.43
CA GLU B 42 13.95 -8.74 -17.36
C GLU B 42 13.46 -8.81 -15.92
N ALA B 43 12.24 -8.31 -15.69
CA ALA B 43 11.65 -8.33 -14.36
C ALA B 43 11.24 -9.75 -13.96
N ASP B 44 10.16 -9.86 -13.19
CA ASP B 44 9.66 -11.17 -12.75
C ASP B 44 8.37 -11.02 -11.97
N LEU B 45 7.36 -11.79 -12.37
CA LEU B 45 6.06 -11.76 -11.70
C LEU B 45 6.13 -12.51 -10.37
N VAL B 46 5.50 -11.93 -9.34
CA VAL B 46 5.47 -12.55 -8.02
C VAL B 46 4.13 -12.29 -7.34
N PRO B 47 3.50 -13.34 -6.78
CA PRO B 47 2.20 -13.21 -6.12
C PRO B 47 2.24 -12.24 -4.95
N ALA B 48 1.14 -11.54 -4.75
CA ALA B 48 1.04 -10.58 -3.65
C ALA B 48 1.39 -11.21 -2.32
N LYS B 49 0.92 -12.45 -2.12
CA LYS B 49 1.18 -13.18 -0.88
C LYS B 49 2.68 -13.38 -0.67
N GLU B 50 3.37 -13.72 -1.75
CA GLU B 50 4.81 -13.95 -1.70
C GLU B 50 5.56 -12.65 -1.43
N ALA B 51 5.06 -11.56 -1.99
CA ALA B 51 5.67 -10.25 -1.83
C ALA B 51 5.51 -9.70 -0.41
N ASN B 52 4.31 -9.81 0.15
CA ASN B 52 4.02 -9.31 1.48
C ASN B 52 5.09 -9.72 2.50
N VAL B 53 5.60 -10.94 2.38
CA VAL B 53 6.62 -11.44 3.30
C VAL B 53 8.02 -10.98 2.89
N LYS B 54 8.28 -10.97 1.58
CA LYS B 54 9.60 -10.58 1.06
C LYS B 54 9.93 -9.12 1.36
N CYS B 55 8.98 -8.22 1.06
CA CYS B 55 9.21 -6.80 1.28
C CYS B 55 7.88 -6.03 1.27
N PRO B 56 7.12 -6.09 2.37
CA PRO B 56 5.83 -5.40 2.49
C PRO B 56 5.96 -3.89 2.40
N GLN B 57 7.01 -3.35 3.00
CA GLN B 57 7.24 -1.91 3.00
C GLN B 57 7.34 -1.36 1.59
N VAL B 58 8.20 -1.97 0.77
CA VAL B 58 8.35 -1.55 -0.61
C VAL B 58 7.00 -1.62 -1.31
N VAL B 59 6.22 -2.61 -0.88
CA VAL B 59 4.88 -2.83 -1.41
C VAL B 59 3.93 -1.70 -0.98
N ILE B 60 4.07 -1.26 0.27
CA ILE B 60 3.25 -0.18 0.80
C ILE B 60 3.54 1.13 0.06
N SER B 61 4.81 1.36 -0.23
CA SER B 61 5.25 2.56 -0.91
C SER B 61 4.63 2.70 -2.29
N PHE B 62 4.59 1.61 -3.05
CA PHE B 62 4.03 1.63 -4.40
C PHE B 62 2.63 2.23 -4.40
N TYR B 63 1.74 1.65 -3.59
CA TYR B 63 0.37 2.14 -3.50
C TYR B 63 0.32 3.51 -2.82
N GLU B 64 1.26 3.71 -1.89
CA GLU B 64 1.34 4.97 -1.16
C GLU B 64 1.43 6.16 -2.12
N GLU B 65 2.31 6.06 -3.11
CA GLU B 65 2.49 7.11 -4.09
C GLU B 65 1.38 7.11 -5.13
N ARG B 66 1.05 5.92 -5.64
CA ARG B 66 -0.01 5.79 -6.64
C ARG B 66 -1.38 5.82 -5.97
N LEU B 67 -1.52 6.70 -5.00
CA LEU B 67 -2.77 6.86 -4.26
C LEU B 67 -3.54 8.10 -4.72
N THR B 68 -4.86 7.97 -4.78
CA THR B 68 -5.72 9.08 -5.17
C THR B 68 -7.03 9.00 -4.40
N TRP B 69 -7.43 10.12 -3.81
CA TRP B 69 -8.66 10.17 -3.03
C TRP B 69 -9.87 10.50 -3.88
N HIS B 70 -10.92 9.69 -3.71
CA HIS B 70 -12.16 9.86 -4.44
C HIS B 70 -12.97 11.00 -3.82
N SER B 71 -13.93 11.52 -4.57
CA SER B 71 -14.78 12.62 -4.11
C SER B 71 -15.12 12.47 -2.63
N TYR B 72 -14.87 13.53 -1.88
CA TYR B 72 -15.14 13.54 -0.44
C TYR B 72 -16.62 13.78 -0.18
N PRO B 73 -17.33 12.76 0.35
CA PRO B 73 -18.76 12.87 0.66
C PRO B 73 -18.99 13.57 1.98
N SER B 74 -19.79 14.62 1.97
CA SER B 74 -20.08 15.39 3.19
C SER B 74 -21.12 16.47 2.92
N ASP B 75 -22.05 16.62 3.85
CA ASP B 75 -23.11 17.62 3.72
C ASP B 75 -22.51 19.02 3.62
N GLY C 1 -26.75 13.48 12.33
CA GLY C 1 -26.11 12.17 12.63
C GLY C 1 -25.06 11.78 11.61
N SER C 2 -25.38 11.95 10.34
CA SER C 2 -24.45 11.63 9.26
C SER C 2 -23.27 12.60 9.24
N LYS C 3 -22.80 12.94 8.04
CA LYS C 3 -21.68 13.86 7.87
C LYS C 3 -20.39 13.26 8.45
N ALA C 4 -19.30 13.38 7.69
CA ALA C 4 -18.01 12.86 8.12
C ALA C 4 -17.50 13.60 9.35
N GLY C 5 -17.51 14.94 9.28
CA GLY C 5 -17.05 15.75 10.39
C GLY C 5 -15.58 15.53 10.71
N ASP C 6 -14.74 15.60 9.69
CA ASP C 6 -13.30 15.42 9.88
C ASP C 6 -12.74 16.45 10.84
N LEU C 7 -11.78 16.03 11.67
CA LEU C 7 -11.16 16.92 12.64
C LEU C 7 -10.32 17.96 11.93
N LEU C 8 -9.58 17.51 10.92
CA LEU C 8 -8.73 18.40 10.13
C LEU C 8 -8.09 17.65 8.96
N PHE C 9 -8.87 16.76 8.34
CA PHE C 9 -8.36 15.97 7.22
C PHE C 9 -9.49 15.59 6.25
N ILE C 10 -9.44 14.36 5.73
CA ILE C 10 -10.44 13.89 4.79
C ILE C 10 -11.04 12.55 5.20
N GLU C 11 -12.36 12.45 5.04
CA GLU C 11 -13.09 11.23 5.38
C GLU C 11 -13.91 10.78 4.18
N LYS C 12 -13.23 10.49 3.09
CA LYS C 12 -13.88 10.07 1.86
C LYS C 12 -13.66 8.59 1.58
N VAL C 13 -13.46 8.27 0.31
CA VAL C 13 -13.22 6.89 -0.10
C VAL C 13 -11.95 6.80 -0.94
N PRO C 14 -10.90 6.17 -0.39
CA PRO C 14 -9.62 6.02 -1.09
C PRO C 14 -9.71 5.06 -2.27
N VAL C 15 -8.98 5.37 -3.33
CA VAL C 15 -8.95 4.55 -4.52
C VAL C 15 -7.56 4.52 -5.13
N VAL C 16 -7.09 3.34 -5.51
CA VAL C 16 -5.77 3.19 -6.09
C VAL C 16 -5.86 2.87 -7.57
N VAL C 17 -5.02 3.51 -8.35
CA VAL C 17 -5.01 3.29 -9.79
C VAL C 17 -3.78 2.50 -10.22
N LEU C 18 -3.99 1.52 -11.08
CA LEU C 18 -2.92 0.67 -11.57
C LEU C 18 -3.12 0.38 -13.05
N GLU C 19 -2.02 0.39 -13.79
CA GLU C 19 -2.07 0.14 -15.22
C GLU C 19 -1.49 -1.24 -15.53
N ASP C 20 -1.98 -2.23 -14.80
CA ASP C 20 -1.53 -3.61 -14.97
C ASP C 20 -0.03 -3.72 -14.73
N ILE C 21 0.70 -4.36 -15.65
CA ILE C 21 2.14 -4.52 -15.52
C ILE C 21 2.85 -4.07 -16.79
N LEU C 22 2.28 -4.43 -17.94
CA LEU C 22 2.86 -4.05 -19.23
C LEU C 22 1.83 -3.30 -20.08
N ALA C 23 0.91 -2.61 -19.41
CA ALA C 23 -0.13 -1.85 -20.10
C ALA C 23 0.29 -0.39 -20.26
N THR C 24 1.52 -0.18 -20.70
CA THR C 24 2.04 1.17 -20.90
C THR C 24 3.08 1.20 -22.01
N LYS C 25 2.94 2.16 -22.91
CA LYS C 25 3.86 2.30 -24.03
C LYS C 25 4.54 3.67 -24.03
N PRO C 26 5.40 3.95 -23.04
CA PRO C 26 6.09 5.24 -22.94
C PRO C 26 6.97 5.51 -24.16
N SER C 27 6.89 6.73 -24.69
CA SER C 27 7.67 7.11 -25.86
C SER C 27 7.99 8.60 -25.84
N ILE C 28 9.25 8.93 -26.12
CA ILE C 28 9.70 10.32 -26.14
C ILE C 28 10.52 10.60 -27.40
N ALA C 29 11.39 9.66 -27.75
CA ALA C 29 12.24 9.79 -28.93
C ALA C 29 13.15 11.01 -28.85
N SER C 30 13.87 11.13 -27.73
CA SER C 30 14.80 12.25 -27.54
C SER C 30 15.95 11.85 -26.63
N HIS A 1 -20.33 4.52 30.34
CA HIS A 1 -20.36 3.26 31.12
C HIS A 1 -19.13 2.40 30.83
N MET A 2 -18.52 1.87 31.88
CA MET A 2 -17.33 1.04 31.75
C MET A 2 -16.23 1.76 30.96
N LYS A 3 -15.54 1.04 30.09
CA LYS A 3 -14.48 1.62 29.29
C LYS A 3 -15.01 2.70 28.36
N GLU A 4 -14.40 3.88 28.41
CA GLU A 4 -14.81 5.00 27.58
C GLU A 4 -13.65 5.96 27.33
N GLU A 5 -12.90 6.26 28.39
CA GLU A 5 -11.78 7.17 28.30
C GLU A 5 -10.97 7.17 29.61
N SER A 6 -9.65 7.19 29.48
CA SER A 6 -8.78 7.19 30.65
C SER A 6 -7.38 7.70 30.28
N GLU A 7 -7.35 8.82 29.55
CA GLU A 7 -6.09 9.42 29.13
C GLU A 7 -5.25 8.44 28.31
N LYS A 8 -5.92 7.74 27.40
CA LYS A 8 -5.24 6.77 26.54
C LYS A 8 -4.40 7.48 25.48
N PRO A 9 -3.21 6.93 25.17
CA PRO A 9 -2.30 7.51 24.16
C PRO A 9 -2.96 7.61 22.78
N ARG A 10 -2.39 6.93 21.79
CA ARG A 10 -2.94 6.96 20.44
C ARG A 10 -2.39 5.82 19.59
N GLY A 11 -3.26 5.24 18.78
CA GLY A 11 -2.86 4.14 17.91
C GLY A 11 -2.70 2.83 18.66
N PHE A 12 -1.58 2.14 18.42
CA PHE A 12 -1.31 0.86 19.06
C PHE A 12 -0.78 1.06 20.48
N ALA A 13 -1.44 1.94 21.23
CA ALA A 13 -1.02 2.21 22.60
C ALA A 13 -1.05 0.95 23.45
N ARG A 14 -2.21 0.34 23.57
CA ARG A 14 -2.36 -0.88 24.36
C ARG A 14 -2.26 -2.12 23.48
N GLY A 15 -3.00 -2.14 22.37
CA GLY A 15 -2.96 -3.28 21.47
C GLY A 15 -4.33 -3.65 20.94
N LEU A 16 -5.13 -2.64 20.63
CA LEU A 16 -6.48 -2.87 20.11
C LEU A 16 -6.43 -3.45 18.70
N GLU A 17 -7.27 -4.44 18.45
CA GLU A 17 -7.33 -5.09 17.13
C GLU A 17 -7.89 -4.14 16.07
N PRO A 18 -7.21 -4.02 14.92
CA PRO A 18 -7.65 -3.15 13.83
C PRO A 18 -8.96 -3.65 13.20
N GLU A 19 -9.95 -2.78 13.13
CA GLU A 19 -11.24 -3.13 12.56
C GLU A 19 -11.24 -2.91 11.04
N ARG A 20 -10.87 -1.72 10.62
CA ARG A 20 -10.82 -1.37 9.20
C ARG A 20 -10.28 0.05 9.01
N ILE A 21 -9.27 0.17 8.15
CA ILE A 21 -8.67 1.47 7.85
C ILE A 21 -9.58 2.31 6.96
N ILE A 22 -9.61 3.61 7.22
CA ILE A 22 -10.43 4.53 6.43
C ILE A 22 -9.87 5.95 6.47
N GLY A 23 -8.57 6.06 6.19
CA GLY A 23 -7.91 7.34 6.19
C GLY A 23 -6.50 7.26 5.62
N ALA A 24 -6.03 8.37 5.04
CA ALA A 24 -4.70 8.41 4.44
C ALA A 24 -4.40 9.79 3.87
N THR A 25 -4.59 10.83 4.69
CA THR A 25 -4.34 12.21 4.27
C THR A 25 -2.85 12.53 4.24
N ASP A 26 -2.39 13.12 3.15
CA ASP A 26 -1.00 13.50 3.01
C ASP A 26 -0.67 14.73 3.85
N SER A 27 -0.09 14.50 5.02
CA SER A 27 0.28 15.60 5.91
C SER A 27 1.49 16.35 5.34
N SER A 28 2.50 16.61 6.19
CA SER A 28 3.70 17.31 5.74
C SER A 28 4.37 16.55 4.62
N GLY A 29 4.37 15.23 4.72
CA GLY A 29 4.99 14.39 3.71
C GLY A 29 4.80 12.92 4.00
N GLU A 30 3.62 12.57 4.49
CA GLU A 30 3.30 11.18 4.82
C GLU A 30 1.80 11.00 4.98
N LEU A 31 1.27 9.89 4.46
CA LEU A 31 -0.16 9.61 4.56
C LEU A 31 -0.55 9.31 6.00
N MET A 32 -1.63 9.92 6.45
CA MET A 32 -2.11 9.69 7.81
C MET A 32 -3.27 8.72 7.80
N PHE A 33 -2.98 7.46 8.11
CA PHE A 33 -3.99 6.42 8.13
C PHE A 33 -4.94 6.57 9.31
N LEU A 34 -6.21 6.80 9.03
CA LEU A 34 -7.23 6.95 10.07
C LEU A 34 -7.65 5.57 10.55
N MET A 35 -6.90 5.04 11.52
CA MET A 35 -7.16 3.72 12.06
C MET A 35 -8.46 3.65 12.85
N LYS A 36 -9.35 2.76 12.42
CA LYS A 36 -10.63 2.56 13.09
C LYS A 36 -10.51 1.42 14.10
N TRP A 37 -11.14 1.56 15.25
CA TRP A 37 -11.05 0.53 16.27
C TRP A 37 -12.44 0.10 16.75
N LYS A 38 -12.62 -1.22 16.86
CA LYS A 38 -13.88 -1.79 17.31
C LYS A 38 -14.19 -1.37 18.74
N ASN A 39 -13.22 -1.56 19.61
CA ASN A 39 -13.37 -1.22 21.02
C ASN A 39 -13.32 0.29 21.22
N SER A 40 -12.30 0.94 20.67
CA SER A 40 -12.15 2.38 20.80
C SER A 40 -13.17 3.11 19.94
N ASP A 41 -13.94 4.00 20.56
CA ASP A 41 -14.96 4.76 19.85
C ASP A 41 -14.31 5.83 18.96
N GLU A 42 -13.43 6.62 19.53
CA GLU A 42 -12.75 7.68 18.80
C GLU A 42 -11.64 7.11 17.91
N ALA A 43 -11.68 7.46 16.62
CA ALA A 43 -10.69 6.99 15.67
C ALA A 43 -9.33 7.67 15.89
N ASP A 44 -8.25 6.90 15.76
CA ASP A 44 -6.91 7.43 15.96
C ASP A 44 -6.14 7.49 14.65
N LEU A 45 -5.49 8.62 14.40
CA LEU A 45 -4.71 8.81 13.18
C LEU A 45 -3.27 8.38 13.41
N VAL A 46 -2.70 7.64 12.45
CA VAL A 46 -1.33 7.15 12.56
C VAL A 46 -0.56 7.37 11.26
N PRO A 47 0.67 7.93 11.35
CA PRO A 47 1.51 8.18 10.17
C PRO A 47 1.79 6.91 9.38
N ALA A 48 1.80 7.04 8.05
CA ALA A 48 2.06 5.90 7.18
C ALA A 48 3.41 5.28 7.47
N LYS A 49 4.42 6.13 7.65
CA LYS A 49 5.78 5.67 7.92
C LYS A 49 5.80 4.72 9.12
N GLU A 50 5.08 5.09 10.18
CA GLU A 50 5.02 4.29 11.39
C GLU A 50 4.17 3.03 11.18
N ALA A 51 3.02 3.20 10.54
CA ALA A 51 2.10 2.09 10.29
C ALA A 51 2.75 1.00 9.44
N ASN A 52 3.69 1.39 8.58
CA ASN A 52 4.38 0.43 7.71
C ASN A 52 4.88 -0.77 8.48
N VAL A 53 5.39 -0.53 9.69
CA VAL A 53 5.91 -1.61 10.52
C VAL A 53 4.87 -2.15 11.49
N LYS A 54 3.95 -1.28 11.94
CA LYS A 54 2.92 -1.68 12.88
C LYS A 54 2.03 -2.79 12.33
N CYS A 55 1.62 -2.64 11.08
CA CYS A 55 0.76 -3.63 10.44
C CYS A 55 0.70 -3.41 8.93
N PRO A 56 1.82 -3.65 8.22
CA PRO A 56 1.87 -3.46 6.77
C PRO A 56 0.81 -4.29 6.05
N GLN A 57 0.61 -5.53 6.49
CA GLN A 57 -0.38 -6.40 5.87
C GLN A 57 -1.77 -5.75 5.93
N VAL A 58 -2.06 -5.11 7.06
CA VAL A 58 -3.35 -4.45 7.24
C VAL A 58 -3.50 -3.24 6.32
N VAL A 59 -2.48 -2.39 6.28
CA VAL A 59 -2.52 -1.20 5.45
C VAL A 59 -2.54 -1.55 3.96
N ILE A 60 -1.71 -2.51 3.56
CA ILE A 60 -1.64 -2.94 2.16
C ILE A 60 -2.98 -3.48 1.69
N SER A 61 -3.59 -4.32 2.53
CA SER A 61 -4.88 -4.92 2.21
C SER A 61 -5.93 -3.86 1.92
N PHE A 62 -5.88 -2.77 2.69
CA PHE A 62 -6.83 -1.67 2.52
C PHE A 62 -6.80 -1.13 1.10
N TYR A 63 -5.60 -0.83 0.60
CA TYR A 63 -5.45 -0.31 -0.75
C TYR A 63 -5.94 -1.31 -1.80
N GLU A 64 -5.60 -2.57 -1.61
CA GLU A 64 -5.99 -3.63 -2.55
C GLU A 64 -7.50 -3.64 -2.78
N GLU A 65 -8.26 -3.53 -1.70
CA GLU A 65 -9.72 -3.55 -1.79
C GLU A 65 -10.25 -2.37 -2.60
N ARG A 66 -9.80 -1.17 -2.25
CA ARG A 66 -10.24 0.04 -2.94
C ARG A 66 -9.44 0.30 -4.21
N LEU A 67 -9.16 -0.77 -4.96
CA LEU A 67 -8.42 -0.64 -6.20
C LEU A 67 -9.37 -0.43 -7.37
N THR A 68 -9.21 0.69 -8.08
CA THR A 68 -10.08 1.02 -9.21
C THR A 68 -9.53 0.55 -10.55
N TRP A 69 -8.21 0.54 -10.66
CA TRP A 69 -7.52 0.13 -11.89
C TRP A 69 -7.71 1.17 -13.00
N HIS A 70 -6.62 1.47 -13.70
CA HIS A 70 -6.65 2.44 -14.79
C HIS A 70 -7.36 1.83 -16.01
N SER A 71 -6.59 1.49 -17.04
CA SER A 71 -7.15 0.89 -18.25
C SER A 71 -6.05 0.52 -19.22
N TYR A 72 -6.16 -0.68 -19.80
CA TYR A 72 -5.17 -1.17 -20.76
C TYR A 72 -5.05 -0.22 -21.96
N PRO A 73 -3.81 0.05 -22.40
CA PRO A 73 -3.55 0.92 -23.54
C PRO A 73 -4.28 0.44 -24.79
N SER A 74 -4.28 -0.87 -24.99
CA SER A 74 -4.94 -1.47 -26.14
C SER A 74 -5.04 -2.98 -26.00
N ASP A 75 -3.93 -3.61 -25.61
CA ASP A 75 -3.91 -5.06 -25.44
C ASP A 75 -2.98 -5.45 -24.28
N HIS B 1 26.64 -10.46 -23.12
CA HIS B 1 27.96 -10.28 -22.47
C HIS B 1 27.84 -10.38 -20.95
N MET B 2 28.72 -11.17 -20.34
CA MET B 2 28.73 -11.35 -18.89
C MET B 2 27.37 -11.87 -18.40
N LYS B 3 26.92 -11.36 -17.26
CA LYS B 3 25.64 -11.77 -16.70
C LYS B 3 24.50 -11.40 -17.64
N GLU B 4 23.66 -12.39 -17.95
CA GLU B 4 22.52 -12.18 -18.85
C GLU B 4 21.41 -13.19 -18.57
N GLU B 5 21.80 -14.45 -18.40
CA GLU B 5 20.84 -15.52 -18.12
C GLU B 5 21.57 -16.81 -17.76
N SER B 6 21.05 -17.53 -16.76
CA SER B 6 21.65 -18.78 -16.32
C SER B 6 20.63 -19.61 -15.55
N GLU B 7 19.43 -19.74 -16.11
CA GLU B 7 18.37 -20.52 -15.48
C GLU B 7 18.04 -19.99 -14.08
N LYS B 8 17.96 -18.67 -13.96
CA LYS B 8 17.65 -18.04 -12.68
C LYS B 8 16.18 -18.23 -12.32
N PRO B 9 15.87 -18.46 -11.03
CA PRO B 9 14.50 -18.65 -10.55
C PRO B 9 13.60 -17.44 -10.85
N ARG B 10 13.05 -16.83 -9.80
CA ARG B 10 12.18 -15.68 -9.99
C ARG B 10 12.00 -14.92 -8.67
N GLY B 11 11.92 -13.60 -8.76
CA GLY B 11 11.73 -12.79 -7.57
C GLY B 11 13.01 -12.65 -6.76
N PHE B 12 12.90 -12.83 -5.45
CA PHE B 12 14.05 -12.73 -4.56
C PHE B 12 14.86 -14.02 -4.57
N ALA B 13 15.16 -14.52 -5.76
CA ALA B 13 15.93 -15.76 -5.89
C ALA B 13 17.30 -15.64 -5.25
N ARG B 14 18.12 -14.71 -5.75
CA ARG B 14 19.45 -14.50 -5.21
C ARG B 14 19.49 -13.38 -4.18
N GLY B 15 18.94 -12.22 -4.54
CA GLY B 15 18.91 -11.10 -3.63
C GLY B 15 19.15 -9.77 -4.32
N LEU B 16 18.60 -9.63 -5.52
CA LEU B 16 18.76 -8.40 -6.29
C LEU B 16 17.99 -7.24 -5.65
N GLU B 17 18.63 -6.08 -5.57
CA GLU B 17 18.00 -4.90 -5.00
C GLU B 17 16.89 -4.39 -5.92
N PRO B 18 15.65 -4.29 -5.40
CA PRO B 18 14.52 -3.81 -6.19
C PRO B 18 14.64 -2.33 -6.54
N GLU B 19 14.55 -2.02 -7.83
CA GLU B 19 14.66 -0.64 -8.30
C GLU B 19 13.36 0.12 -8.05
N ARG B 20 12.24 -0.47 -8.49
CA ARG B 20 10.92 0.15 -8.31
C ARG B 20 9.83 -0.75 -8.85
N ILE B 21 8.76 -0.92 -8.08
CA ILE B 21 7.64 -1.75 -8.49
C ILE B 21 6.90 -1.12 -9.66
N ILE B 22 6.69 -1.88 -10.73
CA ILE B 22 6.01 -1.38 -11.91
C ILE B 22 4.49 -1.33 -11.70
N GLY B 23 3.93 -2.42 -11.17
CA GLY B 23 2.49 -2.46 -10.94
C GLY B 23 2.04 -3.70 -10.19
N ALA B 24 0.90 -4.25 -10.60
CA ALA B 24 0.34 -5.44 -9.97
C ALA B 24 -0.84 -5.99 -10.76
N THR B 25 -1.02 -7.30 -10.73
CA THR B 25 -2.12 -7.94 -11.45
C THR B 25 -2.70 -9.11 -10.64
N ASP B 26 -4.02 -9.16 -10.54
CA ASP B 26 -4.69 -10.21 -9.78
C ASP B 26 -4.65 -11.55 -10.53
N SER B 27 -3.49 -12.19 -10.52
CA SER B 27 -3.31 -13.48 -11.19
C SER B 27 -3.81 -14.62 -10.29
N SER B 28 -4.73 -15.42 -10.82
CA SER B 28 -5.31 -16.56 -10.09
C SER B 28 -6.22 -16.09 -8.95
N GLY B 29 -5.66 -15.32 -8.02
CA GLY B 29 -6.43 -14.83 -6.90
C GLY B 29 -5.59 -13.99 -5.95
N GLU B 30 -4.49 -13.44 -6.46
CA GLU B 30 -3.59 -12.62 -5.66
C GLU B 30 -2.92 -11.57 -6.54
N LEU B 31 -2.89 -10.33 -6.05
CA LEU B 31 -2.26 -9.25 -6.81
C LEU B 31 -0.75 -9.43 -6.89
N MET B 32 -0.28 -10.02 -7.97
CA MET B 32 1.15 -10.25 -8.18
C MET B 32 1.81 -8.96 -8.62
N PHE B 33 2.87 -8.56 -7.93
CA PHE B 33 3.58 -7.34 -8.26
C PHE B 33 4.79 -7.62 -9.15
N LEU B 34 4.84 -6.93 -10.29
CA LEU B 34 5.97 -7.09 -11.20
C LEU B 34 7.13 -6.24 -10.69
N MET B 35 8.02 -6.86 -9.92
CA MET B 35 9.16 -6.15 -9.36
C MET B 35 10.26 -5.93 -10.39
N LYS B 36 10.63 -4.68 -10.57
CA LYS B 36 11.68 -4.31 -11.51
C LYS B 36 13.04 -4.42 -10.84
N TRP B 37 14.02 -4.95 -11.55
CA TRP B 37 15.36 -5.11 -10.98
C TRP B 37 16.40 -4.36 -11.82
N LYS B 38 17.28 -3.64 -11.13
CA LYS B 38 18.33 -2.88 -11.80
C LYS B 38 19.26 -3.78 -12.59
N ASN B 39 19.76 -4.82 -11.94
CA ASN B 39 20.67 -5.76 -12.57
C ASN B 39 19.93 -6.67 -13.55
N SER B 40 18.82 -7.25 -13.10
CA SER B 40 18.03 -8.14 -13.95
C SER B 40 17.29 -7.36 -15.03
N ASP B 41 17.47 -7.76 -16.29
CA ASP B 41 16.82 -7.09 -17.41
C ASP B 41 15.35 -7.47 -17.51
N GLU B 42 15.06 -8.76 -17.45
CA GLU B 42 13.69 -9.25 -17.55
C GLU B 42 12.93 -9.08 -16.24
N ALA B 43 11.71 -8.58 -16.35
CA ALA B 43 10.85 -8.38 -15.19
C ALA B 43 10.19 -9.70 -14.78
N ASP B 44 9.85 -9.83 -13.50
CA ASP B 44 9.23 -11.06 -13.02
C ASP B 44 8.15 -10.79 -11.98
N LEU B 45 7.01 -11.46 -12.13
CA LEU B 45 5.88 -11.31 -11.22
C LEU B 45 6.14 -12.02 -9.90
N VAL B 46 5.55 -11.49 -8.83
CA VAL B 46 5.69 -12.07 -7.49
C VAL B 46 4.37 -12.03 -6.74
N PRO B 47 3.96 -13.15 -6.09
CA PRO B 47 2.71 -13.22 -5.35
C PRO B 47 2.59 -12.11 -4.31
N ALA B 48 1.36 -11.62 -4.15
CA ALA B 48 1.09 -10.56 -3.19
C ALA B 48 1.54 -10.95 -1.79
N LYS B 49 1.19 -12.16 -1.37
CA LYS B 49 1.56 -12.65 -0.05
C LYS B 49 3.08 -12.70 0.10
N GLU B 50 3.75 -13.05 -0.99
CA GLU B 50 5.20 -13.14 -1.00
C GLU B 50 5.84 -11.77 -0.75
N ALA B 51 5.32 -10.74 -1.41
CA ALA B 51 5.85 -9.39 -1.28
C ALA B 51 5.47 -8.74 0.05
N ASN B 52 4.25 -8.97 0.51
CA ASN B 52 3.77 -8.38 1.76
C ASN B 52 4.75 -8.62 2.92
N VAL B 53 5.35 -9.81 2.95
CA VAL B 53 6.29 -10.15 4.02
C VAL B 53 7.74 -9.89 3.62
N LYS B 54 8.08 -10.19 2.36
CA LYS B 54 9.44 -10.03 1.87
C LYS B 54 9.86 -8.55 1.82
N CYS B 55 8.94 -7.67 1.44
CA CYS B 55 9.25 -6.25 1.35
C CYS B 55 7.98 -5.40 1.36
N PRO B 56 7.23 -5.41 2.48
CA PRO B 56 5.98 -4.63 2.63
C PRO B 56 6.20 -3.14 2.42
N GLN B 57 7.29 -2.62 2.96
CA GLN B 57 7.60 -1.20 2.86
C GLN B 57 7.61 -0.73 1.40
N VAL B 58 8.36 -1.42 0.56
CA VAL B 58 8.43 -1.06 -0.85
C VAL B 58 7.05 -1.13 -1.48
N VAL B 59 6.28 -2.14 -1.04
CA VAL B 59 4.93 -2.35 -1.53
C VAL B 59 3.98 -1.22 -1.13
N ILE B 60 4.01 -0.85 0.14
CA ILE B 60 3.15 0.22 0.65
C ILE B 60 3.47 1.55 -0.03
N SER B 61 4.75 1.78 -0.29
CA SER B 61 5.20 3.02 -0.93
C SER B 61 4.60 3.17 -2.32
N PHE B 62 4.53 2.08 -3.07
CA PHE B 62 3.99 2.10 -4.43
C PHE B 62 2.60 2.70 -4.46
N TYR B 63 1.73 2.24 -3.57
CA TYR B 63 0.35 2.76 -3.51
C TYR B 63 0.33 4.22 -3.06
N GLU B 64 1.20 4.55 -2.12
CA GLU B 64 1.26 5.92 -1.59
C GLU B 64 1.39 6.94 -2.71
N GLU B 65 2.32 6.70 -3.63
CA GLU B 65 2.52 7.60 -4.76
C GLU B 65 1.38 7.47 -5.77
N ARG B 66 1.04 6.23 -6.12
CA ARG B 66 -0.05 5.98 -7.07
C ARG B 66 -1.40 6.07 -6.36
N LEU B 67 -1.52 7.04 -5.46
CA LEU B 67 -2.75 7.23 -4.69
C LEU B 67 -3.58 8.38 -5.24
N THR B 68 -4.89 8.24 -5.11
CA THR B 68 -5.83 9.26 -5.55
C THR B 68 -7.07 9.20 -4.66
N TRP B 69 -7.43 10.34 -4.08
CA TRP B 69 -8.56 10.39 -3.19
C TRP B 69 -9.87 10.64 -3.93
N HIS B 70 -10.89 9.86 -3.56
CA HIS B 70 -12.20 9.97 -4.16
C HIS B 70 -12.93 11.17 -3.58
N SER B 71 -14.11 11.46 -4.10
CA SER B 71 -14.90 12.60 -3.62
C SER B 71 -15.00 12.57 -2.10
N TYR B 72 -14.61 13.68 -1.46
CA TYR B 72 -14.67 13.79 -0.01
C TYR B 72 -16.11 13.85 0.48
N PRO B 73 -16.53 12.90 1.33
CA PRO B 73 -17.88 12.87 1.87
C PRO B 73 -18.06 13.81 3.05
N SER B 74 -19.19 14.51 3.09
CA SER B 74 -19.48 15.45 4.18
C SER B 74 -18.54 16.65 4.12
N ASP B 75 -19.09 17.83 4.31
CA ASP B 75 -18.31 19.06 4.29
C ASP B 75 -17.30 19.07 5.43
N GLY C 1 -18.00 20.46 18.16
CA GLY C 1 -17.78 19.03 18.50
C GLY C 1 -18.52 18.10 17.57
N SER C 2 -17.83 17.05 17.12
CA SER C 2 -18.43 16.06 16.21
C SER C 2 -18.95 16.74 14.94
N LYS C 3 -18.19 17.70 14.43
CA LYS C 3 -18.58 18.40 13.21
C LYS C 3 -18.57 17.44 12.01
N ALA C 4 -19.61 17.51 11.20
CA ALA C 4 -19.72 16.66 10.03
C ALA C 4 -18.51 16.81 9.11
N GLY C 5 -17.86 15.70 8.80
CA GLY C 5 -16.68 15.73 7.94
C GLY C 5 -15.57 16.58 8.52
N ASP C 6 -14.52 15.94 9.00
CA ASP C 6 -13.38 16.64 9.58
C ASP C 6 -12.59 17.37 8.50
N LEU C 7 -12.50 18.69 8.64
CA LEU C 7 -11.78 19.53 7.69
C LEU C 7 -10.28 19.30 7.82
N LEU C 8 -9.83 19.13 9.05
CA LEU C 8 -8.43 18.91 9.36
C LEU C 8 -7.76 17.97 8.36
N PHE C 9 -8.51 16.98 7.87
CA PHE C 9 -7.95 16.02 6.93
C PHE C 9 -9.00 15.46 5.98
N ILE C 10 -8.77 14.21 5.54
CA ILE C 10 -9.66 13.54 4.61
C ILE C 10 -10.38 12.36 5.26
N GLU C 11 -11.56 12.05 4.75
CA GLU C 11 -12.34 10.92 5.26
C GLU C 11 -13.13 10.28 4.14
N LYS C 12 -12.48 10.15 2.97
CA LYS C 12 -13.13 9.55 1.80
C LYS C 12 -12.52 8.18 1.50
N VAL C 13 -12.44 7.84 0.22
CA VAL C 13 -11.87 6.57 -0.19
C VAL C 13 -10.61 6.78 -1.02
N PRO C 14 -9.46 6.26 -0.55
CA PRO C 14 -8.18 6.40 -1.24
C PRO C 14 -8.02 5.41 -2.40
N VAL C 15 -8.93 5.48 -3.37
CA VAL C 15 -8.87 4.59 -4.53
C VAL C 15 -7.48 4.60 -5.16
N VAL C 16 -7.01 3.42 -5.57
CA VAL C 16 -5.69 3.31 -6.17
C VAL C 16 -5.79 2.94 -7.64
N VAL C 17 -4.94 3.55 -8.46
CA VAL C 17 -4.93 3.29 -9.88
C VAL C 17 -3.70 2.49 -10.28
N LEU C 18 -3.92 1.45 -11.09
CA LEU C 18 -2.84 0.59 -11.55
C LEU C 18 -3.07 0.19 -13.00
N GLU C 19 -1.98 0.13 -13.77
CA GLU C 19 -2.06 -0.23 -15.17
C GLU C 19 -1.49 -1.61 -15.41
N ASP C 20 -1.96 -2.58 -14.61
CA ASP C 20 -1.52 -3.96 -14.73
C ASP C 20 0.00 -4.04 -14.53
N ILE C 21 0.67 -4.95 -15.26
CA ILE C 21 2.12 -5.08 -15.13
C ILE C 21 2.81 -4.88 -16.48
N LEU C 22 2.23 -5.46 -17.54
CA LEU C 22 2.79 -5.31 -18.88
C LEU C 22 1.80 -4.60 -19.80
N ALA C 23 0.95 -3.76 -19.21
CA ALA C 23 -0.05 -3.01 -19.97
C ALA C 23 0.54 -1.71 -20.48
N THR C 24 1.58 -1.80 -21.30
CA THR C 24 2.24 -0.62 -21.85
C THR C 24 2.85 -0.91 -23.22
N LYS C 25 2.56 -0.03 -24.17
CA LYS C 25 3.07 -0.19 -25.54
C LYS C 25 3.24 1.18 -26.21
N PRO C 26 4.18 2.00 -25.73
CA PRO C 26 4.43 3.33 -26.29
C PRO C 26 4.81 3.29 -27.77
N SER C 27 5.84 2.51 -28.09
CA SER C 27 6.30 2.38 -29.46
C SER C 27 6.94 1.01 -29.69
N ILE C 28 6.53 0.35 -30.77
CA ILE C 28 7.07 -0.96 -31.10
C ILE C 28 7.97 -0.90 -32.34
N ALA C 29 8.76 0.16 -32.44
CA ALA C 29 9.66 0.35 -33.56
C ALA C 29 10.94 -0.48 -33.38
N SER C 30 10.78 -1.74 -33.00
CA SER C 30 11.91 -2.63 -32.80
C SER C 30 11.52 -4.08 -33.07
N HIS A 1 -14.91 -1.43 25.94
CA HIS A 1 -16.36 -1.17 26.03
C HIS A 1 -16.70 0.24 25.56
N MET A 2 -16.14 0.61 24.41
CA MET A 2 -16.38 1.94 23.83
C MET A 2 -15.93 3.04 24.80
N LYS A 3 -14.78 2.82 25.43
CA LYS A 3 -14.24 3.79 26.38
C LYS A 3 -13.94 5.12 25.69
N GLU A 4 -14.51 6.20 26.22
CA GLU A 4 -14.31 7.53 25.65
C GLU A 4 -12.98 8.12 26.14
N GLU A 5 -12.78 8.07 27.46
CA GLU A 5 -11.55 8.60 28.06
C GLU A 5 -11.57 8.33 29.57
N SER A 6 -10.46 7.79 30.08
CA SER A 6 -10.35 7.49 31.51
C SER A 6 -8.94 7.05 31.86
N GLU A 7 -8.38 6.15 31.04
CA GLU A 7 -7.03 5.64 31.27
C GLU A 7 -6.58 4.75 30.12
N LYS A 8 -6.66 5.29 28.90
CA LYS A 8 -6.25 4.55 27.71
C LYS A 8 -5.49 5.44 26.74
N PRO A 9 -4.36 4.94 26.20
CA PRO A 9 -3.52 5.70 25.25
C PRO A 9 -4.26 6.03 23.95
N ARG A 10 -3.65 5.71 22.81
CA ARG A 10 -4.25 5.98 21.52
C ARG A 10 -3.55 5.19 20.42
N GLY A 11 -4.33 4.72 19.45
CA GLY A 11 -3.77 3.94 18.34
C GLY A 11 -3.42 2.53 18.75
N PHE A 12 -2.24 2.07 18.33
CA PHE A 12 -1.79 0.72 18.64
C PHE A 12 -1.24 0.64 20.07
N ALA A 13 -2.04 1.08 21.03
CA ALA A 13 -1.64 1.06 22.44
C ALA A 13 -1.34 -0.36 22.90
N ARG A 14 -2.32 -0.99 23.56
CA ARG A 14 -2.14 -2.35 24.05
C ARG A 14 -1.97 -3.33 22.89
N GLY A 15 -2.82 -3.21 21.88
CA GLY A 15 -2.75 -4.09 20.73
C GLY A 15 -4.11 -4.55 20.26
N LEU A 16 -5.09 -3.65 20.27
CA LEU A 16 -6.44 -3.98 19.85
C LEU A 16 -6.50 -4.18 18.33
N GLU A 17 -7.26 -5.19 17.91
CA GLU A 17 -7.41 -5.52 16.50
C GLU A 17 -8.00 -4.34 15.73
N PRO A 18 -7.42 -4.00 14.57
CA PRO A 18 -7.91 -2.91 13.72
C PRO A 18 -9.22 -3.29 13.05
N GLU A 19 -10.26 -2.49 13.29
CA GLU A 19 -11.57 -2.76 12.71
C GLU A 19 -11.59 -2.49 11.20
N ARG A 20 -11.15 -1.29 10.81
CA ARG A 20 -11.12 -0.91 9.41
C ARG A 20 -10.51 0.48 9.23
N ILE A 21 -9.55 0.58 8.30
CA ILE A 21 -8.89 1.85 8.01
C ILE A 21 -9.81 2.75 7.19
N ILE A 22 -9.74 4.06 7.45
CA ILE A 22 -10.56 5.02 6.72
C ILE A 22 -9.92 6.40 6.68
N GLY A 23 -8.63 6.44 6.32
CA GLY A 23 -7.92 7.70 6.23
C GLY A 23 -6.51 7.52 5.70
N ALA A 24 -6.02 8.53 4.98
CA ALA A 24 -4.68 8.48 4.40
C ALA A 24 -4.31 9.80 3.75
N THR A 25 -4.40 10.89 4.52
CA THR A 25 -4.08 12.22 4.01
C THR A 25 -2.58 12.44 3.92
N ASP A 26 -2.13 12.89 2.75
CA ASP A 26 -0.72 13.16 2.53
C ASP A 26 -0.33 14.52 3.08
N SER A 27 -0.07 14.58 4.39
CA SER A 27 0.31 15.82 5.06
C SER A 27 1.64 16.35 4.54
N SER A 28 2.57 16.64 5.46
CA SER A 28 3.88 17.15 5.08
C SER A 28 4.53 16.29 4.01
N GLY A 29 4.45 14.97 4.17
CA GLY A 29 5.02 14.06 3.21
C GLY A 29 4.84 12.61 3.62
N GLU A 30 3.74 12.35 4.31
CA GLU A 30 3.43 11.00 4.79
C GLU A 30 1.91 10.83 4.94
N LEU A 31 1.39 9.70 4.49
CA LEU A 31 -0.03 9.43 4.60
C LEU A 31 -0.41 9.19 6.06
N MET A 32 -1.23 10.08 6.60
CA MET A 32 -1.66 9.95 7.98
C MET A 32 -2.79 8.94 8.10
N PHE A 33 -2.46 7.67 7.96
CA PHE A 33 -3.45 6.60 8.04
C PHE A 33 -4.36 6.78 9.25
N LEU A 34 -5.63 7.05 8.99
CA LEU A 34 -6.61 7.25 10.06
C LEU A 34 -7.14 5.89 10.53
N MET A 35 -6.43 5.27 11.46
CA MET A 35 -6.81 3.96 11.98
C MET A 35 -8.05 4.04 12.88
N LYS A 36 -9.01 3.16 12.60
CA LYS A 36 -10.24 3.09 13.38
C LYS A 36 -10.15 1.97 14.40
N TRP A 37 -10.74 2.19 15.58
CA TRP A 37 -10.69 1.18 16.64
C TRP A 37 -12.07 0.90 17.20
N LYS A 38 -12.41 -0.38 17.32
CA LYS A 38 -13.70 -0.79 17.84
C LYS A 38 -13.85 -0.43 19.31
N ASN A 39 -12.91 -0.86 20.13
CA ASN A 39 -12.95 -0.58 21.56
C ASN A 39 -12.14 0.67 21.90
N SER A 40 -10.95 0.77 21.31
CA SER A 40 -10.07 1.91 21.56
C SER A 40 -10.63 3.18 20.95
N ASP A 41 -9.98 4.30 21.24
CA ASP A 41 -10.41 5.60 20.73
C ASP A 41 -10.48 5.58 19.21
N GLU A 42 -11.61 5.08 18.70
CA GLU A 42 -11.82 4.97 17.25
C GLU A 42 -11.36 6.22 16.52
N ALA A 43 -10.77 6.01 15.35
CA ALA A 43 -10.26 7.10 14.52
C ALA A 43 -9.06 7.77 15.19
N ASP A 44 -7.94 7.79 14.47
CA ASP A 44 -6.71 8.41 14.97
C ASP A 44 -5.63 8.39 13.88
N LEU A 45 -5.01 9.54 13.66
CA LEU A 45 -3.97 9.66 12.64
C LEU A 45 -2.70 8.94 13.03
N VAL A 46 -2.06 8.32 12.05
CA VAL A 46 -0.82 7.59 12.24
C VAL A 46 0.08 7.73 11.01
N PRO A 47 1.36 8.11 11.20
CA PRO A 47 2.30 8.29 10.09
C PRO A 47 2.38 7.06 9.20
N ALA A 48 2.25 7.27 7.89
CA ALA A 48 2.30 6.18 6.92
C ALA A 48 3.50 5.26 7.18
N LYS A 49 4.66 5.85 7.40
CA LYS A 49 5.87 5.08 7.66
C LYS A 49 5.70 4.20 8.89
N GLU A 50 5.08 4.76 9.93
CA GLU A 50 4.87 4.02 11.17
C GLU A 50 3.86 2.89 10.99
N ALA A 51 2.79 3.17 10.24
CA ALA A 51 1.74 2.19 9.99
C ALA A 51 2.27 0.94 9.28
N ASN A 52 3.24 1.14 8.39
CA ASN A 52 3.80 0.03 7.63
C ASN A 52 4.29 -1.10 8.55
N VAL A 53 4.91 -0.75 9.67
CA VAL A 53 5.42 -1.76 10.60
C VAL A 53 4.33 -2.27 11.54
N LYS A 54 3.40 -1.40 11.90
CA LYS A 54 2.32 -1.77 12.82
C LYS A 54 1.49 -2.93 12.28
N CYS A 55 1.13 -2.85 11.00
CA CYS A 55 0.32 -3.90 10.37
C CYS A 55 0.26 -3.71 8.87
N PRO A 56 1.34 -4.10 8.15
CA PRO A 56 1.40 -3.97 6.69
C PRO A 56 0.33 -4.79 5.98
N GLN A 57 0.09 -6.00 6.49
CA GLN A 57 -0.91 -6.88 5.90
C GLN A 57 -2.28 -6.20 5.84
N VAL A 58 -2.62 -5.47 6.90
CA VAL A 58 -3.90 -4.78 6.98
C VAL A 58 -3.97 -3.61 6.00
N VAL A 59 -2.94 -2.78 5.98
CA VAL A 59 -2.92 -1.62 5.09
C VAL A 59 -2.88 -2.04 3.62
N ILE A 60 -2.01 -2.98 3.29
CA ILE A 60 -1.89 -3.49 1.93
C ILE A 60 -3.22 -4.03 1.42
N SER A 61 -3.90 -4.78 2.27
CA SER A 61 -5.19 -5.36 1.91
C SER A 61 -6.26 -4.27 1.77
N PHE A 62 -6.14 -3.23 2.59
CA PHE A 62 -7.10 -2.12 2.57
C PHE A 62 -7.22 -1.52 1.17
N TYR A 63 -6.08 -1.18 0.58
CA TYR A 63 -6.06 -0.58 -0.75
C TYR A 63 -6.70 -1.50 -1.78
N GLU A 64 -6.52 -2.81 -1.62
CA GLU A 64 -7.09 -3.79 -2.55
C GLU A 64 -8.58 -3.56 -2.75
N GLU A 65 -9.28 -3.26 -1.68
CA GLU A 65 -10.72 -3.00 -1.74
C GLU A 65 -11.02 -1.71 -2.49
N ARG A 66 -10.33 -0.64 -2.11
CA ARG A 66 -10.53 0.67 -2.73
C ARG A 66 -9.96 0.71 -4.15
N LEU A 67 -9.39 -0.41 -4.59
CA LEU A 67 -8.80 -0.50 -5.92
C LEU A 67 -9.88 -0.33 -7.00
N THR A 68 -9.60 0.50 -7.99
CA THR A 68 -10.54 0.78 -9.07
C THR A 68 -10.05 0.28 -10.42
N TRP A 69 -8.74 0.30 -10.61
CA TRP A 69 -8.11 -0.14 -11.85
C TRP A 69 -8.36 0.83 -13.01
N HIS A 70 -7.31 1.11 -13.77
CA HIS A 70 -7.40 2.01 -14.93
C HIS A 70 -7.93 1.27 -16.15
N SER A 71 -8.44 2.03 -17.12
CA SER A 71 -8.96 1.43 -18.34
C SER A 71 -7.87 0.61 -19.03
N TYR A 72 -8.19 -0.63 -19.37
CA TYR A 72 -7.23 -1.52 -20.02
C TYR A 72 -6.92 -1.06 -21.45
N PRO A 73 -5.62 -0.91 -21.77
CA PRO A 73 -5.17 -0.49 -23.10
C PRO A 73 -5.55 -1.50 -24.18
N SER A 74 -5.93 -1.00 -25.34
CA SER A 74 -6.30 -1.87 -26.45
C SER A 74 -5.07 -2.42 -27.15
N ASP A 75 -4.07 -1.57 -27.37
CA ASP A 75 -2.84 -1.97 -28.04
C ASP A 75 -3.12 -2.47 -29.45
N HIS B 1 25.48 -7.25 -14.04
CA HIS B 1 25.88 -6.55 -15.29
C HIS B 1 24.84 -6.73 -16.39
N MET B 2 23.57 -6.51 -16.03
CA MET B 2 22.47 -6.64 -16.97
C MET B 2 22.41 -8.05 -17.55
N LYS B 3 22.61 -9.05 -16.70
CA LYS B 3 22.59 -10.45 -17.12
C LYS B 3 21.22 -10.83 -17.66
N GLU B 4 21.19 -11.32 -18.89
CA GLU B 4 19.94 -11.73 -19.52
C GLU B 4 19.53 -13.12 -19.05
N GLU B 5 20.47 -14.06 -19.11
CA GLU B 5 20.22 -15.43 -18.68
C GLU B 5 21.51 -16.26 -18.79
N SER B 6 21.83 -17.01 -17.74
CA SER B 6 23.03 -17.84 -17.72
C SER B 6 23.07 -18.70 -16.47
N GLU B 7 22.78 -18.10 -15.33
CA GLU B 7 22.80 -18.81 -14.05
C GLU B 7 22.29 -17.93 -12.92
N LYS B 8 21.11 -17.35 -13.10
CA LYS B 8 20.52 -16.48 -12.09
C LYS B 8 19.02 -16.76 -11.95
N PRO B 9 18.53 -16.86 -10.71
CA PRO B 9 17.11 -17.13 -10.42
C PRO B 9 16.20 -16.01 -10.94
N ARG B 10 15.30 -15.53 -10.07
CA ARG B 10 14.37 -14.46 -10.46
C ARG B 10 13.75 -13.84 -9.22
N GLY B 11 13.56 -12.52 -9.26
CA GLY B 11 12.98 -11.82 -8.14
C GLY B 11 13.93 -11.65 -6.98
N PHE B 12 13.46 -11.96 -5.78
CA PHE B 12 14.28 -11.84 -4.57
C PHE B 12 15.27 -12.99 -4.44
N ALA B 13 16.05 -13.23 -5.48
CA ALA B 13 17.03 -14.29 -5.47
C ALA B 13 18.09 -14.07 -4.40
N ARG B 14 19.26 -13.59 -4.80
CA ARG B 14 20.35 -13.34 -3.85
C ARG B 14 19.98 -12.24 -2.86
N GLY B 15 19.47 -11.13 -3.38
CA GLY B 15 19.09 -10.02 -2.53
C GLY B 15 19.44 -8.67 -3.12
N LEU B 16 19.25 -8.54 -4.43
CA LEU B 16 19.55 -7.30 -5.12
C LEU B 16 18.54 -6.21 -4.77
N GLU B 17 19.05 -4.99 -4.60
CA GLU B 17 18.22 -3.85 -4.24
C GLU B 17 17.11 -3.61 -5.26
N PRO B 18 15.85 -3.54 -4.82
CA PRO B 18 14.71 -3.30 -5.71
C PRO B 18 14.74 -1.88 -6.26
N GLU B 19 14.68 -1.74 -7.57
CA GLU B 19 14.71 -0.42 -8.20
C GLU B 19 13.37 0.31 -8.02
N ARG B 20 12.28 -0.33 -8.43
CA ARG B 20 10.95 0.27 -8.30
C ARG B 20 9.87 -0.67 -8.82
N ILE B 21 8.77 -0.76 -8.07
CA ILE B 21 7.65 -1.62 -8.47
C ILE B 21 6.91 -1.00 -9.66
N ILE B 22 6.67 -1.81 -10.69
CA ILE B 22 5.97 -1.32 -11.87
C ILE B 22 4.46 -1.29 -11.65
N GLY B 23 3.92 -2.37 -11.10
CA GLY B 23 2.49 -2.43 -10.85
C GLY B 23 2.05 -3.72 -10.18
N ALA B 24 0.88 -4.22 -10.59
CA ALA B 24 0.33 -5.46 -10.04
C ALA B 24 -0.87 -5.92 -10.85
N THR B 25 -1.04 -7.24 -10.97
CA THR B 25 -2.15 -7.82 -11.73
C THR B 25 -2.76 -9.00 -10.99
N ASP B 26 -4.09 -9.05 -10.98
CA ASP B 26 -4.81 -10.13 -10.31
C ASP B 26 -4.69 -11.44 -11.09
N SER B 27 -3.52 -12.07 -11.00
CA SER B 27 -3.28 -13.32 -11.70
C SER B 27 -3.71 -14.51 -10.83
N SER B 28 -4.51 -15.40 -11.42
CA SER B 28 -5.02 -16.59 -10.72
C SER B 28 -5.98 -16.22 -9.60
N GLY B 29 -5.48 -15.54 -8.57
CA GLY B 29 -6.32 -15.14 -7.46
C GLY B 29 -5.61 -14.28 -6.45
N GLU B 30 -4.48 -13.70 -6.87
CA GLU B 30 -3.70 -12.82 -6.00
C GLU B 30 -2.95 -11.78 -6.82
N LEU B 31 -3.04 -10.52 -6.38
CA LEU B 31 -2.38 -9.43 -7.08
C LEU B 31 -0.87 -9.62 -7.10
N MET B 32 -0.36 -10.13 -8.22
CA MET B 32 1.08 -10.34 -8.37
C MET B 32 1.78 -9.03 -8.73
N PHE B 33 2.83 -8.70 -8.00
CA PHE B 33 3.58 -7.48 -8.24
C PHE B 33 4.77 -7.72 -9.15
N LEU B 34 4.87 -6.92 -10.21
CA LEU B 34 5.97 -7.04 -11.15
C LEU B 34 7.18 -6.30 -10.58
N MET B 35 8.06 -7.03 -9.90
CA MET B 35 9.25 -6.43 -9.29
C MET B 35 10.35 -6.17 -10.31
N LYS B 36 10.83 -4.93 -10.34
CA LYS B 36 11.91 -4.54 -11.24
C LYS B 36 13.25 -4.65 -10.52
N TRP B 37 14.30 -5.00 -11.26
CA TRP B 37 15.62 -5.15 -10.65
C TRP B 37 16.70 -4.46 -11.47
N LYS B 38 17.65 -3.85 -10.78
CA LYS B 38 18.75 -3.13 -11.40
C LYS B 38 19.60 -4.07 -12.27
N ASN B 39 20.19 -5.06 -11.62
CA ASN B 39 21.05 -6.02 -12.30
C ASN B 39 20.30 -7.30 -12.64
N SER B 40 19.45 -7.76 -11.71
CA SER B 40 18.69 -8.98 -11.91
C SER B 40 17.70 -8.84 -13.06
N ASP B 41 17.08 -9.97 -13.41
CA ASP B 41 16.11 -10.01 -14.50
C ASP B 41 15.00 -8.99 -14.24
N GLU B 42 15.27 -7.74 -14.61
CA GLU B 42 14.30 -6.65 -14.43
C GLU B 42 12.90 -7.10 -14.81
N ALA B 43 11.93 -6.73 -13.97
CA ALA B 43 10.53 -7.11 -14.19
C ALA B 43 10.35 -8.62 -14.05
N ASP B 44 9.44 -9.02 -13.17
CA ASP B 44 9.17 -10.43 -12.93
C ASP B 44 7.94 -10.62 -12.06
N LEU B 45 7.06 -11.53 -12.46
CA LEU B 45 5.85 -11.81 -11.72
C LEU B 45 6.16 -12.46 -10.37
N VAL B 46 5.50 -11.98 -9.33
CA VAL B 46 5.70 -12.52 -7.99
C VAL B 46 4.38 -12.50 -7.20
N PRO B 47 4.04 -13.63 -6.53
CA PRO B 47 2.80 -13.73 -5.76
C PRO B 47 2.65 -12.63 -4.73
N ALA B 48 1.42 -12.16 -4.55
CA ALA B 48 1.14 -11.10 -3.61
C ALA B 48 1.62 -11.47 -2.21
N LYS B 49 1.34 -12.69 -1.79
CA LYS B 49 1.75 -13.17 -0.47
C LYS B 49 3.27 -13.10 -0.33
N GLU B 50 3.96 -13.46 -1.40
CA GLU B 50 5.41 -13.45 -1.42
C GLU B 50 5.94 -12.03 -1.19
N ALA B 51 5.35 -11.08 -1.91
CA ALA B 51 5.75 -9.68 -1.81
C ALA B 51 5.49 -9.10 -0.41
N ASN B 52 4.30 -9.35 0.11
CA ASN B 52 3.91 -8.83 1.43
C ASN B 52 4.95 -9.17 2.50
N VAL B 53 5.54 -10.36 2.42
CA VAL B 53 6.53 -10.78 3.41
C VAL B 53 7.95 -10.34 3.03
N LYS B 54 8.28 -10.42 1.75
CA LYS B 54 9.62 -10.05 1.28
C LYS B 54 9.94 -8.58 1.52
N CYS B 55 8.99 -7.69 1.21
CA CYS B 55 9.21 -6.27 1.40
C CYS B 55 7.89 -5.48 1.39
N PRO B 56 7.09 -5.61 2.45
CA PRO B 56 5.81 -4.91 2.56
C PRO B 56 5.98 -3.39 2.50
N GLN B 57 7.11 -2.91 2.99
CA GLN B 57 7.40 -1.48 3.00
C GLN B 57 7.30 -0.89 1.61
N VAL B 58 8.04 -1.44 0.67
CA VAL B 58 8.03 -0.96 -0.71
C VAL B 58 6.63 -1.11 -1.29
N VAL B 59 5.97 -2.20 -0.92
CA VAL B 59 4.62 -2.50 -1.38
C VAL B 59 3.61 -1.43 -0.95
N ILE B 60 3.59 -1.13 0.34
CA ILE B 60 2.68 -0.13 0.89
C ILE B 60 2.95 1.23 0.26
N SER B 61 4.23 1.58 0.14
CA SER B 61 4.65 2.85 -0.43
C SER B 61 4.21 2.99 -1.89
N PHE B 62 4.24 1.88 -2.62
CA PHE B 62 3.86 1.89 -4.03
C PHE B 62 2.48 2.51 -4.21
N TYR B 63 1.50 2.03 -3.45
CA TYR B 63 0.14 2.56 -3.55
C TYR B 63 0.11 4.05 -3.24
N GLU B 64 0.91 4.47 -2.25
CA GLU B 64 0.97 5.87 -1.86
C GLU B 64 1.18 6.77 -3.08
N GLU B 65 2.08 6.36 -3.96
CA GLU B 65 2.38 7.12 -5.17
C GLU B 65 1.19 7.12 -6.12
N ARG B 66 0.73 5.93 -6.50
CA ARG B 66 -0.41 5.79 -7.40
C ARG B 66 -1.71 5.88 -6.62
N LEU B 67 -1.73 6.78 -5.64
CA LEU B 67 -2.90 6.99 -4.81
C LEU B 67 -3.69 8.21 -5.26
N THR B 68 -5.00 8.09 -5.24
CA THR B 68 -5.89 9.18 -5.61
C THR B 68 -7.15 9.14 -4.76
N TRP B 69 -7.46 10.23 -4.11
CA TRP B 69 -8.62 10.28 -3.25
C TRP B 69 -9.87 10.72 -4.01
N HIS B 70 -10.95 10.00 -3.79
CA HIS B 70 -12.21 10.28 -4.45
C HIS B 70 -12.91 11.46 -3.78
N SER B 71 -14.01 11.92 -4.38
CA SER B 71 -14.77 13.05 -3.85
C SER B 71 -14.99 12.92 -2.34
N TYR B 72 -14.82 14.03 -1.63
CA TYR B 72 -15.00 14.05 -0.18
C TYR B 72 -16.47 13.80 0.17
N PRO B 73 -16.76 12.73 0.91
CA PRO B 73 -18.15 12.38 1.28
C PRO B 73 -18.68 13.22 2.44
N SER B 74 -18.33 14.51 2.47
CA SER B 74 -18.80 15.40 3.51
C SER B 74 -20.26 15.78 3.29
N ASP B 75 -21.05 15.74 4.36
CA ASP B 75 -22.47 16.09 4.28
C ASP B 75 -22.65 17.52 3.80
N GLY C 1 -18.67 24.88 15.10
CA GLY C 1 -18.77 25.16 16.56
C GLY C 1 -17.94 24.20 17.39
N SER C 2 -18.03 22.92 17.08
CA SER C 2 -17.29 21.89 17.80
C SER C 2 -17.48 20.53 17.13
N LYS C 3 -18.72 20.21 16.80
CA LYS C 3 -19.05 18.95 16.17
C LYS C 3 -18.38 18.84 14.80
N ALA C 4 -17.86 17.65 14.49
CA ALA C 4 -17.18 17.42 13.22
C ALA C 4 -15.98 18.36 13.05
N GLY C 5 -15.19 18.48 14.12
CA GLY C 5 -14.03 19.34 14.08
C GLY C 5 -13.03 18.93 13.01
N ASP C 6 -12.81 17.62 12.88
CA ASP C 6 -11.87 17.10 11.90
C ASP C 6 -12.20 17.59 10.49
N LEU C 7 -11.24 18.26 9.88
CA LEU C 7 -11.42 18.82 8.55
C LEU C 7 -10.07 19.06 7.88
N LEU C 8 -9.09 19.44 8.71
CA LEU C 8 -7.73 19.73 8.24
C LEU C 8 -7.21 18.64 7.32
N PHE C 9 -7.62 17.41 7.56
CA PHE C 9 -7.17 16.28 6.75
C PHE C 9 -8.29 15.74 5.86
N ILE C 10 -8.24 14.45 5.56
CA ILE C 10 -9.22 13.83 4.70
C ILE C 10 -10.01 12.73 5.40
N GLU C 11 -11.22 12.49 4.91
CA GLU C 11 -12.09 11.45 5.46
C GLU C 11 -12.94 10.86 4.34
N LYS C 12 -12.30 10.67 3.19
CA LYS C 12 -12.96 10.12 2.02
C LYS C 12 -12.48 8.69 1.73
N VAL C 13 -12.46 8.33 0.45
CA VAL C 13 -12.01 7.00 0.05
C VAL C 13 -10.81 7.11 -0.90
N PRO C 14 -9.68 6.46 -0.55
CA PRO C 14 -8.47 6.52 -1.35
C PRO C 14 -8.41 5.48 -2.48
N VAL C 15 -9.24 5.67 -3.50
CA VAL C 15 -9.25 4.76 -4.64
C VAL C 15 -7.88 4.68 -5.28
N VAL C 16 -7.45 3.48 -5.64
CA VAL C 16 -6.15 3.29 -6.26
C VAL C 16 -6.29 2.86 -7.72
N VAL C 17 -5.44 3.42 -8.57
CA VAL C 17 -5.47 3.09 -9.98
C VAL C 17 -4.27 2.25 -10.37
N LEU C 18 -4.51 1.19 -11.14
CA LEU C 18 -3.46 0.29 -11.58
C LEU C 18 -3.71 -0.17 -13.01
N GLU C 19 -2.65 -0.21 -13.81
CA GLU C 19 -2.75 -0.63 -15.20
C GLU C 19 -2.14 -2.01 -15.40
N ASP C 20 -2.58 -2.96 -14.57
CA ASP C 20 -2.08 -4.33 -14.65
C ASP C 20 -0.56 -4.36 -14.41
N ILE C 21 0.20 -4.80 -15.41
CA ILE C 21 1.66 -4.85 -15.28
C ILE C 21 2.35 -4.40 -16.56
N LEU C 22 1.87 -4.90 -17.70
CA LEU C 22 2.43 -4.52 -19.00
C LEU C 22 1.34 -3.90 -19.88
N ALA C 23 0.39 -3.24 -19.24
CA ALA C 23 -0.70 -2.59 -19.95
C ALA C 23 -0.34 -1.16 -20.31
N THR C 24 0.73 -0.98 -21.08
CA THR C 24 1.18 0.34 -21.48
C THR C 24 1.90 0.30 -22.82
N LYS C 25 1.62 1.28 -23.68
CA LYS C 25 2.23 1.35 -25.00
C LYS C 25 2.35 2.81 -25.46
N PRO C 26 3.20 3.61 -24.79
CA PRO C 26 3.39 5.02 -25.12
C PRO C 26 4.00 5.23 -26.51
N SER C 27 3.44 6.17 -27.25
CA SER C 27 3.92 6.48 -28.60
C SER C 27 3.67 7.94 -28.95
N ILE C 28 4.20 8.83 -28.11
CA ILE C 28 4.04 10.27 -28.32
C ILE C 28 5.22 11.04 -27.76
N ALA C 29 5.74 10.61 -26.62
CA ALA C 29 6.87 11.25 -25.98
C ALA C 29 6.56 12.71 -25.65
N SER C 30 5.40 12.94 -25.02
CA SER C 30 4.99 14.29 -24.65
C SER C 30 5.03 14.47 -23.14
N HIS A 1 -20.63 0.99 29.33
CA HIS A 1 -19.68 0.93 30.48
C HIS A 1 -18.43 0.14 30.10
N MET A 2 -17.84 0.46 28.95
CA MET A 2 -16.65 -0.21 28.48
C MET A 2 -15.44 0.13 29.37
N LYS A 3 -14.27 0.31 28.76
CA LYS A 3 -13.06 0.64 29.50
C LYS A 3 -13.22 1.99 30.21
N GLU A 4 -12.87 2.02 31.49
CA GLU A 4 -12.98 3.23 32.29
C GLU A 4 -12.08 4.34 31.73
N GLU A 5 -12.63 5.55 31.63
CA GLU A 5 -11.87 6.69 31.12
C GLU A 5 -10.72 7.05 32.06
N SER A 6 -9.57 7.35 31.48
CA SER A 6 -8.39 7.71 32.25
C SER A 6 -7.29 8.26 31.33
N GLU A 7 -6.03 8.10 31.74
CA GLU A 7 -4.91 8.59 30.94
C GLU A 7 -4.54 7.59 29.85
N LYS A 8 -5.56 7.10 29.15
CA LYS A 8 -5.36 6.15 28.06
C LYS A 8 -4.62 6.79 26.88
N PRO A 9 -3.64 6.08 26.31
CA PRO A 9 -2.86 6.58 25.17
C PRO A 9 -3.72 6.73 23.91
N ARG A 10 -3.20 6.26 22.78
CA ARG A 10 -3.92 6.35 21.51
C ARG A 10 -3.20 5.56 20.42
N GLY A 11 -3.96 4.95 19.53
CA GLY A 11 -3.38 4.17 18.46
C GLY A 11 -3.04 2.75 18.88
N PHE A 12 -1.83 2.31 18.56
CA PHE A 12 -1.39 0.96 18.92
C PHE A 12 -0.95 0.89 20.37
N ALA A 13 -1.72 1.53 21.26
CA ALA A 13 -1.41 1.53 22.67
C ALA A 13 -1.48 0.12 23.25
N ARG A 14 -2.67 -0.46 23.23
CA ARG A 14 -2.87 -1.80 23.75
C ARG A 14 -2.84 -2.83 22.62
N GLY A 15 -3.18 -2.38 21.41
CA GLY A 15 -3.20 -3.29 20.27
C GLY A 15 -4.46 -4.13 20.26
N LEU A 16 -5.60 -3.47 20.46
CA LEU A 16 -6.89 -4.14 20.49
C LEU A 16 -7.38 -4.50 19.09
N GLU A 17 -6.45 -4.91 18.23
CA GLU A 17 -6.77 -5.31 16.86
C GLU A 17 -7.35 -4.15 16.05
N PRO A 18 -6.77 -3.86 14.86
CA PRO A 18 -7.24 -2.79 13.99
C PRO A 18 -8.63 -3.10 13.43
N GLU A 19 -9.56 -2.17 13.62
CA GLU A 19 -10.92 -2.35 13.15
C GLU A 19 -10.99 -2.28 11.62
N ARG A 20 -10.59 -1.13 11.07
CA ARG A 20 -10.59 -0.94 9.62
C ARG A 20 -10.18 0.49 9.26
N ILE A 21 -9.24 0.62 8.33
CA ILE A 21 -8.77 1.93 7.89
C ILE A 21 -9.84 2.64 7.08
N ILE A 22 -9.99 3.95 7.32
CA ILE A 22 -10.99 4.75 6.61
C ILE A 22 -10.55 6.21 6.48
N GLY A 23 -9.24 6.43 6.31
CA GLY A 23 -8.74 7.77 6.19
C GLY A 23 -7.39 7.83 5.50
N ALA A 24 -7.01 9.02 5.03
CA ALA A 24 -5.75 9.25 4.35
C ALA A 24 -5.65 10.68 3.87
N THR A 25 -4.59 11.38 4.28
CA THR A 25 -4.39 12.76 3.88
C THR A 25 -2.92 13.14 3.91
N ASP A 26 -2.45 13.75 2.82
CA ASP A 26 -1.06 14.19 2.72
C ASP A 26 -0.86 15.53 3.42
N SER A 27 -0.24 15.49 4.59
CA SER A 27 0.02 16.71 5.36
C SER A 27 1.11 17.54 4.70
N SER A 28 2.04 18.05 5.51
CA SER A 28 3.14 18.85 4.99
C SER A 28 3.92 18.10 3.92
N GLY A 29 4.08 16.79 4.13
CA GLY A 29 4.78 15.96 3.18
C GLY A 29 4.79 14.50 3.59
N GLU A 30 3.64 14.01 4.03
CA GLU A 30 3.52 12.61 4.46
C GLU A 30 2.07 12.18 4.53
N LEU A 31 1.80 10.97 4.07
CA LEU A 31 0.45 10.42 4.10
C LEU A 31 0.09 10.01 5.52
N MET A 32 -1.19 9.99 5.83
CA MET A 32 -1.63 9.62 7.17
C MET A 32 -2.83 8.70 7.12
N PHE A 33 -2.65 7.47 7.60
CA PHE A 33 -3.72 6.49 7.61
C PHE A 33 -4.57 6.62 8.87
N LEU A 34 -5.86 6.93 8.69
CA LEU A 34 -6.77 7.06 9.82
C LEU A 34 -7.24 5.68 10.25
N MET A 35 -6.46 5.02 11.10
CA MET A 35 -6.78 3.69 11.57
C MET A 35 -7.88 3.72 12.62
N LYS A 36 -8.86 2.84 12.43
CA LYS A 36 -10.00 2.74 13.35
C LYS A 36 -9.76 1.62 14.36
N TRP A 37 -10.18 1.85 15.61
CA TRP A 37 -10.01 0.87 16.67
C TRP A 37 -11.37 0.32 17.13
N LYS A 38 -11.43 -1.00 17.25
CA LYS A 38 -12.66 -1.68 17.65
C LYS A 38 -13.01 -1.43 19.11
N ASN A 39 -12.07 -1.67 20.00
CA ASN A 39 -12.31 -1.51 21.43
C ASN A 39 -11.69 -0.25 22.01
N SER A 40 -10.49 0.10 21.58
CA SER A 40 -9.80 1.27 22.11
C SER A 40 -10.39 2.56 21.56
N ASP A 41 -9.58 3.62 21.60
CA ASP A 41 -10.00 4.93 21.10
C ASP A 41 -10.24 4.88 19.61
N GLU A 42 -11.40 4.33 19.23
CA GLU A 42 -11.76 4.20 17.82
C GLU A 42 -11.42 5.45 17.03
N ALA A 43 -10.88 5.25 15.83
CA ALA A 43 -10.49 6.34 14.95
C ALA A 43 -9.32 7.12 15.51
N ASP A 44 -8.22 7.15 14.75
CA ASP A 44 -7.01 7.86 15.14
C ASP A 44 -6.03 7.88 13.96
N LEU A 45 -5.64 9.07 13.55
CA LEU A 45 -4.72 9.22 12.42
C LEU A 45 -3.29 8.89 12.82
N VAL A 46 -2.58 8.20 11.93
CA VAL A 46 -1.20 7.80 12.17
C VAL A 46 -0.36 7.95 10.91
N PRO A 47 0.84 8.55 11.01
CA PRO A 47 1.72 8.75 9.85
C PRO A 47 1.97 7.46 9.08
N ALA A 48 1.98 7.56 7.76
CA ALA A 48 2.21 6.39 6.91
C ALA A 48 3.57 5.77 7.16
N LYS A 49 4.58 6.63 7.27
CA LYS A 49 5.95 6.17 7.50
C LYS A 49 6.04 5.34 8.77
N GLU A 50 5.18 5.65 9.75
CA GLU A 50 5.17 4.93 11.02
C GLU A 50 4.24 3.72 10.96
N ALA A 51 3.05 3.91 10.40
CA ALA A 51 2.05 2.85 10.30
C ALA A 51 2.56 1.62 9.54
N ASN A 52 3.37 1.85 8.51
CA ASN A 52 3.88 0.74 7.70
C ASN A 52 4.52 -0.34 8.57
N VAL A 53 5.26 0.05 9.60
CA VAL A 53 5.91 -0.92 10.48
C VAL A 53 4.91 -1.51 11.47
N LYS A 54 3.96 -0.69 11.91
CA LYS A 54 2.95 -1.15 12.85
C LYS A 54 2.22 -2.40 12.37
N CYS A 55 1.78 -2.36 11.12
CA CYS A 55 1.07 -3.50 10.53
C CYS A 55 0.89 -3.29 9.02
N PRO A 56 1.94 -3.63 8.23
CA PRO A 56 1.90 -3.48 6.78
C PRO A 56 0.81 -4.32 6.14
N GLN A 57 0.64 -5.54 6.62
CA GLN A 57 -0.38 -6.43 6.08
C GLN A 57 -1.75 -5.77 6.11
N VAL A 58 -2.00 -5.01 7.18
CA VAL A 58 -3.27 -4.32 7.35
C VAL A 58 -3.38 -3.11 6.41
N VAL A 59 -2.33 -2.28 6.38
CA VAL A 59 -2.34 -1.08 5.54
C VAL A 59 -2.40 -1.44 4.06
N ILE A 60 -1.67 -2.50 3.67
CA ILE A 60 -1.65 -2.93 2.28
C ILE A 60 -3.05 -3.35 1.83
N SER A 61 -3.75 -4.07 2.70
CA SER A 61 -5.10 -4.53 2.39
C SER A 61 -6.02 -3.35 2.10
N PHE A 62 -5.82 -2.25 2.81
CA PHE A 62 -6.61 -1.05 2.64
C PHE A 62 -6.59 -0.59 1.18
N TYR A 63 -5.39 -0.57 0.60
CA TYR A 63 -5.23 -0.15 -0.80
C TYR A 63 -5.81 -1.18 -1.76
N GLU A 64 -5.64 -2.46 -1.41
CA GLU A 64 -6.12 -3.55 -2.26
C GLU A 64 -7.63 -3.48 -2.50
N GLU A 65 -8.41 -3.30 -1.44
CA GLU A 65 -9.86 -3.24 -1.55
C GLU A 65 -10.32 -2.05 -2.40
N ARG A 66 -9.86 -0.85 -2.08
CA ARG A 66 -10.26 0.34 -2.82
C ARG A 66 -9.53 0.44 -4.17
N LEU A 67 -9.34 -0.70 -4.83
CA LEU A 67 -8.67 -0.71 -6.13
C LEU A 67 -9.65 -0.32 -7.22
N THR A 68 -9.20 0.47 -8.20
CA THR A 68 -10.08 0.93 -9.27
C THR A 68 -9.50 0.66 -10.65
N TRP A 69 -8.18 0.65 -10.74
CA TRP A 69 -7.49 0.41 -12.01
C TRP A 69 -7.70 1.56 -12.99
N HIS A 70 -6.63 1.95 -13.68
CA HIS A 70 -6.69 3.01 -14.66
C HIS A 70 -7.34 2.51 -15.96
N SER A 71 -6.56 2.50 -17.04
CA SER A 71 -7.05 2.01 -18.33
C SER A 71 -5.98 1.19 -19.03
N TYR A 72 -6.27 -0.08 -19.25
CA TYR A 72 -5.32 -0.98 -19.90
C TYR A 72 -5.28 -0.76 -21.41
N PRO A 73 -4.10 -0.37 -21.94
CA PRO A 73 -3.91 -0.14 -23.37
C PRO A 73 -4.05 -1.43 -24.18
N SER A 74 -3.26 -1.54 -25.25
CA SER A 74 -3.30 -2.73 -26.11
C SER A 74 -2.23 -2.64 -27.20
N ASP A 75 -1.03 -2.22 -26.83
CA ASP A 75 0.06 -2.09 -27.79
C ASP A 75 0.41 -3.44 -28.41
N HIS B 1 28.03 -6.52 -20.46
CA HIS B 1 28.67 -7.76 -19.97
C HIS B 1 28.46 -7.93 -18.46
N MET B 2 27.22 -7.76 -18.03
CA MET B 2 26.88 -7.91 -16.61
C MET B 2 27.03 -9.36 -16.15
N LYS B 3 26.11 -9.81 -15.31
CA LYS B 3 26.15 -11.18 -14.81
C LYS B 3 26.01 -12.18 -15.96
N GLU B 4 26.90 -13.17 -15.98
CA GLU B 4 26.88 -14.18 -17.03
C GLU B 4 25.57 -14.98 -17.00
N GLU B 5 25.01 -15.22 -18.18
CA GLU B 5 23.76 -15.96 -18.30
C GLU B 5 23.96 -17.42 -17.87
N SER B 6 22.99 -17.95 -17.13
CA SER B 6 23.06 -19.33 -16.66
C SER B 6 21.72 -19.75 -16.05
N GLU B 7 21.75 -20.70 -15.12
CA GLU B 7 20.53 -21.17 -14.47
C GLU B 7 20.13 -20.25 -13.33
N LYS B 8 20.13 -18.95 -13.60
CA LYS B 8 19.76 -17.95 -12.61
C LYS B 8 18.28 -18.04 -12.27
N PRO B 9 17.94 -17.95 -10.98
CA PRO B 9 16.54 -18.01 -10.51
C PRO B 9 15.72 -16.80 -11.00
N ARG B 10 14.94 -16.22 -10.09
CA ARG B 10 14.11 -15.06 -10.43
C ARG B 10 13.49 -14.46 -9.18
N GLY B 11 13.37 -13.13 -9.16
CA GLY B 11 12.79 -12.46 -8.02
C GLY B 11 13.80 -12.20 -6.93
N PHE B 12 13.42 -12.53 -5.69
CA PHE B 12 14.29 -12.33 -4.54
C PHE B 12 15.33 -13.46 -4.43
N ALA B 13 15.92 -13.82 -5.57
CA ALA B 13 16.92 -14.88 -5.60
C ALA B 13 18.17 -14.47 -4.83
N ARG B 14 18.83 -13.43 -5.31
CA ARG B 14 20.05 -12.93 -4.68
C ARG B 14 19.73 -11.77 -3.75
N GLY B 15 18.65 -11.04 -4.06
CA GLY B 15 18.27 -9.90 -3.26
C GLY B 15 19.11 -8.68 -3.61
N LEU B 16 19.24 -8.44 -4.91
CA LEU B 16 20.04 -7.31 -5.41
C LEU B 16 19.29 -5.99 -5.27
N GLU B 17 18.57 -5.84 -4.16
CA GLU B 17 17.81 -4.62 -3.87
C GLU B 17 16.74 -4.35 -4.93
N PRO B 18 15.47 -4.19 -4.49
CA PRO B 18 14.36 -3.93 -5.40
C PRO B 18 14.39 -2.51 -5.96
N GLU B 19 14.32 -2.40 -7.28
CA GLU B 19 14.34 -1.08 -7.94
C GLU B 19 13.04 -0.32 -7.68
N ARG B 20 11.93 -0.91 -8.13
CA ARG B 20 10.60 -0.30 -7.94
C ARG B 20 9.53 -1.16 -8.61
N ILE B 21 8.41 -1.35 -7.90
CA ILE B 21 7.31 -2.14 -8.42
C ILE B 21 6.71 -1.48 -9.67
N ILE B 22 6.50 -2.28 -10.71
CA ILE B 22 5.94 -1.77 -11.95
C ILE B 22 4.41 -1.75 -11.92
N GLY B 23 3.82 -2.84 -11.44
CA GLY B 23 2.37 -2.91 -11.35
C GLY B 23 1.86 -4.18 -10.69
N ALA B 24 0.67 -4.60 -11.08
CA ALA B 24 0.05 -5.81 -10.53
C ALA B 24 -1.20 -6.20 -11.32
N THR B 25 -1.40 -7.50 -11.53
CA THR B 25 -2.54 -7.99 -12.27
C THR B 25 -3.22 -9.16 -11.55
N ASP B 26 -4.54 -9.12 -11.46
CA ASP B 26 -5.30 -10.19 -10.81
C ASP B 26 -5.33 -11.44 -11.67
N SER B 27 -4.20 -12.14 -11.74
CA SER B 27 -4.09 -13.35 -12.53
C SER B 27 -4.68 -14.54 -11.78
N SER B 28 -5.69 -15.18 -12.39
CA SER B 28 -6.36 -16.35 -11.81
C SER B 28 -7.21 -15.94 -10.60
N GLY B 29 -6.56 -15.40 -9.58
CA GLY B 29 -7.27 -14.98 -8.38
C GLY B 29 -6.34 -14.36 -7.35
N GLU B 30 -5.20 -13.84 -7.82
CA GLU B 30 -4.22 -13.22 -6.95
C GLU B 30 -3.47 -12.12 -7.69
N LEU B 31 -3.33 -10.96 -7.05
CA LEU B 31 -2.63 -9.82 -7.66
C LEU B 31 -1.13 -10.10 -7.77
N MET B 32 -0.66 -10.33 -8.99
CA MET B 32 0.76 -10.59 -9.24
C MET B 32 1.53 -9.28 -9.37
N PHE B 33 2.35 -8.98 -8.38
CA PHE B 33 3.14 -7.74 -8.40
C PHE B 33 4.40 -7.93 -9.24
N LEU B 34 4.54 -7.11 -10.29
CA LEU B 34 5.71 -7.18 -11.15
C LEU B 34 6.87 -6.46 -10.48
N MET B 35 7.71 -7.21 -9.77
CA MET B 35 8.84 -6.64 -9.06
C MET B 35 10.02 -6.42 -10.00
N LYS B 36 10.48 -5.17 -10.09
CA LYS B 36 11.61 -4.82 -10.93
C LYS B 36 12.92 -4.97 -10.17
N TRP B 37 13.97 -5.40 -10.87
CA TRP B 37 15.26 -5.58 -10.24
C TRP B 37 16.34 -4.73 -10.91
N LYS B 38 17.11 -4.03 -10.09
CA LYS B 38 18.16 -3.15 -10.58
C LYS B 38 19.29 -3.91 -11.27
N ASN B 39 19.74 -4.98 -10.64
CA ASN B 39 20.86 -5.75 -11.20
C ASN B 39 20.44 -7.13 -11.71
N SER B 40 19.55 -7.81 -10.99
CA SER B 40 19.14 -9.15 -11.40
C SER B 40 18.14 -9.11 -12.56
N ASP B 41 17.37 -10.19 -12.70
CA ASP B 41 16.38 -10.31 -13.76
C ASP B 41 15.29 -9.25 -13.61
N GLU B 42 15.63 -8.02 -13.98
CA GLU B 42 14.70 -6.90 -13.86
C GLU B 42 13.29 -7.31 -14.31
N ALA B 43 12.31 -6.94 -13.49
CA ALA B 43 10.91 -7.26 -13.76
C ALA B 43 10.65 -8.76 -13.67
N ASP B 44 9.70 -9.13 -12.80
CA ASP B 44 9.34 -10.54 -12.62
C ASP B 44 8.05 -10.65 -11.81
N LEU B 45 7.09 -11.39 -12.33
CA LEU B 45 5.80 -11.57 -11.66
C LEU B 45 5.97 -12.33 -10.34
N VAL B 46 5.27 -11.86 -9.31
CA VAL B 46 5.33 -12.48 -8.00
C VAL B 46 3.97 -12.38 -7.30
N PRO B 47 3.48 -13.49 -6.73
CA PRO B 47 2.18 -13.52 -6.04
C PRO B 47 2.08 -12.45 -4.95
N ALA B 48 0.88 -11.92 -4.79
CA ALA B 48 0.62 -10.89 -3.79
C ALA B 48 1.02 -11.36 -2.40
N LYS B 49 0.61 -12.58 -2.06
CA LYS B 49 0.92 -13.16 -0.76
C LYS B 49 2.43 -13.25 -0.57
N GLU B 50 3.12 -13.55 -1.65
CA GLU B 50 4.57 -13.69 -1.63
C GLU B 50 5.23 -12.34 -1.36
N ALA B 51 4.75 -11.31 -2.05
CA ALA B 51 5.31 -9.96 -1.91
C ALA B 51 5.13 -9.41 -0.50
N ASN B 52 3.96 -9.62 0.09
CA ASN B 52 3.67 -9.12 1.44
C ASN B 52 4.75 -9.51 2.44
N VAL B 53 5.26 -10.74 2.33
CA VAL B 53 6.28 -11.21 3.26
C VAL B 53 7.69 -10.81 2.81
N LYS B 54 7.94 -10.84 1.50
CA LYS B 54 9.25 -10.51 0.95
C LYS B 54 9.66 -9.09 1.34
N CYS B 55 8.76 -8.13 1.16
CA CYS B 55 9.06 -6.73 1.48
C CYS B 55 7.79 -5.87 1.44
N PRO B 56 6.97 -5.93 2.50
CA PRO B 56 5.73 -5.16 2.58
C PRO B 56 5.98 -3.65 2.49
N GLN B 57 7.12 -3.22 3.03
CA GLN B 57 7.49 -1.81 3.03
C GLN B 57 7.49 -1.25 1.61
N VAL B 58 8.27 -1.87 0.72
CA VAL B 58 8.34 -1.43 -0.66
C VAL B 58 6.97 -1.54 -1.31
N VAL B 59 6.25 -2.59 -0.94
CA VAL B 59 4.91 -2.86 -1.45
C VAL B 59 3.95 -1.70 -1.14
N ILE B 60 4.01 -1.21 0.09
CA ILE B 60 3.16 -0.11 0.52
C ILE B 60 3.47 1.15 -0.27
N SER B 61 4.75 1.34 -0.57
CA SER B 61 5.20 2.51 -1.32
C SER B 61 4.58 2.58 -2.71
N PHE B 62 4.51 1.44 -3.40
CA PHE B 62 3.96 1.40 -4.74
C PHE B 62 2.55 1.98 -4.76
N TYR B 63 1.66 1.42 -3.95
CA TYR B 63 0.29 1.92 -3.89
C TYR B 63 0.24 3.29 -3.23
N GLU B 64 1.20 3.56 -2.36
CA GLU B 64 1.28 4.83 -1.66
C GLU B 64 1.33 6.00 -2.64
N GLU B 65 2.20 5.89 -3.64
CA GLU B 65 2.34 6.93 -4.64
C GLU B 65 1.14 6.97 -5.58
N ARG B 66 0.69 5.80 -6.05
CA ARG B 66 -0.47 5.73 -6.94
C ARG B 66 -1.77 5.87 -6.15
N LEU B 67 -1.74 6.71 -5.12
CA LEU B 67 -2.92 6.94 -4.29
C LEU B 67 -3.74 8.10 -4.81
N THR B 68 -5.05 8.01 -4.63
CA THR B 68 -5.96 9.06 -5.07
C THR B 68 -7.29 8.95 -4.34
N TRP B 69 -7.79 10.08 -3.86
CA TRP B 69 -9.03 10.11 -3.12
C TRP B 69 -10.23 10.30 -4.05
N HIS B 70 -11.25 9.46 -3.86
CA HIS B 70 -12.45 9.51 -4.68
C HIS B 70 -13.66 10.03 -3.90
N SER B 71 -14.06 11.26 -4.22
CA SER B 71 -15.22 11.91 -3.60
C SER B 71 -15.13 11.96 -2.07
N TYR B 72 -15.22 13.16 -1.52
CA TYR B 72 -15.17 13.35 -0.08
C TYR B 72 -16.60 13.51 0.45
N PRO B 73 -17.07 12.60 1.31
CA PRO B 73 -18.43 12.65 1.85
C PRO B 73 -18.65 13.78 2.84
N SER B 74 -17.80 13.83 3.87
CA SER B 74 -17.89 14.87 4.90
C SER B 74 -19.32 14.99 5.44
N ASP B 75 -19.94 13.84 5.69
CA ASP B 75 -21.31 13.82 6.21
C ASP B 75 -21.38 14.48 7.58
N GLY C 1 5.50 10.65 22.07
CA GLY C 1 4.03 10.46 22.24
C GLY C 1 3.26 10.62 20.94
N SER C 2 2.14 11.33 21.01
CA SER C 2 1.31 11.54 19.82
C SER C 2 0.32 12.68 20.06
N LYS C 3 0.82 13.77 20.67
CA LYS C 3 -0.01 14.93 20.96
C LYS C 3 -0.48 15.59 19.68
N ALA C 4 0.44 15.75 18.73
CA ALA C 4 0.14 16.38 17.45
C ALA C 4 -0.95 15.62 16.70
N GLY C 5 -1.87 16.36 16.09
CA GLY C 5 -2.95 15.74 15.35
C GLY C 5 -3.80 16.75 14.59
N ASP C 6 -4.09 16.45 13.33
CA ASP C 6 -4.88 17.35 12.50
C ASP C 6 -6.29 17.51 13.05
N LEU C 7 -6.79 18.74 13.06
CA LEU C 7 -8.11 19.04 13.57
C LEU C 7 -9.18 18.46 12.64
N LEU C 8 -8.90 18.50 11.34
CA LEU C 8 -9.83 17.99 10.34
C LEU C 8 -9.11 17.80 9.00
N PHE C 9 -9.45 16.71 8.31
CA PHE C 9 -8.83 16.39 7.03
C PHE C 9 -9.77 15.57 6.16
N ILE C 10 -9.20 14.69 5.35
CA ILE C 10 -10.00 13.85 4.47
C ILE C 10 -9.96 12.39 4.92
N GLU C 11 -11.13 11.76 4.84
CA GLU C 11 -11.29 10.37 5.23
C GLU C 11 -12.41 9.77 4.39
N LYS C 12 -12.15 9.68 3.10
CA LYS C 12 -13.12 9.17 2.14
C LYS C 12 -12.69 7.79 1.62
N VAL C 13 -12.71 7.64 0.30
CA VAL C 13 -12.34 6.39 -0.34
C VAL C 13 -11.07 6.57 -1.16
N PRO C 14 -9.89 6.39 -0.52
CA PRO C 14 -8.59 6.54 -1.18
C PRO C 14 -8.34 5.46 -2.23
N VAL C 15 -9.12 5.49 -3.30
CA VAL C 15 -8.99 4.52 -4.38
C VAL C 15 -7.58 4.52 -4.95
N VAL C 16 -7.12 3.34 -5.36
CA VAL C 16 -5.79 3.20 -5.93
C VAL C 16 -5.87 2.92 -7.43
N VAL C 17 -4.97 3.56 -8.17
CA VAL C 17 -4.94 3.39 -9.62
C VAL C 17 -3.73 2.57 -10.05
N LEU C 18 -4.00 1.57 -10.90
CA LEU C 18 -2.95 0.68 -11.39
C LEU C 18 -3.22 0.29 -12.84
N GLU C 19 -2.16 0.24 -13.64
CA GLU C 19 -2.29 -0.12 -15.04
C GLU C 19 -1.70 -1.51 -15.30
N ASP C 20 -2.20 -2.49 -14.56
CA ASP C 20 -1.73 -3.86 -14.70
C ASP C 20 -0.22 -3.96 -14.44
N ILE C 21 0.47 -4.75 -15.25
CA ILE C 21 1.91 -4.91 -15.11
C ILE C 21 2.67 -4.53 -16.38
N LEU C 22 2.05 -4.80 -17.54
CA LEU C 22 2.65 -4.46 -18.82
C LEU C 22 1.65 -3.75 -19.71
N ALA C 23 0.89 -2.85 -19.10
CA ALA C 23 -0.13 -2.09 -19.81
C ALA C 23 0.41 -1.48 -21.11
N THR C 24 1.55 -0.82 -21.01
CA THR C 24 2.17 -0.18 -22.16
C THR C 24 3.44 -0.93 -22.58
N LYS C 25 3.51 -1.29 -23.86
CA LYS C 25 4.67 -2.02 -24.38
C LYS C 25 4.88 -1.71 -25.87
N PRO C 26 5.21 -0.45 -26.20
CA PRO C 26 5.44 -0.04 -27.59
C PRO C 26 6.58 -0.81 -28.24
N SER C 27 6.34 -1.32 -29.45
CA SER C 27 7.36 -2.08 -30.17
C SER C 27 7.18 -1.94 -31.68
N ILE C 28 8.29 -1.77 -32.38
CA ILE C 28 8.27 -1.61 -33.83
C ILE C 28 9.49 -2.27 -34.48
N ALA C 29 9.78 -3.50 -34.05
CA ALA C 29 10.91 -4.26 -34.57
C ALA C 29 12.23 -3.56 -34.31
N SER C 30 12.44 -3.12 -33.08
CA SER C 30 13.67 -2.44 -32.70
C SER C 30 14.00 -2.68 -31.23
N HIS A 1 -20.36 7.80 24.15
CA HIS A 1 -19.48 8.40 25.16
C HIS A 1 -19.17 7.40 26.28
N MET A 2 -17.90 7.30 26.65
CA MET A 2 -17.47 6.38 27.70
C MET A 2 -16.00 6.59 28.04
N LYS A 3 -15.17 6.73 27.00
CA LYS A 3 -13.74 6.94 27.18
C LYS A 3 -13.49 8.20 28.02
N GLU A 4 -12.64 8.06 29.04
CA GLU A 4 -12.31 9.19 29.91
C GLU A 4 -11.43 10.20 29.17
N GLU A 5 -10.30 10.58 29.77
CA GLU A 5 -9.40 11.54 29.15
C GLU A 5 -8.06 11.60 29.92
N SER A 6 -7.56 10.44 30.31
CA SER A 6 -6.30 10.36 31.04
C SER A 6 -5.14 10.78 30.15
N GLU A 7 -3.95 10.89 30.74
CA GLU A 7 -2.76 11.29 30.01
C GLU A 7 -2.20 10.12 29.19
N LYS A 8 -3.09 9.38 28.56
CA LYS A 8 -2.71 8.24 27.75
C LYS A 8 -2.28 8.68 26.35
N PRO A 9 -1.35 7.93 25.73
CA PRO A 9 -0.84 8.25 24.38
C PRO A 9 -1.94 8.29 23.32
N ARG A 10 -1.66 7.69 22.15
CA ARG A 10 -2.64 7.67 21.06
C ARG A 10 -2.26 6.62 20.02
N GLY A 11 -3.27 6.03 19.39
CA GLY A 11 -3.03 5.01 18.38
C GLY A 11 -2.73 3.66 18.99
N PHE A 12 -1.64 3.04 18.56
CA PHE A 12 -1.24 1.73 19.06
C PHE A 12 -0.55 1.86 20.42
N ALA A 13 -1.11 2.69 21.29
CA ALA A 13 -0.55 2.92 22.61
C ALA A 13 -0.59 1.65 23.46
N ARG A 14 -1.80 1.22 23.83
CA ARG A 14 -1.97 0.01 24.64
C ARG A 14 -1.81 -1.24 23.78
N GLY A 15 -2.45 -1.25 22.62
CA GLY A 15 -2.36 -2.39 21.73
C GLY A 15 -3.72 -2.79 21.16
N LEU A 16 -4.53 -1.80 20.82
CA LEU A 16 -5.85 -2.06 20.27
C LEU A 16 -5.75 -2.66 18.87
N GLU A 17 -6.51 -3.72 18.63
CA GLU A 17 -6.50 -4.40 17.34
C GLU A 17 -7.15 -3.54 16.25
N PRO A 18 -6.50 -3.42 15.07
CA PRO A 18 -7.03 -2.63 13.96
C PRO A 18 -8.33 -3.23 13.43
N GLU A 19 -9.41 -2.45 13.50
CA GLU A 19 -10.71 -2.91 13.03
C GLU A 19 -10.82 -2.78 11.51
N ARG A 20 -10.57 -1.58 11.00
CA ARG A 20 -10.65 -1.32 9.56
C ARG A 20 -10.30 0.14 9.26
N ILE A 21 -9.43 0.33 8.26
CA ILE A 21 -9.03 1.68 7.86
C ILE A 21 -10.16 2.37 7.10
N ILE A 22 -10.34 3.66 7.34
CA ILE A 22 -11.40 4.42 6.69
C ILE A 22 -10.97 5.86 6.41
N GLY A 23 -9.67 6.06 6.24
CA GLY A 23 -9.17 7.40 5.99
C GLY A 23 -7.69 7.44 5.73
N ALA A 24 -7.25 8.52 5.09
CA ALA A 24 -5.85 8.72 4.76
C ALA A 24 -5.66 10.12 4.19
N THR A 25 -4.64 10.83 4.65
CA THR A 25 -4.38 12.19 4.19
C THR A 25 -2.90 12.53 4.23
N ASP A 26 -2.42 13.16 3.15
CA ASP A 26 -1.02 13.54 3.07
C ASP A 26 -0.74 14.76 3.95
N SER A 27 -0.12 14.52 5.10
CA SER A 27 0.21 15.60 6.02
C SER A 27 1.39 16.42 5.48
N SER A 28 2.41 16.64 6.31
CA SER A 28 3.58 17.39 5.89
C SER A 28 4.24 16.71 4.70
N GLY A 29 4.26 15.38 4.73
CA GLY A 29 4.86 14.61 3.65
C GLY A 29 4.75 13.12 3.89
N GLU A 30 3.60 12.69 4.41
CA GLU A 30 3.36 11.28 4.70
C GLU A 30 1.87 11.02 4.92
N LEU A 31 1.42 9.83 4.51
CA LEU A 31 0.01 9.46 4.66
C LEU A 31 -0.37 9.44 6.13
N MET A 32 -1.65 9.66 6.40
CA MET A 32 -2.13 9.65 7.78
C MET A 32 -3.44 8.87 7.85
N PHE A 33 -3.34 7.55 7.82
CA PHE A 33 -4.52 6.68 7.86
C PHE A 33 -5.32 6.85 9.15
N LEU A 34 -6.65 6.98 9.01
CA LEU A 34 -7.52 7.10 10.17
C LEU A 34 -7.81 5.71 10.73
N MET A 35 -6.92 5.22 11.59
CA MET A 35 -7.09 3.90 12.18
C MET A 35 -8.34 3.84 13.05
N LYS A 36 -9.27 2.96 12.67
CA LYS A 36 -10.51 2.78 13.42
C LYS A 36 -10.29 1.82 14.58
N TRP A 37 -10.99 2.04 15.68
CA TRP A 37 -10.85 1.18 16.84
C TRP A 37 -12.18 0.55 17.24
N LYS A 38 -12.15 -0.75 17.51
CA LYS A 38 -13.33 -1.48 17.91
C LYS A 38 -13.88 -0.95 19.24
N ASN A 39 -12.99 -0.81 20.21
CA ASN A 39 -13.37 -0.31 21.53
C ASN A 39 -13.53 1.21 21.50
N SER A 40 -12.50 1.89 20.98
CA SER A 40 -12.52 3.35 20.89
C SER A 40 -13.33 3.81 19.69
N ASP A 41 -14.31 4.67 19.94
CA ASP A 41 -15.17 5.18 18.88
C ASP A 41 -14.42 6.16 17.98
N GLU A 42 -13.74 7.13 18.61
CA GLU A 42 -12.97 8.13 17.86
C GLU A 42 -11.77 7.51 17.16
N ALA A 43 -11.61 7.81 15.88
CA ALA A 43 -10.50 7.30 15.09
C ALA A 43 -9.23 8.11 15.35
N ASP A 44 -8.09 7.43 15.33
CA ASP A 44 -6.81 8.08 15.58
C ASP A 44 -5.97 8.14 14.31
N LEU A 45 -5.35 9.29 14.07
CA LEU A 45 -4.51 9.49 12.90
C LEU A 45 -3.14 8.84 13.11
N VAL A 46 -2.61 8.19 12.07
CA VAL A 46 -1.31 7.54 12.19
C VAL A 46 -0.50 7.70 10.91
N PRO A 47 0.76 8.18 11.01
CA PRO A 47 1.63 8.36 9.86
C PRO A 47 1.97 7.05 9.17
N ALA A 48 1.85 7.04 7.84
CA ALA A 48 2.13 5.85 7.05
C ALA A 48 3.48 5.23 7.42
N LYS A 49 4.47 6.08 7.64
CA LYS A 49 5.81 5.63 8.00
C LYS A 49 5.76 4.69 9.20
N GLU A 50 4.94 5.04 10.18
CA GLU A 50 4.80 4.24 11.39
C GLU A 50 3.80 3.10 11.21
N ALA A 51 2.71 3.38 10.49
CA ALA A 51 1.67 2.39 10.27
C ALA A 51 2.19 1.15 9.55
N ASN A 52 3.08 1.34 8.57
CA ASN A 52 3.62 0.21 7.81
C ASN A 52 4.28 -0.83 8.72
N VAL A 53 5.06 -0.38 9.70
CA VAL A 53 5.73 -1.28 10.61
C VAL A 53 4.75 -1.88 11.62
N LYS A 54 3.74 -1.10 12.01
CA LYS A 54 2.75 -1.57 12.97
C LYS A 54 2.02 -2.81 12.47
N CYS A 55 1.59 -2.78 11.21
CA CYS A 55 0.88 -3.91 10.63
C CYS A 55 0.72 -3.75 9.12
N PRO A 56 1.71 -4.20 8.33
CA PRO A 56 1.67 -4.10 6.87
C PRO A 56 0.48 -4.87 6.28
N GLN A 57 0.18 -6.02 6.87
CA GLN A 57 -0.91 -6.85 6.39
C GLN A 57 -2.22 -6.06 6.35
N VAL A 58 -2.48 -5.29 7.40
CA VAL A 58 -3.69 -4.48 7.49
C VAL A 58 -3.73 -3.37 6.43
N VAL A 59 -2.66 -2.59 6.37
CA VAL A 59 -2.58 -1.48 5.42
C VAL A 59 -2.59 -1.98 3.96
N ILE A 60 -1.71 -2.92 3.64
CA ILE A 60 -1.61 -3.46 2.29
C ILE A 60 -2.97 -3.99 1.80
N SER A 61 -3.64 -4.74 2.67
CA SER A 61 -4.94 -5.32 2.34
C SER A 61 -5.98 -4.25 2.01
N PHE A 62 -5.97 -3.16 2.78
CA PHE A 62 -6.91 -2.06 2.58
C PHE A 62 -6.87 -1.54 1.15
N TYR A 63 -5.67 -1.33 0.62
CA TYR A 63 -5.52 -0.83 -0.74
C TYR A 63 -6.15 -1.78 -1.76
N GLU A 64 -5.94 -3.07 -1.56
CA GLU A 64 -6.47 -4.09 -2.48
C GLU A 64 -7.97 -3.93 -2.70
N GLU A 65 -8.72 -3.77 -1.62
CA GLU A 65 -10.16 -3.62 -1.70
C GLU A 65 -10.54 -2.36 -2.48
N ARG A 66 -9.91 -1.25 -2.13
CA ARG A 66 -10.17 0.03 -2.78
C ARG A 66 -9.27 0.23 -4.00
N LEU A 67 -9.21 -0.78 -4.85
CA LEU A 67 -8.39 -0.70 -6.06
C LEU A 67 -9.24 -0.38 -7.28
N THR A 68 -9.04 0.82 -7.84
CA THR A 68 -9.79 1.25 -9.01
C THR A 68 -9.03 0.99 -10.30
N TRP A 69 -7.73 0.79 -10.14
CA TRP A 69 -6.83 0.52 -11.26
C TRP A 69 -6.70 1.77 -12.16
N HIS A 70 -6.65 1.55 -13.47
CA HIS A 70 -6.51 2.67 -14.41
C HIS A 70 -6.88 2.22 -15.81
N SER A 71 -7.14 3.19 -16.69
CA SER A 71 -7.51 2.90 -18.07
C SER A 71 -6.46 2.00 -18.71
N TYR A 72 -6.92 0.87 -19.26
CA TYR A 72 -6.01 -0.08 -19.91
C TYR A 72 -5.66 0.36 -21.32
N PRO A 73 -4.36 0.61 -21.59
CA PRO A 73 -3.88 1.03 -22.90
C PRO A 73 -4.05 -0.06 -23.96
N SER A 74 -3.06 -0.19 -24.86
CA SER A 74 -3.12 -1.20 -25.91
C SER A 74 -4.31 -0.91 -26.82
N ASP A 75 -4.69 0.36 -26.87
CA ASP A 75 -5.81 0.80 -27.69
C ASP A 75 -5.47 0.72 -29.18
N HIS B 1 20.66 -7.29 -23.99
CA HIS B 1 20.86 -8.76 -23.93
C HIS B 1 22.18 -9.10 -23.26
N MET B 2 22.14 -10.06 -22.33
CA MET B 2 23.34 -10.47 -21.61
C MET B 2 23.05 -11.70 -20.75
N LYS B 3 21.92 -11.67 -20.04
CA LYS B 3 21.53 -12.77 -19.18
C LYS B 3 21.42 -14.07 -19.98
N GLU B 4 22.04 -15.13 -19.47
CA GLU B 4 22.02 -16.43 -20.12
C GLU B 4 20.62 -17.06 -20.02
N GLU B 5 20.55 -18.32 -19.59
CA GLU B 5 19.28 -19.01 -19.46
C GLU B 5 19.44 -20.31 -18.69
N SER B 6 20.23 -20.27 -17.62
CA SER B 6 20.48 -21.44 -16.78
C SER B 6 19.19 -21.86 -16.06
N GLU B 7 19.25 -23.01 -15.38
CA GLU B 7 18.10 -23.51 -14.64
C GLU B 7 17.92 -22.77 -13.32
N LYS B 8 18.11 -21.46 -13.36
CA LYS B 8 17.97 -20.63 -12.17
C LYS B 8 16.51 -20.30 -11.90
N PRO B 9 16.13 -20.12 -10.61
CA PRO B 9 14.75 -19.81 -10.21
C PRO B 9 14.23 -18.50 -10.83
N ARG B 10 13.54 -17.69 -10.03
CA ARG B 10 13.01 -16.42 -10.52
C ARG B 10 12.67 -15.49 -9.36
N GLY B 11 12.85 -14.20 -9.58
CA GLY B 11 12.56 -13.22 -8.55
C GLY B 11 13.67 -13.10 -7.53
N PHE B 12 13.31 -13.16 -6.26
CA PHE B 12 14.28 -13.05 -5.17
C PHE B 12 15.05 -14.35 -5.00
N ALA B 13 15.44 -14.97 -6.11
CA ALA B 13 16.18 -16.21 -6.08
C ALA B 13 17.55 -16.03 -5.43
N ARG B 14 18.42 -15.27 -6.09
CA ARG B 14 19.75 -15.01 -5.56
C ARG B 14 19.71 -13.96 -4.46
N GLY B 15 19.03 -12.85 -4.73
CA GLY B 15 18.93 -11.79 -3.75
C GLY B 15 19.10 -10.41 -4.38
N LEU B 16 18.50 -10.22 -5.55
CA LEU B 16 18.59 -8.95 -6.25
C LEU B 16 17.78 -7.87 -5.53
N GLU B 17 18.41 -6.70 -5.34
CA GLU B 17 17.75 -5.60 -4.67
C GLU B 17 16.65 -4.98 -5.55
N PRO B 18 15.45 -4.77 -5.00
CA PRO B 18 14.33 -4.19 -5.76
C PRO B 18 14.58 -2.74 -6.13
N GLU B 19 14.54 -2.44 -7.42
CA GLU B 19 14.74 -1.08 -7.91
C GLU B 19 13.50 -0.23 -7.69
N ARG B 20 12.35 -0.73 -8.16
CA ARG B 20 11.08 -0.03 -8.00
C ARG B 20 9.95 -0.86 -8.60
N ILE B 21 8.84 -0.97 -7.86
CA ILE B 21 7.69 -1.73 -8.33
C ILE B 21 7.05 -1.06 -9.53
N ILE B 22 6.92 -1.79 -10.63
CA ILE B 22 6.31 -1.25 -11.83
C ILE B 22 4.80 -1.13 -11.69
N GLY B 23 4.18 -2.17 -11.12
CA GLY B 23 2.74 -2.16 -10.94
C GLY B 23 2.24 -3.42 -10.25
N ALA B 24 1.09 -3.91 -10.69
CA ALA B 24 0.49 -5.10 -10.13
C ALA B 24 -0.66 -5.61 -11.00
N THR B 25 -0.83 -6.93 -11.05
CA THR B 25 -1.89 -7.55 -11.84
C THR B 25 -2.43 -8.81 -11.18
N ASP B 26 -3.75 -8.86 -11.01
CA ASP B 26 -4.40 -10.01 -10.37
C ASP B 26 -4.41 -11.24 -11.29
N SER B 27 -3.27 -11.89 -11.43
CA SER B 27 -3.17 -13.08 -12.27
C SER B 27 -3.72 -14.29 -11.52
N SER B 28 -4.69 -14.98 -12.14
CA SER B 28 -5.32 -16.16 -11.55
C SER B 28 -6.21 -15.79 -10.36
N GLY B 29 -5.60 -15.24 -9.32
CA GLY B 29 -6.36 -14.84 -8.14
C GLY B 29 -5.48 -14.22 -7.07
N GLU B 30 -4.38 -13.60 -7.50
CA GLU B 30 -3.45 -12.95 -6.60
C GLU B 30 -2.77 -11.76 -7.27
N LEU B 31 -2.71 -10.64 -6.56
CA LEU B 31 -2.07 -9.45 -7.10
C LEU B 31 -0.57 -9.68 -7.32
N MET B 32 -0.21 -10.03 -8.54
CA MET B 32 1.18 -10.29 -8.88
C MET B 32 1.94 -8.98 -9.07
N PHE B 33 2.94 -8.74 -8.23
CA PHE B 33 3.74 -7.53 -8.34
C PHE B 33 4.93 -7.74 -9.26
N LEU B 34 5.05 -6.89 -10.26
CA LEU B 34 6.15 -6.98 -11.21
C LEU B 34 7.39 -6.29 -10.65
N MET B 35 8.27 -7.08 -10.02
CA MET B 35 9.49 -6.55 -9.43
C MET B 35 10.53 -6.20 -10.48
N LYS B 36 11.01 -4.96 -10.45
CA LYS B 36 12.03 -4.50 -11.37
C LYS B 36 13.41 -4.82 -10.80
N TRP B 37 14.35 -5.19 -11.67
CA TRP B 37 15.69 -5.53 -11.21
C TRP B 37 16.75 -4.60 -11.80
N LYS B 38 17.69 -4.20 -10.97
CA LYS B 38 18.77 -3.31 -11.38
C LYS B 38 19.62 -3.96 -12.46
N ASN B 39 20.12 -5.16 -12.16
CA ASN B 39 20.95 -5.90 -13.09
C ASN B 39 20.12 -6.55 -14.19
N SER B 40 19.08 -7.27 -13.79
CA SER B 40 18.20 -7.94 -14.75
C SER B 40 17.26 -6.95 -15.41
N ASP B 41 17.22 -6.96 -16.74
CA ASP B 41 16.37 -6.05 -17.49
C ASP B 41 14.90 -6.50 -17.41
N GLU B 42 14.67 -7.79 -17.66
CA GLU B 42 13.33 -8.34 -17.62
C GLU B 42 12.79 -8.43 -16.19
N ALA B 43 11.59 -7.93 -15.99
CA ALA B 43 10.95 -7.96 -14.67
C ALA B 43 10.35 -9.35 -14.40
N ASP B 44 10.40 -9.78 -13.15
CA ASP B 44 9.87 -11.09 -12.77
C ASP B 44 8.60 -10.97 -11.93
N LEU B 45 7.59 -11.76 -12.29
CA LEU B 45 6.32 -11.76 -11.56
C LEU B 45 6.47 -12.42 -10.20
N VAL B 46 5.76 -11.90 -9.20
CA VAL B 46 5.82 -12.45 -7.85
C VAL B 46 4.45 -12.37 -7.16
N PRO B 47 4.00 -13.48 -6.56
CA PRO B 47 2.70 -13.53 -5.87
C PRO B 47 2.55 -12.46 -4.81
N ALA B 48 1.31 -12.02 -4.62
CA ALA B 48 1.00 -10.99 -3.63
C ALA B 48 1.46 -11.40 -2.24
N LYS B 49 1.11 -12.63 -1.84
CA LYS B 49 1.49 -13.13 -0.53
C LYS B 49 3.00 -13.15 -0.39
N GLU B 50 3.68 -13.51 -1.48
CA GLU B 50 5.13 -13.57 -1.49
C GLU B 50 5.75 -12.19 -1.26
N ALA B 51 5.18 -11.18 -1.91
CA ALA B 51 5.68 -9.82 -1.79
C ALA B 51 5.49 -9.26 -0.38
N ASN B 52 4.32 -9.50 0.20
CA ASN B 52 4.01 -9.00 1.53
C ASN B 52 5.06 -9.43 2.56
N VAL B 53 5.45 -10.69 2.52
CA VAL B 53 6.45 -11.22 3.45
C VAL B 53 7.86 -10.85 3.03
N LYS B 54 8.10 -10.81 1.72
CA LYS B 54 9.41 -10.50 1.17
C LYS B 54 9.86 -9.08 1.54
N CYS B 55 8.98 -8.11 1.31
CA CYS B 55 9.28 -6.71 1.60
C CYS B 55 8.03 -5.85 1.60
N PRO B 56 7.28 -5.83 2.72
CA PRO B 56 6.05 -5.04 2.84
C PRO B 56 6.31 -3.54 2.69
N GLN B 57 7.48 -3.10 3.14
CA GLN B 57 7.85 -1.69 3.08
C GLN B 57 7.75 -1.15 1.65
N VAL B 58 8.43 -1.80 0.72
CA VAL B 58 8.41 -1.39 -0.68
C VAL B 58 6.99 -1.47 -1.23
N VAL B 59 6.29 -2.53 -0.84
CA VAL B 59 4.92 -2.77 -1.27
C VAL B 59 3.99 -1.64 -0.84
N ILE B 60 3.99 -1.34 0.46
CA ILE B 60 3.15 -0.30 1.02
C ILE B 60 3.50 1.06 0.41
N SER B 61 4.79 1.29 0.21
CA SER B 61 5.26 2.55 -0.36
C SER B 61 4.71 2.78 -1.77
N PHE B 62 4.67 1.72 -2.58
CA PHE B 62 4.18 1.82 -3.94
C PHE B 62 2.78 2.44 -3.99
N TYR B 63 1.86 1.88 -3.22
CA TYR B 63 0.49 2.38 -3.18
C TYR B 63 0.44 3.81 -2.63
N GLU B 64 1.28 4.09 -1.65
CA GLU B 64 1.33 5.41 -1.04
C GLU B 64 1.41 6.50 -2.09
N GLU B 65 2.26 6.30 -3.08
CA GLU B 65 2.43 7.27 -4.16
C GLU B 65 1.22 7.27 -5.09
N ARG B 66 0.85 6.09 -5.59
CA ARG B 66 -0.28 5.96 -6.49
C ARG B 66 -1.60 5.89 -5.72
N LEU B 67 -1.72 6.73 -4.70
CA LEU B 67 -2.92 6.77 -3.88
C LEU B 67 -3.90 7.81 -4.43
N THR B 68 -5.16 7.43 -4.54
CA THR B 68 -6.18 8.34 -5.06
C THR B 68 -7.42 8.34 -4.17
N TRP B 69 -7.90 9.53 -3.89
CA TRP B 69 -9.07 9.69 -3.03
C TRP B 69 -10.36 9.39 -3.76
N HIS B 70 -11.25 8.66 -3.11
CA HIS B 70 -12.55 8.32 -3.69
C HIS B 70 -13.49 9.50 -3.50
N SER B 71 -14.61 9.52 -4.22
CA SER B 71 -15.57 10.61 -4.09
C SER B 71 -15.83 10.93 -2.63
N TYR B 72 -15.45 12.14 -2.21
CA TYR B 72 -15.63 12.56 -0.82
C TYR B 72 -17.10 12.54 -0.44
N PRO B 73 -17.46 11.74 0.59
CA PRO B 73 -18.85 11.64 1.05
C PRO B 73 -19.28 12.87 1.86
N SER B 74 -20.36 12.73 2.62
CA SER B 74 -20.88 13.83 3.44
C SER B 74 -21.11 15.08 2.60
N ASP B 75 -21.77 14.91 1.47
CA ASP B 75 -22.07 16.02 0.57
C ASP B 75 -22.88 17.09 1.28
N GLY C 1 0.52 21.57 20.55
CA GLY C 1 -0.30 22.68 19.98
C GLY C 1 -1.43 22.17 19.13
N SER C 2 -1.64 22.81 17.97
CA SER C 2 -2.70 22.41 17.06
C SER C 2 -2.53 20.97 16.61
N LYS C 3 -3.62 20.21 16.66
CA LYS C 3 -3.59 18.81 16.27
C LYS C 3 -5.00 18.23 16.25
N ALA C 4 -5.75 18.46 17.32
CA ALA C 4 -7.12 17.97 17.42
C ALA C 4 -8.04 18.78 16.50
N GLY C 5 -8.90 18.08 15.77
CA GLY C 5 -9.82 18.75 14.87
C GLY C 5 -9.11 19.52 13.78
N ASP C 6 -8.13 18.88 13.13
CA ASP C 6 -7.36 19.50 12.07
C ASP C 6 -8.28 19.96 10.94
N LEU C 7 -7.95 21.10 10.34
CA LEU C 7 -8.75 21.65 9.24
C LEU C 7 -8.59 20.81 8.00
N LEU C 8 -7.34 20.50 7.66
CA LEU C 8 -7.05 19.70 6.48
C LEU C 8 -7.48 18.26 6.68
N PHE C 9 -8.60 17.88 6.09
CA PHE C 9 -9.12 16.54 6.23
C PHE C 9 -9.85 16.04 5.00
N ILE C 10 -9.96 14.74 4.97
CA ILE C 10 -10.64 14.01 3.93
C ILE C 10 -11.18 12.71 4.51
N GLU C 11 -12.50 12.55 4.47
CA GLU C 11 -13.13 11.37 5.02
C GLU C 11 -13.80 10.53 3.93
N LYS C 12 -13.05 10.23 2.88
CA LYS C 12 -13.57 9.40 1.80
C LYS C 12 -12.91 8.04 1.83
N VAL C 13 -12.56 7.50 0.66
CA VAL C 13 -11.92 6.21 0.58
C VAL C 13 -10.63 6.31 -0.22
N PRO C 14 -9.47 6.05 0.40
CA PRO C 14 -8.17 6.12 -0.26
C PRO C 14 -7.99 5.04 -1.33
N VAL C 15 -8.58 5.27 -2.49
CA VAL C 15 -8.51 4.34 -3.61
C VAL C 15 -7.06 4.19 -4.09
N VAL C 16 -6.87 3.42 -5.15
CA VAL C 16 -5.54 3.22 -5.72
C VAL C 16 -5.61 3.01 -7.22
N VAL C 17 -4.73 3.70 -7.95
CA VAL C 17 -4.70 3.59 -9.40
C VAL C 17 -3.45 2.83 -9.84
N LEU C 18 -3.66 1.86 -10.73
CA LEU C 18 -2.57 1.04 -11.24
C LEU C 18 -2.79 0.72 -12.72
N GLU C 19 -1.69 0.64 -13.46
CA GLU C 19 -1.76 0.34 -14.89
C GLU C 19 -1.24 -1.07 -15.17
N ASP C 20 -1.73 -2.02 -14.38
CA ASP C 20 -1.33 -3.41 -14.53
C ASP C 20 0.18 -3.57 -14.36
N ILE C 21 0.84 -4.20 -15.33
CA ILE C 21 2.28 -4.41 -15.27
C ILE C 21 2.94 -4.15 -16.63
N LEU C 22 2.24 -4.54 -17.70
CA LEU C 22 2.74 -4.34 -19.06
C LEU C 22 1.66 -3.71 -19.92
N ALA C 23 0.93 -2.77 -19.33
CA ALA C 23 -0.16 -2.07 -20.01
C ALA C 23 0.31 -1.49 -21.35
N THR C 24 1.55 -1.01 -21.40
CA THR C 24 2.09 -0.43 -22.62
C THR C 24 3.56 -0.82 -22.80
N LYS C 25 3.87 -1.41 -23.95
CA LYS C 25 5.23 -1.84 -24.24
C LYS C 25 5.49 -1.82 -25.76
N PRO C 26 5.40 -0.64 -26.40
CA PRO C 26 5.63 -0.50 -27.84
C PRO C 26 7.03 -0.95 -28.25
N SER C 27 7.11 -1.71 -29.33
CA SER C 27 8.38 -2.20 -29.84
C SER C 27 8.32 -2.40 -31.35
N ILE C 28 9.35 -1.91 -32.05
CA ILE C 28 9.41 -2.04 -33.50
C ILE C 28 10.49 -3.05 -33.92
N ALA C 29 10.53 -4.17 -33.21
CA ALA C 29 11.50 -5.22 -33.50
C ALA C 29 11.06 -6.08 -34.69
N SER C 30 10.79 -5.43 -35.81
CA SER C 30 10.36 -6.14 -37.02
C SER C 30 10.93 -5.47 -38.27
N HIS A 1 -17.53 -5.14 27.37
CA HIS A 1 -16.42 -5.53 26.46
C HIS A 1 -15.45 -4.37 26.24
N MET A 2 -16.00 -3.19 25.98
CA MET A 2 -15.18 -2.00 25.76
C MET A 2 -14.36 -1.68 26.99
N LYS A 3 -13.07 -1.41 26.79
CA LYS A 3 -12.18 -1.08 27.90
C LYS A 3 -12.65 0.18 28.60
N GLU A 4 -12.71 0.12 29.94
CA GLU A 4 -13.14 1.27 30.73
C GLU A 4 -12.25 2.47 30.48
N GLU A 5 -12.87 3.63 30.23
CA GLU A 5 -12.13 4.85 29.97
C GLU A 5 -11.14 5.14 31.10
N SER A 6 -9.93 5.54 30.72
CA SER A 6 -8.88 5.84 31.70
C SER A 6 -7.72 6.58 31.03
N GLU A 7 -8.05 7.55 30.18
CA GLU A 7 -7.04 8.34 29.48
C GLU A 7 -6.15 7.45 28.61
N LYS A 8 -6.77 6.61 27.79
CA LYS A 8 -6.03 5.72 26.90
C LYS A 8 -5.20 6.52 25.89
N PRO A 9 -3.96 6.09 25.62
CA PRO A 9 -3.08 6.78 24.67
C PRO A 9 -3.62 6.76 23.24
N ARG A 10 -2.73 6.55 22.27
CA ARG A 10 -3.13 6.52 20.86
C ARG A 10 -1.95 6.13 19.97
N GLY A 11 -2.25 5.44 18.87
CA GLY A 11 -1.20 5.01 17.95
C GLY A 11 -0.58 3.69 18.37
N PHE A 12 -1.40 2.66 18.46
CA PHE A 12 -0.93 1.34 18.86
C PHE A 12 -0.29 1.37 20.23
N ALA A 13 -1.00 1.93 21.19
CA ALA A 13 -0.51 2.04 22.55
C ALA A 13 -0.19 0.67 23.14
N ARG A 14 -1.05 0.18 24.03
CA ARG A 14 -0.83 -1.12 24.66
C ARG A 14 -0.81 -2.24 23.61
N GLY A 15 -1.70 -2.14 22.63
CA GLY A 15 -1.76 -3.16 21.58
C GLY A 15 -3.17 -3.43 21.10
N LEU A 16 -3.95 -2.37 20.92
CA LEU A 16 -5.33 -2.51 20.47
C LEU A 16 -5.39 -3.08 19.06
N GLU A 17 -6.28 -4.05 18.85
CA GLU A 17 -6.44 -4.67 17.55
C GLU A 17 -7.10 -3.73 16.55
N PRO A 18 -6.49 -3.54 15.36
CA PRO A 18 -7.05 -2.66 14.33
C PRO A 18 -8.21 -3.34 13.60
N GLU A 19 -9.37 -2.69 13.60
CA GLU A 19 -10.56 -3.24 12.94
C GLU A 19 -10.50 -3.05 11.43
N ARG A 20 -10.24 -1.82 10.99
CA ARG A 20 -10.17 -1.52 9.56
C ARG A 20 -9.73 -0.08 9.33
N ILE A 21 -8.79 0.09 8.40
CA ILE A 21 -8.28 1.43 8.06
C ILE A 21 -9.29 2.18 7.20
N ILE A 22 -9.41 3.48 7.44
CA ILE A 22 -10.35 4.30 6.68
C ILE A 22 -9.79 5.70 6.41
N GLY A 23 -8.94 6.17 7.31
CA GLY A 23 -8.35 7.49 7.16
C GLY A 23 -7.24 7.53 6.13
N ALA A 24 -7.01 8.72 5.57
CA ALA A 24 -5.96 8.93 4.58
C ALA A 24 -6.04 10.36 4.04
N THR A 25 -5.03 11.17 4.37
CA THR A 25 -5.01 12.55 3.92
C THR A 25 -3.59 13.10 3.86
N ASP A 26 -3.30 13.88 2.82
CA ASP A 26 -1.99 14.49 2.65
C ASP A 26 -1.77 15.58 3.70
N SER A 27 -0.50 15.80 4.04
CA SER A 27 -0.16 16.81 5.04
C SER A 27 1.23 17.40 4.74
N SER A 28 2.13 17.32 5.72
CA SER A 28 3.48 17.85 5.55
C SER A 28 4.32 16.94 4.65
N GLY A 29 3.68 16.36 3.63
CA GLY A 29 4.38 15.47 2.72
C GLY A 29 4.37 14.04 3.21
N GLU A 30 3.22 13.61 3.72
CA GLU A 30 3.05 12.25 4.22
C GLU A 30 1.57 11.91 4.38
N LEU A 31 1.21 10.71 3.94
CA LEU A 31 -0.17 10.24 4.04
C LEU A 31 -0.46 9.84 5.48
N MET A 32 -1.66 10.17 5.96
CA MET A 32 -2.00 9.85 7.34
C MET A 32 -3.20 8.92 7.42
N PHE A 33 -2.99 7.75 8.02
CA PHE A 33 -4.04 6.75 8.18
C PHE A 33 -4.77 6.92 9.51
N LEU A 34 -6.08 7.14 9.45
CA LEU A 34 -6.89 7.28 10.67
C LEU A 34 -7.21 5.90 11.23
N MET A 35 -6.29 5.37 12.03
CA MET A 35 -6.47 4.04 12.61
C MET A 35 -7.72 3.98 13.47
N LYS A 36 -8.66 3.12 13.08
CA LYS A 36 -9.89 2.93 13.81
C LYS A 36 -9.74 1.80 14.82
N TRP A 37 -10.23 2.01 16.03
CA TRP A 37 -10.12 1.00 17.07
C TRP A 37 -11.50 0.50 17.51
N LYS A 38 -11.64 -0.82 17.56
CA LYS A 38 -12.91 -1.42 17.97
C LYS A 38 -13.19 -1.16 19.44
N ASN A 39 -12.16 -1.34 20.27
CA ASN A 39 -12.29 -1.12 21.71
C ASN A 39 -12.40 0.37 22.02
N SER A 40 -11.48 1.16 21.47
CA SER A 40 -11.47 2.61 21.69
C SER A 40 -12.54 3.28 20.86
N ASP A 41 -13.34 4.13 21.51
CA ASP A 41 -14.41 4.84 20.82
C ASP A 41 -13.85 5.86 19.83
N GLU A 42 -12.98 6.73 20.31
CA GLU A 42 -12.37 7.75 19.46
C GLU A 42 -11.18 7.18 18.70
N ALA A 43 -11.13 7.45 17.40
CA ALA A 43 -10.04 6.95 16.57
C ALA A 43 -8.74 7.72 16.84
N ASP A 44 -7.88 7.80 15.82
CA ASP A 44 -6.61 8.49 15.94
C ASP A 44 -5.83 8.41 14.63
N LEU A 45 -5.33 9.55 14.15
CA LEU A 45 -4.58 9.59 12.91
C LEU A 45 -3.10 9.24 13.15
N VAL A 46 -2.52 8.47 12.22
CA VAL A 46 -1.12 8.06 12.33
C VAL A 46 -0.40 8.14 10.99
N PRO A 47 0.83 8.70 10.96
CA PRO A 47 1.62 8.83 9.74
C PRO A 47 1.76 7.50 8.99
N ALA A 48 1.75 7.56 7.67
CA ALA A 48 1.88 6.36 6.84
C ALA A 48 3.21 5.66 7.09
N LYS A 49 4.29 6.42 7.11
CA LYS A 49 5.62 5.87 7.33
C LYS A 49 5.68 5.10 8.65
N GLU A 50 5.01 5.62 9.66
CA GLU A 50 4.98 4.97 10.97
C GLU A 50 4.06 3.74 10.95
N ALA A 51 2.92 3.88 10.29
CA ALA A 51 1.95 2.81 10.20
C ALA A 51 2.53 1.56 9.53
N ASN A 52 3.44 1.77 8.58
CA ASN A 52 4.05 0.66 7.86
C ASN A 52 4.60 -0.40 8.81
N VAL A 53 5.34 0.04 9.82
CA VAL A 53 5.92 -0.88 10.80
C VAL A 53 4.85 -1.41 11.76
N LYS A 54 3.87 -0.57 12.09
CA LYS A 54 2.80 -0.96 12.99
C LYS A 54 2.06 -2.20 12.47
N CYS A 55 1.69 -2.18 11.20
CA CYS A 55 0.97 -3.30 10.58
C CYS A 55 0.82 -3.08 9.07
N PRO A 56 1.81 -3.52 8.28
CA PRO A 56 1.78 -3.38 6.83
C PRO A 56 0.69 -4.23 6.18
N GLN A 57 0.49 -5.43 6.73
CA GLN A 57 -0.53 -6.34 6.21
C GLN A 57 -1.89 -5.66 6.18
N VAL A 58 -2.17 -4.86 7.20
CA VAL A 58 -3.45 -4.15 7.30
C VAL A 58 -3.55 -3.02 6.27
N VAL A 59 -2.51 -2.19 6.19
CA VAL A 59 -2.52 -1.08 5.26
C VAL A 59 -2.59 -1.55 3.81
N ILE A 60 -1.85 -2.61 3.49
CA ILE A 60 -1.84 -3.17 2.13
C ILE A 60 -3.24 -3.60 1.73
N SER A 61 -3.94 -4.25 2.67
CA SER A 61 -5.30 -4.72 2.42
C SER A 61 -6.22 -3.54 2.12
N PHE A 62 -5.99 -2.42 2.81
CA PHE A 62 -6.80 -1.22 2.63
C PHE A 62 -6.77 -0.76 1.17
N TYR A 63 -5.57 -0.59 0.63
CA TYR A 63 -5.42 -0.15 -0.75
C TYR A 63 -5.89 -1.22 -1.73
N GLU A 64 -5.52 -2.47 -1.46
CA GLU A 64 -5.89 -3.59 -2.31
C GLU A 64 -7.40 -3.63 -2.57
N GLU A 65 -8.17 -3.48 -1.50
CA GLU A 65 -9.63 -3.48 -1.61
C GLU A 65 -10.11 -2.26 -2.37
N ARG A 66 -9.57 -1.10 -2.02
CA ARG A 66 -9.95 0.15 -2.66
C ARG A 66 -9.23 0.34 -3.99
N LEU A 67 -9.01 -0.76 -4.72
CA LEU A 67 -8.32 -0.68 -6.00
C LEU A 67 -9.33 -0.38 -7.12
N THR A 68 -8.99 0.58 -7.98
CA THR A 68 -9.87 0.98 -9.07
C THR A 68 -9.28 0.65 -10.44
N TRP A 69 -7.96 0.60 -10.50
CA TRP A 69 -7.25 0.31 -11.74
C TRP A 69 -7.40 1.47 -12.72
N HIS A 70 -6.28 1.99 -13.20
CA HIS A 70 -6.30 3.10 -14.14
C HIS A 70 -6.72 2.61 -15.53
N SER A 71 -5.84 2.77 -16.52
CA SER A 71 -6.15 2.34 -17.88
C SER A 71 -4.92 2.38 -18.76
N TYR A 72 -3.92 1.57 -18.41
CA TYR A 72 -2.69 1.50 -19.18
C TYR A 72 -2.99 1.16 -20.63
N PRO A 73 -2.61 2.04 -21.57
CA PRO A 73 -2.86 1.84 -23.00
C PRO A 73 -1.89 0.83 -23.60
N SER A 74 -2.43 -0.08 -24.41
CA SER A 74 -1.62 -1.10 -25.06
C SER A 74 -0.63 -0.48 -26.03
N ASP A 75 -1.09 0.48 -26.83
CA ASP A 75 -0.24 1.16 -27.79
C ASP A 75 0.88 1.92 -27.10
N HIS B 1 29.23 -4.03 -13.74
CA HIS B 1 28.43 -4.00 -12.48
C HIS B 1 27.33 -5.06 -12.51
N MET B 2 26.62 -5.13 -13.63
CA MET B 2 25.54 -6.10 -13.78
C MET B 2 26.07 -7.52 -13.69
N LYS B 3 25.39 -8.35 -12.90
CA LYS B 3 25.80 -9.74 -12.73
C LYS B 3 25.77 -10.47 -14.07
N GLU B 4 26.84 -11.20 -14.37
CA GLU B 4 26.93 -11.94 -15.62
C GLU B 4 25.79 -12.94 -15.73
N GLU B 5 25.15 -12.97 -16.89
CA GLU B 5 24.03 -13.88 -17.13
C GLU B 5 24.44 -15.33 -16.85
N SER B 6 23.57 -16.07 -16.17
CA SER B 6 23.86 -17.46 -15.84
C SER B 6 22.58 -18.17 -15.36
N GLU B 7 21.49 -17.93 -16.06
CA GLU B 7 20.21 -18.54 -15.72
C GLU B 7 19.78 -18.17 -14.30
N LYS B 8 19.80 -16.88 -14.00
CA LYS B 8 19.41 -16.38 -12.69
C LYS B 8 17.94 -16.70 -12.42
N PRO B 9 17.61 -17.12 -11.17
CA PRO B 9 16.23 -17.46 -10.79
C PRO B 9 15.29 -16.25 -10.86
N ARG B 10 14.39 -16.14 -9.88
CA ARG B 10 13.44 -15.05 -9.84
C ARG B 10 12.61 -15.09 -8.56
N GLY B 11 12.17 -13.93 -8.10
CA GLY B 11 11.37 -13.86 -6.89
C GLY B 11 12.22 -13.87 -5.63
N PHE B 12 13.10 -12.89 -5.50
CA PHE B 12 13.97 -12.78 -4.34
C PHE B 12 14.86 -14.00 -4.21
N ALA B 13 15.56 -14.33 -5.29
CA ALA B 13 16.45 -15.49 -5.32
C ALA B 13 17.58 -15.35 -4.31
N ARG B 14 18.81 -15.17 -4.79
CA ARG B 14 19.97 -15.04 -3.90
C ARG B 14 19.79 -13.88 -2.93
N GLY B 15 19.24 -12.77 -3.41
CA GLY B 15 19.04 -11.61 -2.55
C GLY B 15 19.25 -10.30 -3.28
N LEU B 16 18.71 -10.20 -4.49
CA LEU B 16 18.84 -8.98 -5.28
C LEU B 16 18.08 -7.82 -4.63
N GLU B 17 18.73 -6.66 -4.57
CA GLU B 17 18.12 -5.48 -3.97
C GLU B 17 16.94 -4.98 -4.81
N PRO B 18 15.77 -4.75 -4.19
CA PRO B 18 14.58 -4.27 -4.90
C PRO B 18 14.73 -2.83 -5.37
N GLU B 19 14.48 -2.60 -6.65
CA GLU B 19 14.59 -1.26 -7.23
C GLU B 19 13.28 -0.49 -7.06
N ARG B 20 12.21 -1.03 -7.64
CA ARG B 20 10.89 -0.40 -7.56
C ARG B 20 9.85 -1.22 -8.32
N ILE B 21 8.69 -1.40 -7.71
CA ILE B 21 7.61 -2.17 -8.33
C ILE B 21 7.03 -1.41 -9.53
N ILE B 22 6.95 -2.08 -10.68
CA ILE B 22 6.44 -1.46 -11.89
C ILE B 22 4.91 -1.33 -11.89
N GLY B 23 4.22 -2.41 -11.60
CA GLY B 23 2.76 -2.37 -11.59
C GLY B 23 2.12 -3.55 -10.91
N ALA B 24 1.00 -4.01 -11.46
CA ALA B 24 0.25 -5.14 -10.89
C ALA B 24 -0.88 -5.58 -11.83
N THR B 25 -1.16 -6.88 -11.83
CA THR B 25 -2.22 -7.42 -12.68
C THR B 25 -2.89 -8.64 -12.03
N ASP B 26 -4.21 -8.73 -12.14
CA ASP B 26 -4.96 -9.84 -11.58
C ASP B 26 -4.77 -11.09 -12.43
N SER B 27 -3.59 -11.69 -12.35
CA SER B 27 -3.29 -12.89 -13.12
C SER B 27 -3.97 -14.12 -12.51
N SER B 28 -4.81 -14.77 -13.33
CA SER B 28 -5.53 -15.97 -12.91
C SER B 28 -6.60 -15.64 -11.87
N GLY B 29 -6.18 -15.16 -10.70
CA GLY B 29 -7.11 -14.81 -9.65
C GLY B 29 -6.41 -14.20 -8.45
N GLU B 30 -5.21 -13.67 -8.70
CA GLU B 30 -4.41 -13.05 -7.66
C GLU B 30 -3.54 -11.94 -8.25
N LEU B 31 -3.49 -10.80 -7.56
CA LEU B 31 -2.70 -9.68 -8.03
C LEU B 31 -1.21 -10.00 -8.00
N MET B 32 -0.54 -9.86 -9.15
CA MET B 32 0.88 -10.13 -9.25
C MET B 32 1.64 -8.85 -9.58
N PHE B 33 2.71 -8.59 -8.83
CA PHE B 33 3.52 -7.40 -9.04
C PHE B 33 4.83 -7.73 -9.73
N LEU B 34 5.09 -7.08 -10.85
CA LEU B 34 6.33 -7.30 -11.59
C LEU B 34 7.49 -6.68 -10.81
N MET B 35 8.17 -7.51 -10.01
CA MET B 35 9.27 -7.03 -9.21
C MET B 35 10.49 -6.72 -10.08
N LYS B 36 10.93 -5.46 -10.04
CA LYS B 36 12.08 -5.02 -10.82
C LYS B 36 13.37 -5.18 -10.02
N TRP B 37 14.45 -5.55 -10.71
CA TRP B 37 15.74 -5.73 -10.05
C TRP B 37 16.80 -4.85 -10.70
N LYS B 38 17.62 -4.20 -9.86
CA LYS B 38 18.67 -3.32 -10.34
C LYS B 38 19.66 -4.08 -11.22
N ASN B 39 20.12 -5.21 -10.70
CA ASN B 39 21.09 -6.03 -11.40
C ASN B 39 20.47 -6.80 -12.55
N SER B 40 19.38 -7.51 -12.27
CA SER B 40 18.70 -8.30 -13.28
C SER B 40 18.02 -7.41 -14.32
N ASP B 41 18.24 -7.71 -15.59
CA ASP B 41 17.65 -6.93 -16.68
C ASP B 41 16.15 -7.19 -16.77
N GLU B 42 15.78 -8.46 -16.84
CA GLU B 42 14.38 -8.85 -16.92
C GLU B 42 13.76 -8.94 -15.53
N ALA B 43 12.58 -8.33 -15.36
CA ALA B 43 11.90 -8.36 -14.08
C ALA B 43 11.34 -9.75 -13.82
N ASP B 44 10.18 -9.83 -13.14
CA ASP B 44 9.55 -11.11 -12.84
C ASP B 44 8.25 -10.93 -12.07
N LEU B 45 7.21 -11.61 -12.52
CA LEU B 45 5.91 -11.56 -11.86
C LEU B 45 5.94 -12.37 -10.57
N VAL B 46 5.35 -11.82 -9.51
CA VAL B 46 5.32 -12.49 -8.23
C VAL B 46 3.97 -12.28 -7.54
N PRO B 47 3.36 -13.37 -7.04
CA PRO B 47 2.05 -13.31 -6.37
C PRO B 47 2.01 -12.30 -5.23
N ALA B 48 0.84 -11.70 -5.05
CA ALA B 48 0.64 -10.71 -4.00
C ALA B 48 0.99 -11.29 -2.64
N LYS B 49 0.50 -12.50 -2.37
CA LYS B 49 0.74 -13.17 -1.10
C LYS B 49 2.25 -13.25 -0.83
N GLU B 50 2.99 -13.55 -1.88
CA GLU B 50 4.44 -13.67 -1.79
C GLU B 50 5.08 -12.31 -1.53
N ALA B 51 4.55 -11.28 -2.17
CA ALA B 51 5.08 -9.92 -2.01
C ALA B 51 4.91 -9.41 -0.59
N ASN B 52 3.77 -9.68 0.01
CA ASN B 52 3.49 -9.23 1.37
C ASN B 52 4.55 -9.70 2.37
N VAL B 53 4.96 -10.96 2.26
CA VAL B 53 5.96 -11.52 3.16
C VAL B 53 7.39 -11.11 2.78
N LYS B 54 7.68 -11.10 1.48
CA LYS B 54 9.01 -10.74 1.00
C LYS B 54 9.39 -9.32 1.37
N CYS B 55 8.49 -8.36 1.14
CA CYS B 55 8.76 -6.96 1.44
C CYS B 55 7.48 -6.12 1.37
N PRO B 56 6.70 -6.08 2.46
CA PRO B 56 5.45 -5.31 2.51
C PRO B 56 5.70 -3.81 2.35
N GLN B 57 6.81 -3.34 2.90
CA GLN B 57 7.18 -1.93 2.83
C GLN B 57 7.15 -1.42 1.39
N VAL B 58 7.90 -2.09 0.52
CA VAL B 58 7.96 -1.71 -0.89
C VAL B 58 6.57 -1.78 -1.50
N VAL B 59 5.84 -2.81 -1.13
CA VAL B 59 4.47 -3.02 -1.62
C VAL B 59 3.57 -1.85 -1.26
N ILE B 60 3.66 -1.38 -0.02
CA ILE B 60 2.85 -0.26 0.44
C ILE B 60 3.20 1.01 -0.33
N SER B 61 4.48 1.16 -0.64
CA SER B 61 4.96 2.35 -1.35
C SER B 61 4.26 2.53 -2.70
N PHE B 62 4.07 1.43 -3.43
CA PHE B 62 3.42 1.49 -4.74
C PHE B 62 2.05 2.14 -4.65
N TYR B 63 1.17 1.57 -3.84
CA TYR B 63 -0.18 2.11 -3.68
C TYR B 63 -0.17 3.46 -2.98
N GLU B 64 0.60 3.56 -1.91
CA GLU B 64 0.70 4.78 -1.12
C GLU B 64 0.93 5.99 -2.01
N GLU B 65 1.91 5.91 -2.90
CA GLU B 65 2.22 7.00 -3.81
C GLU B 65 1.08 7.23 -4.80
N ARG B 66 0.63 6.14 -5.43
CA ARG B 66 -0.46 6.22 -6.41
C ARG B 66 -1.81 6.25 -5.71
N LEU B 67 -1.88 6.97 -4.60
CA LEU B 67 -3.11 7.10 -3.84
C LEU B 67 -3.96 8.25 -4.36
N THR B 68 -5.28 8.07 -4.30
CA THR B 68 -6.20 9.10 -4.75
C THR B 68 -7.58 8.86 -4.17
N TRP B 69 -8.18 9.91 -3.66
CA TRP B 69 -9.49 9.83 -3.05
C TRP B 69 -10.61 9.96 -4.08
N HIS B 70 -11.70 9.23 -3.86
CA HIS B 70 -12.81 9.23 -4.79
C HIS B 70 -14.06 8.59 -4.17
N SER B 71 -15.21 8.83 -4.81
CA SER B 71 -16.49 8.26 -4.37
C SER B 71 -17.05 8.96 -3.13
N TYR B 72 -17.08 8.23 -2.00
CA TYR B 72 -17.64 8.74 -0.75
C TYR B 72 -17.43 10.25 -0.59
N PRO B 73 -18.47 11.03 -0.88
CA PRO B 73 -18.42 12.49 -0.78
C PRO B 73 -18.85 12.99 0.60
N SER B 74 -18.49 12.24 1.63
CA SER B 74 -18.84 12.61 3.00
C SER B 74 -20.34 12.82 3.14
N ASP B 75 -21.11 11.84 2.67
CA ASP B 75 -22.56 11.90 2.72
C ASP B 75 -23.18 10.57 2.30
N GLY C 1 5.08 12.04 16.43
CA GLY C 1 5.05 13.47 16.85
C GLY C 1 4.33 13.69 18.17
N SER C 2 4.92 14.49 19.05
CA SER C 2 4.33 14.77 20.35
C SER C 2 3.24 15.84 20.24
N LYS C 3 2.39 15.70 19.23
CA LYS C 3 1.29 16.65 19.01
C LYS C 3 0.37 16.15 17.90
N ALA C 4 -0.93 16.16 18.18
CA ALA C 4 -1.94 15.72 17.22
C ALA C 4 -3.34 16.03 17.71
N GLY C 5 -4.19 16.51 16.80
CA GLY C 5 -5.56 16.84 17.17
C GLY C 5 -6.37 17.32 15.98
N ASP C 6 -6.32 16.55 14.89
CA ASP C 6 -7.05 16.91 13.67
C ASP C 6 -8.53 17.12 13.99
N LEU C 7 -9.05 18.27 13.58
CA LEU C 7 -10.45 18.61 13.81
C LEU C 7 -11.35 17.84 12.83
N LEU C 8 -10.96 17.83 11.56
CA LEU C 8 -11.72 17.15 10.53
C LEU C 8 -10.96 17.18 9.20
N PHE C 9 -11.08 16.10 8.43
CA PHE C 9 -10.39 16.01 7.15
C PHE C 9 -11.17 15.15 6.16
N ILE C 10 -10.48 14.28 5.44
CA ILE C 10 -11.13 13.42 4.46
C ILE C 10 -11.19 11.97 4.91
N GLU C 11 -12.34 11.36 4.70
CA GLU C 11 -12.56 9.96 5.07
C GLU C 11 -13.46 9.32 4.02
N LYS C 12 -12.99 9.31 2.77
CA LYS C 12 -13.76 8.77 1.67
C LYS C 12 -13.18 7.44 1.18
N VAL C 13 -13.09 7.29 -0.13
CA VAL C 13 -12.58 6.08 -0.75
C VAL C 13 -11.27 6.36 -1.47
N PRO C 14 -10.13 6.19 -0.78
CA PRO C 14 -8.80 6.44 -1.33
C PRO C 14 -8.41 5.39 -2.38
N VAL C 15 -9.15 5.35 -3.48
CA VAL C 15 -8.87 4.40 -4.55
C VAL C 15 -7.43 4.52 -5.03
N VAL C 16 -6.89 3.44 -5.58
CA VAL C 16 -5.51 3.43 -6.05
C VAL C 16 -5.45 3.38 -7.57
N VAL C 17 -4.53 4.14 -8.13
CA VAL C 17 -4.35 4.19 -9.58
C VAL C 17 -3.06 3.50 -9.98
N LEU C 18 -3.17 2.59 -10.92
CA LEU C 18 -2.01 1.85 -11.42
C LEU C 18 -2.23 1.43 -12.86
N GLU C 19 -1.16 1.41 -13.63
CA GLU C 19 -1.22 1.05 -15.03
C GLU C 19 -0.66 -0.35 -15.26
N ASP C 20 -1.03 -1.26 -14.38
CA ASP C 20 -0.60 -2.65 -14.46
C ASP C 20 0.92 -2.72 -14.66
N ILE C 21 1.40 -3.85 -15.17
CA ILE C 21 2.83 -4.00 -15.40
C ILE C 21 3.16 -3.84 -16.89
N LEU C 22 2.37 -4.51 -17.74
CA LEU C 22 2.55 -4.44 -19.18
C LEU C 22 1.20 -4.60 -19.89
N ALA C 23 0.19 -3.89 -19.39
CA ALA C 23 -1.15 -3.96 -19.98
C ALA C 23 -1.12 -3.61 -21.45
N THR C 24 -0.95 -4.63 -22.29
CA THR C 24 -0.90 -4.44 -23.73
C THR C 24 -1.41 -5.68 -24.45
N LYS C 25 -2.20 -5.48 -25.51
CA LYS C 25 -2.75 -6.58 -26.28
C LYS C 25 -2.95 -6.16 -27.73
N PRO C 26 -1.85 -6.02 -28.49
CA PRO C 26 -1.91 -5.62 -29.90
C PRO C 26 -2.77 -6.56 -30.74
N SER C 27 -3.52 -5.98 -31.67
CA SER C 27 -4.39 -6.75 -32.55
C SER C 27 -4.56 -6.06 -33.90
N ILE C 28 -4.43 -6.83 -34.98
CA ILE C 28 -4.55 -6.29 -36.32
C ILE C 28 -5.19 -7.31 -37.27
N ALA C 29 -6.29 -7.91 -36.83
CA ALA C 29 -7.01 -8.89 -37.64
C ALA C 29 -6.14 -10.10 -37.96
N SER C 30 -5.55 -10.71 -36.94
CA SER C 30 -4.70 -11.87 -37.13
C SER C 30 -4.75 -12.78 -35.90
N HIS A 1 -14.55 -5.44 27.36
CA HIS A 1 -13.07 -5.23 27.37
C HIS A 1 -12.56 -5.00 28.78
N MET A 2 -11.43 -5.64 29.10
CA MET A 2 -10.82 -5.51 30.42
C MET A 2 -10.33 -4.10 30.67
N LYS A 3 -9.56 -3.56 29.72
CA LYS A 3 -9.02 -2.22 29.84
C LYS A 3 -10.14 -1.19 29.93
N GLU A 4 -10.01 -0.27 30.88
CA GLU A 4 -11.02 0.77 31.08
C GLU A 4 -10.51 1.83 32.07
N GLU A 5 -11.34 2.17 33.06
CA GLU A 5 -10.97 3.17 34.06
C GLU A 5 -10.56 4.48 33.39
N SER A 6 -11.30 4.86 32.36
CA SER A 6 -11.02 6.10 31.63
C SER A 6 -9.56 6.14 31.18
N GLU A 7 -9.03 7.35 31.00
CA GLU A 7 -7.65 7.52 30.58
C GLU A 7 -7.35 6.68 29.34
N LYS A 8 -8.25 6.75 28.36
CA LYS A 8 -8.09 6.01 27.12
C LYS A 8 -6.83 6.43 26.38
N PRO A 9 -5.98 5.46 25.99
CA PRO A 9 -4.73 5.74 25.27
C PRO A 9 -4.99 6.20 23.83
N ARG A 10 -4.16 5.73 22.89
CA ARG A 10 -4.32 6.10 21.49
C ARG A 10 -3.33 5.33 20.61
N GLY A 11 -3.73 5.08 19.37
CA GLY A 11 -2.89 4.35 18.44
C GLY A 11 -2.64 2.92 18.87
N PHE A 12 -1.42 2.45 18.65
CA PHE A 12 -1.05 1.09 19.03
C PHE A 12 -0.53 1.04 20.46
N ALA A 13 -1.24 1.72 21.36
CA ALA A 13 -0.85 1.76 22.76
C ALA A 13 -0.86 0.37 23.38
N ARG A 14 -2.03 -0.26 23.40
CA ARG A 14 -2.19 -1.59 23.96
C ARG A 14 -1.96 -2.66 22.89
N GLY A 15 -2.43 -2.37 21.68
CA GLY A 15 -2.28 -3.31 20.59
C GLY A 15 -3.61 -3.96 20.21
N LEU A 16 -4.68 -3.16 20.24
CA LEU A 16 -6.01 -3.63 19.90
C LEU A 16 -6.08 -4.03 18.42
N GLU A 17 -6.84 -5.09 18.14
CA GLU A 17 -7.00 -5.57 16.77
C GLU A 17 -7.57 -4.47 15.88
N PRO A 18 -6.96 -4.25 14.69
CA PRO A 18 -7.44 -3.22 13.76
C PRO A 18 -8.80 -3.56 13.18
N GLU A 19 -9.73 -2.62 13.30
CA GLU A 19 -11.09 -2.81 12.78
C GLU A 19 -11.14 -2.60 11.27
N ARG A 20 -10.74 -1.40 10.84
CA ARG A 20 -10.74 -1.06 9.42
C ARG A 20 -10.25 0.36 9.19
N ILE A 21 -9.32 0.51 8.25
CA ILE A 21 -8.76 1.83 7.94
C ILE A 21 -9.76 2.64 7.11
N ILE A 22 -9.90 3.92 7.45
CA ILE A 22 -10.81 4.80 6.74
C ILE A 22 -10.30 6.23 6.71
N GLY A 23 -8.98 6.37 6.58
CA GLY A 23 -8.38 7.69 6.55
C GLY A 23 -7.04 7.68 5.85
N ALA A 24 -6.67 8.85 5.31
CA ALA A 24 -5.40 9.01 4.61
C ALA A 24 -5.31 10.41 4.01
N THR A 25 -4.26 11.14 4.35
CA THR A 25 -4.10 12.50 3.85
C THR A 25 -2.64 12.94 3.83
N ASP A 26 -2.24 13.63 2.77
CA ASP A 26 -0.88 14.12 2.66
C ASP A 26 -0.69 15.39 3.50
N SER A 27 -0.07 15.23 4.66
CA SER A 27 0.18 16.36 5.56
C SER A 27 1.25 17.28 5.00
N SER A 28 2.14 17.75 5.86
CA SER A 28 3.22 18.64 5.44
C SER A 28 4.04 18.00 4.32
N GLY A 29 4.25 16.69 4.43
CA GLY A 29 5.02 15.98 3.43
C GLY A 29 5.08 14.49 3.70
N GLU A 30 3.95 13.93 4.14
CA GLU A 30 3.87 12.50 4.43
C GLU A 30 2.43 12.06 4.54
N LEU A 31 2.12 10.90 3.95
CA LEU A 31 0.77 10.35 3.99
C LEU A 31 0.47 9.80 5.38
N MET A 32 -0.81 9.62 5.68
CA MET A 32 -1.23 9.10 6.98
C MET A 32 -2.46 8.21 6.83
N PHE A 33 -3.02 7.76 7.95
CA PHE A 33 -4.21 6.89 7.92
C PHE A 33 -5.00 7.02 9.21
N LEU A 34 -6.28 7.40 9.09
CA LEU A 34 -7.14 7.54 10.25
C LEU A 34 -7.47 6.14 10.79
N MET A 35 -6.57 5.63 11.63
CA MET A 35 -6.72 4.30 12.20
C MET A 35 -8.00 4.18 13.03
N LYS A 36 -8.62 3.00 12.95
CA LYS A 36 -9.84 2.72 13.68
C LYS A 36 -9.67 1.47 14.54
N TRP A 37 -10.23 1.47 15.73
CA TRP A 37 -10.13 0.32 16.63
C TRP A 37 -11.50 -0.18 17.05
N LYS A 38 -11.65 -1.49 17.07
CA LYS A 38 -12.91 -2.11 17.46
C LYS A 38 -13.28 -1.80 18.91
N ASN A 39 -12.30 -1.98 19.79
CA ASN A 39 -12.51 -1.75 21.21
C ASN A 39 -12.37 -0.27 21.57
N SER A 40 -11.32 0.38 21.08
CA SER A 40 -11.09 1.79 21.38
C SER A 40 -12.18 2.66 20.75
N ASP A 41 -12.45 2.42 19.47
CA ASP A 41 -13.47 3.17 18.73
C ASP A 41 -13.02 4.59 18.41
N GLU A 42 -12.38 5.25 19.37
CA GLU A 42 -11.90 6.62 19.18
C GLU A 42 -10.98 6.70 17.97
N ALA A 43 -11.30 7.61 17.05
CA ALA A 43 -10.51 7.81 15.84
C ALA A 43 -9.13 8.37 16.16
N ASP A 44 -8.14 7.97 15.37
CA ASP A 44 -6.77 8.42 15.57
C ASP A 44 -5.99 8.36 14.26
N LEU A 45 -5.39 9.48 13.87
CA LEU A 45 -4.62 9.55 12.63
C LEU A 45 -3.16 9.20 12.89
N VAL A 46 -2.62 8.27 12.10
CA VAL A 46 -1.24 7.83 12.25
C VAL A 46 -0.47 7.97 10.95
N PRO A 47 0.77 8.51 11.00
CA PRO A 47 1.60 8.70 9.81
C PRO A 47 1.85 7.39 9.06
N ALA A 48 1.78 7.45 7.73
CA ALA A 48 2.01 6.28 6.89
C ALA A 48 3.37 5.65 7.19
N LYS A 49 4.39 6.49 7.26
CA LYS A 49 5.75 6.02 7.55
C LYS A 49 5.74 5.11 8.78
N GLU A 50 5.00 5.53 9.81
CA GLU A 50 4.89 4.76 11.04
C GLU A 50 4.01 3.52 10.84
N ALA A 51 2.91 3.70 10.10
CA ALA A 51 1.98 2.62 9.84
C ALA A 51 2.66 1.44 9.15
N ASN A 52 3.63 1.73 8.29
CA ASN A 52 4.35 0.69 7.57
C ASN A 52 4.90 -0.38 8.51
N VAL A 53 5.45 0.06 9.63
CA VAL A 53 6.02 -0.87 10.61
C VAL A 53 4.97 -1.39 11.58
N LYS A 54 4.01 -0.54 11.93
CA LYS A 54 2.96 -0.93 12.86
C LYS A 54 2.16 -2.13 12.37
N CYS A 55 1.76 -2.10 11.09
CA CYS A 55 0.99 -3.19 10.52
C CYS A 55 0.89 -3.06 9.00
N PRO A 56 1.97 -3.41 8.28
CA PRO A 56 1.99 -3.33 6.81
C PRO A 56 0.94 -4.24 6.19
N GLN A 57 0.77 -5.42 6.76
CA GLN A 57 -0.20 -6.38 6.27
C GLN A 57 -1.60 -5.75 6.20
N VAL A 58 -1.93 -4.96 7.21
CA VAL A 58 -3.22 -4.29 7.29
C VAL A 58 -3.35 -3.16 6.28
N VAL A 59 -2.37 -2.26 6.27
CA VAL A 59 -2.40 -1.12 5.35
C VAL A 59 -2.45 -1.57 3.89
N ILE A 60 -1.65 -2.57 3.55
CA ILE A 60 -1.63 -3.09 2.18
C ILE A 60 -3.02 -3.55 1.76
N SER A 61 -3.72 -4.19 2.69
CA SER A 61 -5.06 -4.68 2.44
C SER A 61 -6.03 -3.55 2.09
N PHE A 62 -5.89 -2.43 2.80
CA PHE A 62 -6.74 -1.27 2.57
C PHE A 62 -6.70 -0.84 1.11
N TYR A 63 -5.49 -0.69 0.58
CA TYR A 63 -5.33 -0.29 -0.82
C TYR A 63 -5.88 -1.35 -1.77
N GLU A 64 -5.61 -2.61 -1.44
CA GLU A 64 -6.07 -3.73 -2.27
C GLU A 64 -7.58 -3.70 -2.50
N GLU A 65 -8.32 -3.54 -1.42
CA GLU A 65 -9.78 -3.51 -1.50
C GLU A 65 -10.26 -2.27 -2.25
N ARG A 66 -9.71 -1.11 -1.91
CA ARG A 66 -10.09 0.13 -2.57
C ARG A 66 -9.42 0.28 -3.92
N LEU A 67 -9.26 -0.83 -4.64
CA LEU A 67 -8.63 -0.81 -5.96
C LEU A 67 -9.66 -0.48 -7.04
N THR A 68 -9.23 0.22 -8.09
CA THR A 68 -10.14 0.62 -9.16
C THR A 68 -9.54 0.35 -10.53
N TRP A 69 -8.22 0.35 -10.61
CA TRP A 69 -7.50 0.12 -11.87
C TRP A 69 -7.70 1.27 -12.85
N HIS A 70 -6.63 1.66 -13.53
CA HIS A 70 -6.67 2.73 -14.51
C HIS A 70 -7.49 2.33 -15.73
N SER A 71 -6.83 1.77 -16.74
CA SER A 71 -7.49 1.33 -17.96
C SER A 71 -6.51 0.60 -18.87
N TYR A 72 -6.91 -0.59 -19.32
CA TYR A 72 -6.08 -1.40 -20.21
C TYR A 72 -6.00 -0.79 -21.60
N PRO A 73 -4.79 -0.61 -22.16
CA PRO A 73 -4.60 -0.04 -23.49
C PRO A 73 -5.39 -0.79 -24.57
N SER A 74 -5.36 -2.12 -24.51
CA SER A 74 -6.07 -2.95 -25.47
C SER A 74 -5.62 -2.65 -26.90
N ASP A 75 -4.31 -2.58 -27.10
CA ASP A 75 -3.75 -2.32 -28.42
C ASP A 75 -4.13 -3.41 -29.41
N HIS B 1 28.31 -6.07 -11.36
CA HIS B 1 27.76 -7.12 -10.47
C HIS B 1 28.58 -8.40 -10.53
N MET B 2 28.85 -8.97 -9.36
CA MET B 2 29.65 -10.19 -9.28
C MET B 2 28.92 -11.37 -9.92
N LYS B 3 27.65 -11.54 -9.54
CA LYS B 3 26.84 -12.63 -10.08
C LYS B 3 26.70 -12.51 -11.59
N GLU B 4 26.90 -13.63 -12.29
CA GLU B 4 26.80 -13.64 -13.74
C GLU B 4 26.82 -15.09 -14.27
N GLU B 5 27.65 -15.35 -15.29
CA GLU B 5 27.76 -16.68 -15.87
C GLU B 5 26.40 -17.18 -16.34
N SER B 6 25.62 -16.28 -16.92
CA SER B 6 24.28 -16.62 -17.41
C SER B 6 23.46 -17.27 -16.30
N GLU B 7 22.50 -18.13 -16.69
CA GLU B 7 21.66 -18.82 -15.72
C GLU B 7 21.06 -17.84 -14.73
N LYS B 8 20.53 -16.74 -15.24
CA LYS B 8 19.93 -15.71 -14.41
C LYS B 8 18.73 -16.25 -13.64
N PRO B 9 18.70 -16.06 -12.30
CA PRO B 9 17.60 -16.53 -11.46
C PRO B 9 16.33 -15.72 -11.67
N ARG B 10 15.59 -15.47 -10.58
CA ARG B 10 14.35 -14.69 -10.66
C ARG B 10 13.79 -14.41 -9.27
N GLY B 11 13.08 -13.29 -9.14
CA GLY B 11 12.50 -12.91 -7.86
C GLY B 11 13.55 -12.60 -6.82
N PHE B 12 13.28 -12.98 -5.58
CA PHE B 12 14.21 -12.73 -4.49
C PHE B 12 15.19 -13.88 -4.35
N ALA B 13 15.71 -14.34 -5.49
CA ALA B 13 16.66 -15.44 -5.51
C ALA B 13 17.91 -15.11 -4.70
N ARG B 14 18.63 -14.08 -5.13
CA ARG B 14 19.86 -13.64 -4.47
C ARG B 14 19.54 -12.59 -3.40
N GLY B 15 18.58 -11.72 -3.70
CA GLY B 15 18.21 -10.67 -2.78
C GLY B 15 18.69 -9.31 -3.24
N LEU B 16 18.59 -9.09 -4.55
CA LEU B 16 19.01 -7.83 -5.15
C LEU B 16 18.13 -6.68 -4.67
N GLU B 17 18.73 -5.53 -4.45
CA GLU B 17 17.99 -4.35 -3.98
C GLU B 17 16.86 -4.02 -4.95
N PRO B 18 15.61 -3.90 -4.44
CA PRO B 18 14.45 -3.57 -5.27
C PRO B 18 14.49 -2.13 -5.75
N GLU B 19 14.46 -1.94 -7.07
CA GLU B 19 14.49 -0.60 -7.63
C GLU B 19 13.14 0.08 -7.45
N ARG B 20 12.08 -0.60 -7.89
CA ARG B 20 10.71 -0.09 -7.77
C ARG B 20 9.73 -1.05 -8.42
N ILE B 21 8.65 -1.35 -7.71
CA ILE B 21 7.63 -2.24 -8.23
C ILE B 21 6.94 -1.61 -9.45
N ILE B 22 6.87 -2.37 -10.54
CA ILE B 22 6.25 -1.86 -11.76
C ILE B 22 4.72 -1.81 -11.65
N GLY B 23 4.11 -2.91 -11.19
CA GLY B 23 2.67 -2.93 -11.06
C GLY B 23 2.15 -4.21 -10.40
N ALA B 24 1.00 -4.68 -10.88
CA ALA B 24 0.38 -5.89 -10.35
C ALA B 24 -0.82 -6.30 -11.20
N THR B 25 -1.08 -7.61 -11.25
CA THR B 25 -2.20 -8.13 -12.04
C THR B 25 -2.78 -9.40 -11.41
N ASP B 26 -4.10 -9.47 -11.35
CA ASP B 26 -4.79 -10.62 -10.77
C ASP B 26 -4.74 -11.84 -11.70
N SER B 27 -3.59 -12.47 -11.78
CA SER B 27 -3.43 -13.66 -12.63
C SER B 27 -4.21 -14.84 -12.05
N SER B 28 -5.12 -15.38 -12.84
CA SER B 28 -5.95 -16.53 -12.43
C SER B 28 -6.99 -16.11 -11.40
N GLY B 29 -6.52 -15.56 -10.27
CA GLY B 29 -7.42 -15.13 -9.22
C GLY B 29 -6.68 -14.55 -8.03
N GLU B 30 -5.47 -14.05 -8.29
CA GLU B 30 -4.64 -13.45 -7.25
C GLU B 30 -3.74 -12.37 -7.84
N LEU B 31 -3.68 -11.23 -7.17
CA LEU B 31 -2.84 -10.13 -7.63
C LEU B 31 -1.36 -10.51 -7.58
N MET B 32 -0.61 -10.16 -8.62
CA MET B 32 0.80 -10.48 -8.68
C MET B 32 1.62 -9.23 -8.98
N PHE B 33 2.53 -8.89 -8.07
CA PHE B 33 3.37 -7.72 -8.24
C PHE B 33 4.59 -8.02 -9.11
N LEU B 34 4.78 -7.21 -10.14
CA LEU B 34 5.92 -7.39 -11.05
C LEU B 34 7.17 -6.77 -10.42
N MET B 35 7.96 -7.60 -9.74
CA MET B 35 9.17 -7.13 -9.09
C MET B 35 10.26 -6.78 -10.09
N LYS B 36 10.73 -5.55 -10.04
CA LYS B 36 11.80 -5.09 -10.92
C LYS B 36 13.12 -5.03 -10.15
N TRP B 37 14.21 -5.34 -10.82
CA TRP B 37 15.52 -5.34 -10.17
C TRP B 37 16.52 -4.48 -10.93
N LYS B 38 17.33 -3.74 -10.19
CA LYS B 38 18.35 -2.87 -10.77
C LYS B 38 19.41 -3.67 -11.50
N ASN B 39 19.96 -4.67 -10.82
CA ASN B 39 20.99 -5.50 -11.38
C ASN B 39 20.42 -6.55 -12.33
N SER B 40 19.36 -7.23 -11.89
CA SER B 40 18.73 -8.26 -12.72
C SER B 40 18.08 -7.65 -13.95
N ASP B 41 17.27 -6.60 -13.72
CA ASP B 41 16.58 -5.89 -14.81
C ASP B 41 15.42 -6.71 -15.36
N GLU B 42 15.60 -8.02 -15.49
CA GLU B 42 14.56 -8.90 -16.02
C GLU B 42 13.29 -8.83 -15.19
N ALA B 43 12.16 -8.66 -15.86
CA ALA B 43 10.86 -8.59 -15.20
C ALA B 43 10.42 -9.98 -14.73
N ASP B 44 9.78 -10.03 -13.57
CA ASP B 44 9.30 -11.29 -13.01
C ASP B 44 8.09 -11.07 -12.11
N LEU B 45 7.03 -11.83 -12.36
CA LEU B 45 5.81 -11.73 -11.57
C LEU B 45 5.94 -12.46 -10.23
N VAL B 46 5.30 -11.92 -9.20
CA VAL B 46 5.34 -12.51 -7.88
C VAL B 46 3.98 -12.37 -7.18
N PRO B 47 3.46 -13.47 -6.60
CA PRO B 47 2.17 -13.46 -5.91
C PRO B 47 2.07 -12.37 -4.86
N ALA B 48 0.87 -11.84 -4.70
CA ALA B 48 0.61 -10.79 -3.73
C ALA B 48 0.97 -11.23 -2.31
N LYS B 49 0.54 -12.42 -1.96
CA LYS B 49 0.81 -12.98 -0.63
C LYS B 49 2.30 -13.14 -0.42
N GLU B 50 2.99 -13.60 -1.46
CA GLU B 50 4.43 -13.81 -1.40
C GLU B 50 5.18 -12.49 -1.23
N ALA B 51 4.73 -11.47 -1.96
CA ALA B 51 5.37 -10.16 -1.90
C ALA B 51 5.22 -9.50 -0.53
N ASN B 52 4.04 -9.64 0.07
CA ASN B 52 3.76 -9.03 1.37
C ASN B 52 4.82 -9.39 2.40
N VAL B 53 5.31 -10.63 2.38
CA VAL B 53 6.32 -11.07 3.33
C VAL B 53 7.74 -10.69 2.90
N LYS B 54 7.99 -10.79 1.59
CA LYS B 54 9.32 -10.47 1.05
C LYS B 54 9.72 -9.02 1.30
N CYS B 55 8.79 -8.09 1.06
CA CYS B 55 9.08 -6.67 1.25
C CYS B 55 7.80 -5.84 1.30
N PRO B 56 7.06 -5.89 2.42
CA PRO B 56 5.82 -5.13 2.59
C PRO B 56 6.03 -3.63 2.41
N GLN B 57 7.14 -3.13 2.92
CA GLN B 57 7.47 -1.71 2.82
C GLN B 57 7.47 -1.24 1.37
N VAL B 58 8.21 -1.94 0.52
CA VAL B 58 8.28 -1.59 -0.89
C VAL B 58 6.89 -1.68 -1.51
N VAL B 59 6.13 -2.68 -1.06
CA VAL B 59 4.78 -2.91 -1.53
C VAL B 59 3.86 -1.74 -1.18
N ILE B 60 3.95 -1.26 0.06
CA ILE B 60 3.13 -0.15 0.52
C ILE B 60 3.49 1.13 -0.23
N SER B 61 4.78 1.32 -0.48
CA SER B 61 5.27 2.51 -1.17
C SER B 61 4.65 2.67 -2.56
N PHE B 62 4.58 1.58 -3.32
CA PHE B 62 4.03 1.61 -4.66
C PHE B 62 2.62 2.19 -4.67
N TYR B 63 1.72 1.58 -3.89
CA TYR B 63 0.35 2.05 -3.81
C TYR B 63 0.27 3.41 -3.11
N GLU B 64 1.16 3.62 -2.16
CA GLU B 64 1.20 4.86 -1.40
C GLU B 64 1.24 6.07 -2.32
N GLU B 65 2.12 6.03 -3.32
CA GLU B 65 2.24 7.12 -4.27
C GLU B 65 1.10 7.09 -5.28
N ARG B 66 0.79 5.89 -5.78
CA ARG B 66 -0.29 5.71 -6.75
C ARG B 66 -1.64 5.73 -6.04
N LEU B 67 -1.79 6.65 -5.09
CA LEU B 67 -3.02 6.78 -4.33
C LEU B 67 -3.70 8.11 -4.62
N THR B 68 -5.01 8.07 -4.82
CA THR B 68 -5.77 9.27 -5.11
C THR B 68 -7.05 9.29 -4.28
N TRP B 69 -7.31 10.43 -3.66
CA TRP B 69 -8.47 10.60 -2.80
C TRP B 69 -9.76 10.60 -3.61
N HIS B 70 -10.73 9.80 -3.16
CA HIS B 70 -12.02 9.73 -3.83
C HIS B 70 -12.85 10.95 -3.46
N SER B 71 -14.02 11.10 -4.06
CA SER B 71 -14.88 12.24 -3.76
C SER B 71 -15.20 12.28 -2.27
N TYR B 72 -14.55 13.21 -1.56
CA TYR B 72 -14.76 13.34 -0.13
C TYR B 72 -16.19 13.79 0.17
N PRO B 73 -16.96 12.95 0.90
CA PRO B 73 -18.33 13.28 1.26
C PRO B 73 -18.39 14.23 2.45
N SER B 74 -19.15 15.31 2.30
CA SER B 74 -19.29 16.30 3.36
C SER B 74 -20.39 17.30 3.05
N ASP B 75 -21.25 17.54 4.03
CA ASP B 75 -22.36 18.48 3.87
C ASP B 75 -21.85 19.88 3.56
N GLY C 1 -7.44 19.06 24.29
CA GLY C 1 -7.64 20.48 23.90
C GLY C 1 -7.02 20.80 22.56
N SER C 2 -5.79 20.34 22.34
CA SER C 2 -5.09 20.59 21.10
C SER C 2 -3.80 19.76 21.03
N LYS C 3 -3.54 19.18 19.86
CA LYS C 3 -2.35 18.37 19.66
C LYS C 3 -2.18 18.01 18.18
N ALA C 4 -3.25 17.53 17.55
CA ALA C 4 -3.21 17.17 16.14
C ALA C 4 -2.96 18.39 15.26
N GLY C 5 -2.05 18.25 14.31
CA GLY C 5 -1.74 19.35 13.41
C GLY C 5 -2.76 19.51 12.31
N ASP C 6 -4.04 19.33 12.65
CA ASP C 6 -5.12 19.46 11.68
C ASP C 6 -6.48 19.29 12.36
N LEU C 7 -7.35 20.28 12.18
CA LEU C 7 -8.69 20.24 12.77
C LEU C 7 -9.58 19.29 11.99
N LEU C 8 -9.60 19.46 10.68
CA LEU C 8 -10.41 18.62 9.80
C LEU C 8 -9.79 18.57 8.41
N PHE C 9 -10.02 17.45 7.73
CA PHE C 9 -9.46 17.25 6.40
C PHE C 9 -10.37 16.34 5.56
N ILE C 10 -9.79 15.32 4.93
CA ILE C 10 -10.55 14.40 4.11
C ILE C 10 -10.69 13.04 4.79
N GLU C 11 -11.92 12.55 4.83
CA GLU C 11 -12.23 11.26 5.43
C GLU C 11 -13.17 10.48 4.51
N LYS C 12 -12.68 10.19 3.31
CA LYS C 12 -13.47 9.49 2.31
C LYS C 12 -12.97 8.05 2.11
N VAL C 13 -12.90 7.62 0.85
CA VAL C 13 -12.44 6.28 0.50
C VAL C 13 -11.41 6.35 -0.62
N PRO C 14 -10.13 6.59 -0.27
CA PRO C 14 -9.04 6.68 -1.25
C PRO C 14 -8.98 5.50 -2.21
N VAL C 15 -9.12 5.79 -3.50
CA VAL C 15 -9.06 4.76 -4.53
C VAL C 15 -7.65 4.60 -5.06
N VAL C 16 -7.29 3.38 -5.44
CA VAL C 16 -5.96 3.11 -5.97
C VAL C 16 -6.01 2.81 -7.45
N VAL C 17 -5.07 3.40 -8.19
CA VAL C 17 -5.00 3.21 -9.63
C VAL C 17 -3.82 2.33 -10.00
N LEU C 18 -4.06 1.36 -10.88
CA LEU C 18 -3.02 0.44 -11.32
C LEU C 18 -3.20 0.10 -12.80
N GLU C 19 -2.09 0.08 -13.53
CA GLU C 19 -2.12 -0.24 -14.95
C GLU C 19 -1.53 -1.62 -15.19
N ASP C 20 -2.02 -2.59 -14.44
CA ASP C 20 -1.56 -3.97 -14.55
C ASP C 20 -0.04 -4.04 -14.36
N ILE C 21 0.64 -4.79 -15.23
CA ILE C 21 2.09 -4.91 -15.13
C ILE C 21 2.76 -4.37 -16.40
N LEU C 22 2.18 -4.69 -17.55
CA LEU C 22 2.70 -4.22 -18.83
C LEU C 22 1.60 -3.59 -19.67
N ALA C 23 0.66 -2.93 -19.00
CA ALA C 23 -0.44 -2.27 -19.69
C ALA C 23 -0.03 -0.88 -20.19
N THR C 24 1.08 -0.84 -20.93
CA THR C 24 1.60 0.41 -21.47
C THR C 24 2.33 0.18 -22.78
N LYS C 25 2.05 1.03 -23.77
CA LYS C 25 2.68 0.91 -25.08
C LYS C 25 2.79 2.29 -25.75
N PRO C 26 3.65 3.18 -25.21
CA PRO C 26 3.84 4.53 -25.77
C PRO C 26 4.35 4.49 -27.20
N SER C 27 3.75 5.33 -28.05
CA SER C 27 4.15 5.40 -29.45
C SER C 27 3.90 6.80 -30.01
N ILE C 28 4.89 7.32 -30.73
CA ILE C 28 4.77 8.65 -31.32
C ILE C 28 5.59 8.75 -32.61
N ALA C 29 6.77 8.14 -32.60
CA ALA C 29 7.64 8.15 -33.77
C ALA C 29 6.98 7.49 -34.96
N SER C 30 7.02 8.16 -36.11
CA SER C 30 6.41 7.63 -37.33
C SER C 30 7.14 8.14 -38.57
N HIS A 1 -15.96 0.05 28.06
CA HIS A 1 -14.89 0.81 28.75
C HIS A 1 -14.46 0.12 30.04
N MET A 2 -14.24 -1.19 29.97
CA MET A 2 -13.82 -1.96 31.14
C MET A 2 -12.45 -1.50 31.62
N LYS A 3 -11.50 -1.40 30.69
CA LYS A 3 -10.15 -0.96 31.03
C LYS A 3 -10.17 0.46 31.57
N GLU A 4 -9.48 0.67 32.69
CA GLU A 4 -9.42 1.98 33.32
C GLU A 4 -8.78 3.02 32.40
N GLU A 5 -9.46 4.14 32.21
CA GLU A 5 -8.96 5.21 31.36
C GLU A 5 -8.00 6.10 32.14
N SER A 6 -7.06 5.48 32.85
CA SER A 6 -6.10 6.21 33.65
C SER A 6 -5.21 7.10 32.79
N GLU A 7 -4.71 6.55 31.68
CA GLU A 7 -3.85 7.30 30.77
C GLU A 7 -3.53 6.50 29.52
N LYS A 8 -4.55 5.88 28.95
CA LYS A 8 -4.37 5.07 27.74
C LYS A 8 -4.08 5.95 26.52
N PRO A 9 -3.19 5.49 25.63
CA PRO A 9 -2.81 6.24 24.42
C PRO A 9 -3.98 6.44 23.47
N ARG A 10 -3.71 6.32 22.17
CA ARG A 10 -4.76 6.51 21.15
C ARG A 10 -4.63 5.48 20.03
N GLY A 11 -3.45 5.39 19.44
CA GLY A 11 -3.23 4.45 18.35
C GLY A 11 -3.27 3.00 18.82
N PHE A 12 -2.27 2.23 18.40
CA PHE A 12 -2.20 0.81 18.76
C PHE A 12 -2.14 0.66 20.28
N ALA A 13 -1.39 1.55 20.93
CA ALA A 13 -1.25 1.50 22.38
C ALA A 13 -0.73 0.13 22.83
N ARG A 14 -1.48 -0.54 23.69
CA ARG A 14 -1.09 -1.86 24.19
C ARG A 14 -0.94 -2.84 23.02
N GLY A 15 -1.85 -2.77 22.07
CA GLY A 15 -1.79 -3.66 20.91
C GLY A 15 -3.16 -4.18 20.52
N LEU A 16 -4.16 -3.31 20.59
CA LEU A 16 -5.53 -3.69 20.23
C LEU A 16 -5.65 -3.93 18.72
N GLU A 17 -6.44 -4.95 18.37
CA GLU A 17 -6.65 -5.31 16.97
C GLU A 17 -7.30 -4.17 16.19
N PRO A 18 -6.74 -3.80 15.02
CA PRO A 18 -7.29 -2.74 14.19
C PRO A 18 -8.67 -3.12 13.64
N GLU A 19 -9.65 -2.25 13.84
CA GLU A 19 -11.01 -2.52 13.37
C GLU A 19 -11.04 -2.57 11.84
N ARG A 20 -10.72 -1.43 11.21
CA ARG A 20 -10.72 -1.34 9.75
C ARG A 20 -10.30 0.06 9.30
N ILE A 21 -9.31 0.12 8.42
CA ILE A 21 -8.83 1.41 7.91
C ILE A 21 -9.87 2.05 7.00
N ILE A 22 -10.06 3.36 7.15
CA ILE A 22 -11.03 4.10 6.34
C ILE A 22 -10.67 5.57 6.24
N GLY A 23 -9.38 5.87 6.05
CA GLY A 23 -8.95 7.24 5.94
C GLY A 23 -7.54 7.38 5.40
N ALA A 24 -7.20 8.58 4.96
CA ALA A 24 -5.89 8.87 4.40
C ALA A 24 -5.81 10.33 3.95
N THR A 25 -4.76 11.03 4.37
CA THR A 25 -4.61 12.44 4.01
C THR A 25 -3.14 12.86 3.99
N ASP A 26 -2.73 13.51 2.91
CA ASP A 26 -1.37 13.98 2.76
C ASP A 26 -1.14 15.25 3.59
N SER A 27 -0.54 15.08 4.77
CA SER A 27 -0.26 16.21 5.64
C SER A 27 0.92 17.02 5.09
N SER A 28 1.91 17.31 5.94
CA SER A 28 3.08 18.06 5.53
C SER A 28 3.80 17.35 4.38
N GLY A 29 3.88 16.03 4.49
CA GLY A 29 4.55 15.24 3.46
C GLY A 29 4.49 13.75 3.77
N GLU A 30 3.33 13.28 4.22
CA GLU A 30 3.14 11.88 4.56
C GLU A 30 1.65 11.55 4.67
N LEU A 31 1.27 10.37 4.18
CA LEU A 31 -0.12 9.95 4.25
C LEU A 31 -0.51 9.65 5.69
N MET A 32 -1.63 10.19 6.12
CA MET A 32 -2.09 10.01 7.48
C MET A 32 -3.22 8.99 7.56
N PHE A 33 -2.87 7.71 7.52
CA PHE A 33 -3.86 6.63 7.58
C PHE A 33 -4.76 6.80 8.81
N LEU A 34 -6.07 6.86 8.57
CA LEU A 34 -7.03 6.99 9.67
C LEU A 34 -7.38 5.61 10.22
N MET A 35 -6.56 5.14 11.16
CA MET A 35 -6.75 3.83 11.78
C MET A 35 -7.95 3.80 12.71
N LYS A 36 -8.84 2.84 12.49
CA LYS A 36 -10.03 2.67 13.32
C LYS A 36 -9.75 1.64 14.41
N TRP A 37 -10.24 1.89 15.62
CA TRP A 37 -10.03 0.96 16.72
C TRP A 37 -11.34 0.50 17.34
N LYS A 38 -11.45 -0.80 17.55
CA LYS A 38 -12.65 -1.40 18.12
C LYS A 38 -12.90 -0.92 19.55
N ASN A 39 -11.88 -1.01 20.39
CA ASN A 39 -12.00 -0.60 21.77
C ASN A 39 -11.26 0.70 22.06
N SER A 40 -10.06 0.84 21.48
CA SER A 40 -9.25 2.03 21.69
C SER A 40 -9.92 3.27 21.11
N ASP A 41 -9.22 4.40 21.20
CA ASP A 41 -9.74 5.66 20.68
C ASP A 41 -10.06 5.53 19.20
N GLU A 42 -11.26 5.02 18.93
CA GLU A 42 -11.71 4.81 17.55
C GLU A 42 -11.35 5.98 16.66
N ALA A 43 -10.80 5.67 15.48
CA ALA A 43 -10.37 6.67 14.52
C ALA A 43 -9.21 7.50 15.07
N ASP A 44 -8.11 7.51 14.31
CA ASP A 44 -6.92 8.25 14.70
C ASP A 44 -5.89 8.22 13.57
N LEU A 45 -5.39 9.39 13.20
CA LEU A 45 -4.40 9.47 12.13
C LEU A 45 -3.03 9.02 12.59
N VAL A 46 -2.38 8.25 11.75
CA VAL A 46 -1.05 7.73 12.03
C VAL A 46 -0.16 7.86 10.81
N PRO A 47 1.05 8.44 10.97
CA PRO A 47 1.98 8.62 9.86
C PRO A 47 2.17 7.35 9.04
N ALA A 48 2.00 7.47 7.72
CA ALA A 48 2.14 6.33 6.82
C ALA A 48 3.48 5.62 7.04
N LYS A 49 4.54 6.41 7.23
CA LYS A 49 5.87 5.86 7.46
C LYS A 49 5.89 4.98 8.70
N GLU A 50 5.08 5.35 9.69
CA GLU A 50 5.00 4.60 10.93
C GLU A 50 4.05 3.41 10.80
N ALA A 51 2.97 3.61 10.05
CA ALA A 51 1.96 2.58 9.84
C ALA A 51 2.51 1.35 9.12
N ASN A 52 3.38 1.56 8.15
CA ASN A 52 3.95 0.45 7.39
C ASN A 52 4.58 -0.59 8.29
N VAL A 53 5.28 -0.15 9.33
CA VAL A 53 5.93 -1.07 10.27
C VAL A 53 4.94 -1.62 11.30
N LYS A 54 4.02 -0.77 11.74
CA LYS A 54 3.02 -1.18 12.74
C LYS A 54 2.21 -2.38 12.26
N CYS A 55 1.71 -2.31 11.03
CA CYS A 55 0.91 -3.39 10.47
C CYS A 55 0.80 -3.25 8.95
N PRO A 56 1.84 -3.66 8.22
CA PRO A 56 1.87 -3.58 6.75
C PRO A 56 0.76 -4.41 6.12
N GLN A 57 0.53 -5.60 6.67
CA GLN A 57 -0.50 -6.50 6.15
C GLN A 57 -1.85 -5.80 6.12
N VAL A 58 -2.14 -5.02 7.16
CA VAL A 58 -3.40 -4.30 7.26
C VAL A 58 -3.49 -3.14 6.27
N VAL A 59 -2.45 -2.31 6.23
CA VAL A 59 -2.43 -1.15 5.34
C VAL A 59 -2.45 -1.57 3.86
N ILE A 60 -1.67 -2.59 3.52
CA ILE A 60 -1.62 -3.07 2.14
C ILE A 60 -2.98 -3.56 1.67
N SER A 61 -3.65 -4.34 2.53
CA SER A 61 -4.98 -4.85 2.21
C SER A 61 -5.95 -3.71 1.96
N PHE A 62 -5.75 -2.62 2.70
CA PHE A 62 -6.60 -1.44 2.59
C PHE A 62 -6.65 -0.93 1.14
N TYR A 63 -5.48 -0.85 0.51
CA TYR A 63 -5.39 -0.39 -0.87
C TYR A 63 -6.01 -1.40 -1.84
N GLU A 64 -5.76 -2.67 -1.59
CA GLU A 64 -6.28 -3.74 -2.44
C GLU A 64 -7.80 -3.64 -2.60
N GLU A 65 -8.49 -3.41 -1.50
CA GLU A 65 -9.95 -3.30 -1.53
C GLU A 65 -10.40 -2.07 -2.31
N ARG A 66 -9.79 -0.92 -2.00
CA ARG A 66 -10.13 0.33 -2.65
C ARG A 66 -9.47 0.44 -4.03
N LEU A 67 -9.29 -0.69 -4.70
CA LEU A 67 -8.67 -0.70 -6.01
C LEU A 67 -9.69 -0.38 -7.10
N THR A 68 -9.25 0.35 -8.13
CA THR A 68 -10.13 0.74 -9.23
C THR A 68 -9.45 0.59 -10.57
N TRP A 69 -8.13 0.46 -10.53
CA TRP A 69 -7.31 0.32 -11.73
C TRP A 69 -7.33 1.61 -12.55
N HIS A 70 -7.44 1.48 -13.88
CA HIS A 70 -7.45 2.65 -14.75
C HIS A 70 -7.91 2.27 -16.16
N SER A 71 -7.04 2.43 -17.14
CA SER A 71 -7.38 2.09 -18.52
C SER A 71 -6.13 1.69 -19.30
N TYR A 72 -6.20 0.56 -19.99
CA TYR A 72 -5.08 0.06 -20.78
C TYR A 72 -4.75 1.04 -21.92
N PRO A 73 -3.45 1.41 -22.05
CA PRO A 73 -3.01 2.34 -23.10
C PRO A 73 -3.46 1.91 -24.48
N SER A 74 -3.31 0.63 -24.79
CA SER A 74 -3.69 0.08 -26.09
C SER A 74 -3.03 0.85 -27.23
N ASP A 75 -1.79 1.27 -27.01
CA ASP A 75 -1.05 2.03 -28.02
C ASP A 75 -0.59 1.10 -29.14
N HIS B 1 26.54 -8.40 -16.03
CA HIS B 1 26.32 -9.85 -15.88
C HIS B 1 27.57 -10.55 -15.31
N MET B 2 28.15 -9.94 -14.29
CA MET B 2 29.34 -10.49 -13.65
C MET B 2 29.06 -11.89 -13.08
N LYS B 3 27.99 -11.99 -12.31
CA LYS B 3 27.60 -13.27 -11.72
C LYS B 3 27.26 -14.29 -12.79
N GLU B 4 27.78 -15.51 -12.63
CA GLU B 4 27.53 -16.57 -13.59
C GLU B 4 26.06 -16.93 -13.66
N GLU B 5 25.50 -16.95 -14.87
CA GLU B 5 24.10 -17.28 -15.07
C GLU B 5 23.90 -18.80 -15.10
N SER B 6 24.50 -19.48 -14.12
CA SER B 6 24.42 -20.93 -14.04
C SER B 6 22.97 -21.40 -13.85
N GLU B 7 22.27 -20.77 -12.91
CA GLU B 7 20.88 -21.12 -12.64
C GLU B 7 20.25 -20.14 -11.65
N LYS B 8 20.47 -18.86 -11.88
CA LYS B 8 19.91 -17.82 -11.02
C LYS B 8 18.40 -17.72 -11.18
N PRO B 9 17.67 -17.51 -10.07
CA PRO B 9 16.21 -17.40 -10.08
C PRO B 9 15.72 -16.20 -10.89
N ARG B 10 14.70 -15.50 -10.38
CA ARG B 10 14.14 -14.36 -11.07
C ARG B 10 13.80 -13.24 -10.09
N GLY B 11 13.00 -13.58 -9.09
CA GLY B 11 12.59 -12.60 -8.09
C GLY B 11 13.75 -12.13 -7.23
N PHE B 12 13.54 -12.13 -5.93
CA PHE B 12 14.56 -11.70 -4.97
C PHE B 12 15.81 -12.54 -5.10
N ALA B 13 15.63 -13.85 -5.29
CA ALA B 13 16.76 -14.76 -5.42
C ALA B 13 17.69 -14.64 -4.22
N ARG B 14 18.96 -14.35 -4.45
CA ARG B 14 19.93 -14.20 -3.37
C ARG B 14 19.51 -13.09 -2.41
N GLY B 15 19.04 -11.98 -2.96
CA GLY B 15 18.62 -10.86 -2.14
C GLY B 15 19.04 -9.52 -2.72
N LEU B 16 18.93 -9.39 -4.03
CA LEU B 16 19.30 -8.15 -4.72
C LEU B 16 18.32 -7.03 -4.40
N GLU B 17 18.84 -5.81 -4.27
CA GLU B 17 18.02 -4.65 -3.95
C GLU B 17 17.02 -4.36 -5.09
N PRO B 18 15.72 -4.26 -4.76
CA PRO B 18 14.67 -3.98 -5.75
C PRO B 18 14.68 -2.52 -6.19
N GLU B 19 14.61 -2.29 -7.50
CA GLU B 19 14.60 -0.94 -8.04
C GLU B 19 13.31 -0.21 -7.68
N ARG B 20 12.20 -0.73 -8.18
CA ARG B 20 10.88 -0.15 -7.92
C ARG B 20 9.78 -0.95 -8.60
N ILE B 21 8.74 -1.29 -7.85
CA ILE B 21 7.63 -2.05 -8.39
C ILE B 21 6.83 -1.20 -9.39
N ILE B 22 6.61 -1.76 -10.58
CA ILE B 22 5.88 -1.05 -11.62
C ILE B 22 4.38 -1.03 -11.34
N GLY B 23 3.82 -2.20 -11.02
CA GLY B 23 2.40 -2.28 -10.75
C GLY B 23 1.96 -3.66 -10.29
N ALA B 24 0.83 -4.12 -10.82
CA ALA B 24 0.30 -5.44 -10.46
C ALA B 24 -0.85 -5.84 -11.38
N THR B 25 -1.05 -7.15 -11.52
CA THR B 25 -2.12 -7.67 -12.37
C THR B 25 -2.68 -8.97 -11.81
N ASP B 26 -4.00 -9.10 -11.79
CA ASP B 26 -4.64 -10.30 -11.28
C ASP B 26 -4.30 -11.49 -12.15
N SER B 27 -3.71 -12.50 -11.54
CA SER B 27 -3.33 -13.72 -12.24
C SER B 27 -3.95 -14.93 -11.56
N SER B 28 -4.94 -15.54 -12.23
CA SER B 28 -5.65 -16.71 -11.72
C SER B 28 -6.60 -16.34 -10.57
N GLY B 29 -6.09 -15.60 -9.59
CA GLY B 29 -6.90 -15.19 -8.46
C GLY B 29 -6.10 -14.42 -7.43
N GLU B 30 -4.97 -13.87 -7.84
CA GLU B 30 -4.12 -13.09 -6.95
C GLU B 30 -3.35 -12.03 -7.73
N LEU B 31 -3.39 -10.79 -7.25
CA LEU B 31 -2.69 -9.69 -7.90
C LEU B 31 -1.18 -9.88 -7.83
N MET B 32 -0.58 -10.28 -8.95
CA MET B 32 0.86 -10.47 -8.99
C MET B 32 1.56 -9.13 -9.18
N PHE B 33 2.50 -8.84 -8.28
CA PHE B 33 3.24 -7.59 -8.33
C PHE B 33 4.46 -7.70 -9.24
N LEU B 34 4.52 -6.85 -10.25
CA LEU B 34 5.66 -6.83 -11.18
C LEU B 34 6.83 -6.10 -10.53
N MET B 35 7.73 -6.85 -9.91
CA MET B 35 8.88 -6.24 -9.25
C MET B 35 10.06 -6.08 -10.19
N LYS B 36 10.64 -4.88 -10.18
CA LYS B 36 11.79 -4.57 -11.02
C LYS B 36 13.09 -4.87 -10.27
N TRP B 37 14.11 -5.32 -11.00
CA TRP B 37 15.39 -5.65 -10.37
C TRP B 37 16.54 -4.96 -11.10
N LYS B 38 17.45 -4.38 -10.31
CA LYS B 38 18.60 -3.67 -10.86
C LYS B 38 19.52 -4.60 -11.64
N ASN B 39 19.91 -5.70 -11.03
CA ASN B 39 20.81 -6.64 -11.68
C ASN B 39 20.10 -7.93 -12.07
N SER B 40 19.18 -8.39 -11.21
CA SER B 40 18.44 -9.62 -11.45
C SER B 40 17.52 -9.49 -12.66
N ASP B 41 16.74 -10.54 -12.91
CA ASP B 41 15.83 -10.57 -14.04
C ASP B 41 14.83 -9.41 -13.95
N GLU B 42 15.28 -8.23 -14.37
CA GLU B 42 14.45 -7.03 -14.33
C GLU B 42 13.03 -7.34 -14.78
N ALA B 43 12.06 -6.88 -14.00
CA ALA B 43 10.65 -7.12 -14.28
C ALA B 43 10.32 -8.60 -14.17
N ASP B 44 9.39 -8.93 -13.27
CA ASP B 44 8.97 -10.31 -13.06
C ASP B 44 7.77 -10.36 -12.11
N LEU B 45 6.75 -11.13 -12.50
CA LEU B 45 5.55 -11.26 -11.69
C LEU B 45 5.79 -12.10 -10.44
N VAL B 46 5.21 -11.66 -9.32
CA VAL B 46 5.34 -12.37 -8.05
C VAL B 46 4.02 -12.31 -7.28
N PRO B 47 3.59 -13.45 -6.70
CA PRO B 47 2.33 -13.51 -5.95
C PRO B 47 2.20 -12.42 -4.91
N ALA B 48 1.00 -11.88 -4.80
CA ALA B 48 0.72 -10.82 -3.83
C ALA B 48 1.04 -11.26 -2.42
N LYS B 49 0.66 -12.49 -2.09
CA LYS B 49 0.90 -13.04 -0.77
C LYS B 49 2.39 -13.11 -0.48
N GLU B 50 3.16 -13.47 -1.51
CA GLU B 50 4.60 -13.58 -1.39
C GLU B 50 5.23 -12.21 -1.14
N ALA B 51 4.72 -11.19 -1.83
CA ALA B 51 5.23 -9.83 -1.68
C ALA B 51 5.03 -9.28 -0.27
N ASN B 52 3.85 -9.53 0.29
CA ASN B 52 3.54 -9.03 1.64
C ASN B 52 4.60 -9.45 2.66
N VAL B 53 5.14 -10.66 2.51
CA VAL B 53 6.15 -11.16 3.44
C VAL B 53 7.57 -10.82 2.98
N LYS B 54 7.81 -10.93 1.67
CA LYS B 54 9.13 -10.65 1.11
C LYS B 54 9.58 -9.21 1.37
N CYS B 55 8.70 -8.25 1.13
CA CYS B 55 9.04 -6.85 1.33
C CYS B 55 7.78 -5.98 1.37
N PRO B 56 7.00 -6.07 2.47
CA PRO B 56 5.78 -5.28 2.64
C PRO B 56 6.04 -3.78 2.50
N GLN B 57 7.18 -3.35 3.01
CA GLN B 57 7.57 -1.94 2.96
C GLN B 57 7.54 -1.43 1.52
N VAL B 58 8.24 -2.12 0.62
CA VAL B 58 8.28 -1.74 -0.79
C VAL B 58 6.88 -1.80 -1.39
N VAL B 59 6.11 -2.78 -0.94
CA VAL B 59 4.75 -2.96 -1.41
C VAL B 59 3.87 -1.76 -1.06
N ILE B 60 4.01 -1.27 0.17
CA ILE B 60 3.25 -0.13 0.62
C ILE B 60 3.75 1.15 -0.04
N SER B 61 4.98 1.09 -0.57
CA SER B 61 5.62 2.25 -1.20
C SER B 61 4.82 2.81 -2.38
N PHE B 62 4.69 2.06 -3.47
CA PHE B 62 3.99 2.57 -4.63
C PHE B 62 2.52 2.87 -4.31
N TYR B 63 1.77 1.87 -3.89
CA TYR B 63 0.36 2.08 -3.54
C TYR B 63 0.18 3.40 -2.80
N GLU B 64 1.12 3.70 -1.92
CA GLU B 64 1.10 4.93 -1.13
C GLU B 64 1.04 6.18 -2.01
N GLU B 65 2.00 6.30 -2.93
CA GLU B 65 2.06 7.45 -3.82
C GLU B 65 0.97 7.41 -4.89
N ARG B 66 0.70 6.22 -5.41
CA ARG B 66 -0.33 6.05 -6.44
C ARG B 66 -1.72 6.06 -5.82
N LEU B 67 -1.93 6.98 -4.89
CA LEU B 67 -3.22 7.11 -4.21
C LEU B 67 -3.98 8.33 -4.70
N THR B 68 -5.29 8.19 -4.77
CA THR B 68 -6.17 9.27 -5.19
C THR B 68 -7.53 9.10 -4.54
N TRP B 69 -7.91 10.06 -3.70
CA TRP B 69 -9.17 9.97 -2.99
C TRP B 69 -10.35 10.35 -3.88
N HIS B 70 -11.29 9.42 -3.98
CA HIS B 70 -12.50 9.60 -4.77
C HIS B 70 -13.51 10.48 -4.06
N SER B 71 -14.34 11.16 -4.85
CA SER B 71 -15.38 12.07 -4.35
C SER B 71 -15.78 11.79 -2.90
N TYR B 72 -15.86 12.86 -2.11
CA TYR B 72 -16.25 12.75 -0.70
C TYR B 72 -17.73 12.38 -0.58
N PRO B 73 -18.04 11.15 -0.13
CA PRO B 73 -19.41 10.69 0.01
C PRO B 73 -20.08 11.16 1.29
N SER B 74 -19.92 12.44 1.60
CA SER B 74 -20.51 13.02 2.81
C SER B 74 -21.99 13.36 2.58
N ASP B 75 -22.76 12.37 2.13
CA ASP B 75 -24.18 12.55 1.87
C ASP B 75 -24.91 13.04 3.11
N GLY C 1 -27.77 16.38 15.95
CA GLY C 1 -26.68 17.01 15.15
C GLY C 1 -25.46 16.12 15.04
N SER C 2 -24.28 16.72 15.26
CA SER C 2 -23.02 15.97 15.19
C SER C 2 -22.86 15.33 13.83
N LYS C 3 -23.15 16.08 12.77
CA LYS C 3 -23.03 15.57 11.40
C LYS C 3 -21.58 15.20 11.09
N ALA C 4 -21.40 14.00 10.53
CA ALA C 4 -20.06 13.53 10.17
C ALA C 4 -19.43 14.40 9.09
N GLY C 5 -18.16 14.76 9.29
CA GLY C 5 -17.47 15.59 8.34
C GLY C 5 -16.04 15.88 8.75
N ASP C 6 -15.11 15.66 7.84
CA ASP C 6 -13.69 15.90 8.12
C ASP C 6 -13.41 17.39 8.27
N LEU C 7 -12.63 17.74 9.29
CA LEU C 7 -12.29 19.13 9.54
C LEU C 7 -10.88 19.43 9.01
N LEU C 8 -9.92 18.61 9.43
CA LEU C 8 -8.54 18.78 9.02
C LEU C 8 -8.18 17.88 7.84
N PHE C 9 -8.65 16.63 7.88
CA PHE C 9 -8.35 15.67 6.83
C PHE C 9 -9.57 15.34 5.98
N ILE C 10 -9.69 14.07 5.58
CA ILE C 10 -10.79 13.63 4.74
C ILE C 10 -11.50 12.41 5.32
N GLU C 11 -12.66 12.10 4.76
CA GLU C 11 -13.44 10.94 5.18
C GLU C 11 -14.17 10.35 3.98
N LYS C 12 -13.47 10.26 2.86
CA LYS C 12 -14.05 9.75 1.63
C LYS C 12 -13.46 8.37 1.29
N VAL C 13 -13.21 8.13 0.00
CA VAL C 13 -12.66 6.84 -0.43
C VAL C 13 -11.30 7.04 -1.09
N PRO C 14 -10.32 6.19 -0.74
CA PRO C 14 -8.97 6.28 -1.30
C PRO C 14 -8.74 5.34 -2.48
N VAL C 15 -9.56 5.47 -3.52
CA VAL C 15 -9.43 4.62 -4.70
C VAL C 15 -8.00 4.67 -5.24
N VAL C 16 -7.45 3.51 -5.59
CA VAL C 16 -6.10 3.41 -6.11
C VAL C 16 -6.10 3.07 -7.58
N VAL C 17 -5.19 3.70 -8.33
CA VAL C 17 -5.09 3.47 -9.75
C VAL C 17 -3.83 2.68 -10.11
N LEU C 18 -4.02 1.61 -10.88
CA LEU C 18 -2.93 0.76 -11.31
C LEU C 18 -2.96 0.59 -12.83
N GLU C 19 -1.79 0.55 -13.44
CA GLU C 19 -1.70 0.42 -14.90
C GLU C 19 -1.20 -0.96 -15.28
N ASP C 20 -1.86 -1.99 -14.75
CA ASP C 20 -1.50 -3.38 -15.05
C ASP C 20 -0.05 -3.66 -14.64
N ILE C 21 0.75 -4.19 -15.56
CA ILE C 21 2.15 -4.50 -15.28
C ILE C 21 3.03 -4.06 -16.45
N LEU C 22 2.60 -4.35 -17.66
CA LEU C 22 3.33 -3.96 -18.86
C LEU C 22 2.46 -3.09 -19.76
N ALA C 23 1.56 -2.34 -19.13
CA ALA C 23 0.65 -1.45 -19.86
C ALA C 23 1.34 -0.14 -20.22
N THR C 24 2.42 -0.22 -20.99
CA THR C 24 3.15 0.97 -21.40
C THR C 24 3.85 0.74 -22.73
N LYS C 25 3.73 1.72 -23.63
CA LYS C 25 4.34 1.62 -24.96
C LYS C 25 4.68 3.01 -25.51
N PRO C 26 5.70 3.68 -24.94
CA PRO C 26 6.12 5.01 -25.39
C PRO C 26 6.51 5.02 -26.86
N SER C 27 6.07 6.05 -27.57
CA SER C 27 6.38 6.18 -29.00
C SER C 27 6.44 7.64 -29.42
N ILE C 28 7.46 7.98 -30.20
CA ILE C 28 7.65 9.35 -30.68
C ILE C 28 8.29 9.35 -32.07
N ALA C 29 9.39 8.61 -32.20
CA ALA C 29 10.11 8.50 -33.46
C ALA C 29 11.27 7.52 -33.35
N SER C 30 11.41 6.66 -34.36
CA SER C 30 12.48 5.67 -34.37
C SER C 30 12.89 5.33 -35.80
N HIS A 1 -8.15 -2.14 29.44
CA HIS A 1 -8.57 -0.73 29.55
C HIS A 1 -7.99 -0.07 30.80
N MET A 2 -7.46 1.13 30.63
CA MET A 2 -6.86 1.85 31.76
C MET A 2 -6.57 3.30 31.37
N LYS A 3 -6.04 3.50 30.17
CA LYS A 3 -5.71 4.84 29.69
C LYS A 3 -6.96 5.71 29.63
N GLU A 4 -6.98 6.79 30.39
CA GLU A 4 -8.11 7.71 30.42
C GLU A 4 -7.88 8.83 31.43
N GLU A 5 -8.27 10.05 31.07
CA GLU A 5 -8.13 11.22 31.93
C GLU A 5 -6.68 11.68 32.05
N SER A 6 -5.74 10.75 31.99
CA SER A 6 -4.32 11.08 32.11
C SER A 6 -3.46 10.07 31.35
N GLU A 7 -2.45 10.60 30.66
CA GLU A 7 -1.53 9.78 29.90
C GLU A 7 -2.27 9.00 28.82
N LYS A 8 -3.15 9.68 28.11
CA LYS A 8 -3.92 9.06 27.04
C LYS A 8 -3.10 8.94 25.76
N PRO A 9 -2.95 7.70 25.23
CA PRO A 9 -2.18 7.45 24.01
C PRO A 9 -2.86 8.01 22.76
N ARG A 10 -2.62 7.37 21.62
CA ARG A 10 -3.22 7.79 20.36
C ARG A 10 -3.45 6.60 19.44
N GLY A 11 -2.36 5.96 19.02
CA GLY A 11 -2.45 4.82 18.13
C GLY A 11 -2.40 3.49 18.87
N PHE A 12 -1.48 2.63 18.43
CA PHE A 12 -1.31 1.31 19.03
C PHE A 12 -0.84 1.40 20.48
N ALA A 13 -1.76 1.72 21.37
CA ALA A 13 -1.46 1.84 22.79
C ALA A 13 -1.11 0.47 23.40
N ARG A 14 -1.94 0.00 24.32
CA ARG A 14 -1.71 -1.29 24.97
C ARG A 14 -1.56 -2.41 23.93
N GLY A 15 -2.44 -2.41 22.93
CA GLY A 15 -2.38 -3.44 21.91
C GLY A 15 -3.72 -3.67 21.24
N LEU A 16 -4.48 -2.59 21.03
CA LEU A 16 -5.78 -2.68 20.40
C LEU A 16 -5.65 -3.13 18.95
N GLU A 17 -6.41 -4.17 18.60
CA GLU A 17 -6.37 -4.71 17.24
C GLU A 17 -7.08 -3.77 16.26
N PRO A 18 -6.45 -3.47 15.10
CA PRO A 18 -7.05 -2.60 14.08
C PRO A 18 -8.29 -3.24 13.47
N GLU A 19 -9.42 -2.55 13.59
CA GLU A 19 -10.69 -3.05 13.06
C GLU A 19 -10.77 -2.89 11.54
N ARG A 20 -10.52 -1.67 11.06
CA ARG A 20 -10.58 -1.39 9.63
C ARG A 20 -10.12 0.04 9.33
N ILE A 21 -9.21 0.18 8.37
CA ILE A 21 -8.70 1.48 7.99
C ILE A 21 -9.71 2.26 7.14
N ILE A 22 -9.84 3.55 7.41
CA ILE A 22 -10.77 4.40 6.67
C ILE A 22 -10.29 5.85 6.63
N GLY A 23 -8.97 6.02 6.57
CA GLY A 23 -8.40 7.35 6.53
C GLY A 23 -7.12 7.43 5.72
N ALA A 24 -6.86 8.61 5.17
CA ALA A 24 -5.66 8.84 4.35
C ALA A 24 -5.66 10.25 3.81
N THR A 25 -4.67 11.05 4.22
CA THR A 25 -4.57 12.43 3.75
C THR A 25 -3.13 12.93 3.81
N ASP A 26 -2.69 13.55 2.72
CA ASP A 26 -1.34 14.08 2.63
C ASP A 26 -1.23 15.38 3.41
N SER A 27 -0.81 15.28 4.67
CA SER A 27 -0.67 16.44 5.54
C SER A 27 0.49 17.33 5.06
N SER A 28 1.38 17.71 5.99
CA SER A 28 2.52 18.56 5.65
C SER A 28 3.34 17.95 4.53
N GLY A 29 3.55 16.63 4.61
CA GLY A 29 4.31 15.93 3.59
C GLY A 29 4.41 14.45 3.88
N GLU A 30 3.31 13.86 4.32
CA GLU A 30 3.25 12.44 4.62
C GLU A 30 1.81 11.95 4.73
N LEU A 31 1.55 10.76 4.19
CA LEU A 31 0.20 10.19 4.24
C LEU A 31 -0.14 9.80 5.67
N MET A 32 -1.42 9.81 6.00
CA MET A 32 -1.84 9.46 7.35
C MET A 32 -3.10 8.61 7.34
N PHE A 33 -2.98 7.39 7.86
CA PHE A 33 -4.10 6.46 7.91
C PHE A 33 -4.91 6.63 9.19
N LEU A 34 -6.22 6.86 9.05
CA LEU A 34 -7.09 7.01 10.22
C LEU A 34 -7.47 5.64 10.75
N MET A 35 -6.61 5.10 11.61
CA MET A 35 -6.83 3.78 12.20
C MET A 35 -8.09 3.74 13.04
N LYS A 36 -9.02 2.86 12.66
CA LYS A 36 -10.27 2.71 13.41
C LYS A 36 -10.11 1.60 14.44
N TRP A 37 -10.59 1.84 15.66
CA TRP A 37 -10.48 0.86 16.71
C TRP A 37 -11.84 0.28 17.09
N LYS A 38 -11.87 -1.02 17.33
CA LYS A 38 -13.10 -1.71 17.69
C LYS A 38 -13.67 -1.18 19.00
N ASN A 39 -12.83 -1.15 20.02
CA ASN A 39 -13.24 -0.67 21.33
C ASN A 39 -13.36 0.85 21.35
N SER A 40 -12.35 1.54 20.83
CA SER A 40 -12.35 3.00 20.79
C SER A 40 -13.30 3.51 19.72
N ASP A 41 -14.20 4.40 20.10
CA ASP A 41 -15.17 4.96 19.15
C ASP A 41 -14.50 5.93 18.19
N GLU A 42 -13.78 6.92 18.74
CA GLU A 42 -13.09 7.91 17.92
C GLU A 42 -11.83 7.33 17.30
N ALA A 43 -11.70 7.50 15.99
CA ALA A 43 -10.53 7.00 15.25
C ALA A 43 -9.34 7.94 15.39
N ASP A 44 -8.14 7.37 15.46
CA ASP A 44 -6.92 8.17 15.58
C ASP A 44 -6.07 8.04 14.31
N LEU A 45 -5.58 9.19 13.83
CA LEU A 45 -4.77 9.22 12.62
C LEU A 45 -3.31 8.85 12.92
N VAL A 46 -2.69 8.12 12.00
CA VAL A 46 -1.31 7.68 12.16
C VAL A 46 -0.55 7.77 10.84
N PRO A 47 0.66 8.38 10.84
CA PRO A 47 1.48 8.52 9.63
C PRO A 47 1.74 7.19 8.95
N ALA A 48 1.75 7.20 7.62
CA ALA A 48 2.00 5.99 6.84
C ALA A 48 3.37 5.42 7.12
N LYS A 49 4.38 6.29 7.17
CA LYS A 49 5.75 5.89 7.43
C LYS A 49 5.84 5.06 8.71
N GLU A 50 5.17 5.53 9.75
CA GLU A 50 5.18 4.83 11.04
C GLU A 50 4.28 3.59 10.98
N ALA A 51 3.15 3.71 10.32
CA ALA A 51 2.19 2.61 10.20
C ALA A 51 2.81 1.41 9.50
N ASN A 52 3.74 1.66 8.58
CA ASN A 52 4.40 0.59 7.84
C ASN A 52 4.92 -0.49 8.78
N VAL A 53 5.53 -0.07 9.88
CA VAL A 53 6.08 -1.01 10.85
C VAL A 53 4.99 -1.53 11.80
N LYS A 54 4.03 -0.66 12.13
CA LYS A 54 2.95 -1.04 13.03
C LYS A 54 2.20 -2.27 12.54
N CYS A 55 1.82 -2.26 11.26
CA CYS A 55 1.09 -3.38 10.67
C CYS A 55 0.98 -3.23 9.15
N PRO A 56 2.03 -3.61 8.42
CA PRO A 56 2.05 -3.52 6.95
C PRO A 56 0.98 -4.39 6.31
N GLN A 57 0.75 -5.57 6.89
CA GLN A 57 -0.24 -6.49 6.36
C GLN A 57 -1.63 -5.84 6.31
N VAL A 58 -1.98 -5.11 7.36
CA VAL A 58 -3.28 -4.46 7.44
C VAL A 58 -3.42 -3.34 6.41
N VAL A 59 -2.42 -2.47 6.33
CA VAL A 59 -2.45 -1.35 5.40
C VAL A 59 -2.44 -1.82 3.94
N ILE A 60 -1.60 -2.80 3.63
CA ILE A 60 -1.50 -3.33 2.27
C ILE A 60 -2.87 -3.80 1.77
N SER A 61 -3.61 -4.48 2.65
CA SER A 61 -4.93 -4.97 2.31
C SER A 61 -5.88 -3.84 1.94
N PHE A 62 -5.80 -2.75 2.71
CA PHE A 62 -6.65 -1.59 2.49
C PHE A 62 -6.52 -1.07 1.06
N TYR A 63 -5.29 -0.95 0.58
CA TYR A 63 -5.03 -0.46 -0.78
C TYR A 63 -5.53 -1.44 -1.84
N GLU A 64 -5.30 -2.73 -1.61
CA GLU A 64 -5.72 -3.76 -2.57
C GLU A 64 -7.21 -3.70 -2.88
N GLU A 65 -8.04 -3.78 -1.84
CA GLU A 65 -9.48 -3.75 -2.02
C GLU A 65 -9.92 -2.44 -2.68
N ARG A 66 -9.35 -1.33 -2.22
CA ARG A 66 -9.68 -0.02 -2.75
C ARG A 66 -8.92 0.26 -4.05
N LEU A 67 -8.93 -0.71 -4.97
CA LEU A 67 -8.24 -0.56 -6.24
C LEU A 67 -9.24 -0.20 -7.35
N THR A 68 -9.01 0.95 -8.00
CA THR A 68 -9.90 1.41 -9.07
C THR A 68 -9.34 1.12 -10.45
N TRP A 69 -8.03 1.10 -10.55
CA TRP A 69 -7.35 0.84 -11.82
C TRP A 69 -7.50 2.01 -12.78
N HIS A 70 -6.40 2.37 -13.44
CA HIS A 70 -6.41 3.48 -14.40
C HIS A 70 -7.12 3.06 -15.69
N SER A 71 -6.34 2.91 -16.78
CA SER A 71 -6.89 2.52 -18.06
C SER A 71 -5.86 1.75 -18.89
N TYR A 72 -6.30 0.66 -19.49
CA TYR A 72 -5.41 -0.18 -20.31
C TYR A 72 -5.07 0.50 -21.63
N PRO A 73 -3.76 0.74 -21.88
CA PRO A 73 -3.28 1.38 -23.11
C PRO A 73 -3.57 0.53 -24.35
N SER A 74 -2.65 0.56 -25.31
CA SER A 74 -2.81 -0.21 -26.55
C SER A 74 -1.55 -0.13 -27.40
N ASP A 75 -1.03 1.09 -27.55
CA ASP A 75 0.18 1.30 -28.34
C ASP A 75 1.39 0.69 -27.67
N HIS B 1 26.02 -13.49 -9.55
CA HIS B 1 25.42 -14.03 -10.80
C HIS B 1 25.82 -15.48 -11.01
N MET B 2 24.85 -16.31 -11.40
CA MET B 2 25.12 -17.72 -11.65
C MET B 2 23.90 -18.41 -12.29
N LYS B 3 22.72 -18.06 -11.80
CA LYS B 3 21.49 -18.65 -12.31
C LYS B 3 21.29 -18.31 -13.78
N GLU B 4 21.25 -19.34 -14.63
CA GLU B 4 21.08 -19.15 -16.07
C GLU B 4 21.14 -20.48 -16.81
N GLU B 5 20.25 -20.63 -17.80
CA GLU B 5 20.18 -21.85 -18.62
C GLU B 5 19.57 -23.02 -17.85
N SER B 6 19.79 -23.08 -16.55
CA SER B 6 19.26 -24.16 -15.72
C SER B 6 19.02 -23.70 -14.29
N GLU B 7 17.88 -24.11 -13.74
CA GLU B 7 17.50 -23.76 -12.39
C GLU B 7 17.38 -22.25 -12.23
N LYS B 8 16.68 -21.63 -13.16
CA LYS B 8 16.47 -20.18 -13.14
C LYS B 8 15.33 -19.82 -12.19
N PRO B 9 15.59 -18.96 -11.20
CA PRO B 9 14.59 -18.53 -10.22
C PRO B 9 13.53 -17.62 -10.83
N ARG B 10 12.97 -16.73 -10.00
CA ARG B 10 11.95 -15.79 -10.46
C ARG B 10 12.03 -14.47 -9.69
N GLY B 11 12.06 -14.56 -8.36
CA GLY B 11 12.13 -13.37 -7.54
C GLY B 11 12.88 -13.59 -6.24
N PHE B 12 13.66 -12.60 -5.84
CA PHE B 12 14.45 -12.68 -4.61
C PHE B 12 15.30 -13.95 -4.59
N ALA B 13 15.94 -14.23 -5.72
CA ALA B 13 16.78 -15.40 -5.83
C ALA B 13 17.95 -15.33 -4.85
N ARG B 14 19.14 -15.07 -5.35
CA ARG B 14 20.33 -14.97 -4.50
C ARG B 14 20.16 -13.85 -3.48
N GLY B 15 19.61 -12.72 -3.93
CA GLY B 15 19.40 -11.59 -3.03
C GLY B 15 19.46 -10.26 -3.77
N LEU B 16 18.92 -10.24 -4.99
CA LEU B 16 18.92 -9.03 -5.80
C LEU B 16 18.05 -7.95 -5.16
N GLU B 17 18.62 -6.75 -5.03
CA GLU B 17 17.90 -5.63 -4.44
C GLU B 17 16.86 -5.07 -5.40
N PRO B 18 15.60 -4.94 -4.95
CA PRO B 18 14.51 -4.40 -5.79
C PRO B 18 14.71 -2.91 -6.08
N GLU B 19 14.75 -2.57 -7.36
CA GLU B 19 14.93 -1.18 -7.77
C GLU B 19 13.63 -0.38 -7.61
N ARG B 20 12.54 -0.92 -8.14
CA ARG B 20 11.23 -0.26 -8.05
C ARG B 20 10.13 -1.15 -8.61
N ILE B 21 9.01 -1.21 -7.90
CA ILE B 21 7.87 -2.02 -8.33
C ILE B 21 7.19 -1.40 -9.55
N ILE B 22 6.88 -2.23 -10.53
CA ILE B 22 6.23 -1.75 -11.75
C ILE B 22 4.71 -1.64 -11.58
N GLY B 23 4.08 -2.71 -11.09
CA GLY B 23 2.65 -2.69 -10.90
C GLY B 23 2.09 -3.98 -10.31
N ALA B 24 0.89 -4.34 -10.75
CA ALA B 24 0.21 -5.55 -10.27
C ALA B 24 -0.91 -5.96 -11.21
N THR B 25 -1.28 -7.24 -11.20
CA THR B 25 -2.35 -7.75 -12.07
C THR B 25 -3.00 -8.99 -11.47
N ASP B 26 -4.33 -9.06 -11.57
CA ASP B 26 -5.09 -10.20 -11.03
C ASP B 26 -4.85 -11.47 -11.85
N SER B 27 -3.68 -12.07 -11.68
CA SER B 27 -3.36 -13.30 -12.39
C SER B 27 -3.81 -14.52 -11.59
N SER B 28 -4.60 -15.39 -12.23
CA SER B 28 -5.11 -16.59 -11.59
C SER B 28 -5.83 -16.26 -10.28
N GLY B 29 -6.56 -15.15 -10.28
CA GLY B 29 -7.32 -14.74 -9.11
C GLY B 29 -6.44 -14.31 -7.95
N GLU B 30 -5.25 -13.80 -8.27
CA GLU B 30 -4.33 -13.33 -7.24
C GLU B 30 -3.45 -12.20 -7.80
N LEU B 31 -3.36 -11.10 -7.06
CA LEU B 31 -2.56 -9.96 -7.48
C LEU B 31 -1.09 -10.32 -7.52
N MET B 32 -0.45 -10.10 -8.66
CA MET B 32 0.97 -10.38 -8.82
C MET B 32 1.73 -9.09 -9.06
N PHE B 33 2.68 -8.81 -8.19
CA PHE B 33 3.49 -7.61 -8.30
C PHE B 33 4.70 -7.81 -9.21
N LEU B 34 4.75 -7.07 -10.31
CA LEU B 34 5.88 -7.17 -11.22
C LEU B 34 7.04 -6.35 -10.69
N MET B 35 7.95 -6.99 -9.97
CA MET B 35 9.09 -6.29 -9.39
C MET B 35 10.24 -6.15 -10.38
N LYS B 36 10.71 -4.93 -10.52
CA LYS B 36 11.81 -4.61 -11.42
C LYS B 36 13.16 -4.77 -10.71
N TRP B 37 14.11 -5.39 -11.39
CA TRP B 37 15.43 -5.61 -10.82
C TRP B 37 16.47 -4.73 -11.51
N LYS B 38 17.38 -4.16 -10.72
CA LYS B 38 18.42 -3.31 -11.26
C LYS B 38 19.31 -4.06 -12.25
N ASN B 39 19.74 -5.25 -11.86
CA ASN B 39 20.59 -6.06 -12.71
C ASN B 39 19.78 -6.78 -13.78
N SER B 40 18.69 -7.42 -13.38
CA SER B 40 17.84 -8.15 -14.33
C SER B 40 17.01 -7.18 -15.16
N ASP B 41 17.08 -7.34 -16.48
CA ASP B 41 16.32 -6.47 -17.38
C ASP B 41 14.84 -6.79 -17.35
N GLU B 42 14.49 -8.05 -17.60
CA GLU B 42 13.10 -8.48 -17.60
C GLU B 42 12.54 -8.59 -16.17
N ALA B 43 11.41 -7.94 -15.94
CA ALA B 43 10.76 -7.98 -14.65
C ALA B 43 10.11 -9.34 -14.42
N ASP B 44 9.90 -9.70 -13.16
CA ASP B 44 9.29 -10.99 -12.84
C ASP B 44 8.07 -10.84 -11.93
N LEU B 45 7.01 -11.56 -12.27
CA LEU B 45 5.78 -11.52 -11.49
C LEU B 45 5.96 -12.28 -10.18
N VAL B 46 5.35 -11.77 -9.11
CA VAL B 46 5.44 -12.40 -7.79
C VAL B 46 4.10 -12.31 -7.06
N PRO B 47 3.62 -13.43 -6.49
CA PRO B 47 2.35 -13.47 -5.77
C PRO B 47 2.27 -12.39 -4.68
N ALA B 48 1.08 -11.84 -4.51
CA ALA B 48 0.85 -10.81 -3.52
C ALA B 48 1.24 -11.30 -2.13
N LYS B 49 0.83 -12.51 -1.81
CA LYS B 49 1.13 -13.11 -0.52
C LYS B 49 2.63 -13.24 -0.33
N GLU B 50 3.31 -13.58 -1.42
CA GLU B 50 4.75 -13.75 -1.42
C GLU B 50 5.47 -12.42 -1.16
N ALA B 51 5.04 -11.38 -1.87
CA ALA B 51 5.64 -10.06 -1.73
C ALA B 51 5.46 -9.47 -0.33
N ASN B 52 4.29 -9.68 0.26
CA ASN B 52 3.99 -9.15 1.60
C ASN B 52 5.08 -9.52 2.61
N VAL B 53 5.58 -10.75 2.54
CA VAL B 53 6.61 -11.21 3.46
C VAL B 53 8.02 -10.80 2.99
N LYS B 54 8.24 -10.85 1.68
CA LYS B 54 9.54 -10.50 1.10
C LYS B 54 9.94 -9.06 1.41
N CYS B 55 9.01 -8.13 1.22
CA CYS B 55 9.29 -6.72 1.46
C CYS B 55 8.00 -5.88 1.50
N PRO B 56 7.26 -5.96 2.61
CA PRO B 56 6.00 -5.21 2.78
C PRO B 56 6.21 -3.70 2.67
N GLN B 57 7.34 -3.23 3.18
CA GLN B 57 7.68 -1.82 3.15
C GLN B 57 7.63 -1.27 1.73
N VAL B 58 8.37 -1.90 0.83
CA VAL B 58 8.40 -1.48 -0.57
C VAL B 58 7.00 -1.61 -1.17
N VAL B 59 6.30 -2.65 -0.75
CA VAL B 59 4.95 -2.91 -1.21
C VAL B 59 4.00 -1.76 -0.87
N ILE B 60 4.03 -1.33 0.38
CA ILE B 60 3.18 -0.23 0.83
C ILE B 60 3.56 1.07 0.12
N SER B 61 4.87 1.27 -0.05
CA SER B 61 5.39 2.47 -0.70
C SER B 61 4.84 2.63 -2.12
N PHE B 62 4.83 1.54 -2.89
CA PHE B 62 4.35 1.57 -4.26
C PHE B 62 2.94 2.16 -4.32
N TYR B 63 2.02 1.56 -3.58
CA TYR B 63 0.64 2.04 -3.55
C TYR B 63 0.53 3.36 -2.82
N GLU B 64 1.44 3.59 -1.88
CA GLU B 64 1.46 4.81 -1.09
C GLU B 64 1.46 6.04 -1.99
N GLU B 65 2.39 6.07 -2.96
CA GLU B 65 2.50 7.19 -3.88
C GLU B 65 1.35 7.17 -4.89
N ARG B 66 1.04 5.99 -5.42
CA ARG B 66 -0.04 5.86 -6.39
C ARG B 66 -1.39 5.80 -5.69
N LEU B 67 -1.53 6.59 -4.64
CA LEU B 67 -2.76 6.66 -3.88
C LEU B 67 -3.73 7.67 -4.50
N THR B 68 -5.00 7.29 -4.60
CA THR B 68 -6.02 8.17 -5.16
C THR B 68 -7.25 8.16 -4.28
N TRP B 69 -7.61 9.33 -3.75
CA TRP B 69 -8.77 9.43 -2.89
C TRP B 69 -10.05 9.58 -3.70
N HIS B 70 -11.06 8.80 -3.34
CA HIS B 70 -12.33 8.81 -4.04
C HIS B 70 -13.17 10.02 -3.61
N SER B 71 -14.24 10.27 -4.34
CA SER B 71 -15.13 11.39 -4.06
C SER B 71 -15.50 11.48 -2.57
N TYR B 72 -15.41 12.68 -2.02
CA TYR B 72 -15.76 12.92 -0.62
C TYR B 72 -17.28 12.89 -0.45
N PRO B 73 -17.80 11.96 0.37
CA PRO B 73 -19.24 11.83 0.59
C PRO B 73 -19.80 12.87 1.55
N SER B 74 -19.21 12.96 2.74
CA SER B 74 -19.66 13.91 3.76
C SER B 74 -21.17 13.81 3.97
N ASP B 75 -21.64 12.59 4.22
CA ASP B 75 -23.06 12.34 4.44
C ASP B 75 -23.29 10.92 4.95
N GLY C 1 6.32 26.11 12.39
CA GLY C 1 6.46 24.64 12.12
C GLY C 1 5.22 23.86 12.51
N SER C 2 4.79 22.97 11.63
CA SER C 2 3.60 22.15 11.87
C SER C 2 3.83 21.19 13.03
N LYS C 3 2.80 20.98 13.83
CA LYS C 3 2.89 20.09 14.99
C LYS C 3 1.50 19.76 15.53
N ALA C 4 0.63 20.76 15.55
CA ALA C 4 -0.73 20.59 16.05
C ALA C 4 -1.49 19.55 15.22
N GLY C 5 -2.21 18.66 15.92
CA GLY C 5 -2.97 17.64 15.24
C GLY C 5 -4.06 18.21 14.35
N ASP C 6 -4.22 17.64 13.16
CA ASP C 6 -5.23 18.10 12.22
C ASP C 6 -6.63 18.01 12.83
N LEU C 7 -7.37 19.11 12.76
CA LEU C 7 -8.73 19.16 13.29
C LEU C 7 -9.67 18.38 12.39
N LEU C 8 -9.54 18.62 11.09
CA LEU C 8 -10.36 17.93 10.09
C LEU C 8 -9.63 17.88 8.76
N PHE C 9 -9.99 16.89 7.95
CA PHE C 9 -9.36 16.68 6.66
C PHE C 9 -10.33 16.02 5.68
N ILE C 10 -9.90 14.93 5.04
CA ILE C 10 -10.72 14.23 4.09
C ILE C 10 -11.21 12.91 4.66
N GLU C 11 -12.52 12.69 4.62
CA GLU C 11 -13.12 11.48 5.14
C GLU C 11 -13.97 10.81 4.07
N LYS C 12 -13.30 10.40 3.00
CA LYS C 12 -13.96 9.76 1.87
C LYS C 12 -13.64 8.26 1.83
N VAL C 13 -13.25 7.78 0.65
CA VAL C 13 -12.92 6.38 0.47
C VAL C 13 -11.63 6.23 -0.32
N PRO C 14 -10.48 6.12 0.37
CA PRO C 14 -9.18 5.98 -0.29
C PRO C 14 -9.21 4.91 -1.37
N VAL C 15 -8.48 5.17 -2.45
CA VAL C 15 -8.43 4.24 -3.58
C VAL C 15 -6.99 4.10 -4.06
N VAL C 16 -6.78 3.38 -5.17
CA VAL C 16 -5.45 3.20 -5.73
C VAL C 16 -5.52 3.03 -7.24
N VAL C 17 -4.58 3.67 -7.93
CA VAL C 17 -4.53 3.59 -9.38
C VAL C 17 -3.35 2.75 -9.83
N LEU C 18 -3.61 1.84 -10.76
CA LEU C 18 -2.57 0.96 -11.27
C LEU C 18 -2.80 0.68 -12.75
N GLU C 19 -1.72 0.62 -13.50
CA GLU C 19 -1.79 0.36 -14.93
C GLU C 19 -1.28 -1.05 -15.23
N ASP C 20 -1.88 -2.03 -14.55
CA ASP C 20 -1.51 -3.43 -14.73
C ASP C 20 -0.03 -3.64 -14.43
N ILE C 21 0.66 -4.34 -15.33
CA ILE C 21 2.09 -4.61 -15.15
C ILE C 21 2.86 -4.20 -16.40
N LEU C 22 2.33 -4.55 -17.56
CA LEU C 22 2.96 -4.18 -18.84
C LEU C 22 2.01 -3.30 -19.63
N ALA C 23 1.13 -2.60 -18.92
CA ALA C 23 0.16 -1.72 -19.55
C ALA C 23 0.62 -0.26 -19.49
N THR C 24 1.82 0.01 -19.98
CA THR C 24 2.35 1.35 -19.97
C THR C 24 3.32 1.57 -21.13
N LYS C 25 3.11 2.66 -21.87
CA LYS C 25 3.96 2.99 -23.02
C LYS C 25 4.01 4.50 -23.24
N PRO C 26 4.65 5.24 -22.32
CA PRO C 26 4.75 6.71 -22.42
C PRO C 26 5.41 7.16 -23.72
N SER C 27 4.78 8.13 -24.38
CA SER C 27 5.29 8.68 -25.63
C SER C 27 4.89 10.13 -25.80
N ILE C 28 5.82 10.95 -26.27
CA ILE C 28 5.57 12.37 -26.47
C ILE C 28 5.52 12.72 -27.95
N ALA C 29 4.89 11.86 -28.74
CA ALA C 29 4.75 12.08 -30.18
C ALA C 29 3.62 13.05 -30.48
N SER C 30 3.55 14.13 -29.72
CA SER C 30 2.51 15.14 -29.91
C SER C 30 3.01 16.52 -29.50
N HIS A 1 -17.26 -2.51 26.35
CA HIS A 1 -17.59 -1.40 27.28
C HIS A 1 -16.43 -0.41 27.40
N MET A 2 -16.75 0.88 27.35
CA MET A 2 -15.74 1.92 27.45
C MET A 2 -15.03 1.87 28.80
N LYS A 3 -13.70 1.93 28.78
CA LYS A 3 -12.91 1.90 30.00
C LYS A 3 -13.12 3.17 30.81
N GLU A 4 -13.53 3.02 32.07
CA GLU A 4 -13.76 4.15 32.95
C GLU A 4 -12.45 4.70 33.50
N GLU A 5 -12.07 5.91 33.06
CA GLU A 5 -10.85 6.56 33.51
C GLU A 5 -9.62 5.69 33.23
N SER A 6 -8.71 6.21 32.40
CA SER A 6 -7.49 5.47 32.05
C SER A 6 -6.47 6.40 31.39
N GLU A 7 -6.95 7.23 30.48
CA GLU A 7 -6.07 8.16 29.76
C GLU A 7 -4.97 7.39 29.04
N LYS A 8 -5.37 6.33 28.37
CA LYS A 8 -4.44 5.47 27.63
C LYS A 8 -3.83 6.22 26.44
N PRO A 9 -2.52 6.00 26.19
CA PRO A 9 -1.80 6.63 25.09
C PRO A 9 -2.45 6.36 23.73
N ARG A 10 -1.62 6.02 22.74
CA ARG A 10 -2.13 5.73 21.41
C ARG A 10 -1.04 5.14 20.52
N GLY A 11 -1.26 5.14 19.21
CA GLY A 11 -0.28 4.60 18.28
C GLY A 11 0.14 3.19 18.65
N PHE A 12 -0.84 2.31 18.79
CA PHE A 12 -0.57 0.91 19.17
C PHE A 12 0.08 0.84 20.54
N ALA A 13 -0.41 1.65 21.47
CA ALA A 13 0.12 1.68 22.82
C ALA A 13 -0.06 0.34 23.52
N ARG A 14 -1.31 -0.08 23.67
CA ARG A 14 -1.63 -1.34 24.32
C ARG A 14 -1.55 -2.49 23.34
N GLY A 15 -2.29 -2.37 22.24
CA GLY A 15 -2.32 -3.40 21.22
C GLY A 15 -3.73 -3.69 20.74
N LEU A 16 -4.54 -2.64 20.67
CA LEU A 16 -5.92 -2.78 20.23
C LEU A 16 -5.99 -3.20 18.76
N GLU A 17 -6.83 -4.20 18.48
CA GLU A 17 -6.99 -4.71 17.12
C GLU A 17 -7.68 -3.70 16.22
N PRO A 18 -7.12 -3.43 15.02
CA PRO A 18 -7.70 -2.49 14.06
C PRO A 18 -8.90 -3.08 13.33
N GLU A 19 -10.01 -2.36 13.34
CA GLU A 19 -11.23 -2.84 12.68
C GLU A 19 -11.13 -2.61 11.18
N ARG A 20 -10.81 -1.38 10.78
CA ARG A 20 -10.69 -1.03 9.37
C ARG A 20 -10.23 0.41 9.20
N ILE A 21 -9.31 0.64 8.27
CA ILE A 21 -8.82 1.98 8.00
C ILE A 21 -9.89 2.78 7.24
N ILE A 22 -10.13 4.01 7.67
CA ILE A 22 -11.14 4.84 7.03
C ILE A 22 -10.56 6.21 6.63
N GLY A 23 -9.58 6.67 7.39
CA GLY A 23 -8.96 7.96 7.11
C GLY A 23 -8.13 7.97 5.84
N ALA A 24 -6.81 8.17 6.01
CA ALA A 24 -5.87 8.24 4.89
C ALA A 24 -5.89 9.62 4.25
N THR A 25 -4.89 10.42 4.58
CA THR A 25 -4.77 11.78 4.02
C THR A 25 -3.32 12.24 4.03
N ASP A 26 -2.90 12.87 2.94
CA ASP A 26 -1.53 13.37 2.84
C ASP A 26 -1.37 14.67 3.61
N SER A 27 -0.50 14.64 4.62
CA SER A 27 -0.25 15.81 5.45
C SER A 27 0.76 16.73 4.74
N SER A 28 1.80 17.16 5.47
CA SER A 28 2.81 18.04 4.91
C SER A 28 3.55 17.34 3.78
N GLY A 29 3.82 16.06 3.97
CA GLY A 29 4.52 15.27 2.96
C GLY A 29 4.57 13.79 3.32
N GLU A 30 3.45 13.28 3.83
CA GLU A 30 3.36 11.88 4.21
C GLU A 30 1.90 11.46 4.38
N LEU A 31 1.56 10.26 3.93
CA LEU A 31 0.20 9.76 4.05
C LEU A 31 -0.08 9.42 5.51
N MET A 32 -1.33 9.58 5.93
CA MET A 32 -1.68 9.29 7.31
C MET A 32 -2.98 8.52 7.39
N PHE A 33 -2.90 7.28 7.88
CA PHE A 33 -4.07 6.43 8.02
C PHE A 33 -4.74 6.63 9.37
N LEU A 34 -6.01 7.00 9.34
CA LEU A 34 -6.76 7.20 10.58
C LEU A 34 -7.22 5.84 11.10
N MET A 35 -6.34 5.18 11.86
CA MET A 35 -6.64 3.86 12.41
C MET A 35 -7.82 3.91 13.37
N LYS A 36 -8.90 3.22 13.00
CA LYS A 36 -10.09 3.16 13.83
C LYS A 36 -9.97 2.04 14.84
N TRP A 37 -10.35 2.30 16.09
CA TRP A 37 -10.28 1.28 17.13
C TRP A 37 -11.67 0.75 17.47
N LYS A 38 -11.78 -0.57 17.52
CA LYS A 38 -13.05 -1.21 17.83
C LYS A 38 -13.45 -0.93 19.27
N ASN A 39 -12.51 -1.12 20.19
CA ASN A 39 -12.77 -0.88 21.60
C ASN A 39 -12.85 0.62 21.90
N SER A 40 -11.85 1.36 21.46
CA SER A 40 -11.82 2.80 21.68
C SER A 40 -12.73 3.52 20.69
N ASP A 41 -13.61 4.37 21.21
CA ASP A 41 -14.54 5.12 20.37
C ASP A 41 -13.77 6.09 19.48
N GLU A 42 -12.94 6.92 20.10
CA GLU A 42 -12.14 7.89 19.35
C GLU A 42 -10.94 7.19 18.70
N ALA A 43 -10.79 7.38 17.39
CA ALA A 43 -9.69 6.78 16.66
C ALA A 43 -8.37 7.50 16.94
N ASP A 44 -7.48 7.50 15.96
CA ASP A 44 -6.17 8.16 16.08
C ASP A 44 -5.41 8.07 14.77
N LEU A 45 -4.96 9.21 14.27
CA LEU A 45 -4.21 9.24 13.02
C LEU A 45 -2.76 8.78 13.23
N VAL A 46 -2.28 7.96 12.31
CA VAL A 46 -0.92 7.44 12.40
C VAL A 46 -0.20 7.58 11.05
N PRO A 47 1.03 8.10 11.05
CA PRO A 47 1.82 8.28 9.84
C PRO A 47 1.98 6.98 9.04
N ALA A 48 2.02 7.09 7.72
CA ALA A 48 2.17 5.92 6.86
C ALA A 48 3.53 5.28 7.07
N LYS A 49 4.55 6.13 7.17
CA LYS A 49 5.92 5.65 7.37
C LYS A 49 6.02 4.76 8.60
N GLU A 50 5.22 5.07 9.61
CA GLU A 50 5.22 4.29 10.85
C GLU A 50 4.22 3.14 10.77
N ALA A 51 3.05 3.41 10.21
CA ALA A 51 1.99 2.42 10.08
C ALA A 51 2.42 1.20 9.26
N ASN A 52 3.25 1.41 8.24
CA ASN A 52 3.69 0.32 7.39
C ASN A 52 4.30 -0.81 8.20
N VAL A 53 5.07 -0.48 9.23
CA VAL A 53 5.68 -1.50 10.08
C VAL A 53 4.73 -1.98 11.17
N LYS A 54 3.88 -1.07 11.64
CA LYS A 54 2.90 -1.40 12.68
C LYS A 54 2.00 -2.56 12.27
N CYS A 55 1.51 -2.50 11.03
CA CYS A 55 0.62 -3.53 10.51
C CYS A 55 0.48 -3.41 9.00
N PRO A 56 1.53 -3.82 8.24
CA PRO A 56 1.52 -3.75 6.79
C PRO A 56 0.36 -4.54 6.18
N GLN A 57 0.08 -5.70 6.75
CA GLN A 57 -1.01 -6.54 6.25
C GLN A 57 -2.32 -5.77 6.25
N VAL A 58 -2.54 -4.97 7.29
CA VAL A 58 -3.76 -4.18 7.42
C VAL A 58 -3.82 -3.05 6.38
N VAL A 59 -2.75 -2.26 6.31
CA VAL A 59 -2.70 -1.14 5.38
C VAL A 59 -2.77 -1.62 3.91
N ILE A 60 -1.98 -2.64 3.59
CA ILE A 60 -1.96 -3.19 2.23
C ILE A 60 -3.35 -3.69 1.83
N SER A 61 -3.98 -4.42 2.73
CA SER A 61 -5.32 -4.95 2.48
C SER A 61 -6.30 -3.82 2.17
N PHE A 62 -6.14 -2.71 2.87
CA PHE A 62 -7.00 -1.55 2.69
C PHE A 62 -6.96 -1.06 1.24
N TYR A 63 -5.74 -0.93 0.70
CA TYR A 63 -5.58 -0.47 -0.67
C TYR A 63 -6.17 -1.46 -1.67
N GLU A 64 -5.91 -2.74 -1.45
CA GLU A 64 -6.42 -3.79 -2.33
C GLU A 64 -7.91 -3.63 -2.55
N GLU A 65 -8.64 -3.38 -1.46
CA GLU A 65 -10.08 -3.20 -1.53
C GLU A 65 -10.43 -1.91 -2.27
N ARG A 66 -9.71 -0.84 -1.94
CA ARG A 66 -9.92 0.46 -2.58
C ARG A 66 -9.22 0.56 -3.92
N LEU A 67 -9.19 -0.56 -4.65
CA LEU A 67 -8.55 -0.60 -5.96
C LEU A 67 -9.57 -0.35 -7.06
N THR A 68 -9.15 0.27 -8.17
CA THR A 68 -10.07 0.59 -9.26
C THR A 68 -9.44 0.33 -10.64
N TRP A 69 -8.13 0.46 -10.71
CA TRP A 69 -7.39 0.26 -11.97
C TRP A 69 -7.74 1.34 -12.98
N HIS A 70 -6.73 1.83 -13.71
CA HIS A 70 -6.94 2.86 -14.72
C HIS A 70 -7.79 2.33 -15.86
N SER A 71 -7.14 1.68 -16.82
CA SER A 71 -7.83 1.11 -17.98
C SER A 71 -6.85 0.38 -18.88
N TYR A 72 -7.16 -0.88 -19.18
CA TYR A 72 -6.30 -1.70 -20.04
C TYR A 72 -6.42 -1.23 -21.48
N PRO A 73 -5.29 -0.93 -22.15
CA PRO A 73 -5.28 -0.46 -23.55
C PRO A 73 -6.09 -1.35 -24.49
N SER A 74 -5.62 -2.58 -24.68
CA SER A 74 -6.31 -3.52 -25.55
C SER A 74 -7.62 -3.96 -24.92
N ASP A 75 -7.70 -3.80 -23.60
CA ASP A 75 -8.89 -4.18 -22.85
C ASP A 75 -9.17 -5.67 -22.97
N HIS B 1 26.97 -4.89 -14.96
CA HIS B 1 27.16 -5.72 -16.18
C HIS B 1 26.33 -7.00 -16.11
N MET B 2 25.63 -7.31 -17.19
CA MET B 2 24.81 -8.50 -17.26
C MET B 2 25.64 -9.77 -17.05
N LYS B 3 25.16 -10.66 -16.19
CA LYS B 3 25.88 -11.91 -15.92
C LYS B 3 25.82 -12.83 -17.14
N GLU B 4 27.00 -13.25 -17.62
CA GLU B 4 27.08 -14.13 -18.77
C GLU B 4 26.80 -15.58 -18.38
N GLU B 5 25.67 -16.10 -18.84
CA GLU B 5 25.26 -17.47 -18.56
C GLU B 5 25.15 -17.72 -17.05
N SER B 6 23.95 -18.06 -16.59
CA SER B 6 23.71 -18.33 -15.18
C SER B 6 22.37 -19.01 -14.95
N GLU B 7 21.34 -18.52 -15.63
CA GLU B 7 19.99 -19.07 -15.50
C GLU B 7 19.53 -19.00 -14.05
N LYS B 8 19.78 -17.87 -13.42
CA LYS B 8 19.41 -17.65 -12.03
C LYS B 8 17.90 -17.68 -11.84
N PRO B 9 17.43 -18.27 -10.74
CA PRO B 9 15.99 -18.38 -10.42
C PRO B 9 15.32 -17.00 -10.36
N ARG B 10 14.49 -16.79 -9.33
CA ARG B 10 13.78 -15.53 -9.17
C ARG B 10 13.10 -15.47 -7.80
N GLY B 11 12.21 -14.49 -7.63
CA GLY B 11 11.50 -14.36 -6.37
C GLY B 11 12.44 -14.21 -5.19
N PHE B 12 13.36 -13.26 -5.28
CA PHE B 12 14.34 -13.02 -4.22
C PHE B 12 15.21 -14.26 -4.01
N ALA B 13 15.62 -14.86 -5.12
CA ALA B 13 16.46 -16.05 -5.08
C ALA B 13 17.83 -15.75 -4.46
N ARG B 14 18.57 -14.86 -5.09
CA ARG B 14 19.89 -14.48 -4.61
C ARG B 14 19.78 -13.41 -3.53
N GLY B 15 19.11 -12.32 -3.86
CA GLY B 15 18.94 -11.23 -2.92
C GLY B 15 19.17 -9.88 -3.57
N LEU B 16 18.79 -9.78 -4.84
CA LEU B 16 18.97 -8.54 -5.59
C LEU B 16 18.11 -7.43 -5.00
N GLU B 17 18.71 -6.25 -4.83
CA GLU B 17 18.00 -5.11 -4.28
C GLU B 17 16.96 -4.57 -5.25
N PRO B 18 15.71 -4.40 -4.79
CA PRO B 18 14.62 -3.89 -5.62
C PRO B 18 14.73 -2.38 -5.84
N GLU B 19 14.74 -1.97 -7.11
CA GLU B 19 14.84 -0.56 -7.45
C GLU B 19 13.47 0.11 -7.36
N ARG B 20 12.47 -0.50 -7.98
CA ARG B 20 11.12 0.04 -7.96
C ARG B 20 10.14 -0.94 -8.61
N ILE B 21 8.96 -1.07 -8.01
CA ILE B 21 7.93 -1.96 -8.55
C ILE B 21 7.32 -1.35 -9.82
N ILE B 22 7.31 -2.12 -10.90
CA ILE B 22 6.76 -1.64 -12.16
C ILE B 22 5.24 -1.49 -12.06
N GLY B 23 4.58 -2.50 -11.51
CA GLY B 23 3.13 -2.46 -11.37
C GLY B 23 2.56 -3.69 -10.69
N ALA B 24 1.40 -4.13 -11.16
CA ALA B 24 0.74 -5.30 -10.61
C ALA B 24 -0.44 -5.72 -11.48
N THR B 25 -0.64 -7.03 -11.62
CA THR B 25 -1.73 -7.56 -12.42
C THR B 25 -2.35 -8.79 -11.78
N ASP B 26 -3.68 -8.80 -11.68
CA ASP B 26 -4.41 -9.91 -11.07
C ASP B 26 -4.39 -11.14 -11.98
N SER B 27 -3.26 -11.83 -12.03
CA SER B 27 -3.13 -13.04 -12.83
C SER B 27 -3.83 -14.21 -12.16
N SER B 28 -4.78 -14.82 -12.87
CA SER B 28 -5.55 -15.96 -12.36
C SER B 28 -6.49 -15.54 -11.23
N GLY B 29 -5.91 -15.08 -10.12
CA GLY B 29 -6.71 -14.65 -8.99
C GLY B 29 -5.85 -14.11 -7.85
N GLU B 30 -4.72 -13.52 -8.22
CA GLU B 30 -3.80 -12.95 -7.24
C GLU B 30 -3.03 -11.79 -7.84
N LEU B 31 -2.95 -10.68 -7.10
CA LEU B 31 -2.24 -9.50 -7.57
C LEU B 31 -0.74 -9.76 -7.69
N MET B 32 -0.30 -10.05 -8.90
CA MET B 32 1.11 -10.31 -9.16
C MET B 32 1.88 -9.01 -9.34
N PHE B 33 2.74 -8.71 -8.38
CA PHE B 33 3.55 -7.49 -8.44
C PHE B 33 4.83 -7.73 -9.23
N LEU B 34 4.99 -6.99 -10.32
CA LEU B 34 6.18 -7.11 -11.15
C LEU B 34 7.31 -6.29 -10.56
N MET B 35 8.16 -6.92 -9.75
CA MET B 35 9.27 -6.22 -9.12
C MET B 35 10.45 -6.12 -10.07
N LYS B 36 10.92 -4.89 -10.26
CA LYS B 36 12.05 -4.62 -11.13
C LYS B 36 13.37 -4.77 -10.39
N TRP B 37 14.34 -5.43 -11.02
CA TRP B 37 15.65 -5.64 -10.42
C TRP B 37 16.68 -4.68 -11.02
N LYS B 38 17.52 -4.11 -10.18
CA LYS B 38 18.55 -3.16 -10.63
C LYS B 38 19.53 -3.84 -11.58
N ASN B 39 20.10 -4.95 -11.11
CA ASN B 39 21.07 -5.71 -11.89
C ASN B 39 20.41 -6.45 -13.04
N SER B 40 19.38 -7.22 -12.74
CA SER B 40 18.67 -7.99 -13.76
C SER B 40 17.81 -7.08 -14.63
N ASP B 41 17.95 -7.23 -15.95
CA ASP B 41 17.18 -6.43 -16.89
C ASP B 41 15.71 -6.82 -16.84
N GLU B 42 15.44 -8.12 -16.97
CA GLU B 42 14.08 -8.63 -16.93
C GLU B 42 13.59 -8.75 -15.49
N ALA B 43 12.40 -8.22 -15.22
CA ALA B 43 11.83 -8.27 -13.88
C ALA B 43 11.36 -9.69 -13.54
N ASP B 44 10.28 -9.80 -12.79
CA ASP B 44 9.73 -11.10 -12.40
C ASP B 44 8.44 -10.96 -11.61
N LEU B 45 7.42 -11.71 -12.01
CA LEU B 45 6.13 -11.68 -11.33
C LEU B 45 6.21 -12.35 -9.97
N VAL B 46 5.56 -11.76 -8.98
CA VAL B 46 5.55 -12.31 -7.63
C VAL B 46 4.17 -12.14 -6.99
N PRO B 47 3.62 -13.22 -6.39
CA PRO B 47 2.29 -13.19 -5.77
C PRO B 47 2.16 -12.10 -4.72
N ALA B 48 0.95 -11.58 -4.59
CA ALA B 48 0.65 -10.52 -3.63
C ALA B 48 1.02 -10.95 -2.21
N LYS B 49 0.60 -12.16 -1.84
CA LYS B 49 0.90 -12.70 -0.52
C LYS B 49 2.39 -12.85 -0.32
N GLU B 50 3.07 -13.30 -1.37
CA GLU B 50 4.52 -13.49 -1.33
C GLU B 50 5.24 -12.19 -1.03
N ALA B 51 4.92 -11.15 -1.81
CA ALA B 51 5.54 -9.84 -1.63
C ALA B 51 5.09 -9.19 -0.32
N ASN B 52 3.88 -9.52 0.11
CA ASN B 52 3.31 -8.98 1.33
C ASN B 52 4.26 -9.17 2.51
N VAL B 53 4.85 -10.35 2.61
CA VAL B 53 5.77 -10.68 3.69
C VAL B 53 7.23 -10.45 3.27
N LYS B 54 7.52 -10.73 2.00
CA LYS B 54 8.88 -10.60 1.47
C LYS B 54 9.40 -9.17 1.58
N CYS B 55 8.54 -8.19 1.29
CA CYS B 55 8.94 -6.79 1.36
C CYS B 55 7.73 -5.86 1.38
N PRO B 56 6.94 -5.92 2.47
CA PRO B 56 5.74 -5.07 2.62
C PRO B 56 6.04 -3.59 2.49
N GLN B 57 7.24 -3.18 2.89
CA GLN B 57 7.64 -1.79 2.83
C GLN B 57 7.52 -1.22 1.42
N VAL B 58 8.21 -1.84 0.48
CA VAL B 58 8.17 -1.39 -0.92
C VAL B 58 6.75 -1.50 -1.47
N VAL B 59 6.07 -2.57 -1.07
CA VAL B 59 4.70 -2.83 -1.50
C VAL B 59 3.75 -1.71 -1.07
N ILE B 60 3.83 -1.32 0.20
CA ILE B 60 2.97 -0.26 0.74
C ILE B 60 3.32 1.08 0.09
N SER B 61 4.60 1.29 -0.15
CA SER B 61 5.08 2.53 -0.77
C SER B 61 4.54 2.69 -2.19
N PHE B 62 4.49 1.59 -2.93
CA PHE B 62 4.00 1.63 -4.30
C PHE B 62 2.62 2.29 -4.37
N TYR B 63 1.69 1.81 -3.57
CA TYR B 63 0.35 2.38 -3.54
C TYR B 63 0.35 3.77 -2.92
N GLU B 64 1.22 3.96 -1.93
CA GLU B 64 1.33 5.24 -1.23
C GLU B 64 1.38 6.41 -2.21
N GLU B 65 2.22 6.28 -3.24
CA GLU B 65 2.35 7.33 -4.25
C GLU B 65 1.21 7.27 -5.26
N ARG B 66 0.91 6.07 -5.75
CA ARG B 66 -0.16 5.88 -6.72
C ARG B 66 -1.54 5.88 -6.06
N LEU B 67 -1.76 6.83 -5.15
CA LEU B 67 -3.04 6.95 -4.46
C LEU B 67 -3.81 8.17 -4.93
N THR B 68 -5.13 8.06 -4.95
CA THR B 68 -5.99 9.15 -5.35
C THR B 68 -7.35 9.01 -4.68
N TRP B 69 -7.67 9.95 -3.81
CA TRP B 69 -8.93 9.92 -3.07
C TRP B 69 -10.11 10.31 -3.96
N HIS B 70 -11.26 9.73 -3.65
CA HIS B 70 -12.48 9.97 -4.42
C HIS B 70 -13.72 9.78 -3.54
N SER B 71 -14.80 10.49 -3.89
CA SER B 71 -16.07 10.42 -3.16
C SER B 71 -16.16 11.50 -2.08
N TYR B 72 -16.63 11.12 -0.87
CA TYR B 72 -16.80 12.04 0.26
C TYR B 72 -15.75 13.15 0.28
N PRO B 73 -16.06 14.30 -0.35
CA PRO B 73 -15.17 15.45 -0.41
C PRO B 73 -15.28 16.35 0.81
N SER B 74 -16.51 16.68 1.19
CA SER B 74 -16.75 17.55 2.35
C SER B 74 -15.91 18.81 2.27
N ASP B 75 -16.00 19.52 1.14
CA ASP B 75 -15.24 20.74 0.95
C ASP B 75 -15.49 21.74 2.07
N GLY C 1 -11.40 26.14 19.07
CA GLY C 1 -10.07 25.63 19.52
C GLY C 1 -10.09 24.17 19.87
N SER C 2 -9.10 23.43 19.39
CA SER C 2 -9.00 22.00 19.66
C SER C 2 -7.67 21.44 19.17
N LYS C 3 -6.58 22.14 19.49
CA LYS C 3 -5.25 21.72 19.08
C LYS C 3 -4.92 20.33 19.65
N ALA C 4 -4.36 19.48 18.80
CA ALA C 4 -3.99 18.12 19.22
C ALA C 4 -3.25 17.40 18.10
N GLY C 5 -3.77 17.53 16.87
CA GLY C 5 -3.15 16.89 15.73
C GLY C 5 -3.86 17.23 14.44
N ASP C 6 -5.19 17.23 14.47
CA ASP C 6 -5.99 17.55 13.30
C ASP C 6 -7.47 17.67 13.65
N LEU C 7 -8.07 18.79 13.26
CA LEU C 7 -9.48 19.03 13.55
C LEU C 7 -10.35 18.14 12.66
N LEU C 8 -10.00 18.07 11.39
CA LEU C 8 -10.74 17.26 10.43
C LEU C 8 -10.06 17.29 9.06
N PHE C 9 -10.32 16.27 8.26
CA PHE C 9 -9.71 16.16 6.94
C PHE C 9 -10.61 15.40 5.97
N ILE C 10 -10.07 14.38 5.31
CA ILE C 10 -10.82 13.60 4.35
C ILE C 10 -11.15 12.21 4.88
N GLU C 11 -12.35 11.75 4.56
CA GLU C 11 -12.81 10.43 4.97
C GLU C 11 -13.67 9.85 3.86
N LYS C 12 -13.10 9.81 2.66
CA LYS C 12 -13.80 9.31 1.49
C LYS C 12 -13.26 7.95 1.05
N VAL C 13 -13.15 7.74 -0.26
CA VAL C 13 -12.66 6.49 -0.81
C VAL C 13 -11.31 6.68 -1.51
N PRO C 14 -10.22 6.18 -0.91
CA PRO C 14 -8.88 6.30 -1.48
C PRO C 14 -8.63 5.34 -2.64
N VAL C 15 -9.42 5.45 -3.70
CA VAL C 15 -9.28 4.58 -4.87
C VAL C 15 -7.85 4.61 -5.39
N VAL C 16 -7.34 3.44 -5.77
CA VAL C 16 -5.99 3.34 -6.28
C VAL C 16 -5.99 3.04 -7.77
N VAL C 17 -5.09 3.69 -8.50
CA VAL C 17 -5.00 3.49 -9.94
C VAL C 17 -3.75 2.70 -10.30
N LEU C 18 -3.92 1.72 -11.18
CA LEU C 18 -2.82 0.88 -11.61
C LEU C 18 -2.95 0.53 -13.10
N GLU C 19 -1.84 0.53 -13.80
CA GLU C 19 -1.84 0.23 -15.22
C GLU C 19 -1.22 -1.14 -15.48
N ASP C 20 -1.63 -2.12 -14.69
CA ASP C 20 -1.14 -3.49 -14.82
C ASP C 20 0.39 -3.53 -14.73
N ILE C 21 1.03 -4.38 -15.54
CA ILE C 21 2.47 -4.50 -15.54
C ILE C 21 3.07 -4.09 -16.87
N LEU C 22 2.47 -4.55 -17.96
CA LEU C 22 2.94 -4.21 -19.31
C LEU C 22 1.77 -3.78 -20.18
N ALA C 23 0.85 -3.04 -19.58
CA ALA C 23 -0.33 -2.56 -20.29
C ALA C 23 0.02 -1.60 -21.41
N THR C 24 0.78 -0.56 -21.08
CA THR C 24 1.18 0.44 -22.07
C THR C 24 2.67 0.35 -22.40
N LYS C 25 3.00 0.55 -23.67
CA LYS C 25 4.39 0.49 -24.13
C LYS C 25 4.59 1.42 -25.34
N PRO C 26 4.50 2.74 -25.12
CA PRO C 26 4.67 3.73 -26.18
C PRO C 26 6.13 4.12 -26.41
N SER C 27 6.99 3.12 -26.50
CA SER C 27 8.41 3.37 -26.72
C SER C 27 9.07 2.21 -27.48
N ILE C 28 9.82 2.55 -28.52
CA ILE C 28 10.50 1.54 -29.34
C ILE C 28 11.84 2.08 -29.84
N ALA C 29 12.65 2.57 -28.91
CA ALA C 29 13.96 3.11 -29.24
C ALA C 29 14.77 3.42 -27.99
N SER C 30 16.01 2.93 -27.95
CA SER C 30 16.88 3.15 -26.81
C SER C 30 18.35 3.15 -27.24
N HIS A 1 -14.31 -1.32 27.13
CA HIS A 1 -15.19 -0.41 27.91
C HIS A 1 -14.73 -0.30 29.36
N MET A 2 -14.36 -1.45 29.94
CA MET A 2 -13.90 -1.48 31.32
C MET A 2 -12.65 -0.62 31.51
N LYS A 3 -11.72 -0.73 30.58
CA LYS A 3 -10.48 0.05 30.64
C LYS A 3 -10.78 1.54 30.56
N GLU A 4 -10.07 2.32 31.38
CA GLU A 4 -10.26 3.77 31.42
C GLU A 4 -9.16 4.43 32.24
N GLU A 5 -7.92 4.02 32.00
CA GLU A 5 -6.78 4.57 32.72
C GLU A 5 -6.54 6.03 32.32
N SER A 6 -6.28 6.86 33.31
CA SER A 6 -6.02 8.28 33.09
C SER A 6 -4.84 8.48 32.13
N GLU A 7 -4.91 9.54 31.33
CA GLU A 7 -3.86 9.86 30.36
C GLU A 7 -3.77 8.78 29.28
N LYS A 8 -4.91 8.47 28.69
CA LYS A 8 -4.97 7.46 27.63
C LYS A 8 -4.14 7.87 26.42
N PRO A 9 -3.35 6.94 25.87
CA PRO A 9 -2.50 7.22 24.70
C PRO A 9 -3.32 7.49 23.44
N ARG A 10 -2.89 6.91 22.32
CA ARG A 10 -3.59 7.10 21.05
C ARG A 10 -3.05 6.13 20.00
N GLY A 11 -3.96 5.57 19.20
CA GLY A 11 -3.56 4.63 18.17
C GLY A 11 -3.22 3.28 18.74
N PHE A 12 -2.09 2.73 18.32
CA PHE A 12 -1.63 1.42 18.80
C PHE A 12 -1.13 1.48 20.23
N ALA A 13 -2.04 1.78 21.16
CA ALA A 13 -1.70 1.88 22.57
C ALA A 13 -1.24 0.52 23.12
N ARG A 14 -2.00 -0.03 24.06
CA ARG A 14 -1.65 -1.32 24.65
C ARG A 14 -1.57 -2.41 23.59
N GLY A 15 -2.51 -2.39 22.64
CA GLY A 15 -2.51 -3.39 21.59
C GLY A 15 -3.89 -3.57 20.98
N LEU A 16 -4.58 -2.47 20.73
CA LEU A 16 -5.92 -2.53 20.15
C LEU A 16 -5.88 -3.09 18.73
N GLU A 17 -6.81 -3.99 18.44
CA GLU A 17 -6.89 -4.61 17.12
C GLU A 17 -7.59 -3.68 16.12
N PRO A 18 -7.00 -3.48 14.93
CA PRO A 18 -7.58 -2.61 13.91
C PRO A 18 -8.86 -3.21 13.32
N GLU A 19 -9.96 -2.47 13.43
CA GLU A 19 -11.24 -2.93 12.92
C GLU A 19 -11.29 -2.80 11.39
N ARG A 20 -10.97 -1.61 10.90
CA ARG A 20 -10.95 -1.34 9.46
C ARG A 20 -10.47 0.08 9.20
N ILE A 21 -9.53 0.20 8.28
CA ILE A 21 -8.97 1.51 7.92
C ILE A 21 -9.97 2.33 7.11
N ILE A 22 -10.09 3.60 7.44
CA ILE A 22 -11.00 4.51 6.74
C ILE A 22 -10.45 5.93 6.74
N GLY A 23 -9.13 6.04 6.75
CA GLY A 23 -8.50 7.35 6.75
C GLY A 23 -7.14 7.34 6.10
N ALA A 24 -6.80 8.45 5.45
CA ALA A 24 -5.53 8.60 4.75
C ALA A 24 -5.46 9.97 4.11
N THR A 25 -4.41 10.72 4.42
CA THR A 25 -4.24 12.06 3.87
C THR A 25 -2.78 12.47 3.81
N ASP A 26 -2.37 12.99 2.66
CA ASP A 26 -0.99 13.43 2.49
C ASP A 26 -0.78 14.80 3.13
N SER A 27 -0.31 14.80 4.38
CA SER A 27 -0.07 16.04 5.10
C SER A 27 1.09 16.82 4.47
N SER A 28 2.03 17.27 5.30
CA SER A 28 3.18 18.01 4.81
C SER A 28 3.89 17.25 3.70
N GLY A 29 3.97 15.93 3.86
CA GLY A 29 4.62 15.09 2.87
C GLY A 29 4.62 13.63 3.26
N GLU A 30 3.49 13.16 3.82
CA GLU A 30 3.36 11.79 4.24
C GLU A 30 1.89 11.42 4.47
N LEU A 31 1.52 10.20 4.08
CA LEU A 31 0.16 9.73 4.25
C LEU A 31 -0.17 9.63 5.74
N MET A 32 -1.46 9.68 6.07
CA MET A 32 -1.88 9.59 7.45
C MET A 32 -3.10 8.67 7.58
N PHE A 33 -2.84 7.43 7.95
CA PHE A 33 -3.89 6.42 8.10
C PHE A 33 -4.67 6.60 9.39
N LEU A 34 -5.98 6.82 9.28
CA LEU A 34 -6.84 6.97 10.45
C LEU A 34 -7.31 5.60 10.91
N MET A 35 -6.51 4.94 11.73
CA MET A 35 -6.82 3.61 12.23
C MET A 35 -8.07 3.60 13.10
N LYS A 36 -9.04 2.78 12.72
CA LYS A 36 -10.28 2.65 13.48
C LYS A 36 -10.12 1.58 14.55
N TRP A 37 -10.76 1.78 15.70
CA TRP A 37 -10.67 0.82 16.79
C TRP A 37 -12.04 0.36 17.27
N LYS A 38 -12.18 -0.96 17.42
CA LYS A 38 -13.43 -1.55 17.87
C LYS A 38 -13.73 -1.22 19.32
N ASN A 39 -12.76 -1.46 20.18
CA ASN A 39 -12.91 -1.20 21.60
C ASN A 39 -12.87 0.30 21.90
N SER A 40 -11.86 0.98 21.35
CA SER A 40 -11.71 2.42 21.57
C SER A 40 -12.76 3.19 20.77
N ASP A 41 -13.55 4.00 21.47
CA ASP A 41 -14.58 4.80 20.83
C ASP A 41 -14.04 6.16 20.41
N GLU A 42 -12.79 6.18 19.95
CA GLU A 42 -12.14 7.41 19.52
C GLU A 42 -11.14 7.14 18.41
N ALA A 43 -11.26 7.89 17.32
CA ALA A 43 -10.36 7.75 16.17
C ALA A 43 -8.98 8.32 16.45
N ASP A 44 -7.96 7.77 15.79
CA ASP A 44 -6.59 8.23 15.97
C ASP A 44 -5.81 8.12 14.66
N LEU A 45 -5.26 9.25 14.22
CA LEU A 45 -4.49 9.29 12.98
C LEU A 45 -3.04 8.89 13.21
N VAL A 46 -2.47 8.13 12.29
CA VAL A 46 -1.08 7.68 12.38
C VAL A 46 -0.38 7.76 11.03
N PRO A 47 0.83 8.35 10.99
CA PRO A 47 1.60 8.50 9.76
C PRO A 47 1.87 7.16 9.06
N ALA A 48 1.82 7.17 7.74
CA ALA A 48 2.05 5.96 6.95
C ALA A 48 3.42 5.36 7.26
N LYS A 49 4.43 6.21 7.32
CA LYS A 49 5.78 5.76 7.60
C LYS A 49 5.82 4.93 8.88
N GLU A 50 5.03 5.37 9.85
CA GLU A 50 4.95 4.66 11.14
C GLU A 50 4.07 3.41 11.02
N ALA A 51 2.96 3.54 10.31
CA ALA A 51 2.03 2.44 10.12
C ALA A 51 2.70 1.24 9.47
N ASN A 52 3.67 1.49 8.60
CA ASN A 52 4.37 0.43 7.89
C ASN A 52 4.83 -0.67 8.85
N VAL A 53 5.36 -0.28 10.00
CA VAL A 53 5.83 -1.25 10.98
C VAL A 53 4.68 -1.74 11.86
N LYS A 54 3.71 -0.87 12.09
CA LYS A 54 2.55 -1.21 12.92
C LYS A 54 1.86 -2.48 12.43
N CYS A 55 1.53 -2.50 11.15
CA CYS A 55 0.86 -3.63 10.54
C CYS A 55 0.75 -3.46 9.02
N PRO A 56 1.83 -3.81 8.29
CA PRO A 56 1.85 -3.68 6.82
C PRO A 56 0.78 -4.52 6.14
N GLN A 57 0.60 -5.74 6.63
CA GLN A 57 -0.40 -6.65 6.06
C GLN A 57 -1.79 -6.00 6.07
N VAL A 58 -2.10 -5.26 7.12
CA VAL A 58 -3.39 -4.60 7.24
C VAL A 58 -3.55 -3.45 6.24
N VAL A 59 -2.56 -2.56 6.20
CA VAL A 59 -2.60 -1.42 5.29
C VAL A 59 -2.59 -1.86 3.83
N ILE A 60 -1.74 -2.83 3.50
CA ILE A 60 -1.64 -3.33 2.13
C ILE A 60 -3.00 -3.85 1.66
N SER A 61 -3.70 -4.53 2.56
CA SER A 61 -5.02 -5.07 2.25
C SER A 61 -6.03 -3.97 2.00
N PHE A 62 -5.96 -2.90 2.80
CA PHE A 62 -6.87 -1.78 2.67
C PHE A 62 -6.90 -1.24 1.24
N TYR A 63 -5.72 -1.00 0.68
CA TYR A 63 -5.63 -0.49 -0.69
C TYR A 63 -6.26 -1.46 -1.69
N GLU A 64 -6.05 -2.75 -1.47
CA GLU A 64 -6.60 -3.78 -2.36
C GLU A 64 -8.11 -3.62 -2.51
N GLU A 65 -8.80 -3.40 -1.40
CA GLU A 65 -10.25 -3.25 -1.43
C GLU A 65 -10.65 -1.99 -2.19
N ARG A 66 -9.99 -0.88 -1.88
CA ARG A 66 -10.27 0.39 -2.54
C ARG A 66 -9.51 0.52 -3.85
N LEU A 67 -9.40 -0.60 -4.58
CA LEU A 67 -8.71 -0.61 -5.86
C LEU A 67 -9.70 -0.34 -7.00
N THR A 68 -9.27 0.43 -7.99
CA THR A 68 -10.15 0.77 -9.12
C THR A 68 -9.49 0.48 -10.47
N TRP A 69 -8.18 0.50 -10.49
CA TRP A 69 -7.40 0.24 -11.70
C TRP A 69 -7.57 1.38 -12.71
N HIS A 70 -6.46 1.75 -13.34
CA HIS A 70 -6.46 2.81 -14.34
C HIS A 70 -7.34 2.45 -15.54
N SER A 71 -6.71 1.97 -16.61
CA SER A 71 -7.45 1.58 -17.82
C SER A 71 -6.51 0.89 -18.81
N TYR A 72 -6.98 -0.22 -19.38
CA TYR A 72 -6.18 -0.97 -20.33
C TYR A 72 -5.93 -0.15 -21.59
N PRO A 73 -4.66 0.12 -21.91
CA PRO A 73 -4.28 0.90 -23.10
C PRO A 73 -4.35 0.09 -24.39
N SER A 74 -3.78 -1.11 -24.36
CA SER A 74 -3.77 -2.01 -25.52
C SER A 74 -3.23 -1.29 -26.75
N ASP A 75 -2.14 -0.54 -26.57
CA ASP A 75 -1.53 0.20 -27.67
C ASP A 75 -1.09 -0.75 -28.78
N HIS B 1 25.75 -8.18 -14.09
CA HIS B 1 26.07 -8.52 -15.50
C HIS B 1 26.97 -9.74 -15.58
N MET B 2 27.98 -9.78 -14.72
CA MET B 2 28.92 -10.90 -14.69
C MET B 2 28.19 -12.22 -14.45
N LYS B 3 27.25 -12.21 -13.50
CA LYS B 3 26.49 -13.40 -13.17
C LYS B 3 25.67 -13.88 -14.36
N GLU B 4 25.63 -15.19 -14.56
CA GLU B 4 24.89 -15.77 -15.68
C GLU B 4 24.81 -17.29 -15.54
N GLU B 5 24.50 -17.75 -14.32
CA GLU B 5 24.38 -19.18 -14.06
C GLU B 5 23.17 -19.76 -14.77
N SER B 6 23.35 -20.93 -15.37
CA SER B 6 22.28 -21.61 -16.11
C SER B 6 21.10 -21.88 -15.19
N GLU B 7 19.89 -21.85 -15.76
CA GLU B 7 18.66 -22.08 -15.00
C GLU B 7 18.44 -20.98 -13.98
N LYS B 8 18.49 -19.73 -14.43
CA LYS B 8 18.29 -18.59 -13.56
C LYS B 8 16.88 -18.59 -12.96
N PRO B 9 16.76 -18.31 -11.65
CA PRO B 9 15.47 -18.28 -10.96
C PRO B 9 14.60 -17.11 -11.42
N ARG B 10 13.92 -16.47 -10.45
CA ARG B 10 13.06 -15.34 -10.76
C ARG B 10 12.54 -14.68 -9.47
N GLY B 11 12.69 -13.36 -9.39
CA GLY B 11 12.23 -12.63 -8.22
C GLY B 11 12.92 -13.04 -6.94
N PHE B 12 13.57 -12.08 -6.29
CA PHE B 12 14.27 -12.32 -5.03
C PHE B 12 15.09 -13.60 -5.09
N ALA B 13 15.82 -13.78 -6.18
CA ALA B 13 16.67 -14.96 -6.35
C ALA B 13 17.74 -15.01 -5.27
N ARG B 14 18.99 -14.78 -5.65
CA ARG B 14 20.09 -14.80 -4.69
C ARG B 14 19.92 -13.70 -3.64
N GLY B 15 19.42 -12.55 -4.08
CA GLY B 15 19.21 -11.43 -3.17
C GLY B 15 19.26 -10.09 -3.88
N LEU B 16 18.67 -10.02 -5.06
CA LEU B 16 18.65 -8.79 -5.83
C LEU B 16 17.89 -7.68 -5.10
N GLU B 17 18.45 -6.48 -5.10
CA GLU B 17 17.84 -5.34 -4.44
C GLU B 17 16.73 -4.75 -5.31
N PRO B 18 15.51 -4.56 -4.76
CA PRO B 18 14.40 -3.99 -5.50
C PRO B 18 14.63 -2.53 -5.86
N GLU B 19 14.59 -2.22 -7.15
CA GLU B 19 14.80 -0.85 -7.61
C GLU B 19 13.51 -0.04 -7.52
N ARG B 20 12.42 -0.58 -8.07
CA ARG B 20 11.13 0.09 -8.05
C ARG B 20 10.04 -0.80 -8.63
N ILE B 21 8.92 -0.89 -7.92
CA ILE B 21 7.79 -1.70 -8.38
C ILE B 21 7.16 -1.10 -9.63
N ILE B 22 6.91 -1.94 -10.62
CA ILE B 22 6.31 -1.49 -11.87
C ILE B 22 4.78 -1.42 -11.77
N GLY B 23 4.17 -2.48 -11.23
CA GLY B 23 2.73 -2.51 -11.10
C GLY B 23 2.21 -3.75 -10.39
N ALA B 24 1.02 -4.19 -10.81
CA ALA B 24 0.38 -5.37 -10.22
C ALA B 24 -0.81 -5.82 -11.06
N THR B 25 -1.05 -7.13 -11.07
CA THR B 25 -2.17 -7.69 -11.85
C THR B 25 -2.74 -8.94 -11.17
N ASP B 26 -4.06 -9.00 -11.07
CA ASP B 26 -4.74 -10.12 -10.44
C ASP B 26 -4.72 -11.38 -11.32
N SER B 27 -3.56 -12.03 -11.39
CA SER B 27 -3.43 -13.24 -12.18
C SER B 27 -4.16 -14.40 -11.51
N SER B 28 -5.15 -14.96 -12.22
CA SER B 28 -5.94 -16.09 -11.71
C SER B 28 -6.89 -15.64 -10.60
N GLY B 29 -6.34 -15.01 -9.56
CA GLY B 29 -7.15 -14.54 -8.45
C GLY B 29 -6.31 -13.94 -7.35
N GLU B 30 -5.12 -13.46 -7.71
CA GLU B 30 -4.20 -12.86 -6.75
C GLU B 30 -3.33 -11.81 -7.43
N LEU B 31 -3.22 -10.64 -6.79
CA LEU B 31 -2.42 -9.56 -7.34
C LEU B 31 -0.94 -9.95 -7.40
N MET B 32 -0.33 -9.76 -8.56
CA MET B 32 1.08 -10.08 -8.74
C MET B 32 1.89 -8.83 -9.01
N PHE B 33 2.88 -8.58 -8.17
CA PHE B 33 3.72 -7.39 -8.32
C PHE B 33 4.95 -7.70 -9.15
N LEU B 34 5.14 -6.93 -10.22
CA LEU B 34 6.30 -7.11 -11.08
C LEU B 34 7.50 -6.36 -10.51
N MET B 35 8.32 -7.06 -9.75
CA MET B 35 9.50 -6.45 -9.13
C MET B 35 10.60 -6.19 -10.15
N LYS B 36 10.97 -4.91 -10.28
CA LYS B 36 12.03 -4.51 -11.19
C LYS B 36 13.39 -4.69 -10.52
N TRP B 37 14.41 -5.04 -11.29
CA TRP B 37 15.73 -5.24 -10.72
C TRP B 37 16.79 -4.44 -11.46
N LYS B 38 17.64 -3.78 -10.69
CA LYS B 38 18.72 -2.96 -11.24
C LYS B 38 19.72 -3.80 -12.01
N ASN B 39 20.19 -4.87 -11.38
CA ASN B 39 21.15 -5.77 -11.99
C ASN B 39 20.50 -6.67 -13.03
N SER B 40 19.39 -7.30 -12.65
CA SER B 40 18.67 -8.19 -13.56
C SER B 40 17.93 -7.39 -14.63
N ASP B 41 18.22 -7.69 -15.89
CA ASP B 41 17.58 -7.01 -17.00
C ASP B 41 16.32 -7.74 -17.45
N GLU B 42 15.59 -8.29 -16.48
CA GLU B 42 14.36 -9.03 -16.79
C GLU B 42 13.35 -8.91 -15.65
N ALA B 43 12.13 -8.52 -16.01
CA ALA B 43 11.06 -8.37 -15.05
C ALA B 43 10.50 -9.73 -14.64
N ASP B 44 10.17 -9.89 -13.36
CA ASP B 44 9.65 -11.15 -12.86
C ASP B 44 8.41 -10.95 -12.00
N LEU B 45 7.35 -11.68 -12.32
CA LEU B 45 6.09 -11.58 -11.58
C LEU B 45 6.17 -12.34 -10.26
N VAL B 46 5.56 -11.78 -9.22
CA VAL B 46 5.54 -12.41 -7.90
C VAL B 46 4.20 -12.16 -7.21
N PRO B 47 3.60 -13.22 -6.62
CA PRO B 47 2.30 -13.11 -5.94
C PRO B 47 2.34 -12.11 -4.80
N ALA B 48 1.19 -11.48 -4.55
CA ALA B 48 1.06 -10.51 -3.48
C ALA B 48 1.44 -11.11 -2.15
N LYS B 49 0.99 -12.35 -1.93
CA LYS B 49 1.28 -13.06 -0.68
C LYS B 49 2.78 -13.16 -0.46
N GLU B 50 3.50 -13.50 -1.51
CA GLU B 50 4.96 -13.63 -1.44
C GLU B 50 5.61 -12.27 -1.20
N ALA B 51 5.06 -11.24 -1.86
CA ALA B 51 5.59 -9.88 -1.74
C ALA B 51 5.43 -9.34 -0.31
N ASN B 52 4.27 -9.57 0.28
CA ASN B 52 3.98 -9.09 1.64
C ASN B 52 5.07 -9.49 2.63
N VAL B 53 5.61 -10.70 2.49
CA VAL B 53 6.64 -11.18 3.39
C VAL B 53 8.04 -10.74 2.96
N LYS B 54 8.29 -10.76 1.65
CA LYS B 54 9.60 -10.39 1.12
C LYS B 54 9.96 -8.94 1.44
N CYS B 55 9.04 -8.01 1.23
CA CYS B 55 9.30 -6.60 1.49
C CYS B 55 8.00 -5.78 1.49
N PRO B 56 7.20 -5.87 2.57
CA PRO B 56 5.96 -5.12 2.69
C PRO B 56 6.18 -3.62 2.62
N GLN B 57 7.33 -3.17 3.13
CA GLN B 57 7.68 -1.75 3.12
C GLN B 57 7.61 -1.18 1.71
N VAL B 58 8.34 -1.80 0.78
CA VAL B 58 8.36 -1.36 -0.61
C VAL B 58 6.96 -1.46 -1.20
N VAL B 59 6.25 -2.51 -0.80
CA VAL B 59 4.90 -2.76 -1.26
C VAL B 59 3.95 -1.63 -0.90
N ILE B 60 3.97 -1.23 0.36
CA ILE B 60 3.12 -0.14 0.84
C ILE B 60 3.48 1.16 0.15
N SER B 61 4.77 1.36 -0.07
CA SER B 61 5.28 2.57 -0.72
C SER B 61 4.74 2.70 -2.14
N PHE B 62 4.67 1.58 -2.86
CA PHE B 62 4.18 1.59 -4.24
C PHE B 62 2.81 2.24 -4.30
N TYR B 63 1.89 1.78 -3.46
CA TYR B 63 0.54 2.33 -3.44
C TYR B 63 0.55 3.79 -2.97
N GLU B 64 1.43 4.10 -2.02
CA GLU B 64 1.53 5.46 -1.49
C GLU B 64 1.59 6.47 -2.64
N GLU B 65 2.43 6.18 -3.63
CA GLU B 65 2.58 7.03 -4.79
C GLU B 65 1.37 6.89 -5.70
N ARG B 66 1.01 5.64 -5.98
CA ARG B 66 -0.14 5.33 -6.83
C ARG B 66 -1.45 5.43 -6.05
N LEU B 67 -1.62 6.51 -5.31
CA LEU B 67 -2.82 6.72 -4.51
C LEU B 67 -3.50 8.03 -4.86
N THR B 68 -4.82 8.03 -4.82
CA THR B 68 -5.60 9.21 -5.12
C THR B 68 -6.89 9.22 -4.31
N TRP B 69 -7.19 10.37 -3.73
CA TRP B 69 -8.37 10.53 -2.90
C TRP B 69 -9.65 10.55 -3.72
N HIS B 70 -10.65 9.80 -3.27
CA HIS B 70 -11.94 9.74 -3.94
C HIS B 70 -12.75 10.99 -3.62
N SER B 71 -13.77 11.25 -4.42
CA SER B 71 -14.62 12.43 -4.22
C SER B 71 -15.07 12.52 -2.77
N TYR B 72 -14.85 13.69 -2.16
CA TYR B 72 -15.23 13.91 -0.76
C TYR B 72 -16.74 13.78 -0.60
N PRO B 73 -17.20 12.87 0.28
CA PRO B 73 -18.63 12.66 0.52
C PRO B 73 -19.28 13.81 1.29
N SER B 74 -19.08 13.82 2.60
CA SER B 74 -19.64 14.87 3.45
C SER B 74 -21.14 15.03 3.20
N ASP B 75 -21.85 13.90 3.13
CA ASP B 75 -23.28 13.91 2.89
C ASP B 75 -24.02 14.64 4.02
N GLY C 1 -14.23 27.82 16.60
CA GLY C 1 -14.77 26.57 17.20
C GLY C 1 -13.87 25.38 16.94
N SER C 2 -12.57 25.57 17.12
CA SER C 2 -11.59 24.51 16.91
C SER C 2 -11.54 23.57 18.12
N LYS C 3 -12.70 23.18 18.61
CA LYS C 3 -12.78 22.28 19.77
C LYS C 3 -12.07 20.97 19.48
N ALA C 4 -12.34 20.40 18.31
CA ALA C 4 -11.72 19.15 17.90
C ALA C 4 -10.22 19.32 17.67
N GLY C 5 -9.43 18.39 18.19
CA GLY C 5 -7.99 18.46 18.03
C GLY C 5 -7.56 18.46 16.58
N ASP C 6 -8.13 17.56 15.80
CA ASP C 6 -7.81 17.44 14.38
C ASP C 6 -8.30 18.67 13.61
N LEU C 7 -7.48 19.12 12.67
CA LEU C 7 -7.81 20.28 11.85
C LEU C 7 -8.76 19.85 10.73
N LEU C 8 -9.22 18.61 10.82
CA LEU C 8 -10.13 18.03 9.83
C LEU C 8 -9.40 17.76 8.52
N PHE C 9 -9.82 16.72 7.82
CA PHE C 9 -9.19 16.33 6.57
C PHE C 9 -10.18 15.66 5.63
N ILE C 10 -9.79 14.54 5.03
CA ILE C 10 -10.64 13.83 4.08
C ILE C 10 -11.17 12.52 4.67
N GLU C 11 -12.43 12.23 4.40
CA GLU C 11 -13.07 11.02 4.90
C GLU C 11 -13.81 10.31 3.79
N LYS C 12 -13.11 10.03 2.70
CA LYS C 12 -13.71 9.35 1.55
C LYS C 12 -13.19 7.92 1.43
N VAL C 13 -12.96 7.47 0.20
CA VAL C 13 -12.46 6.13 -0.05
C VAL C 13 -11.27 6.19 -1.00
N PRO C 14 -10.06 6.43 -0.48
CA PRO C 14 -8.84 6.53 -1.27
C PRO C 14 -8.69 5.42 -2.30
N VAL C 15 -9.21 5.66 -3.49
CA VAL C 15 -9.12 4.69 -4.58
C VAL C 15 -7.71 4.60 -5.11
N VAL C 16 -7.31 3.40 -5.54
CA VAL C 16 -5.97 3.18 -6.07
C VAL C 16 -6.01 2.96 -7.56
N VAL C 17 -5.09 3.60 -8.28
CA VAL C 17 -5.02 3.48 -9.72
C VAL C 17 -3.80 2.65 -10.14
N LEU C 18 -4.06 1.64 -10.97
CA LEU C 18 -3.01 0.75 -11.45
C LEU C 18 -3.36 0.22 -12.85
N GLU C 19 -2.39 0.24 -13.74
CA GLU C 19 -2.60 -0.22 -15.10
C GLU C 19 -1.91 -1.56 -15.34
N ASP C 20 -2.33 -2.57 -14.57
CA ASP C 20 -1.77 -3.92 -14.70
C ASP C 20 -0.27 -3.93 -14.44
N ILE C 21 0.50 -4.60 -15.30
CA ILE C 21 1.94 -4.69 -15.14
C ILE C 21 2.67 -4.32 -16.44
N LEU C 22 2.16 -4.80 -17.56
CA LEU C 22 2.76 -4.50 -18.87
C LEU C 22 1.72 -3.95 -19.83
N ALA C 23 0.77 -3.19 -19.29
CA ALA C 23 -0.28 -2.61 -20.10
C ALA C 23 0.29 -1.59 -21.08
N THR C 24 1.05 -0.63 -20.56
CA THR C 24 1.68 0.39 -21.39
C THR C 24 3.20 0.24 -21.40
N LYS C 25 3.77 0.06 -22.59
CA LYS C 25 5.22 -0.10 -22.72
C LYS C 25 5.70 0.39 -24.10
N PRO C 26 5.49 1.68 -24.42
CA PRO C 26 5.93 2.24 -25.69
C PRO C 26 7.44 2.25 -25.83
N SER C 27 8.11 2.90 -24.87
CA SER C 27 9.56 2.98 -24.87
C SER C 27 10.09 3.11 -23.44
N ILE C 28 11.10 2.31 -23.12
CA ILE C 28 11.69 2.33 -21.79
C ILE C 28 13.17 1.94 -21.85
N ALA C 29 13.84 2.36 -22.90
CA ALA C 29 15.26 2.07 -23.09
C ALA C 29 15.52 0.57 -23.02
N SER C 30 14.70 -0.20 -23.75
CA SER C 30 14.84 -1.65 -23.78
C SER C 30 14.37 -2.21 -25.11
N HIS A 1 -15.11 1.27 27.19
CA HIS A 1 -14.39 1.30 28.50
C HIS A 1 -14.07 -0.11 28.99
N MET A 2 -13.60 -0.95 28.07
CA MET A 2 -13.26 -2.33 28.40
C MET A 2 -12.07 -2.38 29.35
N LYS A 3 -11.04 -1.59 29.06
CA LYS A 3 -9.84 -1.56 29.90
C LYS A 3 -10.17 -1.05 31.31
N GLU A 4 -9.74 -1.79 32.32
CA GLU A 4 -9.98 -1.42 33.70
C GLU A 4 -9.04 -0.30 34.13
N GLU A 5 -7.77 -0.42 33.73
CA GLU A 5 -6.75 0.58 34.08
C GLU A 5 -7.13 1.96 33.55
N SER A 6 -7.04 2.96 34.43
CA SER A 6 -7.35 4.33 34.07
C SER A 6 -6.28 4.92 33.14
N GLU A 7 -6.63 5.96 32.42
CA GLU A 7 -5.70 6.62 31.50
C GLU A 7 -5.30 5.67 30.37
N LYS A 8 -6.30 5.12 29.70
CA LYS A 8 -6.08 4.19 28.59
C LYS A 8 -5.24 4.83 27.50
N PRO A 9 -4.28 4.08 26.92
CA PRO A 9 -3.41 4.59 25.85
C PRO A 9 -4.17 4.91 24.57
N ARG A 10 -3.57 4.58 23.42
CA ARG A 10 -4.21 4.82 22.13
C ARG A 10 -3.38 4.24 20.98
N GLY A 11 -4.04 3.99 19.86
CA GLY A 11 -3.38 3.43 18.70
C GLY A 11 -3.00 1.96 18.89
N PHE A 12 -1.85 1.58 18.38
CA PHE A 12 -1.37 0.20 18.50
C PHE A 12 -0.73 -0.03 19.85
N ALA A 13 -1.43 0.37 20.90
CA ALA A 13 -0.94 0.22 22.26
C ALA A 13 -0.73 -1.26 22.61
N ARG A 14 -1.54 -1.78 23.54
CA ARG A 14 -1.43 -3.17 23.95
C ARG A 14 -1.64 -4.13 22.79
N GLY A 15 -2.54 -3.76 21.87
CA GLY A 15 -2.80 -4.61 20.72
C GLY A 15 -4.23 -4.52 20.25
N LEU A 16 -4.74 -3.30 20.13
CA LEU A 16 -6.11 -3.07 19.69
C LEU A 16 -6.34 -3.61 18.28
N GLU A 17 -7.44 -4.33 18.09
CA GLU A 17 -7.78 -4.90 16.80
C GLU A 17 -8.20 -3.81 15.81
N PRO A 18 -7.55 -3.74 14.63
CA PRO A 18 -7.91 -2.74 13.62
C PRO A 18 -9.24 -3.09 12.96
N GLU A 19 -10.25 -2.24 13.16
CA GLU A 19 -11.56 -2.48 12.58
C GLU A 19 -11.56 -2.22 11.07
N ARG A 20 -11.14 -1.03 10.67
CA ARG A 20 -11.09 -0.67 9.26
C ARG A 20 -10.54 0.74 9.07
N ILE A 21 -9.65 0.90 8.09
CA ILE A 21 -9.06 2.19 7.80
C ILE A 21 -10.05 3.10 7.07
N ILE A 22 -10.08 4.37 7.45
CA ILE A 22 -10.99 5.34 6.84
C ILE A 22 -10.40 6.75 6.87
N GLY A 23 -9.12 6.85 6.55
CA GLY A 23 -8.46 8.14 6.54
C GLY A 23 -7.05 8.07 5.98
N ALA A 24 -6.62 9.15 5.34
CA ALA A 24 -5.28 9.21 4.74
C ALA A 24 -5.03 10.60 4.17
N THR A 25 -3.88 11.18 4.50
CA THR A 25 -3.54 12.51 4.00
C THR A 25 -2.03 12.71 3.93
N ASP A 26 -1.58 13.23 2.80
CA ASP A 26 -0.16 13.48 2.58
C ASP A 26 0.28 14.72 3.35
N SER A 27 0.52 14.56 4.66
CA SER A 27 0.95 15.66 5.51
C SER A 27 2.33 16.17 5.09
N SER A 28 3.26 16.24 6.04
CA SER A 28 4.61 16.71 5.75
C SER A 28 5.23 15.88 4.63
N GLY A 29 5.00 14.57 4.68
CA GLY A 29 5.54 13.68 3.67
C GLY A 29 5.22 12.22 3.97
N GLU A 30 4.01 11.98 4.47
CA GLU A 30 3.58 10.63 4.80
C GLU A 30 2.06 10.58 4.99
N LEU A 31 1.44 9.51 4.51
CA LEU A 31 0.00 9.34 4.64
C LEU A 31 -0.39 9.15 6.10
N MET A 32 -1.28 10.01 6.59
CA MET A 32 -1.72 9.93 7.97
C MET A 32 -2.92 9.00 8.12
N PHE A 33 -2.67 7.69 8.00
CA PHE A 33 -3.73 6.69 8.12
C PHE A 33 -4.58 6.91 9.36
N LEU A 34 -5.88 7.11 9.16
CA LEU A 34 -6.80 7.32 10.27
C LEU A 34 -7.35 5.98 10.74
N MET A 35 -6.61 5.31 11.62
CA MET A 35 -7.02 4.00 12.13
C MET A 35 -8.21 4.12 13.09
N LYS A 36 -9.29 3.43 12.76
CA LYS A 36 -10.48 3.44 13.58
C LYS A 36 -10.41 2.35 14.65
N TRP A 37 -10.83 2.68 15.87
CA TRP A 37 -10.82 1.72 16.96
C TRP A 37 -12.22 1.35 17.41
N LYS A 38 -12.47 0.06 17.51
CA LYS A 38 -13.76 -0.47 17.90
C LYS A 38 -14.15 -0.11 19.32
N ASN A 39 -13.28 -0.40 20.27
CA ASN A 39 -13.58 -0.13 21.67
C ASN A 39 -12.83 1.08 22.21
N SER A 40 -11.54 1.19 21.89
CA SER A 40 -10.73 2.29 22.37
C SER A 40 -11.11 3.62 21.70
N ASP A 41 -10.17 4.56 21.71
CA ASP A 41 -10.39 5.88 21.11
C ASP A 41 -10.65 5.75 19.63
N GLU A 42 -11.89 5.43 19.27
CA GLU A 42 -12.28 5.26 17.87
C GLU A 42 -11.68 6.36 17.00
N ALA A 43 -11.11 5.95 15.88
CA ALA A 43 -10.47 6.88 14.94
C ALA A 43 -9.23 7.53 15.56
N ASP A 44 -8.10 7.39 14.87
CA ASP A 44 -6.84 7.97 15.33
C ASP A 44 -5.82 7.97 14.20
N LEU A 45 -5.27 9.15 13.91
CA LEU A 45 -4.30 9.31 12.84
C LEU A 45 -2.96 8.65 13.20
N VAL A 46 -2.31 8.05 12.20
CA VAL A 46 -1.03 7.39 12.40
C VAL A 46 -0.16 7.55 11.15
N PRO A 47 1.11 7.99 11.32
CA PRO A 47 2.02 8.19 10.19
C PRO A 47 2.15 6.94 9.33
N ALA A 48 2.09 7.13 8.01
CA ALA A 48 2.20 6.01 7.08
C ALA A 48 3.41 5.14 7.39
N LYS A 49 4.56 5.77 7.60
CA LYS A 49 5.79 5.04 7.92
C LYS A 49 5.58 4.12 9.11
N GLU A 50 4.89 4.63 10.14
CA GLU A 50 4.62 3.85 11.33
C GLU A 50 3.61 2.75 11.07
N ALA A 51 2.55 3.07 10.33
CA ALA A 51 1.51 2.11 10.00
C ALA A 51 2.07 0.91 9.26
N ASN A 52 3.07 1.13 8.42
CA ASN A 52 3.69 0.05 7.65
C ASN A 52 4.20 -1.06 8.55
N VAL A 53 4.90 -0.69 9.62
CA VAL A 53 5.45 -1.66 10.55
C VAL A 53 4.38 -2.23 11.49
N LYS A 54 3.41 -1.41 11.87
CA LYS A 54 2.35 -1.83 12.76
C LYS A 54 1.55 -3.01 12.19
N CYS A 55 1.13 -2.88 10.94
CA CYS A 55 0.35 -3.93 10.29
C CYS A 55 0.25 -3.69 8.78
N PRO A 56 1.28 -4.08 8.02
CA PRO A 56 1.29 -3.90 6.56
C PRO A 56 0.22 -4.75 5.89
N GLN A 57 0.00 -5.95 6.41
CA GLN A 57 -0.98 -6.86 5.85
C GLN A 57 -2.36 -6.20 5.80
N VAL A 58 -2.69 -5.46 6.85
CA VAL A 58 -3.98 -4.77 6.94
C VAL A 58 -4.05 -3.57 5.99
N VAL A 59 -3.01 -2.74 6.01
CA VAL A 59 -2.98 -1.55 5.17
C VAL A 59 -2.95 -1.92 3.69
N ILE A 60 -2.07 -2.87 3.32
CA ILE A 60 -1.95 -3.31 1.94
C ILE A 60 -3.30 -3.83 1.43
N SER A 61 -3.99 -4.58 2.28
CA SER A 61 -5.29 -5.14 1.91
C SER A 61 -6.32 -4.04 1.68
N PHE A 62 -6.24 -3.00 2.50
CA PHE A 62 -7.17 -1.87 2.39
C PHE A 62 -7.15 -1.29 0.98
N TYR A 63 -5.96 -1.05 0.45
CA TYR A 63 -5.80 -0.50 -0.89
C TYR A 63 -6.39 -1.44 -1.93
N GLU A 64 -6.18 -2.74 -1.73
CA GLU A 64 -6.68 -3.75 -2.65
C GLU A 64 -8.19 -3.62 -2.86
N GLU A 65 -8.91 -3.44 -1.77
CA GLU A 65 -10.37 -3.31 -1.83
C GLU A 65 -10.78 -2.07 -2.63
N ARG A 66 -10.15 -0.93 -2.31
CA ARG A 66 -10.46 0.31 -3.00
C ARG A 66 -9.66 0.45 -4.30
N LEU A 67 -9.43 -0.67 -4.97
CA LEU A 67 -8.68 -0.65 -6.23
C LEU A 67 -9.62 -0.40 -7.40
N THR A 68 -9.26 0.55 -8.26
CA THR A 68 -10.09 0.91 -9.41
C THR A 68 -9.49 0.41 -10.72
N TRP A 69 -8.18 0.34 -10.77
CA TRP A 69 -7.45 -0.11 -11.96
C TRP A 69 -7.51 0.91 -13.09
N HIS A 70 -6.38 1.07 -13.78
CA HIS A 70 -6.27 2.00 -14.90
C HIS A 70 -6.80 1.35 -16.18
N SER A 71 -7.20 2.17 -17.13
CA SER A 71 -7.71 1.66 -18.41
C SER A 71 -6.68 0.76 -19.08
N TYR A 72 -7.11 -0.45 -19.45
CA TYR A 72 -6.22 -1.41 -20.10
C TYR A 72 -5.96 -1.00 -21.55
N PRO A 73 -4.68 -1.00 -21.97
CA PRO A 73 -4.30 -0.62 -23.34
C PRO A 73 -4.93 -1.54 -24.38
N SER A 74 -4.21 -1.76 -25.49
CA SER A 74 -4.69 -2.63 -26.56
C SER A 74 -3.67 -2.73 -27.69
N ASP A 75 -3.05 -1.60 -28.01
CA ASP A 75 -2.04 -1.56 -29.08
C ASP A 75 -2.67 -1.93 -30.42
N HIS B 1 24.47 -8.54 -16.34
CA HIS B 1 25.23 -9.80 -16.12
C HIS B 1 26.31 -9.61 -15.06
N MET B 2 25.95 -8.95 -13.97
CA MET B 2 26.87 -8.68 -12.87
C MET B 2 27.35 -9.99 -12.25
N LYS B 3 26.39 -10.87 -11.94
CA LYS B 3 26.70 -12.15 -11.31
C LYS B 3 27.58 -13.01 -12.21
N GLU B 4 28.67 -13.52 -11.63
CA GLU B 4 29.61 -14.37 -12.36
C GLU B 4 29.05 -15.78 -12.50
N GLU B 5 28.43 -16.27 -11.44
CA GLU B 5 27.84 -17.61 -11.44
C GLU B 5 26.77 -17.75 -12.51
N SER B 6 26.86 -18.83 -13.29
CA SER B 6 25.90 -19.09 -14.35
C SER B 6 24.55 -19.51 -13.77
N GLU B 7 23.50 -19.36 -14.58
CA GLU B 7 22.15 -19.71 -14.14
C GLU B 7 21.69 -18.83 -12.99
N LYS B 8 21.78 -17.53 -13.19
CA LYS B 8 21.38 -16.56 -12.18
C LYS B 8 19.92 -16.75 -11.78
N PRO B 9 19.61 -16.65 -10.48
CA PRO B 9 18.24 -16.81 -9.97
C PRO B 9 17.30 -15.71 -10.45
N ARG B 10 16.41 -15.25 -9.56
CA ARG B 10 15.46 -14.19 -9.90
C ARG B 10 14.67 -13.73 -8.69
N GLY B 11 14.11 -12.53 -8.78
CA GLY B 11 13.33 -11.99 -7.68
C GLY B 11 14.17 -11.63 -6.48
N PHE B 12 13.64 -11.89 -5.29
CA PHE B 12 14.33 -11.58 -4.04
C PHE B 12 15.34 -12.67 -3.70
N ALA B 13 16.16 -13.01 -4.68
CA ALA B 13 17.18 -14.05 -4.51
C ALA B 13 18.21 -13.62 -3.46
N ARG B 14 19.47 -13.47 -3.88
CA ARG B 14 20.54 -13.09 -2.97
C ARG B 14 20.23 -11.79 -2.25
N GLY B 15 19.58 -10.85 -2.95
CA GLY B 15 19.25 -9.58 -2.34
C GLY B 15 19.27 -8.43 -3.34
N LEU B 16 18.63 -8.66 -4.49
CA LEU B 16 18.57 -7.65 -5.55
C LEU B 16 17.88 -6.38 -5.07
N GLU B 17 18.46 -5.23 -5.39
CA GLU B 17 17.90 -3.94 -4.99
C GLU B 17 16.63 -3.62 -5.78
N PRO B 18 15.49 -3.44 -5.08
CA PRO B 18 14.22 -3.11 -5.71
C PRO B 18 14.21 -1.68 -6.23
N GLU B 19 14.48 -1.51 -7.53
CA GLU B 19 14.52 -0.18 -8.13
C GLU B 19 13.15 0.49 -8.07
N ARG B 20 12.13 -0.21 -8.55
CA ARG B 20 10.77 0.32 -8.55
C ARG B 20 9.77 -0.71 -9.07
N ILE B 21 8.64 -0.83 -8.38
CA ILE B 21 7.60 -1.78 -8.76
C ILE B 21 6.85 -1.26 -9.98
N ILE B 22 6.65 -2.13 -10.98
CA ILE B 22 5.94 -1.75 -12.19
C ILE B 22 4.44 -1.68 -11.95
N GLY B 23 3.89 -2.71 -11.32
CA GLY B 23 2.47 -2.74 -11.04
C GLY B 23 2.03 -4.03 -10.35
N ALA B 24 0.87 -4.53 -10.76
CA ALA B 24 0.31 -5.76 -10.17
C ALA B 24 -0.87 -6.28 -10.99
N THR B 25 -0.94 -7.60 -11.15
CA THR B 25 -2.03 -8.22 -11.91
C THR B 25 -2.80 -9.22 -11.05
N ASP B 26 -4.12 -9.18 -11.14
CA ASP B 26 -4.97 -10.09 -10.37
C ASP B 26 -4.92 -11.49 -10.98
N SER B 27 -3.81 -12.18 -10.79
CA SER B 27 -3.64 -13.52 -11.32
C SER B 27 -4.15 -14.57 -10.34
N SER B 28 -5.00 -15.47 -10.85
CA SER B 28 -5.60 -16.54 -10.05
C SER B 28 -6.52 -15.99 -8.95
N GLY B 29 -5.93 -15.26 -8.01
CA GLY B 29 -6.72 -14.68 -6.93
C GLY B 29 -5.87 -13.83 -6.01
N GLU B 30 -4.75 -13.32 -6.55
CA GLU B 30 -3.84 -12.49 -5.78
C GLU B 30 -3.11 -11.51 -6.71
N LEU B 31 -3.07 -10.25 -6.30
CA LEU B 31 -2.39 -9.22 -7.09
C LEU B 31 -0.89 -9.44 -7.12
N MET B 32 -0.39 -10.10 -8.16
CA MET B 32 1.04 -10.35 -8.29
C MET B 32 1.77 -9.09 -8.70
N PHE B 33 2.80 -8.73 -7.93
CA PHE B 33 3.58 -7.54 -8.21
C PHE B 33 4.75 -7.84 -9.15
N LEU B 34 4.84 -7.08 -10.24
CA LEU B 34 5.92 -7.25 -11.19
C LEU B 34 7.14 -6.47 -10.75
N MET B 35 8.04 -7.13 -10.04
CA MET B 35 9.25 -6.48 -9.53
C MET B 35 10.27 -6.25 -10.64
N LYS B 36 10.58 -4.97 -10.86
CA LYS B 36 11.56 -4.60 -11.88
C LYS B 36 12.97 -4.66 -11.31
N TRP B 37 13.88 -5.33 -12.02
CA TRP B 37 15.25 -5.46 -11.56
C TRP B 37 16.20 -4.59 -12.39
N LYS B 38 17.01 -3.82 -11.68
CA LYS B 38 17.97 -2.91 -12.31
C LYS B 38 19.02 -3.65 -13.11
N ASN B 39 19.54 -4.74 -12.56
CA ASN B 39 20.58 -5.50 -13.24
C ASN B 39 20.12 -6.92 -13.61
N SER B 40 19.38 -7.55 -12.71
CA SER B 40 18.92 -8.92 -12.94
C SER B 40 17.77 -8.97 -13.94
N ASP B 41 17.00 -10.05 -13.90
CA ASP B 41 15.88 -10.25 -14.81
C ASP B 41 14.83 -9.16 -14.60
N GLU B 42 15.09 -7.99 -15.18
CA GLU B 42 14.18 -6.85 -15.07
C GLU B 42 12.74 -7.31 -15.23
N ALA B 43 11.89 -6.91 -14.29
CA ALA B 43 10.47 -7.27 -14.30
C ALA B 43 10.28 -8.77 -14.13
N ASP B 44 9.81 -9.17 -12.94
CA ASP B 44 9.56 -10.57 -12.62
C ASP B 44 8.28 -10.71 -11.81
N LEU B 45 7.43 -11.66 -12.19
CA LEU B 45 6.17 -11.90 -11.50
C LEU B 45 6.40 -12.42 -10.08
N VAL B 46 5.62 -11.89 -9.13
CA VAL B 46 5.72 -12.31 -7.74
C VAL B 46 4.34 -12.22 -7.08
N PRO B 47 3.89 -13.31 -6.41
CA PRO B 47 2.59 -13.33 -5.74
C PRO B 47 2.47 -12.26 -4.67
N ALA B 48 1.25 -11.76 -4.49
CA ALA B 48 0.98 -10.73 -3.49
C ALA B 48 1.39 -11.21 -2.11
N LYS B 49 1.11 -12.47 -1.80
CA LYS B 49 1.44 -13.04 -0.51
C LYS B 49 2.94 -12.98 -0.26
N GLU B 50 3.71 -13.30 -1.29
CA GLU B 50 5.16 -13.27 -1.21
C GLU B 50 5.70 -11.84 -1.19
N ALA B 51 5.02 -10.96 -1.92
CA ALA B 51 5.43 -9.56 -2.01
C ALA B 51 5.36 -8.85 -0.67
N ASN B 52 4.27 -9.04 0.05
CA ASN B 52 4.08 -8.40 1.35
C ASN B 52 5.15 -8.80 2.35
N VAL B 53 5.53 -10.07 2.36
CA VAL B 53 6.54 -10.55 3.30
C VAL B 53 7.95 -10.09 2.91
N LYS B 54 8.25 -10.11 1.61
CA LYS B 54 9.57 -9.72 1.13
C LYS B 54 9.88 -8.26 1.41
N CYS B 55 8.94 -7.36 1.11
CA CYS B 55 9.15 -5.94 1.35
C CYS B 55 7.82 -5.16 1.32
N PRO B 56 7.09 -5.17 2.44
CA PRO B 56 5.80 -4.47 2.55
C PRO B 56 5.96 -2.96 2.33
N GLN B 57 7.05 -2.41 2.83
CA GLN B 57 7.32 -0.97 2.70
C GLN B 57 7.27 -0.53 1.23
N VAL B 58 7.99 -1.25 0.37
CA VAL B 58 8.02 -0.93 -1.04
C VAL B 58 6.63 -1.07 -1.64
N VAL B 59 5.94 -2.11 -1.22
CA VAL B 59 4.58 -2.40 -1.70
C VAL B 59 3.59 -1.30 -1.29
N ILE B 60 3.52 -1.03 0.01
CA ILE B 60 2.62 -0.01 0.55
C ILE B 60 2.91 1.35 -0.08
N SER B 61 4.20 1.65 -0.22
CA SER B 61 4.63 2.93 -0.79
C SER B 61 4.20 3.07 -2.24
N PHE B 62 4.27 1.98 -3.01
CA PHE B 62 3.89 2.01 -4.42
C PHE B 62 2.52 2.66 -4.60
N TYR B 63 1.56 2.24 -3.80
CA TYR B 63 0.21 2.79 -3.88
C TYR B 63 0.18 4.25 -3.47
N GLU B 64 0.96 4.60 -2.44
CA GLU B 64 1.02 5.97 -1.94
C GLU B 64 1.27 6.95 -3.08
N GLU B 65 2.23 6.63 -3.94
CA GLU B 65 2.55 7.48 -5.07
C GLU B 65 1.38 7.54 -6.07
N ARG B 66 0.91 6.37 -6.46
CA ARG B 66 -0.21 6.27 -7.41
C ARG B 66 -1.54 6.29 -6.66
N LEU B 67 -1.60 7.11 -5.62
CA LEU B 67 -2.80 7.23 -4.81
C LEU B 67 -3.65 8.42 -5.25
N THR B 68 -4.96 8.23 -5.21
CA THR B 68 -5.92 9.27 -5.58
C THR B 68 -7.17 9.14 -4.73
N TRP B 69 -7.47 10.19 -3.98
CA TRP B 69 -8.62 10.18 -3.10
C TRP B 69 -9.92 10.49 -3.85
N HIS B 70 -10.96 9.75 -3.48
CA HIS B 70 -12.26 9.90 -4.10
C HIS B 70 -12.97 11.15 -3.57
N SER B 71 -14.10 11.49 -4.18
CA SER B 71 -14.89 12.65 -3.77
C SER B 71 -15.08 12.69 -2.27
N TYR B 72 -14.82 13.85 -1.67
CA TYR B 72 -14.98 14.02 -0.23
C TYR B 72 -16.45 14.02 0.16
N PRO B 73 -16.88 13.03 0.96
CA PRO B 73 -18.26 12.92 1.40
C PRO B 73 -18.56 13.85 2.56
N SER B 74 -19.68 14.58 2.47
CA SER B 74 -20.06 15.52 3.53
C SER B 74 -21.43 16.12 3.24
N ASP B 75 -22.29 16.12 4.25
CA ASP B 75 -23.64 16.67 4.12
C ASP B 75 -24.40 16.01 2.98
N GLY C 1 -18.21 7.51 12.71
CA GLY C 1 -18.79 8.73 12.11
C GLY C 1 -17.87 9.93 12.22
N SER C 2 -17.74 10.68 11.14
CA SER C 2 -16.88 11.87 11.12
C SER C 2 -17.45 12.96 12.02
N LYS C 3 -17.27 14.22 11.60
CA LYS C 3 -17.77 15.36 12.37
C LYS C 3 -18.10 16.53 11.44
N ALA C 4 -17.85 17.75 11.92
CA ALA C 4 -18.13 18.95 11.13
C ALA C 4 -17.19 19.06 9.93
N GLY C 5 -15.92 18.78 10.15
CA GLY C 5 -14.94 18.86 9.09
C GLY C 5 -13.59 18.30 9.50
N ASP C 6 -12.93 17.62 8.57
CA ASP C 6 -11.62 17.01 8.84
C ASP C 6 -10.63 18.06 9.33
N LEU C 7 -9.79 17.67 10.29
CA LEU C 7 -8.79 18.57 10.84
C LEU C 7 -7.76 18.90 9.78
N LEU C 8 -7.35 17.89 9.03
CA LEU C 8 -6.35 18.07 7.97
C LEU C 8 -6.17 16.79 7.15
N PHE C 9 -7.26 16.10 6.85
CA PHE C 9 -7.17 14.86 6.07
C PHE C 9 -8.42 14.60 5.24
N ILE C 10 -8.75 13.32 5.09
CA ILE C 10 -9.89 12.91 4.28
C ILE C 10 -10.85 12.02 5.06
N GLU C 11 -11.96 11.69 4.42
CA GLU C 11 -12.98 10.83 5.01
C GLU C 11 -13.74 10.06 3.93
N LYS C 12 -13.01 9.65 2.89
CA LYS C 12 -13.62 8.91 1.79
C LYS C 12 -12.81 7.64 1.49
N VAL C 13 -12.84 7.17 0.25
CA VAL C 13 -12.09 5.97 -0.12
C VAL C 13 -10.89 6.34 -1.00
N PRO C 14 -9.68 5.90 -0.60
CA PRO C 14 -8.45 6.19 -1.33
C PRO C 14 -8.23 5.27 -2.53
N VAL C 15 -9.09 5.40 -3.54
CA VAL C 15 -8.96 4.57 -4.74
C VAL C 15 -7.56 4.67 -5.32
N VAL C 16 -7.02 3.53 -5.73
CA VAL C 16 -5.69 3.48 -6.31
C VAL C 16 -5.74 3.05 -7.76
N VAL C 17 -4.89 3.66 -8.57
CA VAL C 17 -4.82 3.34 -9.98
C VAL C 17 -3.57 2.54 -10.31
N LEU C 18 -3.75 1.46 -11.05
CA LEU C 18 -2.64 0.61 -11.44
C LEU C 18 -2.76 0.21 -12.91
N GLU C 19 -1.63 0.08 -13.57
CA GLU C 19 -1.60 -0.30 -14.97
C GLU C 19 -1.14 -1.74 -15.10
N ASP C 20 -1.68 -2.60 -14.25
CA ASP C 20 -1.35 -4.02 -14.24
C ASP C 20 0.17 -4.21 -14.27
N ILE C 21 0.61 -5.32 -14.86
CA ILE C 21 2.04 -5.60 -14.96
C ILE C 21 2.59 -5.20 -16.32
N LEU C 22 1.88 -5.59 -17.38
CA LEU C 22 2.30 -5.29 -18.74
C LEU C 22 1.27 -4.46 -19.49
N ALA C 23 0.43 -3.73 -18.75
CA ALA C 23 -0.60 -2.90 -19.37
C ALA C 23 -0.04 -1.52 -19.71
N THR C 24 1.13 -1.50 -20.34
CA THR C 24 1.76 -0.24 -20.73
C THR C 24 2.65 -0.42 -21.95
N LYS C 25 2.66 0.58 -22.83
CA LYS C 25 3.46 0.53 -24.04
C LYS C 25 3.89 1.93 -24.46
N PRO C 26 4.97 2.47 -23.86
CA PRO C 26 5.48 3.80 -24.17
C PRO C 26 6.23 3.84 -25.50
N SER C 27 5.58 3.38 -26.56
CA SER C 27 6.19 3.36 -27.89
C SER C 27 5.13 3.50 -28.98
N ILE C 28 4.38 4.58 -28.90
CA ILE C 28 3.32 4.85 -29.88
C ILE C 28 3.10 6.35 -30.05
N ALA C 29 3.12 7.08 -28.94
CA ALA C 29 2.92 8.52 -28.96
C ALA C 29 1.59 8.89 -29.61
N SER C 30 0.53 8.18 -29.22
CA SER C 30 -0.79 8.43 -29.77
C SER C 30 -1.88 8.07 -28.75
N HIS A 1 -15.60 -2.10 31.02
CA HIS A 1 -15.23 -0.86 31.77
C HIS A 1 -14.83 0.25 30.80
N MET A 2 -14.04 -0.11 29.79
CA MET A 2 -13.56 0.85 28.79
C MET A 2 -12.64 1.88 29.41
N LYS A 3 -11.51 2.12 28.76
CA LYS A 3 -10.54 3.10 29.25
C LYS A 3 -11.14 4.50 29.31
N GLU A 4 -10.89 5.20 30.41
CA GLU A 4 -11.41 6.55 30.60
C GLU A 4 -10.44 7.38 31.43
N GLU A 5 -9.94 6.81 32.52
CA GLU A 5 -9.00 7.49 33.40
C GLU A 5 -7.72 7.85 32.66
N SER A 6 -7.19 9.04 32.93
CA SER A 6 -5.97 9.52 32.28
C SER A 6 -6.19 9.75 30.80
N GLU A 7 -5.59 10.82 30.29
CA GLU A 7 -5.72 11.16 28.88
C GLU A 7 -5.26 10.00 28.00
N LYS A 8 -6.14 9.57 27.10
CA LYS A 8 -5.84 8.47 26.19
C LYS A 8 -4.76 8.87 25.19
N PRO A 9 -3.79 7.98 24.93
CA PRO A 9 -2.69 8.23 23.99
C PRO A 9 -3.20 8.34 22.55
N ARG A 10 -2.56 7.60 21.64
CA ARG A 10 -2.96 7.64 20.23
C ARG A 10 -2.30 6.51 19.45
N GLY A 11 -3.05 5.96 18.49
CA GLY A 11 -2.54 4.88 17.66
C GLY A 11 -2.48 3.54 18.39
N PHE A 12 -1.41 2.80 18.15
CA PHE A 12 -1.23 1.49 18.78
C PHE A 12 -0.62 1.63 20.16
N ALA A 13 -1.17 2.54 20.96
CA ALA A 13 -0.67 2.78 22.31
C ALA A 13 -0.76 1.52 23.16
N ARG A 14 -1.98 1.02 23.36
CA ARG A 14 -2.19 -0.18 24.16
C ARG A 14 -1.95 -1.43 23.32
N GLY A 15 -2.54 -1.46 22.14
CA GLY A 15 -2.40 -2.60 21.25
C GLY A 15 -3.74 -3.13 20.79
N LEU A 16 -4.69 -2.23 20.59
CA LEU A 16 -6.03 -2.59 20.15
C LEU A 16 -5.99 -3.19 18.74
N GLU A 17 -6.73 -4.28 18.56
CA GLU A 17 -6.78 -4.95 17.25
C GLU A 17 -7.40 -4.04 16.19
N PRO A 18 -6.75 -3.91 15.02
CA PRO A 18 -7.26 -3.07 13.94
C PRO A 18 -8.60 -3.57 13.42
N GLU A 19 -9.64 -2.75 13.57
CA GLU A 19 -10.98 -3.13 13.14
C GLU A 19 -11.16 -2.91 11.63
N ARG A 20 -10.83 -1.71 11.16
CA ARG A 20 -10.95 -1.38 9.75
C ARG A 20 -10.44 0.02 9.46
N ILE A 21 -9.57 0.14 8.45
CA ILE A 21 -9.01 1.42 8.07
C ILE A 21 -10.01 2.22 7.21
N ILE A 22 -10.13 3.52 7.50
CA ILE A 22 -11.04 4.37 6.75
C ILE A 22 -10.53 5.81 6.69
N GLY A 23 -9.21 5.96 6.63
CA GLY A 23 -8.62 7.28 6.59
C GLY A 23 -7.22 7.29 6.01
N ALA A 24 -6.82 8.43 5.47
CA ALA A 24 -5.50 8.61 4.87
C ALA A 24 -5.40 9.97 4.20
N THR A 25 -4.38 10.74 4.57
CA THR A 25 -4.18 12.07 3.99
C THR A 25 -2.72 12.48 4.03
N ASP A 26 -2.22 12.97 2.90
CA ASP A 26 -0.84 13.41 2.79
C ASP A 26 -0.66 14.77 3.48
N SER A 27 -0.34 14.73 4.77
CA SER A 27 -0.14 15.96 5.53
C SER A 27 1.10 16.71 5.04
N SER A 28 2.03 17.02 5.94
CA SER A 28 3.25 17.72 5.57
C SER A 28 3.96 17.01 4.42
N GLY A 29 3.98 15.68 4.49
CA GLY A 29 4.62 14.89 3.46
C GLY A 29 4.58 13.41 3.77
N GLU A 30 3.44 12.95 4.28
CA GLU A 30 3.27 11.55 4.62
C GLU A 30 1.79 11.20 4.82
N LEU A 31 1.41 10.01 4.38
CA LEU A 31 0.03 9.55 4.51
C LEU A 31 -0.35 9.44 5.99
N MET A 32 -1.64 9.55 6.27
CA MET A 32 -2.11 9.47 7.66
C MET A 32 -3.38 8.62 7.76
N PHE A 33 -3.20 7.33 7.95
CA PHE A 33 -4.31 6.39 8.06
C PHE A 33 -5.11 6.60 9.34
N LEU A 34 -6.40 6.85 9.21
CA LEU A 34 -7.26 7.03 10.37
C LEU A 34 -7.66 5.66 10.91
N MET A 35 -6.81 5.11 11.77
CA MET A 35 -7.05 3.80 12.34
C MET A 35 -8.31 3.76 13.19
N LYS A 36 -9.27 2.95 12.75
CA LYS A 36 -10.52 2.76 13.49
C LYS A 36 -10.36 1.66 14.51
N TRP A 37 -10.95 1.83 15.68
CA TRP A 37 -10.82 0.82 16.74
C TRP A 37 -12.18 0.34 17.21
N LYS A 38 -12.31 -0.97 17.40
CA LYS A 38 -13.55 -1.57 17.87
C LYS A 38 -13.94 -1.02 19.24
N ASN A 39 -12.98 -1.01 20.14
CA ASN A 39 -13.21 -0.53 21.49
C ASN A 39 -13.22 1.00 21.56
N SER A 40 -12.21 1.62 20.96
CA SER A 40 -12.11 3.08 20.95
C SER A 40 -13.16 3.69 20.02
N ASP A 41 -13.91 4.66 20.53
CA ASP A 41 -14.94 5.33 19.76
C ASP A 41 -14.33 6.26 18.72
N GLU A 42 -13.45 7.16 19.19
CA GLU A 42 -12.79 8.11 18.30
C GLU A 42 -11.61 7.46 17.57
N ALA A 43 -11.57 7.64 16.26
CA ALA A 43 -10.49 7.08 15.45
C ALA A 43 -9.24 7.94 15.53
N ASP A 44 -8.07 7.29 15.68
CA ASP A 44 -6.81 8.00 15.77
C ASP A 44 -6.04 7.96 14.46
N LEU A 45 -5.53 9.12 14.02
CA LEU A 45 -4.78 9.20 12.78
C LEU A 45 -3.34 8.72 13.01
N VAL A 46 -2.81 7.97 12.04
CA VAL A 46 -1.44 7.44 12.16
C VAL A 46 -0.71 7.54 10.83
N PRO A 47 0.54 8.07 10.85
CA PRO A 47 1.35 8.21 9.64
C PRO A 47 1.66 6.86 8.98
N ALA A 48 1.68 6.85 7.65
CA ALA A 48 1.96 5.62 6.91
C ALA A 48 3.32 5.03 7.29
N LYS A 49 4.30 5.90 7.48
CA LYS A 49 5.65 5.46 7.84
C LYS A 49 5.61 4.64 9.12
N GLU A 50 4.81 5.07 10.09
CA GLU A 50 4.69 4.38 11.36
C GLU A 50 3.72 3.20 11.27
N ALA A 51 2.69 3.36 10.44
CA ALA A 51 1.68 2.33 10.28
C ALA A 51 2.22 1.06 9.62
N ASN A 52 3.10 1.22 8.63
CA ASN A 52 3.67 0.07 7.93
C ASN A 52 4.30 -0.94 8.90
N VAL A 53 5.05 -0.44 9.88
CA VAL A 53 5.68 -1.32 10.85
C VAL A 53 4.65 -1.93 11.79
N LYS A 54 3.62 -1.15 12.12
CA LYS A 54 2.56 -1.62 13.01
C LYS A 54 1.88 -2.86 12.45
N CYS A 55 1.52 -2.80 11.17
CA CYS A 55 0.85 -3.92 10.51
C CYS A 55 0.72 -3.67 9.01
N PRO A 56 1.69 -4.12 8.20
CA PRO A 56 1.66 -3.94 6.75
C PRO A 56 0.52 -4.71 6.09
N GLN A 57 0.27 -5.91 6.58
CA GLN A 57 -0.80 -6.74 6.03
C GLN A 57 -2.14 -6.01 6.05
N VAL A 58 -2.38 -5.25 7.11
CA VAL A 58 -3.63 -4.50 7.25
C VAL A 58 -3.72 -3.37 6.23
N VAL A 59 -2.65 -2.57 6.13
CA VAL A 59 -2.63 -1.44 5.21
C VAL A 59 -2.61 -1.90 3.75
N ILE A 60 -1.71 -2.82 3.42
CA ILE A 60 -1.59 -3.34 2.07
C ILE A 60 -2.93 -3.88 1.56
N SER A 61 -3.61 -4.63 2.42
CA SER A 61 -4.92 -5.20 2.07
C SER A 61 -5.94 -4.09 1.82
N PHE A 62 -5.84 -3.03 2.60
CA PHE A 62 -6.76 -1.90 2.47
C PHE A 62 -6.75 -1.34 1.05
N TYR A 63 -5.56 -1.20 0.47
CA TYR A 63 -5.42 -0.69 -0.88
C TYR A 63 -6.05 -1.65 -1.90
N GLU A 64 -5.79 -2.94 -1.73
CA GLU A 64 -6.30 -3.96 -2.63
C GLU A 64 -7.82 -3.91 -2.75
N GLU A 65 -8.50 -3.87 -1.60
CA GLU A 65 -9.95 -3.84 -1.61
C GLU A 65 -10.49 -2.54 -2.23
N ARG A 66 -9.84 -1.42 -1.91
CA ARG A 66 -10.27 -0.13 -2.45
C ARG A 66 -9.58 0.16 -3.79
N LEU A 67 -9.18 -0.89 -4.49
CA LEU A 67 -8.52 -0.75 -5.78
C LEU A 67 -9.56 -0.55 -6.89
N THR A 68 -9.32 0.42 -7.76
CA THR A 68 -10.25 0.72 -8.85
C THR A 68 -9.67 0.43 -10.23
N TRP A 69 -8.35 0.56 -10.33
CA TRP A 69 -7.64 0.32 -11.59
C TRP A 69 -7.96 1.41 -12.61
N HIS A 70 -6.93 1.81 -13.36
CA HIS A 70 -7.09 2.85 -14.40
C HIS A 70 -7.92 2.31 -15.56
N SER A 71 -7.24 1.89 -16.63
CA SER A 71 -7.91 1.35 -17.81
C SER A 71 -6.90 0.77 -18.78
N TYR A 72 -7.17 -0.44 -19.26
CA TYR A 72 -6.28 -1.10 -20.20
C TYR A 72 -6.30 -0.40 -21.56
N PRO A 73 -5.13 0.04 -22.06
CA PRO A 73 -5.02 0.74 -23.34
C PRO A 73 -5.20 -0.20 -24.53
N SER A 74 -4.40 -1.26 -24.56
CA SER A 74 -4.47 -2.25 -25.64
C SER A 74 -4.33 -1.57 -27.01
N ASP A 75 -3.42 -0.61 -27.10
CA ASP A 75 -3.19 0.12 -28.35
C ASP A 75 -1.78 0.70 -28.39
N HIS B 1 29.97 -9.51 -15.03
CA HIS B 1 29.78 -10.83 -15.71
C HIS B 1 28.30 -11.09 -15.99
N MET B 2 27.46 -10.77 -15.01
CA MET B 2 26.01 -10.97 -15.13
C MET B 2 25.68 -12.45 -15.24
N LYS B 3 24.70 -12.89 -14.45
CA LYS B 3 24.28 -14.29 -14.45
C LYS B 3 23.75 -14.69 -15.82
N GLU B 4 24.16 -15.87 -16.30
CA GLU B 4 23.73 -16.38 -17.59
C GLU B 4 23.63 -17.90 -17.56
N GLU B 5 24.66 -18.54 -17.02
CA GLU B 5 24.69 -19.99 -16.92
C GLU B 5 23.54 -20.51 -16.08
N SER B 6 22.94 -21.63 -16.49
CA SER B 6 21.82 -22.23 -15.79
C SER B 6 20.59 -21.35 -15.84
N GLU B 7 19.42 -21.97 -15.98
CA GLU B 7 18.17 -21.24 -16.05
C GLU B 7 17.98 -20.36 -14.81
N LYS B 8 17.78 -19.08 -15.04
CA LYS B 8 17.58 -18.13 -13.94
C LYS B 8 16.26 -18.38 -13.23
N PRO B 9 16.27 -18.39 -11.88
CA PRO B 9 15.07 -18.61 -11.07
C PRO B 9 14.02 -17.52 -11.28
N ARG B 10 13.52 -16.95 -10.18
CA ARG B 10 12.51 -15.90 -10.26
C ARG B 10 12.30 -15.23 -8.91
N GLY B 11 12.08 -13.92 -8.93
CA GLY B 11 11.85 -13.16 -7.72
C GLY B 11 13.11 -12.94 -6.91
N PHE B 12 12.99 -13.06 -5.60
CA PHE B 12 14.11 -12.86 -4.68
C PHE B 12 14.96 -14.12 -4.57
N ALA B 13 15.29 -14.71 -5.72
CA ALA B 13 16.09 -15.93 -5.75
C ALA B 13 17.46 -15.71 -5.12
N ARG B 14 18.27 -14.87 -5.76
CA ARG B 14 19.61 -14.59 -5.26
C ARG B 14 19.57 -13.57 -4.13
N GLY B 15 18.83 -12.49 -4.35
CA GLY B 15 18.72 -11.44 -3.35
C GLY B 15 19.07 -10.08 -3.92
N LEU B 16 18.72 -9.88 -5.19
CA LEU B 16 19.00 -8.61 -5.87
C LEU B 16 18.23 -7.46 -5.22
N GLU B 17 18.91 -6.33 -5.05
CA GLU B 17 18.28 -5.16 -4.44
C GLU B 17 17.16 -4.63 -5.32
N PRO B 18 15.94 -4.47 -4.76
CA PRO B 18 14.79 -3.96 -5.50
C PRO B 18 14.95 -2.49 -5.87
N GLU B 19 14.88 -2.20 -7.16
CA GLU B 19 15.03 -0.82 -7.63
C GLU B 19 13.71 -0.07 -7.53
N ARG B 20 12.64 -0.67 -8.06
CA ARG B 20 11.33 -0.04 -8.02
C ARG B 20 10.26 -0.96 -8.61
N ILE B 21 9.10 -1.02 -7.95
CA ILE B 21 8.00 -1.85 -8.42
C ILE B 21 7.34 -1.23 -9.63
N ILE B 22 7.18 -2.01 -10.69
CA ILE B 22 6.57 -1.52 -11.92
C ILE B 22 5.04 -1.44 -11.79
N GLY B 23 4.44 -2.48 -11.23
CA GLY B 23 2.99 -2.48 -11.07
C GLY B 23 2.47 -3.71 -10.34
N ALA B 24 1.31 -4.19 -10.77
CA ALA B 24 0.67 -5.35 -10.15
C ALA B 24 -0.53 -5.82 -10.97
N THR B 25 -0.78 -7.13 -10.97
CA THR B 25 -1.91 -7.69 -11.72
C THR B 25 -2.44 -8.96 -11.07
N ASP B 26 -3.76 -9.05 -10.94
CA ASP B 26 -4.41 -10.21 -10.33
C ASP B 26 -4.38 -11.43 -11.26
N SER B 27 -3.21 -12.06 -11.37
CA SER B 27 -3.07 -13.24 -12.21
C SER B 27 -3.78 -14.42 -11.57
N SER B 28 -4.78 -14.96 -12.28
CA SER B 28 -5.57 -16.10 -11.80
C SER B 28 -6.53 -15.67 -10.69
N GLY B 29 -6.00 -15.01 -9.67
CA GLY B 29 -6.83 -14.55 -8.56
C GLY B 29 -6.02 -13.98 -7.42
N GLU B 30 -4.83 -13.48 -7.75
CA GLU B 30 -3.94 -12.90 -6.76
C GLU B 30 -3.07 -11.80 -7.37
N LEU B 31 -2.93 -10.68 -6.66
CA LEU B 31 -2.11 -9.57 -7.14
C LEU B 31 -0.66 -9.99 -7.30
N MET B 32 -0.09 -9.73 -8.47
CA MET B 32 1.29 -10.07 -8.73
C MET B 32 2.07 -8.83 -9.12
N PHE B 33 3.07 -8.49 -8.32
CA PHE B 33 3.90 -7.31 -8.59
C PHE B 33 5.08 -7.66 -9.46
N LEU B 34 5.21 -6.97 -10.59
CA LEU B 34 6.33 -7.19 -11.49
C LEU B 34 7.58 -6.58 -10.90
N MET B 35 8.36 -7.39 -10.19
CA MET B 35 9.59 -6.92 -9.55
C MET B 35 10.67 -6.61 -10.57
N LYS B 36 11.03 -5.34 -10.65
CA LYS B 36 12.09 -4.89 -11.55
C LYS B 36 13.43 -5.00 -10.84
N TRP B 37 14.46 -5.38 -11.58
CA TRP B 37 15.79 -5.51 -10.99
C TRP B 37 16.83 -4.71 -11.75
N LYS B 38 17.72 -4.06 -11.01
CA LYS B 38 18.78 -3.26 -11.58
C LYS B 38 19.69 -4.10 -12.49
N ASN B 39 20.13 -5.22 -11.97
CA ASN B 39 21.01 -6.12 -12.71
C ASN B 39 20.23 -6.94 -13.73
N SER B 40 19.13 -7.55 -13.29
CA SER B 40 18.30 -8.37 -14.16
C SER B 40 17.55 -7.50 -15.16
N ASP B 41 17.63 -7.86 -16.43
CA ASP B 41 16.96 -7.11 -17.50
C ASP B 41 15.45 -7.36 -17.46
N GLU B 42 15.07 -8.63 -17.48
CA GLU B 42 13.65 -9.00 -17.45
C GLU B 42 13.09 -8.98 -16.03
N ALA B 43 11.95 -8.32 -15.87
CA ALA B 43 11.30 -8.24 -14.57
C ALA B 43 10.55 -9.54 -14.28
N ASP B 44 10.63 -9.99 -13.03
CA ASP B 44 9.98 -11.25 -12.64
C ASP B 44 8.70 -11.00 -11.83
N LEU B 45 7.63 -11.72 -12.19
CA LEU B 45 6.36 -11.60 -11.50
C LEU B 45 6.42 -12.31 -10.15
N VAL B 46 5.77 -11.72 -9.15
CA VAL B 46 5.76 -12.30 -7.81
C VAL B 46 4.40 -12.10 -7.13
N PRO B 47 3.82 -13.18 -6.55
CA PRO B 47 2.52 -13.11 -5.88
C PRO B 47 2.52 -12.10 -4.74
N ALA B 48 1.35 -11.53 -4.47
CA ALA B 48 1.22 -10.54 -3.40
C ALA B 48 1.60 -11.12 -2.06
N LYS B 49 1.06 -12.30 -1.74
CA LYS B 49 1.35 -12.97 -0.48
C LYS B 49 2.84 -13.17 -0.30
N GLU B 50 3.51 -13.51 -1.40
CA GLU B 50 4.94 -13.74 -1.39
C GLU B 50 5.72 -12.44 -1.17
N ALA B 51 5.36 -11.42 -1.91
CA ALA B 51 6.03 -10.12 -1.82
C ALA B 51 5.86 -9.46 -0.44
N ASN B 52 4.66 -9.54 0.11
CA ASN B 52 4.37 -8.94 1.42
C ASN B 52 5.45 -9.26 2.45
N VAL B 53 5.88 -10.52 2.50
CA VAL B 53 6.90 -10.93 3.47
C VAL B 53 8.29 -10.48 3.04
N LYS B 54 8.52 -10.44 1.72
CA LYS B 54 9.81 -10.04 1.18
C LYS B 54 10.17 -8.60 1.54
N CYS B 55 9.23 -7.68 1.36
CA CYS B 55 9.47 -6.27 1.66
C CYS B 55 8.19 -5.45 1.63
N PRO B 56 7.43 -5.45 2.74
CA PRO B 56 6.17 -4.70 2.84
C PRO B 56 6.39 -3.20 2.60
N GLN B 57 7.55 -2.70 2.99
CA GLN B 57 7.87 -1.28 2.82
C GLN B 57 7.82 -0.87 1.36
N VAL B 58 8.49 -1.63 0.51
CA VAL B 58 8.52 -1.35 -0.93
C VAL B 58 7.10 -1.46 -1.50
N VAL B 59 6.39 -2.48 -1.05
CA VAL B 59 5.03 -2.75 -1.49
C VAL B 59 4.08 -1.62 -1.09
N ILE B 60 4.06 -1.29 0.19
CA ILE B 60 3.19 -0.24 0.70
C ILE B 60 3.53 1.11 0.07
N SER B 61 4.81 1.37 -0.08
CA SER B 61 5.29 2.63 -0.66
C SER B 61 4.79 2.80 -2.10
N PHE B 62 4.79 1.71 -2.86
CA PHE B 62 4.35 1.74 -4.24
C PHE B 62 2.97 2.38 -4.36
N TYR B 63 2.04 1.91 -3.53
CA TYR B 63 0.67 2.44 -3.54
C TYR B 63 0.64 3.90 -3.08
N GLU B 64 1.44 4.21 -2.07
CA GLU B 64 1.50 5.55 -1.52
C GLU B 64 1.55 6.59 -2.65
N GLU B 65 2.38 6.33 -3.65
CA GLU B 65 2.51 7.21 -4.79
C GLU B 65 1.28 7.11 -5.69
N ARG B 66 0.92 5.87 -6.03
CA ARG B 66 -0.24 5.62 -6.89
C ARG B 66 -1.54 5.65 -6.08
N LEU B 67 -1.67 6.66 -5.23
CA LEU B 67 -2.87 6.80 -4.42
C LEU B 67 -3.58 8.12 -4.72
N THR B 68 -4.91 8.10 -4.68
CA THR B 68 -5.70 9.29 -4.96
C THR B 68 -6.99 9.26 -4.16
N TRP B 69 -7.32 10.40 -3.57
CA TRP B 69 -8.52 10.53 -2.77
C TRP B 69 -9.76 10.64 -3.63
N HIS B 70 -10.77 9.83 -3.32
CA HIS B 70 -12.02 9.84 -4.07
C HIS B 70 -12.87 11.04 -3.61
N SER B 71 -14.01 11.25 -4.25
CA SER B 71 -14.88 12.36 -3.89
C SER B 71 -15.14 12.39 -2.38
N TYR B 72 -14.83 13.52 -1.76
CA TYR B 72 -15.02 13.68 -0.32
C TYR B 72 -16.50 13.77 0.04
N PRO B 73 -16.99 12.83 0.88
CA PRO B 73 -18.37 12.82 1.31
C PRO B 73 -18.60 13.72 2.51
N SER B 74 -19.63 14.56 2.44
CA SER B 74 -19.93 15.48 3.53
C SER B 74 -21.24 16.22 3.28
N ASP B 75 -22.27 15.47 2.90
CA ASP B 75 -23.59 16.05 2.63
C ASP B 75 -24.68 15.01 2.82
N GLY C 1 2.00 21.43 15.86
CA GLY C 1 3.06 20.82 15.00
C GLY C 1 3.66 19.58 15.62
N SER C 2 3.98 19.65 16.90
CA SER C 2 4.57 18.52 17.60
C SER C 2 3.61 17.33 17.62
N LYS C 3 2.36 17.60 17.98
CA LYS C 3 1.33 16.55 18.02
C LYS C 3 -0.04 17.16 18.26
N ALA C 4 -0.27 18.34 17.68
CA ALA C 4 -1.55 19.02 17.83
C ALA C 4 -2.66 18.27 17.11
N GLY C 5 -3.78 18.07 17.79
CA GLY C 5 -4.90 17.36 17.19
C GLY C 5 -5.45 18.07 15.98
N ASP C 6 -5.60 17.34 14.89
CA ASP C 6 -6.13 17.92 13.65
C ASP C 6 -7.57 18.37 13.82
N LEU C 7 -7.87 19.56 13.31
CA LEU C 7 -9.22 20.11 13.40
C LEU C 7 -10.16 19.39 12.45
N LEU C 8 -9.67 19.13 11.24
CA LEU C 8 -10.46 18.45 10.22
C LEU C 8 -9.60 18.11 9.01
N PHE C 9 -9.96 17.04 8.31
CA PHE C 9 -9.21 16.60 7.15
C PHE C 9 -10.11 15.88 6.14
N ILE C 10 -9.69 14.70 5.71
CA ILE C 10 -10.45 13.93 4.73
C ILE C 10 -11.13 12.72 5.38
N GLU C 11 -12.25 12.30 4.80
CA GLU C 11 -12.99 11.16 5.32
C GLU C 11 -13.72 10.45 4.18
N LYS C 12 -13.02 10.24 3.08
CA LYS C 12 -13.60 9.57 1.92
C LYS C 12 -12.98 8.18 1.75
N VAL C 13 -12.74 7.79 0.51
CA VAL C 13 -12.15 6.49 0.23
C VAL C 13 -10.90 6.66 -0.65
N PRO C 14 -9.74 6.16 -0.17
CA PRO C 14 -8.47 6.27 -0.89
C PRO C 14 -8.38 5.32 -2.09
N VAL C 15 -9.26 5.51 -3.06
CA VAL C 15 -9.26 4.68 -4.26
C VAL C 15 -7.87 4.66 -4.89
N VAL C 16 -7.41 3.49 -5.28
CA VAL C 16 -6.09 3.36 -5.88
C VAL C 16 -6.18 3.05 -7.37
N VAL C 17 -5.32 3.70 -8.15
CA VAL C 17 -5.30 3.50 -9.59
C VAL C 17 -4.06 2.73 -10.00
N LEU C 18 -4.25 1.73 -10.86
CA LEU C 18 -3.16 0.90 -11.34
C LEU C 18 -3.42 0.44 -12.76
N GLU C 19 -2.37 0.44 -13.57
CA GLU C 19 -2.47 0.02 -14.97
C GLU C 19 -1.80 -1.33 -15.15
N ASP C 20 -2.17 -2.28 -14.32
CA ASP C 20 -1.62 -3.63 -14.37
C ASP C 20 -0.09 -3.57 -14.20
N ILE C 21 0.60 -4.54 -14.78
CA ILE C 21 2.06 -4.59 -14.68
C ILE C 21 2.73 -3.84 -15.83
N LEU C 22 2.19 -3.99 -17.03
CA LEU C 22 2.73 -3.33 -18.20
C LEU C 22 1.63 -3.08 -19.23
N ALA C 23 0.52 -2.53 -18.77
CA ALA C 23 -0.61 -2.24 -19.65
C ALA C 23 -0.25 -1.21 -20.70
N THR C 24 0.42 -0.13 -20.28
CA THR C 24 0.83 0.93 -21.19
C THR C 24 2.34 0.93 -21.40
N LYS C 25 2.76 1.15 -22.64
CA LYS C 25 4.17 1.17 -22.99
C LYS C 25 4.59 2.56 -23.49
N PRO C 26 4.66 3.56 -22.58
CA PRO C 26 5.06 4.93 -22.94
C PRO C 26 6.57 5.07 -23.17
N SER C 27 7.15 4.09 -23.87
CA SER C 27 8.59 4.13 -24.15
C SER C 27 8.90 3.40 -25.45
N ILE C 28 9.71 4.02 -26.30
CA ILE C 28 10.10 3.43 -27.57
C ILE C 28 11.48 3.91 -28.01
N ALA C 29 11.74 5.21 -27.85
CA ALA C 29 13.02 5.79 -28.23
C ALA C 29 14.13 5.35 -27.27
N SER C 30 15.15 6.20 -27.11
CA SER C 30 16.26 5.89 -26.22
C SER C 30 16.87 7.17 -25.65
N HIS A 1 -5.14 -3.45 32.34
CA HIS A 1 -6.08 -2.42 32.86
C HIS A 1 -5.40 -1.05 32.96
N MET A 2 -4.66 -0.69 31.92
CA MET A 2 -3.96 0.59 31.87
C MET A 2 -4.95 1.74 31.95
N LYS A 3 -6.04 1.65 31.18
CA LYS A 3 -7.06 2.68 31.16
C LYS A 3 -7.76 2.78 32.51
N GLU A 4 -7.88 4.01 33.02
CA GLU A 4 -8.54 4.25 34.29
C GLU A 4 -8.61 5.74 34.58
N GLU A 5 -9.74 6.18 35.13
CA GLU A 5 -9.95 7.59 35.45
C GLU A 5 -9.85 8.45 34.19
N SER A 6 -10.53 8.01 33.13
CA SER A 6 -10.52 8.73 31.86
C SER A 6 -9.10 8.82 31.31
N GLU A 7 -8.78 9.93 30.63
CA GLU A 7 -7.44 10.12 30.07
C GLU A 7 -7.09 8.99 29.11
N LYS A 8 -8.01 8.70 28.19
CA LYS A 8 -7.81 7.64 27.21
C LYS A 8 -6.63 7.95 26.29
N PRO A 9 -5.80 6.93 25.98
CA PRO A 9 -4.63 7.11 25.11
C PRO A 9 -5.03 7.42 23.66
N ARG A 10 -4.35 6.79 22.70
CA ARG A 10 -4.63 7.01 21.29
C ARG A 10 -3.84 6.04 20.40
N GLY A 11 -4.38 5.77 19.22
CA GLY A 11 -3.73 4.87 18.29
C GLY A 11 -3.76 3.42 18.77
N PHE A 12 -2.64 2.72 18.59
CA PHE A 12 -2.54 1.32 19.00
C PHE A 12 -2.56 1.20 20.52
N ALA A 13 -1.77 2.03 21.20
CA ALA A 13 -1.70 2.01 22.65
C ALA A 13 -1.30 0.61 23.15
N ARG A 14 -2.12 0.02 24.02
CA ARG A 14 -1.82 -1.31 24.55
C ARG A 14 -1.63 -2.32 23.41
N GLY A 15 -2.50 -2.25 22.41
CA GLY A 15 -2.41 -3.16 21.29
C GLY A 15 -3.78 -3.61 20.79
N LEU A 16 -4.72 -2.67 20.74
CA LEU A 16 -6.07 -2.97 20.29
C LEU A 16 -6.07 -3.47 18.85
N GLU A 17 -6.87 -4.49 18.58
CA GLU A 17 -6.96 -5.06 17.24
C GLU A 17 -7.53 -4.04 16.26
N PRO A 18 -6.82 -3.78 15.15
CA PRO A 18 -7.27 -2.82 14.14
C PRO A 18 -8.53 -3.31 13.43
N GLU A 19 -9.60 -2.50 13.49
CA GLU A 19 -10.85 -2.87 12.86
C GLU A 19 -10.81 -2.64 11.36
N ARG A 20 -10.53 -1.39 10.94
CA ARG A 20 -10.46 -1.06 9.52
C ARG A 20 -10.12 0.41 9.32
N ILE A 21 -9.22 0.68 8.37
CA ILE A 21 -8.81 2.05 8.06
C ILE A 21 -9.92 2.78 7.32
N ILE A 22 -10.10 4.07 7.63
CA ILE A 22 -11.14 4.87 6.99
C ILE A 22 -10.73 6.34 6.90
N GLY A 23 -9.44 6.59 6.68
CA GLY A 23 -8.96 7.95 6.59
C GLY A 23 -7.95 8.13 5.47
N ALA A 24 -6.68 8.31 5.85
CA ALA A 24 -5.59 8.52 4.90
C ALA A 24 -5.66 9.93 4.31
N THR A 25 -4.63 10.72 4.55
CA THR A 25 -4.58 12.09 4.06
C THR A 25 -3.15 12.59 3.93
N ASP A 26 -2.90 13.40 2.90
CA ASP A 26 -1.59 13.98 2.67
C ASP A 26 -1.53 15.41 3.20
N SER A 27 -0.48 15.73 3.96
CA SER A 27 -0.35 17.08 4.51
C SER A 27 1.04 17.32 5.10
N SER A 28 1.44 16.45 6.02
CA SER A 28 2.76 16.58 6.65
C SER A 28 3.86 16.05 5.72
N GLY A 29 3.68 16.26 4.43
CA GLY A 29 4.65 15.79 3.46
C GLY A 29 4.75 14.28 3.46
N GLU A 30 3.71 13.64 3.98
CA GLU A 30 3.66 12.19 4.06
C GLU A 30 2.23 11.70 4.31
N LEU A 31 1.85 10.61 3.65
CA LEU A 31 0.52 10.05 3.81
C LEU A 31 0.33 9.53 5.23
N MET A 32 -0.93 9.37 5.62
CA MET A 32 -1.27 8.87 6.95
C MET A 32 -2.47 7.94 6.86
N PHE A 33 -3.02 7.53 8.00
CA PHE A 33 -4.18 6.64 8.02
C PHE A 33 -4.99 6.79 9.29
N LEU A 34 -6.27 7.09 9.15
CA LEU A 34 -7.17 7.23 10.29
C LEU A 34 -7.69 5.85 10.67
N MET A 35 -6.92 5.12 11.48
CA MET A 35 -7.29 3.78 11.90
C MET A 35 -8.45 3.77 12.88
N LYS A 36 -9.40 2.88 12.63
CA LYS A 36 -10.57 2.73 13.50
C LYS A 36 -10.31 1.65 14.54
N TRP A 37 -10.86 1.83 15.74
CA TRP A 37 -10.66 0.86 16.81
C TRP A 37 -11.98 0.40 17.42
N LYS A 38 -12.08 -0.92 17.61
CA LYS A 38 -13.29 -1.52 18.18
C LYS A 38 -13.50 -1.13 19.63
N ASN A 39 -12.48 -1.36 20.45
CA ASN A 39 -12.56 -1.07 21.87
C ASN A 39 -12.39 0.42 22.15
N SER A 40 -11.42 1.05 21.49
CA SER A 40 -11.18 2.48 21.69
C SER A 40 -12.40 3.30 21.29
N ASP A 41 -13.01 2.93 20.17
CA ASP A 41 -14.19 3.63 19.67
C ASP A 41 -13.88 5.11 19.47
N GLU A 42 -12.67 5.40 19.02
CA GLU A 42 -12.25 6.77 18.78
C GLU A 42 -11.25 6.83 17.62
N ALA A 43 -11.50 7.74 16.69
CA ALA A 43 -10.63 7.91 15.53
C ALA A 43 -9.24 8.40 15.93
N ASP A 44 -8.22 7.87 15.26
CA ASP A 44 -6.84 8.26 15.52
C ASP A 44 -6.02 8.16 14.24
N LEU A 45 -5.35 9.25 13.90
CA LEU A 45 -4.54 9.30 12.68
C LEU A 45 -3.11 8.84 12.95
N VAL A 46 -2.56 8.07 12.01
CA VAL A 46 -1.20 7.55 12.14
C VAL A 46 -0.44 7.69 10.82
N PRO A 47 0.79 8.24 10.86
CA PRO A 47 1.61 8.43 9.66
C PRO A 47 1.91 7.12 8.95
N ALA A 48 1.84 7.14 7.62
CA ALA A 48 2.12 5.94 6.83
C ALA A 48 3.53 5.43 7.09
N LYS A 49 4.47 6.36 7.20
CA LYS A 49 5.86 6.01 7.46
C LYS A 49 5.98 5.11 8.68
N GLU A 50 5.24 5.45 9.72
CA GLU A 50 5.24 4.68 10.96
C GLU A 50 4.40 3.41 10.83
N ALA A 51 3.22 3.56 10.22
CA ALA A 51 2.30 2.44 10.03
C ALA A 51 2.95 1.28 9.29
N ASN A 52 3.91 1.58 8.41
CA ASN A 52 4.59 0.56 7.64
C ASN A 52 5.05 -0.60 8.52
N VAL A 53 5.57 -0.28 9.70
CA VAL A 53 6.05 -1.29 10.63
C VAL A 53 4.97 -1.72 11.61
N LYS A 54 4.09 -0.79 11.97
CA LYS A 54 3.01 -1.08 12.92
C LYS A 54 2.12 -2.23 12.46
N CYS A 55 1.71 -2.19 11.19
CA CYS A 55 0.84 -3.22 10.64
C CYS A 55 0.77 -3.12 9.11
N PRO A 56 1.85 -3.47 8.40
CA PRO A 56 1.90 -3.41 6.95
C PRO A 56 0.80 -4.23 6.30
N GLN A 57 0.54 -5.41 6.85
CA GLN A 57 -0.50 -6.28 6.31
C GLN A 57 -1.85 -5.56 6.28
N VAL A 58 -2.13 -4.79 7.33
CA VAL A 58 -3.39 -4.06 7.41
C VAL A 58 -3.46 -2.93 6.38
N VAL A 59 -2.40 -2.13 6.30
CA VAL A 59 -2.38 -1.02 5.35
C VAL A 59 -2.40 -1.49 3.90
N ILE A 60 -1.62 -2.52 3.60
CA ILE A 60 -1.55 -3.07 2.24
C ILE A 60 -2.94 -3.53 1.79
N SER A 61 -3.68 -4.15 2.69
CA SER A 61 -5.01 -4.65 2.40
C SER A 61 -5.95 -3.51 2.00
N PHE A 62 -5.85 -2.39 2.70
CA PHE A 62 -6.70 -1.23 2.44
C PHE A 62 -6.60 -0.78 0.98
N TYR A 63 -5.37 -0.66 0.48
CA TYR A 63 -5.14 -0.23 -0.90
C TYR A 63 -5.71 -1.22 -1.90
N GLU A 64 -5.48 -2.51 -1.65
CA GLU A 64 -5.96 -3.56 -2.54
C GLU A 64 -7.48 -3.50 -2.73
N GLU A 65 -8.20 -3.35 -1.63
CA GLU A 65 -9.66 -3.28 -1.68
C GLU A 65 -10.14 -2.11 -2.53
N ARG A 66 -9.63 -0.92 -2.24
CA ARG A 66 -10.00 0.29 -2.96
C ARG A 66 -9.24 0.43 -4.27
N LEU A 67 -9.25 -0.62 -5.09
CA LEU A 67 -8.55 -0.58 -6.38
C LEU A 67 -9.52 -0.16 -7.48
N THR A 68 -9.07 0.70 -8.39
CA THR A 68 -9.91 1.19 -9.47
C THR A 68 -9.26 1.05 -10.84
N TRP A 69 -7.94 1.03 -10.84
CA TRP A 69 -7.16 0.91 -12.07
C TRP A 69 -7.31 2.16 -12.95
N HIS A 70 -6.20 2.58 -13.56
CA HIS A 70 -6.21 3.78 -14.41
C HIS A 70 -6.79 3.48 -15.79
N SER A 71 -6.03 2.74 -16.59
CA SER A 71 -6.45 2.39 -17.95
C SER A 71 -5.47 1.40 -18.58
N TYR A 72 -6.00 0.47 -19.38
CA TYR A 72 -5.19 -0.53 -20.05
C TYR A 72 -5.18 -0.34 -21.56
N PRO A 73 -3.98 -0.27 -22.16
CA PRO A 73 -3.85 -0.09 -23.62
C PRO A 73 -4.24 -1.35 -24.39
N SER A 74 -5.00 -1.18 -25.46
CA SER A 74 -5.44 -2.31 -26.26
C SER A 74 -4.27 -2.97 -26.99
N ASP A 75 -3.42 -2.16 -27.61
CA ASP A 75 -2.27 -2.67 -28.34
C ASP A 75 -2.71 -3.64 -29.44
N HIS B 1 27.94 -16.45 -6.60
CA HIS B 1 28.08 -16.75 -8.05
C HIS B 1 27.17 -17.91 -8.46
N MET B 2 25.94 -17.90 -7.98
CA MET B 2 24.98 -18.95 -8.30
C MET B 2 24.74 -19.03 -9.80
N LYS B 3 24.56 -17.86 -10.42
CA LYS B 3 24.31 -17.78 -11.86
C LYS B 3 25.52 -18.28 -12.65
N GLU B 4 25.27 -19.16 -13.61
CA GLU B 4 26.33 -19.72 -14.45
C GLU B 4 25.74 -20.63 -15.52
N GLU B 5 26.28 -20.52 -16.74
CA GLU B 5 25.80 -21.33 -17.86
C GLU B 5 24.33 -21.04 -18.15
N SER B 6 23.99 -19.75 -18.22
CA SER B 6 22.62 -19.33 -18.48
C SER B 6 21.68 -19.87 -17.39
N GLU B 7 20.44 -20.20 -17.77
CA GLU B 7 19.46 -20.72 -16.83
C GLU B 7 19.24 -19.74 -15.68
N LYS B 8 19.02 -18.48 -16.04
CA LYS B 8 18.80 -17.43 -15.04
C LYS B 8 17.54 -17.70 -14.23
N PRO B 9 17.59 -17.47 -12.91
CA PRO B 9 16.45 -17.68 -12.01
C PRO B 9 15.31 -16.70 -12.29
N ARG B 10 14.71 -16.17 -11.22
CA ARG B 10 13.61 -15.21 -11.35
C ARG B 10 13.24 -14.63 -9.99
N GLY B 11 12.64 -13.44 -10.02
CA GLY B 11 12.23 -12.79 -8.79
C GLY B 11 13.41 -12.35 -7.93
N PHE B 12 13.30 -12.55 -6.63
CA PHE B 12 14.35 -12.17 -5.70
C PHE B 12 15.59 -13.03 -5.87
N ALA B 13 15.38 -14.34 -5.96
CA ALA B 13 16.48 -15.28 -6.12
C ALA B 13 17.50 -15.11 -4.98
N ARG B 14 18.75 -14.79 -5.34
CA ARG B 14 19.79 -14.59 -4.35
C ARG B 14 19.42 -13.47 -3.38
N GLY B 15 18.91 -12.38 -3.93
CA GLY B 15 18.53 -11.25 -3.10
C GLY B 15 18.86 -9.91 -3.76
N LEU B 16 18.61 -9.83 -5.06
CA LEU B 16 18.89 -8.61 -5.81
C LEU B 16 18.07 -7.44 -5.27
N GLU B 17 18.71 -6.27 -5.19
CA GLU B 17 18.06 -5.07 -4.69
C GLU B 17 16.92 -4.62 -5.63
N PRO B 18 15.71 -4.43 -5.08
CA PRO B 18 14.56 -3.99 -5.88
C PRO B 18 14.69 -2.54 -6.33
N GLU B 19 14.71 -2.32 -7.64
CA GLU B 19 14.83 -0.98 -8.20
C GLU B 19 13.53 -0.20 -8.01
N ARG B 20 12.43 -0.78 -8.48
CA ARG B 20 11.12 -0.14 -8.38
C ARG B 20 10.03 -1.04 -8.96
N ILE B 21 8.91 -1.15 -8.24
CA ILE B 21 7.79 -1.97 -8.69
C ILE B 21 7.17 -1.38 -9.94
N ILE B 22 7.07 -2.19 -11.00
CA ILE B 22 6.49 -1.73 -12.25
C ILE B 22 4.97 -1.59 -12.13
N GLY B 23 4.32 -2.59 -11.54
CA GLY B 23 2.88 -2.52 -11.39
C GLY B 23 2.32 -3.71 -10.64
N ALA B 24 1.14 -4.17 -11.06
CA ALA B 24 0.47 -5.30 -10.43
C ALA B 24 -0.73 -5.76 -11.26
N THR B 25 -1.01 -7.06 -11.22
CA THR B 25 -2.13 -7.62 -11.98
C THR B 25 -2.73 -8.83 -11.26
N ASP B 26 -4.06 -8.86 -11.19
CA ASP B 26 -4.77 -9.96 -10.53
C ASP B 26 -4.66 -11.26 -11.32
N SER B 27 -3.49 -11.88 -11.25
CA SER B 27 -3.26 -13.14 -11.96
C SER B 27 -3.67 -14.32 -11.09
N SER B 28 -4.42 -15.26 -11.68
CA SER B 28 -4.89 -16.45 -10.98
C SER B 28 -5.93 -16.11 -9.90
N GLY B 29 -5.50 -15.38 -8.88
CA GLY B 29 -6.41 -15.01 -7.81
C GLY B 29 -5.76 -14.11 -6.77
N GLU B 30 -4.62 -13.53 -7.13
CA GLU B 30 -3.89 -12.63 -6.23
C GLU B 30 -3.10 -11.60 -7.03
N LEU B 31 -3.21 -10.34 -6.61
CA LEU B 31 -2.51 -9.25 -7.31
C LEU B 31 -1.00 -9.47 -7.29
N MET B 32 -0.47 -9.93 -8.42
CA MET B 32 0.96 -10.18 -8.54
C MET B 32 1.71 -8.90 -8.87
N PHE B 33 2.76 -8.63 -8.09
CA PHE B 33 3.57 -7.43 -8.30
C PHE B 33 4.74 -7.70 -9.24
N LEU B 34 4.87 -6.89 -10.28
CA LEU B 34 5.97 -7.06 -11.23
C LEU B 34 7.20 -6.35 -10.69
N MET B 35 8.07 -7.10 -10.01
CA MET B 35 9.28 -6.55 -9.44
C MET B 35 10.38 -6.36 -10.48
N LYS B 36 10.93 -5.14 -10.51
CA LYS B 36 12.02 -4.82 -11.42
C LYS B 36 13.35 -5.06 -10.73
N TRP B 37 14.33 -5.59 -11.46
CA TRP B 37 15.63 -5.86 -10.87
C TRP B 37 16.76 -5.18 -11.65
N LYS B 38 17.67 -4.56 -10.90
CA LYS B 38 18.81 -3.86 -11.48
C LYS B 38 19.77 -4.80 -12.20
N ASN B 39 20.20 -5.83 -11.50
CA ASN B 39 21.14 -6.79 -12.06
C ASN B 39 20.45 -7.81 -12.97
N SER B 40 19.31 -8.32 -12.54
CA SER B 40 18.58 -9.31 -13.32
C SER B 40 18.20 -8.77 -14.70
N ASP B 41 17.75 -7.51 -14.73
CA ASP B 41 17.35 -6.87 -15.98
C ASP B 41 16.27 -7.68 -16.67
N GLU B 42 15.38 -8.27 -15.89
CA GLU B 42 14.29 -9.07 -16.43
C GLU B 42 13.04 -8.97 -15.55
N ALA B 43 11.91 -8.68 -16.18
CA ALA B 43 10.65 -8.58 -15.44
C ALA B 43 10.22 -9.94 -14.91
N ASP B 44 9.70 -9.96 -13.68
CA ASP B 44 9.26 -11.20 -13.07
C ASP B 44 8.07 -10.97 -12.15
N LEU B 45 7.02 -11.77 -12.35
CA LEU B 45 5.81 -11.65 -11.54
C LEU B 45 5.96 -12.36 -10.20
N VAL B 46 5.35 -11.77 -9.17
CA VAL B 46 5.39 -12.33 -7.83
C VAL B 46 4.04 -12.13 -7.13
N PRO B 47 3.49 -13.19 -6.51
CA PRO B 47 2.21 -13.10 -5.82
C PRO B 47 2.24 -12.12 -4.66
N ALA B 48 1.13 -11.41 -4.48
CA ALA B 48 1.02 -10.43 -3.41
C ALA B 48 1.35 -11.07 -2.06
N LYS B 49 0.92 -12.32 -1.89
CA LYS B 49 1.16 -13.03 -0.66
C LYS B 49 2.65 -13.16 -0.37
N GLU B 50 3.41 -13.46 -1.40
CA GLU B 50 4.86 -13.60 -1.27
C GLU B 50 5.50 -12.24 -0.99
N ALA B 51 4.97 -11.21 -1.62
CA ALA B 51 5.48 -9.85 -1.47
C ALA B 51 5.23 -9.28 -0.08
N ASN B 52 4.07 -9.60 0.49
CA ASN B 52 3.71 -9.09 1.83
C ASN B 52 4.77 -9.44 2.87
N VAL B 53 5.33 -10.65 2.77
CA VAL B 53 6.34 -11.10 3.72
C VAL B 53 7.76 -10.83 3.23
N LYS B 54 7.96 -10.96 1.92
CA LYS B 54 9.28 -10.75 1.32
C LYS B 54 9.73 -9.29 1.41
N CYS B 55 8.83 -8.36 1.14
CA CYS B 55 9.17 -6.94 1.18
C CYS B 55 7.93 -6.04 1.24
N PRO B 56 7.18 -6.09 2.35
CA PRO B 56 5.96 -5.28 2.52
C PRO B 56 6.24 -3.79 2.40
N GLN B 57 7.42 -3.37 2.86
CA GLN B 57 7.81 -1.96 2.80
C GLN B 57 7.67 -1.40 1.40
N VAL B 58 8.36 -2.02 0.44
CA VAL B 58 8.29 -1.58 -0.95
C VAL B 58 6.86 -1.67 -1.46
N VAL B 59 6.18 -2.72 -1.01
CA VAL B 59 4.79 -2.97 -1.40
C VAL B 59 3.88 -1.80 -1.00
N ILE B 60 4.05 -1.31 0.22
CA ILE B 60 3.25 -0.19 0.70
C ILE B 60 3.60 1.10 -0.03
N SER B 61 4.88 1.28 -0.29
CA SER B 61 5.37 2.48 -0.97
C SER B 61 4.79 2.62 -2.37
N PHE B 62 4.74 1.52 -3.12
CA PHE B 62 4.22 1.55 -4.47
C PHE B 62 2.80 2.12 -4.51
N TYR B 63 1.90 1.51 -3.75
CA TYR B 63 0.51 1.97 -3.70
C TYR B 63 0.41 3.32 -3.00
N GLU B 64 1.34 3.57 -2.08
CA GLU B 64 1.36 4.83 -1.33
C GLU B 64 1.31 6.02 -2.27
N GLU B 65 2.24 6.07 -3.21
CA GLU B 65 2.30 7.16 -4.18
C GLU B 65 1.09 7.11 -5.11
N ARG B 66 0.72 5.90 -5.53
CA ARG B 66 -0.42 5.71 -6.42
C ARG B 66 -1.73 5.73 -5.64
N LEU B 67 -1.84 6.66 -4.69
CA LEU B 67 -3.04 6.79 -3.88
C LEU B 67 -4.04 7.78 -4.47
N THR B 68 -5.32 7.47 -4.29
CA THR B 68 -6.41 8.30 -4.77
C THR B 68 -7.62 8.12 -3.87
N TRP B 69 -8.62 8.99 -4.01
CA TRP B 69 -9.82 8.91 -3.17
C TRP B 69 -11.08 9.29 -3.94
N HIS B 70 -12.05 8.37 -3.91
CA HIS B 70 -13.32 8.56 -4.60
C HIS B 70 -14.26 9.47 -3.81
N SER B 71 -14.56 10.63 -4.40
CA SER B 71 -15.47 11.60 -3.79
C SER B 71 -15.13 11.86 -2.32
N TYR B 72 -16.03 12.54 -1.63
CA TYR B 72 -15.84 12.86 -0.21
C TYR B 72 -17.22 12.99 0.46
N PRO B 73 -17.55 12.06 1.37
CA PRO B 73 -18.85 12.05 2.05
C PRO B 73 -18.93 13.06 3.20
N SER B 74 -18.51 14.30 2.95
CA SER B 74 -18.56 15.34 3.96
C SER B 74 -19.99 15.75 4.25
N ASP B 75 -20.32 15.86 5.54
CA ASP B 75 -21.67 16.25 5.95
C ASP B 75 -22.00 17.66 5.44
N GLY C 1 5.52 16.44 18.55
CA GLY C 1 6.34 16.90 17.39
C GLY C 1 5.96 18.29 16.93
N SER C 2 4.65 18.51 16.77
CA SER C 2 4.15 19.81 16.33
C SER C 2 2.62 19.85 16.42
N LYS C 3 2.09 19.36 17.53
CA LYS C 3 0.65 19.33 17.76
C LYS C 3 -0.07 18.59 16.64
N ALA C 4 0.47 17.42 16.27
CA ALA C 4 -0.11 16.61 15.22
C ALA C 4 -1.55 16.23 15.55
N GLY C 5 -2.45 16.42 14.58
CA GLY C 5 -3.85 16.09 14.79
C GLY C 5 -4.74 16.54 13.65
N ASP C 6 -4.50 17.76 13.18
CA ASP C 6 -5.28 18.34 12.07
C ASP C 6 -6.73 18.55 12.50
N LEU C 7 -7.27 19.72 12.17
CA LEU C 7 -8.64 20.05 12.52
C LEU C 7 -9.60 19.25 11.65
N LEU C 8 -9.34 19.23 10.35
CA LEU C 8 -10.17 18.50 9.39
C LEU C 8 -9.42 18.22 8.10
N PHE C 9 -9.75 17.10 7.47
CA PHE C 9 -9.12 16.68 6.23
C PHE C 9 -10.08 15.84 5.38
N ILE C 10 -9.61 14.70 4.88
CA ILE C 10 -10.43 13.83 4.06
C ILE C 10 -10.82 12.56 4.80
N GLU C 11 -12.07 12.17 4.66
CA GLU C 11 -12.58 10.97 5.31
C GLU C 11 -13.53 10.23 4.38
N LYS C 12 -13.03 9.91 3.19
CA LYS C 12 -13.83 9.22 2.20
C LYS C 12 -13.37 7.77 2.02
N VAL C 13 -13.30 7.33 0.78
CA VAL C 13 -12.87 5.98 0.45
C VAL C 13 -11.64 6.01 -0.45
N PRO C 14 -10.46 6.30 0.13
CA PRO C 14 -9.21 6.37 -0.63
C PRO C 14 -8.98 5.18 -1.54
N VAL C 15 -9.21 5.41 -2.82
CA VAL C 15 -9.03 4.39 -3.84
C VAL C 15 -7.54 4.23 -4.13
N VAL C 16 -7.23 3.50 -5.21
CA VAL C 16 -5.86 3.28 -5.62
C VAL C 16 -5.79 3.10 -7.13
N VAL C 17 -4.82 3.75 -7.76
CA VAL C 17 -4.67 3.67 -9.20
C VAL C 17 -3.44 2.84 -9.58
N LEU C 18 -3.64 1.95 -10.54
CA LEU C 18 -2.57 1.08 -11.03
C LEU C 18 -2.72 0.86 -12.53
N GLU C 19 -1.60 0.80 -13.23
CA GLU C 19 -1.60 0.60 -14.67
C GLU C 19 -1.11 -0.81 -15.02
N ASP C 20 -1.68 -1.80 -14.33
CA ASP C 20 -1.33 -3.20 -14.55
C ASP C 20 0.18 -3.40 -14.43
N ILE C 21 0.73 -4.25 -15.30
CA ILE C 21 2.17 -4.52 -15.29
C ILE C 21 2.79 -4.25 -16.66
N LEU C 22 2.08 -4.66 -17.71
CA LEU C 22 2.54 -4.47 -19.08
C LEU C 22 1.57 -3.59 -19.86
N ALA C 23 0.90 -2.69 -19.14
CA ALA C 23 -0.07 -1.79 -19.75
C ALA C 23 0.60 -0.65 -20.52
N THR C 24 1.52 -1.00 -21.41
CA THR C 24 2.23 0.00 -22.21
C THR C 24 2.65 -0.59 -23.56
N LYS C 25 2.57 0.22 -24.60
CA LYS C 25 2.94 -0.21 -25.95
C LYS C 25 4.13 0.58 -26.50
N PRO C 26 5.32 0.44 -25.88
CA PRO C 26 6.53 1.14 -26.32
C PRO C 26 6.97 0.73 -27.72
N SER C 27 7.49 1.70 -28.47
CA SER C 27 7.95 1.43 -29.84
C SER C 27 9.08 2.37 -30.22
N ILE C 28 10.17 1.80 -30.75
CA ILE C 28 11.32 2.59 -31.15
C ILE C 28 11.50 2.56 -32.68
N ALA C 29 11.43 1.37 -33.25
CA ALA C 29 11.60 1.20 -34.69
C ALA C 29 11.32 -0.24 -35.11
N SER C 30 10.23 -0.80 -34.60
CA SER C 30 9.86 -2.18 -34.93
C SER C 30 8.35 -2.36 -34.86
N HIS A 1 0.90 9.71 28.06
CA HIS A 1 0.53 9.23 26.70
C HIS A 1 -0.42 8.05 26.77
N MET A 2 -1.43 8.04 25.90
CA MET A 2 -2.42 6.98 25.86
C MET A 2 -3.11 6.83 27.22
N LYS A 3 -3.32 5.59 27.65
CA LYS A 3 -3.97 5.34 28.94
C LYS A 3 -3.18 5.97 30.08
N GLU A 4 -3.89 6.57 31.03
CA GLU A 4 -3.26 7.23 32.16
C GLU A 4 -4.27 7.47 33.28
N GLU A 5 -5.48 7.86 32.89
CA GLU A 5 -6.54 8.13 33.85
C GLU A 5 -7.90 8.18 33.14
N SER A 6 -7.92 8.76 31.94
CA SER A 6 -9.14 8.85 31.16
C SER A 6 -9.53 7.48 30.63
N GLU A 7 -10.83 7.22 30.56
CA GLU A 7 -11.33 5.94 30.08
C GLU A 7 -11.21 5.83 28.56
N LYS A 8 -10.17 6.42 28.00
CA LYS A 8 -9.93 6.39 26.56
C LYS A 8 -8.44 6.37 26.25
N PRO A 9 -8.01 5.45 25.38
CA PRO A 9 -6.62 5.30 24.99
C PRO A 9 -6.27 6.13 23.75
N ARG A 10 -5.42 5.57 22.89
CA ARG A 10 -5.00 6.23 21.66
C ARG A 10 -4.00 5.35 20.91
N GLY A 11 -4.29 5.12 19.62
CA GLY A 11 -3.41 4.29 18.81
C GLY A 11 -3.27 2.89 19.35
N PHE A 12 -2.06 2.34 19.25
CA PHE A 12 -1.79 0.99 19.74
C PHE A 12 -1.56 1.00 21.25
N ALA A 13 -2.47 1.61 21.99
CA ALA A 13 -2.37 1.69 23.44
C ALA A 13 -2.36 0.30 24.07
N ARG A 14 -3.45 -0.05 24.77
CA ARG A 14 -3.55 -1.35 25.42
C ARG A 14 -3.34 -2.48 24.41
N GLY A 15 -3.92 -2.33 23.22
CA GLY A 15 -3.77 -3.35 22.21
C GLY A 15 -5.03 -3.53 21.39
N LEU A 16 -5.71 -2.43 21.09
CA LEU A 16 -6.95 -2.48 20.31
C LEU A 16 -6.69 -2.98 18.91
N GLU A 17 -7.46 -3.98 18.50
CA GLU A 17 -7.33 -4.57 17.17
C GLU A 17 -7.90 -3.64 16.09
N PRO A 18 -7.18 -3.50 14.96
CA PRO A 18 -7.64 -2.64 13.86
C PRO A 18 -8.92 -3.18 13.21
N GLU A 19 -9.97 -2.40 13.26
CA GLU A 19 -11.26 -2.81 12.68
C GLU A 19 -11.30 -2.55 11.18
N ARG A 20 -10.94 -1.32 10.78
CA ARG A 20 -10.95 -0.94 9.38
C ARG A 20 -10.41 0.47 9.20
N ILE A 21 -9.47 0.63 8.26
CA ILE A 21 -8.88 1.94 7.97
C ILE A 21 -9.87 2.80 7.18
N ILE A 22 -9.92 4.09 7.52
CA ILE A 22 -10.83 5.02 6.84
C ILE A 22 -10.27 6.45 6.82
N GLY A 23 -9.01 6.58 6.40
CA GLY A 23 -8.40 7.89 6.33
C GLY A 23 -7.08 7.88 5.59
N ALA A 24 -6.62 9.07 5.20
CA ALA A 24 -5.36 9.20 4.47
C ALA A 24 -5.05 10.67 4.21
N THR A 25 -3.86 11.12 4.58
CA THR A 25 -3.50 12.51 4.37
C THR A 25 -1.99 12.72 4.27
N ASP A 26 -1.60 13.49 3.25
CA ASP A 26 -0.19 13.80 3.02
C ASP A 26 0.14 15.19 3.56
N SER A 27 0.35 15.28 4.87
CA SER A 27 0.64 16.55 5.52
C SER A 27 1.94 17.16 4.97
N SER A 28 2.90 17.46 5.85
CA SER A 28 4.17 18.04 5.43
C SER A 28 4.78 17.25 4.28
N GLY A 29 4.70 15.93 4.39
CA GLY A 29 5.24 15.06 3.37
C GLY A 29 5.18 13.60 3.77
N GLU A 30 4.07 13.22 4.39
CA GLU A 30 3.87 11.86 4.85
C GLU A 30 2.39 11.49 4.84
N LEU A 31 2.09 10.28 4.40
CA LEU A 31 0.72 9.78 4.37
C LEU A 31 0.32 9.36 5.77
N MET A 32 -0.96 9.49 6.10
CA MET A 32 -1.41 9.13 7.43
C MET A 32 -2.71 8.32 7.38
N PHE A 33 -2.64 7.09 7.88
CA PHE A 33 -3.80 6.20 7.89
C PHE A 33 -4.66 6.42 9.14
N LEU A 34 -5.91 6.81 8.93
CA LEU A 34 -6.84 7.03 10.03
C LEU A 34 -7.42 5.70 10.50
N MET A 35 -6.70 5.04 11.40
CA MET A 35 -7.12 3.74 11.91
C MET A 35 -8.37 3.85 12.79
N LYS A 36 -9.33 2.97 12.53
CA LYS A 36 -10.58 2.94 13.28
C LYS A 36 -10.54 1.81 14.30
N TRP A 37 -11.18 2.01 15.46
CA TRP A 37 -11.18 0.99 16.50
C TRP A 37 -12.59 0.53 16.83
N LYS A 38 -12.76 -0.78 16.97
CA LYS A 38 -14.03 -1.38 17.29
C LYS A 38 -14.54 -0.92 18.64
N ASN A 39 -13.69 -1.04 19.65
CA ASN A 39 -14.04 -0.65 21.01
C ASN A 39 -13.99 0.87 21.18
N SER A 40 -12.89 1.47 20.73
CA SER A 40 -12.72 2.92 20.83
C SER A 40 -13.61 3.64 19.84
N ASP A 41 -14.44 4.55 20.34
CA ASP A 41 -15.34 5.31 19.48
C ASP A 41 -14.55 6.26 18.59
N GLU A 42 -13.73 7.09 19.21
CA GLU A 42 -12.90 8.04 18.47
C GLU A 42 -11.71 7.34 17.83
N ALA A 43 -11.51 7.57 16.54
CA ALA A 43 -10.42 6.95 15.81
C ALA A 43 -9.07 7.54 16.23
N ASP A 44 -8.11 7.51 15.31
CA ASP A 44 -6.77 8.04 15.56
C ASP A 44 -5.92 7.94 14.29
N LEU A 45 -5.33 9.05 13.90
CA LEU A 45 -4.50 9.09 12.71
C LEU A 45 -3.07 8.64 13.02
N VAL A 46 -2.52 7.80 12.14
CA VAL A 46 -1.16 7.28 12.32
C VAL A 46 -0.35 7.43 11.04
N PRO A 47 0.90 7.93 11.16
CA PRO A 47 1.78 8.12 9.99
C PRO A 47 2.04 6.81 9.25
N ALA A 48 2.22 6.91 7.94
CA ALA A 48 2.49 5.74 7.12
C ALA A 48 3.84 5.12 7.46
N LYS A 49 4.82 5.98 7.68
CA LYS A 49 6.17 5.54 8.01
C LYS A 49 6.15 4.63 9.25
N GLU A 50 5.30 4.97 10.21
CA GLU A 50 5.19 4.19 11.44
C GLU A 50 4.22 3.02 11.28
N ALA A 51 3.07 3.29 10.68
CA ALA A 51 2.03 2.29 10.49
C ALA A 51 2.49 1.10 9.66
N ASN A 52 3.32 1.34 8.65
CA ASN A 52 3.80 0.27 7.78
C ASN A 52 4.36 -0.91 8.57
N VAL A 53 5.08 -0.62 9.65
CA VAL A 53 5.67 -1.68 10.46
C VAL A 53 4.69 -2.19 11.52
N LYS A 54 3.85 -1.30 12.04
CA LYS A 54 2.88 -1.66 13.07
C LYS A 54 1.95 -2.77 12.61
N CYS A 55 1.52 -2.71 11.34
CA CYS A 55 0.61 -3.71 10.80
C CYS A 55 0.52 -3.62 9.29
N PRO A 56 1.59 -4.00 8.57
CA PRO A 56 1.61 -3.96 7.11
C PRO A 56 0.47 -4.76 6.51
N GLN A 57 0.10 -5.84 7.17
CA GLN A 57 -0.99 -6.69 6.69
C GLN A 57 -2.29 -5.89 6.58
N VAL A 58 -2.57 -5.09 7.60
CA VAL A 58 -3.79 -4.28 7.62
C VAL A 58 -3.73 -3.16 6.59
N VAL A 59 -2.62 -2.43 6.55
CA VAL A 59 -2.47 -1.32 5.61
C VAL A 59 -2.48 -1.80 4.16
N ILE A 60 -1.69 -2.84 3.87
CA ILE A 60 -1.62 -3.38 2.52
C ILE A 60 -2.99 -3.87 2.06
N SER A 61 -3.70 -4.54 2.96
CA SER A 61 -5.03 -5.06 2.65
C SER A 61 -5.99 -3.92 2.32
N PHE A 62 -5.86 -2.81 3.05
CA PHE A 62 -6.72 -1.65 2.84
C PHE A 62 -6.68 -1.19 1.39
N TYR A 63 -5.49 -1.01 0.84
CA TYR A 63 -5.33 -0.57 -0.54
C TYR A 63 -5.93 -1.59 -1.51
N GLU A 64 -5.66 -2.86 -1.24
CA GLU A 64 -6.16 -3.94 -2.09
C GLU A 64 -7.69 -3.89 -2.20
N GLU A 65 -8.34 -3.63 -1.08
CA GLU A 65 -9.80 -3.56 -1.04
C GLU A 65 -10.33 -2.42 -1.90
N ARG A 66 -9.82 -1.21 -1.65
CA ARG A 66 -10.25 -0.03 -2.40
C ARG A 66 -9.51 0.09 -3.73
N LEU A 67 -9.22 -1.03 -4.37
CA LEU A 67 -8.53 -1.03 -5.65
C LEU A 67 -9.50 -0.70 -6.78
N THR A 68 -9.08 0.18 -7.69
CA THR A 68 -9.93 0.59 -8.80
C THR A 68 -9.26 0.34 -10.15
N TRP A 69 -7.94 0.18 -10.11
CA TRP A 69 -7.16 -0.05 -11.32
C TRP A 69 -7.23 1.18 -12.23
N HIS A 70 -7.35 0.96 -13.55
CA HIS A 70 -7.42 2.06 -14.50
C HIS A 70 -7.78 1.53 -15.88
N SER A 71 -7.53 2.34 -16.91
CA SER A 71 -7.83 1.95 -18.28
C SER A 71 -6.75 1.03 -18.83
N TYR A 72 -7.17 -0.09 -19.41
CA TYR A 72 -6.23 -1.05 -19.98
C TYR A 72 -5.90 -0.71 -21.43
N PRO A 73 -4.62 -0.44 -21.74
CA PRO A 73 -4.17 -0.12 -23.09
C PRO A 73 -4.28 -1.33 -24.02
N SER A 74 -4.54 -1.08 -25.29
CA SER A 74 -4.66 -2.14 -26.27
C SER A 74 -4.49 -1.61 -27.68
N ASP A 75 -3.40 -0.87 -27.90
CA ASP A 75 -3.12 -0.29 -29.21
C ASP A 75 -3.00 -1.38 -30.27
N HIS B 1 15.33 -23.64 -10.04
CA HIS B 1 14.71 -22.32 -9.75
C HIS B 1 15.75 -21.21 -9.73
N MET B 2 15.41 -20.08 -10.34
CA MET B 2 16.32 -18.94 -10.41
C MET B 2 17.62 -19.33 -11.12
N LYS B 3 18.75 -18.86 -10.58
CA LYS B 3 20.05 -19.16 -11.17
C LYS B 3 20.30 -20.66 -11.19
N GLU B 4 20.87 -21.15 -12.30
CA GLU B 4 21.16 -22.57 -12.46
C GLU B 4 22.15 -22.80 -13.59
N GLU B 5 21.99 -22.03 -14.67
CA GLU B 5 22.86 -22.13 -15.83
C GLU B 5 22.71 -20.92 -16.73
N SER B 6 21.47 -20.46 -16.89
CA SER B 6 21.19 -19.29 -17.71
C SER B 6 21.72 -18.02 -17.04
N GLU B 7 22.19 -17.07 -17.84
CA GLU B 7 22.73 -15.83 -17.31
C GLU B 7 21.60 -14.87 -16.89
N LYS B 8 20.53 -15.45 -16.35
CA LYS B 8 19.40 -14.66 -15.88
C LYS B 8 18.72 -15.34 -14.69
N PRO B 9 18.56 -14.60 -13.57
CA PRO B 9 17.93 -15.11 -12.36
C PRO B 9 16.42 -14.99 -12.39
N ARG B 10 15.83 -14.66 -11.23
CA ARG B 10 14.40 -14.49 -11.10
C ARG B 10 14.03 -14.20 -9.64
N GLY B 11 13.21 -13.17 -9.45
CA GLY B 11 12.79 -12.80 -8.12
C GLY B 11 13.97 -12.46 -7.22
N PHE B 12 13.89 -12.92 -5.96
CA PHE B 12 14.96 -12.67 -4.99
C PHE B 12 16.05 -13.72 -5.12
N ALA B 13 16.57 -13.86 -6.34
CA ALA B 13 17.63 -14.82 -6.61
C ALA B 13 18.91 -14.49 -5.85
N ARG B 14 19.98 -14.16 -6.57
CA ARG B 14 21.26 -13.82 -5.93
C ARG B 14 21.08 -12.74 -4.89
N GLY B 15 20.29 -11.72 -5.22
CA GLY B 15 20.06 -10.64 -4.28
C GLY B 15 19.95 -9.29 -4.98
N LEU B 16 19.26 -9.26 -6.12
CA LEU B 16 19.09 -8.03 -6.87
C LEU B 16 18.25 -7.02 -6.09
N GLU B 17 18.76 -5.81 -5.97
CA GLU B 17 18.06 -4.75 -5.24
C GLU B 17 16.87 -4.22 -6.04
N PRO B 18 15.70 -4.10 -5.40
CA PRO B 18 14.49 -3.60 -6.06
C PRO B 18 14.58 -2.10 -6.35
N GLU B 19 14.41 -1.74 -7.62
CA GLU B 19 14.47 -0.34 -8.02
C GLU B 19 13.11 0.35 -7.84
N ARG B 20 12.07 -0.28 -8.38
CA ARG B 20 10.71 0.26 -8.27
C ARG B 20 9.69 -0.71 -8.88
N ILE B 21 8.61 -0.94 -8.15
CA ILE B 21 7.55 -1.82 -8.62
C ILE B 21 6.77 -1.18 -9.77
N ILE B 22 6.54 -1.96 -10.82
CA ILE B 22 5.81 -1.46 -11.99
C ILE B 22 4.31 -1.44 -11.73
N GLY B 23 3.79 -2.56 -11.23
CA GLY B 23 2.36 -2.64 -10.95
C GLY B 23 1.96 -3.95 -10.29
N ALA B 24 0.77 -4.44 -10.65
CA ALA B 24 0.26 -5.69 -10.09
C ALA B 24 -0.91 -6.21 -10.92
N THR B 25 -0.96 -7.52 -11.12
CA THR B 25 -2.02 -8.15 -11.90
C THR B 25 -2.71 -9.26 -11.13
N ASP B 26 -4.04 -9.27 -11.16
CA ASP B 26 -4.82 -10.28 -10.45
C ASP B 26 -4.80 -11.61 -11.21
N SER B 27 -3.67 -12.32 -11.13
CA SER B 27 -3.52 -13.61 -11.80
C SER B 27 -4.00 -14.75 -10.90
N SER B 28 -4.73 -15.69 -11.50
CA SER B 28 -5.24 -16.86 -10.78
C SER B 28 -5.94 -16.46 -9.48
N GLY B 29 -6.69 -15.36 -9.51
CA GLY B 29 -7.41 -14.90 -8.34
C GLY B 29 -6.50 -14.41 -7.23
N GLU B 30 -5.31 -13.94 -7.60
CA GLU B 30 -4.35 -13.42 -6.63
C GLU B 30 -3.47 -12.35 -7.27
N LEU B 31 -3.42 -11.18 -6.63
CA LEU B 31 -2.63 -10.08 -7.13
C LEU B 31 -1.14 -10.40 -7.11
N MET B 32 -0.45 -10.07 -8.20
CA MET B 32 0.98 -10.33 -8.30
C MET B 32 1.72 -9.03 -8.58
N PHE B 33 2.69 -8.71 -7.71
CA PHE B 33 3.47 -7.48 -7.87
C PHE B 33 4.63 -7.70 -8.83
N LEU B 34 4.66 -6.91 -9.90
CA LEU B 34 5.73 -7.00 -10.88
C LEU B 34 6.97 -6.27 -10.38
N MET B 35 7.88 -7.00 -9.77
CA MET B 35 9.10 -6.42 -9.23
C MET B 35 10.13 -6.17 -10.33
N LYS B 36 10.54 -4.91 -10.45
CA LYS B 36 11.53 -4.53 -11.45
C LYS B 36 12.93 -4.61 -10.86
N TRP B 37 13.92 -4.90 -11.71
CA TRP B 37 15.30 -5.01 -11.24
C TRP B 37 16.22 -4.09 -12.02
N LYS B 38 17.14 -3.44 -11.31
CA LYS B 38 18.09 -2.52 -11.92
C LYS B 38 19.01 -3.23 -12.89
N ASN B 39 19.63 -4.31 -12.44
CA ASN B 39 20.54 -5.08 -13.28
C ASN B 39 19.79 -5.97 -14.25
N SER B 40 18.81 -6.72 -13.74
CA SER B 40 18.02 -7.61 -14.58
C SER B 40 17.11 -6.82 -15.51
N ASP B 41 17.19 -7.12 -16.81
CA ASP B 41 16.36 -6.43 -17.79
C ASP B 41 14.90 -6.84 -17.64
N GLU B 42 14.66 -8.14 -17.70
CA GLU B 42 13.30 -8.67 -17.56
C GLU B 42 12.86 -8.67 -16.10
N ALA B 43 11.64 -8.22 -15.86
CA ALA B 43 11.10 -8.17 -14.51
C ALA B 43 10.79 -9.58 -13.99
N ASP B 44 9.72 -9.71 -13.21
CA ASP B 44 9.33 -11.01 -12.66
C ASP B 44 8.07 -10.88 -11.80
N LEU B 45 7.08 -11.70 -12.09
CA LEU B 45 5.84 -11.69 -11.33
C LEU B 45 6.01 -12.38 -9.98
N VAL B 46 5.49 -11.76 -8.94
CA VAL B 46 5.59 -12.31 -7.59
C VAL B 46 4.25 -12.22 -6.85
N PRO B 47 3.79 -13.34 -6.26
CA PRO B 47 2.52 -13.38 -5.53
C PRO B 47 2.43 -12.31 -4.45
N ALA B 48 1.24 -11.76 -4.26
CA ALA B 48 1.01 -10.72 -3.27
C ALA B 48 1.50 -11.15 -1.89
N LYS B 49 1.18 -12.39 -1.51
CA LYS B 49 1.58 -12.92 -0.21
C LYS B 49 3.10 -13.00 -0.10
N GLU B 50 3.75 -13.47 -1.17
CA GLU B 50 5.20 -13.61 -1.18
C GLU B 50 5.89 -12.26 -0.96
N ALA B 51 5.61 -11.31 -1.85
CA ALA B 51 6.20 -9.98 -1.76
C ALA B 51 5.81 -9.29 -0.46
N ASN B 52 4.61 -9.61 0.03
CA ASN B 52 4.10 -9.02 1.27
C ASN B 52 5.12 -9.08 2.39
N VAL B 53 5.70 -10.26 2.60
CA VAL B 53 6.69 -10.45 3.66
C VAL B 53 8.10 -10.12 3.20
N LYS B 54 8.40 -10.44 1.94
CA LYS B 54 9.73 -10.19 1.37
C LYS B 54 10.14 -8.73 1.50
N CYS B 55 9.19 -7.81 1.32
CA CYS B 55 9.50 -6.39 1.40
C CYS B 55 8.23 -5.55 1.53
N PRO B 56 7.49 -5.67 2.65
CA PRO B 56 6.26 -4.92 2.89
C PRO B 56 6.45 -3.42 2.67
N GLN B 57 7.62 -2.91 3.04
CA GLN B 57 7.93 -1.49 2.89
C GLN B 57 7.76 -1.04 1.43
N VAL B 58 8.41 -1.75 0.52
CA VAL B 58 8.33 -1.42 -0.89
C VAL B 58 6.90 -1.62 -1.41
N VAL B 59 6.27 -2.68 -0.93
CA VAL B 59 4.90 -3.00 -1.30
C VAL B 59 3.92 -1.91 -0.90
N ILE B 60 4.00 -1.49 0.36
CA ILE B 60 3.13 -0.44 0.87
C ILE B 60 3.40 0.89 0.18
N SER B 61 4.68 1.20 0.02
CA SER B 61 5.10 2.44 -0.62
C SER B 61 4.58 2.56 -2.06
N PHE B 62 4.58 1.44 -2.79
CA PHE B 62 4.12 1.45 -4.17
C PHE B 62 2.74 2.08 -4.27
N TYR B 63 1.79 1.55 -3.50
CA TYR B 63 0.43 2.07 -3.51
C TYR B 63 0.41 3.47 -2.89
N GLU B 64 1.30 3.71 -1.93
CA GLU B 64 1.39 5.00 -1.26
C GLU B 64 1.53 6.14 -2.27
N GLU B 65 2.53 6.04 -3.14
CA GLU B 65 2.76 7.07 -4.15
C GLU B 65 1.62 7.08 -5.16
N ARG B 66 1.22 5.89 -5.63
CA ARG B 66 0.13 5.77 -6.59
C ARG B 66 -1.22 5.82 -5.88
N LEU B 67 -1.27 6.53 -4.77
CA LEU B 67 -2.50 6.67 -4.00
C LEU B 67 -3.36 7.81 -4.54
N THR B 68 -4.66 7.59 -4.56
CA THR B 68 -5.60 8.58 -5.04
C THR B 68 -6.93 8.43 -4.32
N TRP B 69 -7.57 9.55 -4.05
CA TRP B 69 -8.84 9.56 -3.34
C TRP B 69 -9.91 10.30 -4.11
N HIS B 70 -11.11 9.72 -4.12
CA HIS B 70 -12.24 10.30 -4.83
C HIS B 70 -12.84 11.48 -4.07
N SER B 71 -13.84 12.09 -4.67
CA SER B 71 -14.51 13.24 -4.08
C SER B 71 -14.84 13.02 -2.61
N TYR B 72 -14.56 14.03 -1.80
CA TYR B 72 -14.84 13.97 -0.37
C TYR B 72 -16.35 14.06 -0.14
N PRO B 73 -16.96 13.02 0.45
CA PRO B 73 -18.40 13.00 0.70
C PRO B 73 -18.78 13.81 1.94
N SER B 74 -19.78 14.68 1.79
CA SER B 74 -20.25 15.51 2.89
C SER B 74 -21.49 16.30 2.48
N ASP B 75 -22.55 16.17 3.27
CA ASP B 75 -23.80 16.87 2.99
C ASP B 75 -23.64 18.37 3.16
N GLY C 1 -24.80 10.89 17.63
CA GLY C 1 -23.95 10.56 16.45
C GLY C 1 -23.44 11.79 15.74
N SER C 2 -22.94 12.75 16.51
CA SER C 2 -22.42 13.99 15.94
C SER C 2 -21.26 13.72 15.00
N LYS C 3 -21.29 14.34 13.82
CA LYS C 3 -20.23 14.15 12.84
C LYS C 3 -18.93 14.81 13.30
N ALA C 4 -18.18 15.37 12.35
CA ALA C 4 -16.91 16.04 12.67
C ALA C 4 -16.31 16.67 11.43
N GLY C 5 -16.30 15.92 10.33
CA GLY C 5 -15.74 16.42 9.09
C GLY C 5 -14.23 16.57 9.16
N ASP C 6 -13.55 16.06 8.14
CA ASP C 6 -12.09 16.13 8.08
C ASP C 6 -11.62 17.58 8.01
N LEU C 7 -10.64 17.92 8.84
CA LEU C 7 -10.07 19.26 8.86
C LEU C 7 -8.64 19.24 8.37
N LEU C 8 -7.88 18.25 8.85
CA LEU C 8 -6.48 18.09 8.48
C LEU C 8 -6.32 17.02 7.42
N PHE C 9 -7.09 15.94 7.54
CA PHE C 9 -7.00 14.82 6.60
C PHE C 9 -8.21 14.72 5.68
N ILE C 10 -8.55 13.49 5.31
CA ILE C 10 -9.65 13.23 4.40
C ILE C 10 -10.73 12.36 5.03
N GLU C 11 -11.83 12.23 4.31
CA GLU C 11 -12.97 11.41 4.75
C GLU C 11 -13.73 10.86 3.55
N LYS C 12 -12.98 10.39 2.56
CA LYS C 12 -13.58 9.82 1.35
C LYS C 12 -13.03 8.42 1.11
N VAL C 13 -12.91 8.02 -0.15
CA VAL C 13 -12.39 6.71 -0.49
C VAL C 13 -11.06 6.82 -1.23
N PRO C 14 -9.94 6.67 -0.51
CA PRO C 14 -8.60 6.76 -1.11
C PRO C 14 -8.23 5.52 -1.92
N VAL C 15 -8.93 5.32 -3.04
CA VAL C 15 -8.68 4.17 -3.90
C VAL C 15 -7.23 4.16 -4.41
N VAL C 16 -6.96 3.29 -5.38
CA VAL C 16 -5.62 3.18 -5.95
C VAL C 16 -5.70 2.83 -7.43
N VAL C 17 -4.87 3.48 -8.23
CA VAL C 17 -4.84 3.24 -9.66
C VAL C 17 -3.59 2.47 -10.06
N LEU C 18 -3.81 1.38 -10.79
CA LEU C 18 -2.71 0.53 -11.25
C LEU C 18 -2.82 0.29 -12.74
N GLU C 19 -1.67 0.20 -13.41
CA GLU C 19 -1.65 -0.03 -14.84
C GLU C 19 -1.19 -1.45 -15.16
N ASP C 20 -1.78 -2.40 -14.44
CA ASP C 20 -1.46 -3.82 -14.63
C ASP C 20 0.02 -4.08 -14.39
N ILE C 21 0.68 -4.70 -15.36
CA ILE C 21 2.10 -5.02 -15.25
C ILE C 21 2.82 -4.78 -16.57
N LEU C 22 2.19 -5.22 -17.66
CA LEU C 22 2.75 -5.05 -19.00
C LEU C 22 1.65 -4.54 -19.94
N ALA C 23 0.82 -3.64 -19.42
CA ALA C 23 -0.28 -3.07 -20.18
C ALA C 23 0.23 -2.32 -21.42
N THR C 24 1.21 -1.45 -21.21
CA THR C 24 1.78 -0.68 -22.31
C THR C 24 3.19 -1.15 -22.64
N LYS C 25 3.43 -1.42 -23.94
CA LYS C 25 4.74 -1.89 -24.39
C LYS C 25 4.99 -1.46 -25.84
N PRO C 26 5.14 -0.15 -26.08
CA PRO C 26 5.39 0.38 -27.43
C PRO C 26 6.69 -0.15 -28.02
N SER C 27 6.60 -0.69 -29.24
CA SER C 27 7.77 -1.24 -29.91
C SER C 27 7.63 -1.15 -31.43
N ILE C 28 7.43 0.07 -31.92
CA ILE C 28 7.27 0.30 -33.36
C ILE C 28 7.85 1.66 -33.76
N ALA C 29 7.46 2.70 -33.04
CA ALA C 29 7.95 4.05 -33.32
C ALA C 29 7.46 5.04 -32.26
N SER C 30 7.59 4.65 -31.00
CA SER C 30 7.16 5.50 -29.89
C SER C 30 8.01 5.24 -28.65
N HIS A 1 -14.93 8.50 24.88
CA HIS A 1 -15.48 7.53 25.87
C HIS A 1 -14.56 6.31 26.00
N MET A 2 -13.26 6.57 26.09
CA MET A 2 -12.28 5.50 26.21
C MET A 2 -12.49 4.72 27.51
N LYS A 3 -12.26 3.41 27.45
CA LYS A 3 -12.43 2.55 28.61
C LYS A 3 -11.37 2.83 29.68
N GLU A 4 -11.76 2.71 30.95
CA GLU A 4 -10.86 2.96 32.07
C GLU A 4 -10.46 4.43 32.15
N GLU A 5 -10.56 4.98 33.36
CA GLU A 5 -10.21 6.38 33.59
C GLU A 5 -8.70 6.58 33.49
N SER A 6 -7.94 5.54 33.85
CA SER A 6 -6.48 5.60 33.82
C SER A 6 -5.97 6.17 32.50
N GLU A 7 -4.97 7.04 32.59
CA GLU A 7 -4.38 7.67 31.41
C GLU A 7 -3.88 6.62 30.42
N LYS A 8 -4.03 6.94 29.12
CA LYS A 8 -3.59 6.04 28.07
C LYS A 8 -3.02 6.83 26.90
N PRO A 9 -1.96 6.31 26.25
CA PRO A 9 -1.30 6.96 25.11
C PRO A 9 -2.24 7.16 23.92
N ARG A 10 -1.82 6.73 22.73
CA ARG A 10 -2.63 6.87 21.53
C ARG A 10 -2.11 5.97 20.42
N GLY A 11 -3.03 5.49 19.59
CA GLY A 11 -2.65 4.61 18.49
C GLY A 11 -2.43 3.17 18.95
N PHE A 12 -1.33 2.58 18.51
CA PHE A 12 -1.00 1.20 18.87
C PHE A 12 -0.39 1.14 20.26
N ALA A 13 -0.97 1.89 21.20
CA ALA A 13 -0.48 1.91 22.57
C ALA A 13 -0.72 0.58 23.27
N ARG A 14 -2.00 0.25 23.46
CA ARG A 14 -2.38 -0.98 24.12
C ARG A 14 -2.31 -2.16 23.15
N GLY A 15 -2.64 -1.90 21.90
CA GLY A 15 -2.62 -2.94 20.88
C GLY A 15 -4.02 -3.36 20.47
N LEU A 16 -4.92 -2.38 20.38
CA LEU A 16 -6.30 -2.64 19.99
C LEU A 16 -6.37 -3.15 18.57
N GLU A 17 -7.24 -4.14 18.34
CA GLU A 17 -7.41 -4.72 17.01
C GLU A 17 -7.93 -3.67 16.02
N PRO A 18 -7.23 -3.49 14.88
CA PRO A 18 -7.62 -2.51 13.87
C PRO A 18 -8.97 -2.84 13.24
N GLU A 19 -9.88 -1.87 13.24
CA GLU A 19 -11.20 -2.05 12.65
C GLU A 19 -11.25 -1.46 11.25
N ARG A 20 -10.41 -2.02 10.36
CA ARG A 20 -10.31 -1.59 8.97
C ARG A 20 -9.97 -0.10 8.85
N ILE A 21 -8.94 0.18 8.05
CA ILE A 21 -8.50 1.56 7.84
C ILE A 21 -9.45 2.31 6.91
N ILE A 22 -9.67 3.59 7.19
CA ILE A 22 -10.54 4.42 6.38
C ILE A 22 -10.08 5.87 6.37
N GLY A 23 -8.77 6.07 6.41
CA GLY A 23 -8.22 7.41 6.42
C GLY A 23 -6.88 7.49 5.73
N ALA A 24 -6.44 8.72 5.44
CA ALA A 24 -5.18 8.96 4.76
C ALA A 24 -5.07 10.44 4.40
N THR A 25 -3.92 11.05 4.68
CA THR A 25 -3.74 12.47 4.36
C THR A 25 -2.28 12.84 4.15
N ASP A 26 -2.02 13.55 3.06
CA ASP A 26 -0.67 13.99 2.72
C ASP A 26 -0.27 15.21 3.53
N SER A 27 -0.02 15.00 4.83
CA SER A 27 0.38 16.09 5.71
C SER A 27 1.72 16.68 5.27
N SER A 28 2.66 16.85 6.21
CA SER A 28 3.97 17.38 5.88
C SER A 28 4.62 16.55 4.78
N GLY A 29 4.39 15.24 4.84
CA GLY A 29 4.96 14.34 3.84
C GLY A 29 4.66 12.88 4.14
N GLU A 30 3.71 12.65 5.05
CA GLU A 30 3.34 11.30 5.44
C GLU A 30 1.84 11.07 5.27
N LEU A 31 1.47 9.86 4.87
CA LEU A 31 0.06 9.50 4.71
C LEU A 31 -0.50 9.02 6.03
N MET A 32 -1.22 9.90 6.72
CA MET A 32 -1.80 9.57 8.00
C MET A 32 -3.13 8.84 7.86
N PHE A 33 -3.14 7.56 8.20
CA PHE A 33 -4.35 6.75 8.10
C PHE A 33 -5.23 6.92 9.34
N LEU A 34 -6.50 7.25 9.11
CA LEU A 34 -7.44 7.41 10.20
C LEU A 34 -7.81 6.05 10.78
N MET A 35 -7.00 5.59 11.72
CA MET A 35 -7.19 4.29 12.35
C MET A 35 -8.52 4.21 13.07
N LYS A 36 -9.33 3.23 12.68
CA LYS A 36 -10.64 3.01 13.30
C LYS A 36 -10.51 1.92 14.36
N TRP A 37 -11.22 2.07 15.47
CA TRP A 37 -11.16 1.09 16.54
C TRP A 37 -12.55 0.61 16.95
N LYS A 38 -12.68 -0.70 17.11
CA LYS A 38 -13.95 -1.31 17.50
C LYS A 38 -14.36 -0.87 18.90
N ASN A 39 -13.43 -0.97 19.83
CA ASN A 39 -13.69 -0.61 21.22
C ASN A 39 -13.62 0.91 21.41
N SER A 40 -12.55 1.51 20.90
CA SER A 40 -12.37 2.96 21.02
C SER A 40 -13.30 3.71 20.09
N ASP A 41 -14.08 4.64 20.65
CA ASP A 41 -15.01 5.43 19.85
C ASP A 41 -14.28 6.47 19.01
N GLU A 42 -13.46 7.29 19.68
CA GLU A 42 -12.70 8.33 19.00
C GLU A 42 -11.62 7.74 18.11
N ALA A 43 -11.58 8.17 16.85
CA ALA A 43 -10.59 7.68 15.89
C ALA A 43 -9.25 8.38 16.08
N ASP A 44 -8.17 7.61 15.95
CA ASP A 44 -6.82 8.15 16.10
C ASP A 44 -6.07 8.07 14.78
N LEU A 45 -5.45 9.19 14.39
CA LEU A 45 -4.70 9.25 13.14
C LEU A 45 -3.26 8.79 13.35
N VAL A 46 -2.72 8.03 12.39
CA VAL A 46 -1.36 7.51 12.47
C VAL A 46 -0.59 7.72 11.17
N PRO A 47 0.65 8.25 11.24
CA PRO A 47 1.48 8.49 10.06
C PRO A 47 1.80 7.22 9.27
N ALA A 48 2.04 7.39 7.97
CA ALA A 48 2.35 6.26 7.10
C ALA A 48 3.60 5.50 7.56
N LYS A 49 4.65 6.25 7.90
CA LYS A 49 5.90 5.64 8.36
C LYS A 49 5.64 4.59 9.42
N GLU A 50 4.80 4.91 10.39
CA GLU A 50 4.47 3.98 11.46
C GLU A 50 3.65 2.82 10.92
N ALA A 51 2.59 3.13 10.17
CA ALA A 51 1.72 2.10 9.60
C ALA A 51 2.53 0.98 8.94
N ASN A 52 3.64 1.35 8.31
CA ASN A 52 4.49 0.38 7.63
C ASN A 52 4.98 -0.70 8.59
N VAL A 53 5.37 -0.30 9.80
CA VAL A 53 5.87 -1.25 10.80
C VAL A 53 4.78 -1.74 11.74
N LYS A 54 3.91 -0.83 12.18
CA LYS A 54 2.82 -1.17 13.11
C LYS A 54 2.01 -2.36 12.62
N CYS A 55 1.62 -2.34 11.34
CA CYS A 55 0.82 -3.42 10.76
C CYS A 55 0.73 -3.28 9.25
N PRO A 56 1.84 -3.56 8.53
CA PRO A 56 1.87 -3.46 7.07
C PRO A 56 0.85 -4.40 6.42
N GLN A 57 0.71 -5.58 6.98
CA GLN A 57 -0.23 -6.57 6.46
C GLN A 57 -1.63 -5.98 6.37
N VAL A 58 -1.99 -5.17 7.36
CA VAL A 58 -3.31 -4.54 7.40
C VAL A 58 -3.44 -3.41 6.38
N VAL A 59 -2.46 -2.50 6.36
CA VAL A 59 -2.49 -1.37 5.44
C VAL A 59 -2.52 -1.83 3.99
N ILE A 60 -1.68 -2.81 3.64
CA ILE A 60 -1.62 -3.32 2.28
C ILE A 60 -2.99 -3.82 1.82
N SER A 61 -3.69 -4.50 2.72
CA SER A 61 -5.01 -5.03 2.42
C SER A 61 -5.99 -3.92 2.06
N PHE A 62 -5.90 -2.80 2.78
CA PHE A 62 -6.79 -1.66 2.55
C PHE A 62 -6.67 -1.16 1.11
N TYR A 63 -5.43 -0.95 0.66
CA TYR A 63 -5.18 -0.47 -0.70
C TYR A 63 -5.70 -1.44 -1.75
N GLU A 64 -5.44 -2.73 -1.55
CA GLU A 64 -5.85 -3.76 -2.49
C GLU A 64 -7.35 -3.69 -2.76
N GLU A 65 -8.14 -3.60 -1.70
CA GLU A 65 -9.60 -3.52 -1.84
C GLU A 65 -10.01 -2.27 -2.59
N ARG A 66 -9.38 -1.15 -2.26
CA ARG A 66 -9.71 0.13 -2.90
C ARG A 66 -9.03 0.27 -4.26
N LEU A 67 -8.76 -0.84 -4.92
CA LEU A 67 -8.13 -0.79 -6.24
C LEU A 67 -9.16 -0.45 -7.31
N THR A 68 -8.81 0.44 -8.22
CA THR A 68 -9.71 0.86 -9.27
C THR A 68 -9.18 0.56 -10.67
N TRP A 69 -7.85 0.50 -10.76
CA TRP A 69 -7.17 0.22 -12.02
C TRP A 69 -7.31 1.38 -13.00
N HIS A 70 -6.21 1.69 -13.69
CA HIS A 70 -6.19 2.78 -14.67
C HIS A 70 -6.99 2.40 -15.90
N SER A 71 -6.35 1.68 -16.83
CA SER A 71 -7.01 1.25 -18.06
C SER A 71 -6.19 0.17 -18.76
N TYR A 72 -6.82 -0.96 -19.06
CA TYR A 72 -6.15 -2.06 -19.74
C TYR A 72 -6.05 -1.80 -21.24
N PRO A 73 -4.83 -1.82 -21.80
CA PRO A 73 -4.62 -1.59 -23.23
C PRO A 73 -4.97 -2.80 -24.08
N SER A 74 -5.80 -2.58 -25.09
CA SER A 74 -6.22 -3.67 -25.98
C SER A 74 -5.13 -3.97 -27.01
N ASP A 75 -4.61 -2.92 -27.63
CA ASP A 75 -3.57 -3.06 -28.64
C ASP A 75 -2.30 -3.64 -28.03
N HIS B 1 18.72 -11.18 -20.51
CA HIS B 1 20.19 -10.98 -20.45
C HIS B 1 20.71 -11.06 -19.02
N MET B 2 20.23 -12.05 -18.28
CA MET B 2 20.65 -12.24 -16.89
C MET B 2 22.13 -12.55 -16.80
N LYS B 3 22.77 -12.04 -15.74
CA LYS B 3 24.19 -12.24 -15.53
C LYS B 3 24.50 -13.69 -15.20
N GLU B 4 25.66 -14.16 -15.67
CA GLU B 4 26.10 -15.54 -15.43
C GLU B 4 25.19 -16.54 -16.13
N GLU B 5 25.81 -17.48 -16.85
CA GLU B 5 25.09 -18.51 -17.57
C GLU B 5 24.43 -19.50 -16.61
N SER B 6 25.05 -19.69 -15.45
CA SER B 6 24.55 -20.61 -14.44
C SER B 6 23.06 -20.40 -14.20
N GLU B 7 22.32 -21.51 -14.08
CA GLU B 7 20.88 -21.45 -13.84
C GLU B 7 20.56 -20.66 -12.57
N LYS B 8 19.46 -19.92 -12.61
CA LYS B 8 19.03 -19.11 -11.48
C LYS B 8 17.51 -19.13 -11.34
N PRO B 9 17.00 -19.14 -10.09
CA PRO B 9 15.56 -19.17 -9.81
C PRO B 9 14.83 -17.95 -10.39
N ARG B 10 14.06 -17.26 -9.54
CA ARG B 10 13.32 -16.09 -9.97
C ARG B 10 12.83 -15.29 -8.77
N GLY B 11 12.79 -13.97 -8.92
CA GLY B 11 12.34 -13.11 -7.84
C GLY B 11 13.41 -12.85 -6.81
N PHE B 12 13.05 -13.00 -5.54
CA PHE B 12 13.99 -12.77 -4.44
C PHE B 12 14.90 -13.98 -4.25
N ALA B 13 15.36 -14.56 -5.35
CA ALA B 13 16.23 -15.73 -5.29
C ALA B 13 17.60 -15.37 -4.73
N ARG B 14 18.33 -14.55 -5.48
CA ARG B 14 19.67 -14.12 -5.06
C ARG B 14 19.57 -13.01 -4.02
N GLY B 15 18.59 -12.14 -4.17
CA GLY B 15 18.41 -11.04 -3.25
C GLY B 15 18.77 -9.71 -3.87
N LEU B 16 18.42 -9.55 -5.14
CA LEU B 16 18.70 -8.33 -5.88
C LEU B 16 17.94 -7.15 -5.28
N GLU B 17 18.61 -6.00 -5.20
CA GLU B 17 17.99 -4.79 -4.66
C GLU B 17 16.84 -4.31 -5.53
N PRO B 18 15.64 -4.14 -4.94
CA PRO B 18 14.46 -3.68 -5.68
C PRO B 18 14.57 -2.20 -6.04
N GLU B 19 14.50 -1.89 -7.33
CA GLU B 19 14.57 -0.50 -7.78
C GLU B 19 13.24 0.20 -7.61
N ARG B 20 12.17 -0.43 -8.11
CA ARG B 20 10.82 0.13 -8.00
C ARG B 20 9.79 -0.80 -8.62
N ILE B 21 8.71 -1.05 -7.90
CA ILE B 21 7.65 -1.93 -8.38
C ILE B 21 6.87 -1.26 -9.51
N ILE B 22 6.69 -1.99 -10.62
CA ILE B 22 5.96 -1.46 -11.77
C ILE B 22 4.46 -1.47 -11.54
N GLY B 23 3.93 -2.62 -11.11
CA GLY B 23 2.51 -2.73 -10.87
C GLY B 23 2.09 -4.07 -10.31
N ALA B 24 0.95 -4.58 -10.76
CA ALA B 24 0.43 -5.86 -10.30
C ALA B 24 -0.76 -6.31 -11.16
N THR B 25 -0.82 -7.60 -11.46
CA THR B 25 -1.90 -8.15 -12.27
C THR B 25 -2.60 -9.30 -11.55
N ASP B 26 -3.93 -9.27 -11.55
CA ASP B 26 -4.72 -10.31 -10.89
C ASP B 26 -4.65 -11.62 -11.66
N SER B 27 -3.53 -12.32 -11.55
CA SER B 27 -3.34 -13.59 -12.23
C SER B 27 -3.90 -14.75 -11.41
N SER B 28 -4.81 -15.52 -12.01
CA SER B 28 -5.43 -16.67 -11.35
C SER B 28 -6.35 -16.23 -10.21
N GLY B 29 -5.75 -15.64 -9.18
CA GLY B 29 -6.51 -15.17 -8.04
C GLY B 29 -5.62 -14.50 -7.00
N GLU B 30 -4.51 -13.95 -7.47
CA GLU B 30 -3.55 -13.27 -6.61
C GLU B 30 -2.82 -12.17 -7.37
N LEU B 31 -2.75 -10.98 -6.79
CA LEU B 31 -2.08 -9.86 -7.43
C LEU B 31 -0.59 -10.11 -7.61
N MET B 32 -0.18 -10.40 -8.84
CA MET B 32 1.23 -10.64 -9.14
C MET B 32 1.95 -9.32 -9.40
N PHE B 33 2.77 -8.90 -8.44
CA PHE B 33 3.52 -7.66 -8.56
C PHE B 33 4.72 -7.85 -9.49
N LEU B 34 4.77 -7.05 -10.55
CA LEU B 34 5.88 -7.12 -11.49
C LEU B 34 7.12 -6.50 -10.85
N MET B 35 7.98 -7.33 -10.27
CA MET B 35 9.18 -6.85 -9.61
C MET B 35 10.24 -6.45 -10.63
N LYS B 36 10.61 -5.17 -10.61
CA LYS B 36 11.63 -4.65 -11.52
C LYS B 36 13.01 -4.75 -10.87
N TRP B 37 14.04 -4.97 -11.68
CA TRP B 37 15.39 -5.10 -11.15
C TRP B 37 16.37 -4.21 -11.92
N LYS B 38 17.28 -3.58 -11.18
CA LYS B 38 18.28 -2.70 -11.78
C LYS B 38 19.24 -3.49 -12.65
N ASN B 39 19.81 -4.55 -12.08
CA ASN B 39 20.76 -5.39 -12.80
C ASN B 39 20.03 -6.28 -13.80
N SER B 40 18.97 -6.95 -13.34
CA SER B 40 18.19 -7.83 -14.21
C SER B 40 17.34 -7.01 -15.16
N ASP B 41 17.45 -7.29 -16.45
CA ASP B 41 16.68 -6.56 -17.46
C ASP B 41 15.22 -7.02 -17.48
N GLU B 42 15.02 -8.33 -17.56
CA GLU B 42 13.67 -8.90 -17.60
C GLU B 42 12.99 -8.80 -16.24
N ALA B 43 11.76 -8.29 -16.25
CA ALA B 43 10.97 -8.17 -15.03
C ALA B 43 10.41 -9.52 -14.61
N ASP B 44 10.47 -9.82 -13.31
CA ASP B 44 9.98 -11.09 -12.80
C ASP B 44 8.70 -10.91 -11.99
N LEU B 45 7.70 -11.72 -12.29
CA LEU B 45 6.42 -11.67 -11.58
C LEU B 45 6.55 -12.30 -10.20
N VAL B 46 5.90 -11.71 -9.22
CA VAL B 46 5.94 -12.21 -7.85
C VAL B 46 4.56 -12.12 -7.19
N PRO B 47 4.09 -13.23 -6.59
CA PRO B 47 2.79 -13.28 -5.92
C PRO B 47 2.67 -12.27 -4.79
N ALA B 48 1.49 -11.69 -4.64
CA ALA B 48 1.23 -10.70 -3.60
C ALA B 48 1.58 -11.25 -2.22
N LYS B 49 1.21 -12.50 -1.98
CA LYS B 49 1.49 -13.15 -0.70
C LYS B 49 2.98 -13.10 -0.39
N GLU B 50 3.79 -13.44 -1.39
CA GLU B 50 5.21 -13.44 -1.25
C GLU B 50 5.74 -12.02 -1.00
N ALA B 51 5.23 -11.07 -1.78
CA ALA B 51 5.64 -9.68 -1.67
C ALA B 51 5.39 -9.11 -0.28
N ASN B 52 4.27 -9.49 0.33
CA ASN B 52 3.90 -9.00 1.66
C ASN B 52 4.99 -9.28 2.69
N VAL B 53 5.57 -10.48 2.62
CA VAL B 53 6.61 -10.87 3.58
C VAL B 53 8.02 -10.49 3.11
N LYS B 54 8.29 -10.67 1.82
CA LYS B 54 9.61 -10.36 1.25
C LYS B 54 9.99 -8.89 1.45
N CYS B 55 9.04 -7.98 1.22
CA CYS B 55 9.31 -6.55 1.36
C CYS B 55 8.01 -5.75 1.39
N PRO B 56 7.25 -5.83 2.50
CA PRO B 56 5.99 -5.09 2.65
C PRO B 56 6.16 -3.59 2.46
N GLN B 57 7.27 -3.05 2.97
CA GLN B 57 7.56 -1.62 2.87
C GLN B 57 7.55 -1.17 1.42
N VAL B 58 8.32 -1.83 0.57
CA VAL B 58 8.38 -1.49 -0.85
C VAL B 58 7.00 -1.62 -1.47
N VAL B 59 6.26 -2.62 -1.01
CA VAL B 59 4.93 -2.91 -1.49
C VAL B 59 3.94 -1.79 -1.12
N ILE B 60 3.99 -1.36 0.13
CA ILE B 60 3.11 -0.30 0.62
C ILE B 60 3.41 1.03 -0.07
N SER B 61 4.68 1.33 -0.24
CA SER B 61 5.12 2.57 -0.87
C SER B 61 4.51 2.75 -2.26
N PHE B 62 4.44 1.66 -3.02
CA PHE B 62 3.89 1.71 -4.37
C PHE B 62 2.45 2.23 -4.35
N TYR B 63 1.56 1.49 -3.72
CA TYR B 63 0.16 1.89 -3.64
C TYR B 63 0.01 3.21 -2.89
N GLU B 64 0.96 3.45 -1.99
CA GLU B 64 0.98 4.66 -1.18
C GLU B 64 0.85 5.91 -2.04
N GLU B 65 1.61 5.95 -3.14
CA GLU B 65 1.58 7.11 -4.03
C GLU B 65 0.44 7.03 -5.04
N ARG B 66 0.21 5.84 -5.61
CA ARG B 66 -0.86 5.64 -6.59
C ARG B 66 -2.21 6.04 -6.00
N LEU B 67 -2.26 6.14 -4.67
CA LEU B 67 -3.48 6.50 -3.96
C LEU B 67 -4.08 7.80 -4.48
N THR B 68 -5.40 7.90 -4.37
CA THR B 68 -6.13 9.09 -4.81
C THR B 68 -7.50 9.13 -4.15
N TRP B 69 -7.84 10.29 -3.62
CA TRP B 69 -9.10 10.49 -2.92
C TRP B 69 -10.29 10.29 -3.86
N HIS B 70 -11.42 9.87 -3.29
CA HIS B 70 -12.62 9.63 -4.08
C HIS B 70 -13.87 10.11 -3.36
N SER B 71 -14.50 11.16 -3.91
CA SER B 71 -15.72 11.73 -3.34
C SER B 71 -15.59 12.00 -1.84
N TYR B 72 -15.07 13.18 -1.49
CA TYR B 72 -14.92 13.56 -0.10
C TYR B 72 -16.28 13.90 0.51
N PRO B 73 -16.70 13.17 1.56
CA PRO B 73 -17.97 13.42 2.22
C PRO B 73 -17.89 14.58 3.20
N SER B 74 -18.86 15.49 3.13
CA SER B 74 -18.89 16.65 4.02
C SER B 74 -20.19 17.43 3.86
N ASP B 75 -21.29 16.71 3.90
CA ASP B 75 -22.61 17.33 3.77
C ASP B 75 -22.94 18.19 4.98
N GLY C 1 -20.74 9.14 8.63
CA GLY C 1 -19.86 10.32 8.42
C GLY C 1 -19.68 11.14 9.68
N SER C 2 -19.77 12.46 9.54
CA SER C 2 -19.61 13.36 10.68
C SER C 2 -19.96 14.79 10.30
N LYS C 3 -20.70 15.46 11.17
CA LYS C 3 -21.11 16.84 10.93
C LYS C 3 -19.91 17.77 10.74
N ALA C 4 -20.01 18.68 9.78
CA ALA C 4 -18.94 19.64 9.48
C ALA C 4 -17.77 18.97 8.76
N GLY C 5 -17.43 17.75 9.17
CA GLY C 5 -16.32 17.04 8.55
C GLY C 5 -14.98 17.64 8.90
N ASP C 6 -14.02 16.78 9.23
CA ASP C 6 -12.68 17.23 9.61
C ASP C 6 -11.98 17.90 8.44
N LEU C 7 -11.48 19.12 8.67
CA LEU C 7 -10.79 19.88 7.65
C LEU C 7 -9.33 19.46 7.56
N LEU C 8 -8.72 19.21 8.72
CA LEU C 8 -7.32 18.81 8.80
C LEU C 8 -6.95 17.78 7.74
N PHE C 9 -7.89 16.90 7.42
CA PHE C 9 -7.63 15.87 6.42
C PHE C 9 -8.92 15.46 5.70
N ILE C 10 -8.88 14.29 5.09
CA ILE C 10 -10.01 13.77 4.35
C ILE C 10 -10.64 12.59 5.07
N GLU C 11 -11.92 12.36 4.80
CA GLU C 11 -12.64 11.26 5.42
C GLU C 11 -13.48 10.50 4.41
N LYS C 12 -12.91 10.24 3.23
CA LYS C 12 -13.62 9.51 2.20
C LYS C 12 -13.03 8.11 2.02
N VAL C 13 -13.03 7.60 0.79
CA VAL C 13 -12.48 6.29 0.51
C VAL C 13 -11.35 6.39 -0.52
N PRO C 14 -10.10 6.42 -0.05
CA PRO C 14 -8.93 6.52 -0.93
C PRO C 14 -8.77 5.28 -1.82
N VAL C 15 -8.70 5.51 -3.12
CA VAL C 15 -8.54 4.43 -4.10
C VAL C 15 -7.18 4.51 -4.79
N VAL C 16 -6.65 3.35 -5.15
CA VAL C 16 -5.37 3.30 -5.85
C VAL C 16 -5.56 2.89 -7.29
N VAL C 17 -4.75 3.46 -8.15
CA VAL C 17 -4.82 3.18 -9.58
C VAL C 17 -3.62 2.36 -10.04
N LEU C 18 -3.91 1.30 -10.78
CA LEU C 18 -2.87 0.42 -11.30
C LEU C 18 -3.17 0.05 -12.75
N GLU C 19 -2.15 0.08 -13.59
CA GLU C 19 -2.31 -0.24 -14.99
C GLU C 19 -1.69 -1.60 -15.31
N ASP C 20 -2.18 -2.63 -14.62
CA ASP C 20 -1.69 -3.99 -14.83
C ASP C 20 -0.21 -4.10 -14.53
N ILE C 21 0.57 -4.64 -15.47
CA ILE C 21 2.01 -4.80 -15.29
C ILE C 21 2.79 -4.41 -16.54
N LEU C 22 2.25 -4.77 -17.70
CA LEU C 22 2.90 -4.44 -18.97
C LEU C 22 1.94 -3.67 -19.88
N ALA C 23 1.08 -2.86 -19.27
CA ALA C 23 0.11 -2.07 -20.02
C ALA C 23 0.80 -1.05 -20.90
N THR C 24 1.33 0.00 -20.28
CA THR C 24 2.02 1.06 -21.01
C THR C 24 3.09 1.73 -20.17
N LYS C 25 4.27 1.94 -20.77
CA LYS C 25 5.39 2.58 -20.06
C LYS C 25 6.28 3.33 -21.04
N PRO C 26 5.74 4.34 -21.74
CA PRO C 26 6.50 5.13 -22.71
C PRO C 26 7.72 5.81 -22.09
N SER C 27 8.85 5.75 -22.78
CA SER C 27 10.08 6.36 -22.29
C SER C 27 10.97 6.78 -23.45
N ILE C 28 10.42 7.61 -24.33
CA ILE C 28 11.15 8.10 -25.50
C ILE C 28 11.11 9.62 -25.55
N ALA C 29 11.49 10.25 -24.45
CA ALA C 29 11.50 11.72 -24.35
C ALA C 29 12.20 12.18 -23.09
N SER C 30 13.35 11.58 -22.80
CA SER C 30 14.12 11.93 -21.60
C SER C 30 15.61 11.70 -21.83
N HIS A 1 -17.43 5.33 30.82
CA HIS A 1 -16.69 4.08 30.53
C HIS A 1 -15.59 4.31 29.50
N MET A 2 -15.92 5.06 28.47
CA MET A 2 -14.97 5.37 27.40
C MET A 2 -13.72 6.05 27.95
N LYS A 3 -12.56 5.60 27.50
CA LYS A 3 -11.29 6.17 27.95
C LYS A 3 -11.18 7.63 27.52
N GLU A 4 -10.76 8.48 28.46
CA GLU A 4 -10.61 9.91 28.19
C GLU A 4 -9.98 10.63 29.37
N GLU A 5 -10.50 10.39 30.56
CA GLU A 5 -9.97 11.02 31.77
C GLU A 5 -8.57 10.51 32.07
N SER A 6 -8.41 9.18 32.07
CA SER A 6 -7.12 8.57 32.35
C SER A 6 -6.11 8.93 31.26
N GLU A 7 -4.91 9.33 31.69
CA GLU A 7 -3.86 9.70 30.74
C GLU A 7 -3.43 8.50 29.91
N LYS A 8 -3.72 8.56 28.62
CA LYS A 8 -3.37 7.49 27.70
C LYS A 8 -3.05 8.04 26.31
N PRO A 9 -2.02 7.48 25.64
CA PRO A 9 -1.61 7.92 24.31
C PRO A 9 -2.73 7.76 23.27
N ARG A 10 -2.38 7.28 22.07
CA ARG A 10 -3.37 7.10 21.01
C ARG A 10 -2.83 6.19 19.92
N GLY A 11 -3.73 5.39 19.34
CA GLY A 11 -3.33 4.47 18.29
C GLY A 11 -2.79 3.17 18.83
N PHE A 12 -1.67 2.71 18.27
CA PHE A 12 -1.05 1.46 18.70
C PHE A 12 -0.22 1.67 19.98
N ALA A 13 -0.80 2.40 20.93
CA ALA A 13 -0.11 2.67 22.19
C ALA A 13 0.16 1.40 22.97
N ARG A 14 -0.91 0.70 23.34
CA ARG A 14 -0.79 -0.54 24.10
C ARG A 14 -0.88 -1.75 23.17
N GLY A 15 -1.84 -1.74 22.26
CA GLY A 15 -2.01 -2.85 21.34
C GLY A 15 -3.46 -3.14 21.03
N LEU A 16 -4.25 -2.08 20.85
CA LEU A 16 -5.68 -2.22 20.56
C LEU A 16 -5.88 -2.89 19.20
N GLU A 17 -6.82 -3.83 19.14
CA GLU A 17 -7.11 -4.54 17.90
C GLU A 17 -7.74 -3.61 16.87
N PRO A 18 -7.18 -3.55 15.65
CA PRO A 18 -7.70 -2.69 14.58
C PRO A 18 -9.09 -3.13 14.13
N GLU A 19 -10.07 -2.24 14.24
CA GLU A 19 -11.44 -2.56 13.84
C GLU A 19 -11.55 -2.57 12.33
N ARG A 20 -11.21 -1.44 11.70
CA ARG A 20 -11.27 -1.31 10.25
C ARG A 20 -10.85 0.08 9.81
N ILE A 21 -9.91 0.14 8.88
CA ILE A 21 -9.43 1.43 8.37
C ILE A 21 -10.49 2.07 7.48
N ILE A 22 -10.67 3.37 7.62
CA ILE A 22 -11.67 4.10 6.82
C ILE A 22 -11.20 5.52 6.52
N GLY A 23 -9.91 5.70 6.37
CA GLY A 23 -9.38 7.02 6.09
C GLY A 23 -7.90 7.02 5.76
N ALA A 24 -7.49 8.00 4.97
CA ALA A 24 -6.10 8.15 4.58
C ALA A 24 -5.88 9.54 4.01
N THR A 25 -4.90 10.27 4.55
CA THR A 25 -4.63 11.62 4.08
C THR A 25 -3.16 12.00 4.31
N ASP A 26 -2.56 12.60 3.29
CA ASP A 26 -1.16 13.02 3.36
C ASP A 26 -1.03 14.37 4.07
N SER A 27 -0.35 14.35 5.22
CA SER A 27 -0.14 15.56 5.99
C SER A 27 1.00 16.39 5.38
N SER A 28 2.01 16.71 6.18
CA SER A 28 3.15 17.48 5.71
C SER A 28 3.81 16.79 4.52
N GLY A 29 3.92 15.47 4.61
CA GLY A 29 4.52 14.69 3.54
C GLY A 29 4.51 13.20 3.84
N GLU A 30 3.47 12.76 4.53
CA GLU A 30 3.32 11.36 4.90
C GLU A 30 1.83 11.02 5.06
N LEU A 31 1.42 9.87 4.55
CA LEU A 31 0.02 9.45 4.67
C LEU A 31 -0.36 9.38 6.14
N MET A 32 -1.66 9.44 6.42
CA MET A 32 -2.12 9.39 7.79
C MET A 32 -3.40 8.58 7.90
N PHE A 33 -3.28 7.27 7.72
CA PHE A 33 -4.43 6.37 7.80
C PHE A 33 -5.23 6.60 9.08
N LEU A 34 -6.52 6.86 8.92
CA LEU A 34 -7.40 7.07 10.06
C LEU A 34 -7.78 5.72 10.68
N MET A 35 -6.91 5.23 11.56
CA MET A 35 -7.14 3.93 12.20
C MET A 35 -8.30 3.99 13.18
N LYS A 36 -9.30 3.13 12.94
CA LYS A 36 -10.47 3.06 13.82
C LYS A 36 -10.22 2.05 14.94
N TRP A 37 -10.69 2.38 16.15
CA TRP A 37 -10.48 1.49 17.29
C TRP A 37 -11.79 1.22 18.02
N LYS A 38 -12.12 -0.07 18.11
CA LYS A 38 -13.34 -0.50 18.79
C LYS A 38 -13.15 -0.54 20.30
N ASN A 39 -11.95 -0.89 20.75
CA ASN A 39 -11.67 -0.95 22.18
C ASN A 39 -11.77 0.43 22.81
N SER A 40 -11.07 1.40 22.21
CA SER A 40 -11.07 2.77 22.72
C SER A 40 -10.36 3.72 21.77
N ASP A 41 -10.69 5.01 21.86
CA ASP A 41 -10.08 6.03 21.02
C ASP A 41 -10.36 5.78 19.56
N GLU A 42 -11.62 5.49 19.24
CA GLU A 42 -12.03 5.22 17.87
C GLU A 42 -11.53 6.31 16.91
N ALA A 43 -10.98 5.88 15.78
CA ALA A 43 -10.46 6.80 14.76
C ALA A 43 -9.27 7.60 15.29
N ASP A 44 -8.19 7.62 14.51
CA ASP A 44 -6.98 8.35 14.90
C ASP A 44 -5.96 8.33 13.76
N LEU A 45 -5.39 9.49 13.48
CA LEU A 45 -4.40 9.61 12.41
C LEU A 45 -3.11 8.89 12.76
N VAL A 46 -2.53 8.23 11.77
CA VAL A 46 -1.27 7.50 11.97
C VAL A 46 -0.40 7.60 10.72
N PRO A 47 0.84 8.11 10.88
CA PRO A 47 1.76 8.26 9.76
C PRO A 47 2.02 6.95 9.02
N ALA A 48 1.90 6.98 7.70
CA ALA A 48 2.12 5.79 6.87
C ALA A 48 3.41 5.09 7.25
N LYS A 49 4.46 5.88 7.46
CA LYS A 49 5.76 5.33 7.83
C LYS A 49 5.62 4.41 9.04
N GLU A 50 4.84 4.85 10.02
CA GLU A 50 4.60 4.08 11.23
C GLU A 50 3.67 2.90 10.97
N ALA A 51 2.60 3.15 10.22
CA ALA A 51 1.62 2.13 9.89
C ALA A 51 2.25 0.94 9.17
N ASN A 52 3.27 1.21 8.36
CA ASN A 52 3.95 0.15 7.61
C ASN A 52 4.33 -1.03 8.50
N VAL A 53 4.81 -0.73 9.70
CA VAL A 53 5.22 -1.77 10.63
C VAL A 53 4.11 -2.16 11.59
N LYS A 54 3.28 -1.20 11.96
CA LYS A 54 2.18 -1.45 12.89
C LYS A 54 1.24 -2.56 12.40
N CYS A 55 0.92 -2.52 11.11
CA CYS A 55 0.03 -3.53 10.54
C CYS A 55 0.03 -3.47 9.01
N PRO A 56 1.17 -3.83 8.37
CA PRO A 56 1.27 -3.82 6.91
C PRO A 56 0.20 -4.68 6.26
N GLN A 57 -0.09 -5.82 6.88
CA GLN A 57 -1.10 -6.74 6.37
C GLN A 57 -2.44 -6.04 6.22
N VAL A 58 -2.80 -5.22 7.20
CA VAL A 58 -4.07 -4.49 7.18
C VAL A 58 -4.04 -3.34 6.18
N VAL A 59 -2.99 -2.52 6.22
CA VAL A 59 -2.89 -1.38 5.32
C VAL A 59 -2.86 -1.81 3.85
N ILE A 60 -2.02 -2.80 3.55
CA ILE A 60 -1.90 -3.31 2.18
C ILE A 60 -3.25 -3.82 1.69
N SER A 61 -3.96 -4.53 2.56
CA SER A 61 -5.28 -5.06 2.22
C SER A 61 -6.28 -3.92 1.98
N PHE A 62 -6.14 -2.86 2.75
CA PHE A 62 -7.02 -1.71 2.64
C PHE A 62 -7.05 -1.16 1.22
N TYR A 63 -5.87 -1.07 0.61
CA TYR A 63 -5.75 -0.57 -0.76
C TYR A 63 -6.38 -1.53 -1.76
N GLU A 64 -6.21 -2.82 -1.51
CA GLU A 64 -6.74 -3.85 -2.40
C GLU A 64 -8.23 -3.68 -2.66
N GLU A 65 -9.02 -3.51 -1.59
CA GLU A 65 -10.46 -3.35 -1.74
C GLU A 65 -10.78 -2.02 -2.43
N ARG A 66 -10.10 -0.96 -2.02
CA ARG A 66 -10.31 0.36 -2.60
C ARG A 66 -9.82 0.42 -4.05
N LEU A 67 -8.99 -0.56 -4.41
CA LEU A 67 -8.43 -0.64 -5.75
C LEU A 67 -9.51 -0.46 -6.81
N THR A 68 -9.16 0.22 -7.91
CA THR A 68 -10.10 0.48 -8.99
C THR A 68 -9.44 0.30 -10.35
N TRP A 69 -8.11 0.33 -10.35
CA TRP A 69 -7.33 0.19 -11.57
C TRP A 69 -7.53 1.40 -12.47
N HIS A 70 -7.63 1.16 -13.79
CA HIS A 70 -7.83 2.24 -14.74
C HIS A 70 -8.48 1.71 -16.02
N SER A 71 -7.69 1.57 -17.08
CA SER A 71 -8.21 1.07 -18.34
C SER A 71 -7.09 0.45 -19.18
N TYR A 72 -7.31 -0.78 -19.63
CA TYR A 72 -6.31 -1.49 -20.44
C TYR A 72 -6.26 -0.91 -21.85
N PRO A 73 -5.07 -0.46 -22.30
CA PRO A 73 -4.89 0.12 -23.63
C PRO A 73 -5.37 -0.80 -24.75
N SER A 74 -4.80 -2.01 -24.79
CA SER A 74 -5.16 -3.00 -25.81
C SER A 74 -5.19 -2.39 -27.20
N ASP A 75 -4.13 -1.65 -27.53
CA ASP A 75 -4.04 -1.00 -28.84
C ASP A 75 -2.63 -0.47 -29.08
N HIS B 1 26.29 -11.52 -21.28
CA HIS B 1 26.53 -11.16 -19.86
C HIS B 1 25.27 -11.33 -19.02
N MET B 2 24.14 -10.91 -19.59
CA MET B 2 22.86 -11.02 -18.90
C MET B 2 22.54 -12.47 -18.56
N LYS B 3 22.11 -12.70 -17.31
CA LYS B 3 21.78 -14.03 -16.86
C LYS B 3 20.61 -14.61 -17.66
N GLU B 4 20.76 -15.85 -18.12
CA GLU B 4 19.72 -16.51 -18.90
C GLU B 4 20.06 -17.98 -19.14
N GLU B 5 21.27 -18.24 -19.60
CA GLU B 5 21.71 -19.61 -19.86
C GLU B 5 21.82 -20.41 -18.56
N SER B 6 22.51 -19.84 -17.59
CA SER B 6 22.69 -20.49 -16.30
C SER B 6 21.35 -20.65 -15.58
N GLU B 7 21.10 -21.85 -15.05
CA GLU B 7 19.86 -22.12 -14.34
C GLU B 7 19.74 -21.26 -13.08
N LYS B 8 18.77 -20.36 -13.08
CA LYS B 8 18.54 -19.48 -11.94
C LYS B 8 17.06 -19.15 -11.79
N PRO B 9 16.55 -19.11 -10.54
CA PRO B 9 15.15 -18.80 -10.26
C PRO B 9 14.74 -17.42 -10.78
N ARG B 10 13.99 -16.67 -9.97
CA ARG B 10 13.54 -15.34 -10.37
C ARG B 10 13.00 -14.58 -9.17
N GLY B 11 13.25 -13.27 -9.15
CA GLY B 11 12.78 -12.44 -8.05
C GLY B 11 13.72 -12.46 -6.87
N PHE B 12 13.16 -12.64 -5.67
CA PHE B 12 13.95 -12.67 -4.45
C PHE B 12 14.64 -14.01 -4.27
N ALA B 13 15.23 -14.53 -5.34
CA ALA B 13 15.91 -15.81 -5.30
C ALA B 13 17.15 -15.76 -4.41
N ARG B 14 18.15 -14.97 -4.82
CA ARG B 14 19.38 -14.83 -4.05
C ARG B 14 19.34 -13.60 -3.14
N GLY B 15 19.04 -12.45 -3.73
CA GLY B 15 18.96 -11.22 -2.96
C GLY B 15 19.30 -9.99 -3.79
N LEU B 16 18.79 -9.95 -5.02
CA LEU B 16 19.05 -8.83 -5.92
C LEU B 16 18.41 -7.55 -5.37
N GLU B 17 19.16 -6.45 -5.46
CA GLU B 17 18.66 -5.15 -4.98
C GLU B 17 17.48 -4.66 -5.81
N PRO B 18 16.35 -4.34 -5.17
CA PRO B 18 15.15 -3.85 -5.86
C PRO B 18 15.32 -2.43 -6.36
N GLU B 19 15.03 -2.21 -7.64
CA GLU B 19 15.14 -0.88 -8.23
C GLU B 19 13.88 -0.06 -7.96
N ARG B 20 12.73 -0.61 -8.34
CA ARG B 20 11.44 0.05 -8.12
C ARG B 20 10.30 -0.78 -8.73
N ILE B 21 9.18 -0.84 -8.02
CA ILE B 21 8.02 -1.59 -8.49
C ILE B 21 7.39 -0.91 -9.70
N ILE B 22 7.13 -1.68 -10.75
CA ILE B 22 6.54 -1.13 -11.95
C ILE B 22 5.01 -1.02 -11.83
N GLY B 23 4.38 -2.08 -11.34
CA GLY B 23 2.93 -2.06 -11.18
C GLY B 23 2.39 -3.31 -10.51
N ALA B 24 1.25 -3.78 -10.99
CA ALA B 24 0.61 -4.97 -10.44
C ALA B 24 -0.46 -5.53 -11.40
N THR B 25 -0.65 -6.85 -11.36
CA THR B 25 -1.64 -7.50 -12.21
C THR B 25 -2.20 -8.77 -11.55
N ASP B 26 -3.52 -8.92 -11.61
CA ASP B 26 -4.18 -10.07 -11.00
C ASP B 26 -4.12 -11.31 -11.90
N SER B 27 -2.95 -11.94 -11.96
CA SER B 27 -2.77 -13.14 -12.78
C SER B 27 -3.50 -14.32 -12.16
N SER B 28 -4.36 -14.96 -12.96
CA SER B 28 -5.15 -16.12 -12.52
C SER B 28 -6.22 -15.72 -11.50
N GLY B 29 -5.78 -15.24 -10.34
CA GLY B 29 -6.71 -14.83 -9.31
C GLY B 29 -6.00 -14.28 -8.10
N GLU B 30 -4.82 -13.70 -8.32
CA GLU B 30 -4.03 -13.12 -7.24
C GLU B 30 -3.18 -11.97 -7.77
N LEU B 31 -3.19 -10.85 -7.06
CA LEU B 31 -2.40 -9.69 -7.46
C LEU B 31 -0.92 -10.02 -7.52
N MET B 32 -0.26 -9.60 -8.58
CA MET B 32 1.17 -9.85 -8.75
C MET B 32 1.90 -8.56 -9.09
N PHE B 33 2.94 -8.25 -8.33
CA PHE B 33 3.71 -7.05 -8.56
C PHE B 33 4.95 -7.32 -9.43
N LEU B 34 5.06 -6.58 -10.52
CA LEU B 34 6.21 -6.73 -11.40
C LEU B 34 7.43 -6.07 -10.76
N MET B 35 8.22 -6.86 -10.05
CA MET B 35 9.39 -6.34 -9.37
C MET B 35 10.57 -6.18 -10.31
N LYS B 36 11.09 -4.96 -10.38
CA LYS B 36 12.22 -4.64 -11.24
C LYS B 36 13.54 -4.92 -10.51
N TRP B 37 14.52 -5.46 -11.23
CA TRP B 37 15.81 -5.78 -10.64
C TRP B 37 16.95 -5.14 -11.43
N LYS B 38 17.85 -4.47 -10.71
CA LYS B 38 18.99 -3.79 -11.31
C LYS B 38 20.05 -4.77 -11.80
N ASN B 39 20.34 -5.74 -10.94
CA ASN B 39 21.36 -6.74 -11.22
C ASN B 39 21.04 -7.63 -12.41
N SER B 40 19.89 -8.28 -12.37
CA SER B 40 19.50 -9.18 -13.46
C SER B 40 18.02 -9.56 -13.38
N ASP B 41 17.52 -10.15 -14.46
CA ASP B 41 16.13 -10.57 -14.54
C ASP B 41 15.20 -9.40 -14.31
N GLU B 42 15.48 -8.29 -14.99
CA GLU B 42 14.67 -7.09 -14.86
C GLU B 42 13.19 -7.40 -15.04
N ALA B 43 12.37 -6.96 -14.08
CA ALA B 43 10.93 -7.20 -14.11
C ALA B 43 10.63 -8.69 -13.99
N ASP B 44 9.70 -9.03 -13.11
CA ASP B 44 9.32 -10.42 -12.89
C ASP B 44 8.05 -10.51 -12.05
N LEU B 45 7.10 -11.33 -12.50
CA LEU B 45 5.85 -11.51 -11.78
C LEU B 45 6.09 -12.13 -10.42
N VAL B 46 5.44 -11.59 -9.40
CA VAL B 46 5.58 -12.08 -8.04
C VAL B 46 4.24 -12.03 -7.30
N PRO B 47 3.82 -13.14 -6.69
CA PRO B 47 2.54 -13.21 -5.95
C PRO B 47 2.45 -12.15 -4.86
N ALA B 48 1.26 -11.58 -4.70
CA ALA B 48 1.02 -10.57 -3.69
C ALA B 48 1.48 -11.03 -2.32
N LYS B 49 1.22 -12.30 -2.01
CA LYS B 49 1.61 -12.87 -0.73
C LYS B 49 3.12 -12.85 -0.56
N GLU B 50 3.85 -13.17 -1.63
CA GLU B 50 5.30 -13.16 -1.59
C GLU B 50 5.83 -11.76 -1.35
N ALA B 51 5.50 -10.83 -2.25
CA ALA B 51 5.95 -9.45 -2.13
C ALA B 51 5.53 -8.88 -0.78
N ASN B 52 4.40 -9.35 -0.27
CA ASN B 52 3.87 -8.90 1.01
C ASN B 52 4.89 -9.06 2.12
N VAL B 53 5.53 -10.22 2.20
CA VAL B 53 6.52 -10.49 3.24
C VAL B 53 7.93 -10.06 2.81
N LYS B 54 8.27 -10.32 1.55
CA LYS B 54 9.58 -9.99 1.02
C LYS B 54 9.92 -8.50 1.20
N CYS B 55 8.93 -7.63 1.01
CA CYS B 55 9.16 -6.19 1.14
C CYS B 55 7.85 -5.40 1.28
N PRO B 56 7.11 -5.63 2.38
CA PRO B 56 5.85 -4.92 2.63
C PRO B 56 6.03 -3.41 2.60
N GLN B 57 7.18 -2.96 3.08
CA GLN B 57 7.50 -1.52 3.12
C GLN B 57 7.44 -0.92 1.72
N VAL B 58 8.18 -1.52 0.79
CA VAL B 58 8.20 -1.05 -0.59
C VAL B 58 6.82 -1.20 -1.22
N VAL B 59 6.16 -2.29 -0.86
CA VAL B 59 4.82 -2.59 -1.36
C VAL B 59 3.82 -1.53 -0.95
N ILE B 60 3.77 -1.20 0.33
CA ILE B 60 2.85 -0.19 0.83
C ILE B 60 3.20 1.16 0.21
N SER B 61 4.49 1.41 0.09
CA SER B 61 4.99 2.66 -0.48
C SER B 61 4.54 2.83 -1.93
N PHE B 62 4.52 1.73 -2.69
CA PHE B 62 4.12 1.78 -4.09
C PHE B 62 2.74 2.41 -4.22
N TYR B 63 1.79 1.93 -3.43
CA TYR B 63 0.43 2.46 -3.48
C TYR B 63 0.40 3.93 -3.05
N GLU B 64 1.25 4.27 -2.08
CA GLU B 64 1.31 5.63 -1.57
C GLU B 64 1.36 6.66 -2.69
N GLU B 65 2.28 6.46 -3.63
CA GLU B 65 2.42 7.37 -4.76
C GLU B 65 1.26 7.19 -5.75
N ARG B 66 0.95 5.94 -6.07
CA ARG B 66 -0.14 5.63 -6.99
C ARG B 66 -1.48 5.63 -6.26
N LEU B 67 -1.69 6.64 -5.43
CA LEU B 67 -2.92 6.76 -4.66
C LEU B 67 -3.71 8.01 -5.05
N THR B 68 -5.02 7.90 -5.04
CA THR B 68 -5.90 9.01 -5.36
C THR B 68 -7.19 8.91 -4.54
N TRP B 69 -7.51 9.96 -3.83
CA TRP B 69 -8.70 9.96 -2.99
C TRP B 69 -9.94 10.37 -3.76
N HIS B 70 -11.04 9.71 -3.46
CA HIS B 70 -12.31 9.95 -4.11
C HIS B 70 -12.97 11.21 -3.57
N SER B 71 -14.06 11.63 -4.20
CA SER B 71 -14.78 12.82 -3.78
C SER B 71 -15.23 12.71 -2.32
N TYR B 72 -15.07 13.82 -1.58
CA TYR B 72 -15.46 13.84 -0.18
C TYR B 72 -16.97 13.62 -0.04
N PRO B 73 -17.36 12.55 0.67
CA PRO B 73 -18.78 12.18 0.87
C PRO B 73 -19.64 13.35 1.33
N SER B 74 -19.15 14.12 2.30
CA SER B 74 -19.91 15.25 2.84
C SER B 74 -20.41 16.17 1.73
N ASP B 75 -21.71 16.46 1.77
CA ASP B 75 -22.32 17.33 0.77
C ASP B 75 -21.81 18.75 0.91
N GLY C 1 -23.01 18.51 22.04
CA GLY C 1 -22.48 17.93 23.31
C GLY C 1 -21.30 17.01 23.09
N SER C 2 -20.40 17.41 22.20
CA SER C 2 -19.21 16.61 21.90
C SER C 2 -18.27 17.37 20.97
N LYS C 3 -16.99 17.37 21.31
CA LYS C 3 -15.98 18.06 20.51
C LYS C 3 -15.86 17.43 19.12
N ALA C 4 -15.61 18.27 18.11
CA ALA C 4 -15.48 17.81 16.74
C ALA C 4 -14.37 16.77 16.61
N GLY C 5 -13.23 17.04 17.24
CA GLY C 5 -12.12 16.12 17.17
C GLY C 5 -11.61 15.92 15.77
N ASP C 6 -11.38 14.67 15.39
CA ASP C 6 -10.89 14.36 14.05
C ASP C 6 -11.87 14.84 12.97
N LEU C 7 -11.43 15.85 12.22
CA LEU C 7 -12.25 16.43 11.17
C LEU C 7 -11.38 17.16 10.16
N LEU C 8 -10.25 17.65 10.62
CA LEU C 8 -9.32 18.42 9.79
C LEU C 8 -8.63 17.56 8.71
N PHE C 9 -9.34 16.62 8.12
CA PHE C 9 -8.77 15.78 7.07
C PHE C 9 -9.83 15.32 6.08
N ILE C 10 -9.67 14.13 5.52
CA ILE C 10 -10.59 13.60 4.54
C ILE C 10 -11.19 12.26 4.97
N GLU C 11 -12.41 12.00 4.47
CA GLU C 11 -13.11 10.77 4.79
C GLU C 11 -13.84 10.24 3.56
N LYS C 12 -13.09 10.04 2.49
CA LYS C 12 -13.66 9.54 1.23
C LYS C 12 -13.23 8.09 0.97
N VAL C 13 -12.89 7.80 -0.27
CA VAL C 13 -12.45 6.46 -0.66
C VAL C 13 -11.08 6.54 -1.34
N PRO C 14 -10.06 5.91 -0.73
CA PRO C 14 -8.70 5.94 -1.27
C PRO C 14 -8.51 4.98 -2.44
N VAL C 15 -9.35 5.12 -3.47
CA VAL C 15 -9.26 4.27 -4.65
C VAL C 15 -7.88 4.37 -5.27
N VAL C 16 -7.35 3.23 -5.70
CA VAL C 16 -6.02 3.17 -6.31
C VAL C 16 -6.13 2.88 -7.79
N VAL C 17 -5.34 3.60 -8.59
CA VAL C 17 -5.35 3.41 -10.03
C VAL C 17 -4.06 2.72 -10.48
N LEU C 18 -4.22 1.71 -11.33
CA LEU C 18 -3.10 0.95 -11.83
C LEU C 18 -3.31 0.58 -13.29
N GLU C 19 -2.24 0.58 -14.06
CA GLU C 19 -2.29 0.23 -15.46
C GLU C 19 -1.65 -1.13 -15.69
N ASP C 20 -2.03 -2.08 -14.83
CA ASP C 20 -1.50 -3.43 -14.91
C ASP C 20 0.02 -3.42 -14.73
N ILE C 21 0.75 -4.02 -15.65
CA ILE C 21 2.20 -4.08 -15.57
C ILE C 21 2.86 -3.70 -16.89
N LEU C 22 2.30 -4.17 -18.00
CA LEU C 22 2.83 -3.88 -19.32
C LEU C 22 1.72 -3.38 -20.25
N ALA C 23 0.80 -2.62 -19.70
CA ALA C 23 -0.30 -2.06 -20.47
C ALA C 23 0.21 -1.18 -21.60
N THR C 24 1.22 -0.37 -21.30
CA THR C 24 1.81 0.52 -22.29
C THR C 24 3.28 0.78 -21.98
N LYS C 25 4.10 0.83 -23.03
CA LYS C 25 5.54 1.05 -22.86
C LYS C 25 6.13 1.76 -24.08
N PRO C 26 5.69 3.01 -24.35
CA PRO C 26 6.17 3.79 -25.49
C PRO C 26 7.69 4.02 -25.42
N SER C 27 8.36 3.88 -26.57
CA SER C 27 9.79 4.07 -26.63
C SER C 27 10.22 4.57 -28.02
N ILE C 28 11.03 5.62 -28.04
CA ILE C 28 11.51 6.19 -29.29
C ILE C 28 13.00 5.92 -29.48
N ALA C 29 13.41 4.67 -29.26
CA ALA C 29 14.79 4.27 -29.40
C ALA C 29 15.71 5.14 -28.54
N SER C 30 15.34 5.31 -27.28
CA SER C 30 16.12 6.11 -26.35
C SER C 30 15.95 5.61 -24.92
N HIS A 1 -12.22 4.61 26.97
CA HIS A 1 -13.56 4.76 27.57
C HIS A 1 -13.85 3.64 28.56
N MET A 2 -13.57 2.41 28.14
CA MET A 2 -13.79 1.25 28.99
C MET A 2 -12.93 1.33 30.24
N LYS A 3 -11.65 1.65 30.06
CA LYS A 3 -10.72 1.77 31.19
C LYS A 3 -11.13 2.90 32.11
N GLU A 4 -11.11 2.64 33.42
CA GLU A 4 -11.48 3.64 34.41
C GLU A 4 -10.52 4.82 34.37
N GLU A 5 -9.22 4.53 34.54
CA GLU A 5 -8.19 5.55 34.50
C GLU A 5 -6.83 4.93 34.17
N SER A 6 -6.22 5.41 33.09
CA SER A 6 -4.92 4.91 32.66
C SER A 6 -4.33 5.82 31.59
N GLU A 7 -3.02 6.09 31.70
CA GLU A 7 -2.34 6.95 30.74
C GLU A 7 -1.99 6.17 29.47
N LYS A 8 -2.95 5.42 28.96
CA LYS A 8 -2.76 4.63 27.76
C LYS A 8 -2.62 5.52 26.52
N PRO A 9 -1.88 5.03 25.50
CA PRO A 9 -1.67 5.78 24.25
C PRO A 9 -2.97 6.05 23.50
N ARG A 10 -2.94 5.87 22.18
CA ARG A 10 -4.12 6.11 21.36
C ARG A 10 -4.25 5.07 20.25
N GLY A 11 -3.19 4.93 19.46
CA GLY A 11 -3.19 3.98 18.36
C GLY A 11 -3.21 2.54 18.83
N PHE A 12 -2.32 1.73 18.27
CA PHE A 12 -2.22 0.31 18.60
C PHE A 12 -2.00 0.13 20.10
N ALA A 13 -1.13 0.97 20.68
CA ALA A 13 -0.83 0.89 22.10
C ALA A 13 -0.34 -0.52 22.45
N ARG A 14 -1.04 -1.20 23.35
CA ARG A 14 -0.65 -2.56 23.75
C ARG A 14 -0.65 -3.49 22.55
N GLY A 15 -1.67 -3.39 21.70
CA GLY A 15 -1.76 -4.23 20.53
C GLY A 15 -3.18 -4.66 20.20
N LEU A 16 -4.12 -3.74 20.35
CA LEU A 16 -5.52 -4.03 20.06
C LEU A 16 -5.74 -4.26 18.57
N GLU A 17 -6.62 -5.20 18.25
CA GLU A 17 -6.93 -5.55 16.87
C GLU A 17 -7.56 -4.39 16.11
N PRO A 18 -7.04 -4.07 14.91
CA PRO A 18 -7.58 -2.98 14.08
C PRO A 18 -8.86 -3.39 13.38
N GLU A 19 -9.92 -2.59 13.55
CA GLU A 19 -11.20 -2.90 12.93
C GLU A 19 -11.11 -2.77 11.41
N ARG A 20 -10.80 -1.56 10.94
CA ARG A 20 -10.69 -1.30 9.51
C ARG A 20 -10.36 0.17 9.24
N ILE A 21 -9.42 0.40 8.34
CA ILE A 21 -9.02 1.76 7.99
C ILE A 21 -10.14 2.47 7.23
N ILE A 22 -10.39 3.72 7.59
CA ILE A 22 -11.45 4.50 6.95
C ILE A 22 -11.04 5.96 6.76
N GLY A 23 -9.73 6.18 6.65
CA GLY A 23 -9.24 7.53 6.47
C GLY A 23 -7.83 7.57 5.93
N ALA A 24 -7.50 8.66 5.25
CA ALA A 24 -6.19 8.83 4.66
C ALA A 24 -6.01 10.27 4.18
N THR A 25 -4.96 10.94 4.65
CA THR A 25 -4.71 12.31 4.28
C THR A 25 -3.23 12.66 4.39
N ASP A 26 -2.69 13.33 3.36
CA ASP A 26 -1.29 13.71 3.38
C ASP A 26 -1.10 15.07 4.05
N SER A 27 -0.41 15.07 5.19
CA SER A 27 -0.16 16.29 5.93
C SER A 27 0.91 17.13 5.25
N SER A 28 1.95 17.51 5.98
CA SER A 28 3.04 18.30 5.43
C SER A 28 3.60 17.64 4.17
N GLY A 29 3.72 16.32 4.21
CA GLY A 29 4.24 15.58 3.07
C GLY A 29 4.33 14.09 3.33
N GLU A 30 3.28 13.54 3.94
CA GLU A 30 3.24 12.11 4.25
C GLU A 30 1.81 11.66 4.57
N LEU A 31 1.46 10.45 4.15
CA LEU A 31 0.12 9.92 4.42
C LEU A 31 -0.17 9.90 5.91
N MET A 32 -1.46 9.90 6.25
CA MET A 32 -1.89 9.89 7.64
C MET A 32 -3.07 8.94 7.81
N PHE A 33 -2.80 7.64 7.75
CA PHE A 33 -3.84 6.63 7.87
C PHE A 33 -4.67 6.83 9.13
N LEU A 34 -5.98 7.03 8.93
CA LEU A 34 -6.90 7.20 10.04
C LEU A 34 -7.46 5.84 10.43
N MET A 35 -6.72 5.12 11.26
CA MET A 35 -7.12 3.78 11.70
C MET A 35 -8.20 3.81 12.77
N LYS A 36 -9.21 2.98 12.58
CA LYS A 36 -10.33 2.87 13.52
C LYS A 36 -10.02 1.83 14.60
N TRP A 37 -10.40 2.14 15.84
CA TRP A 37 -10.17 1.24 16.96
C TRP A 37 -11.48 0.76 17.57
N LYS A 38 -11.55 -0.54 17.84
CA LYS A 38 -12.75 -1.15 18.42
C LYS A 38 -12.99 -0.71 19.85
N ASN A 39 -11.97 -0.84 20.69
CA ASN A 39 -12.10 -0.49 22.10
C ASN A 39 -11.50 0.87 22.43
N SER A 40 -10.30 1.13 21.92
CA SER A 40 -9.61 2.38 22.20
C SER A 40 -10.25 3.57 21.49
N ASP A 41 -9.48 4.65 21.39
CA ASP A 41 -9.95 5.86 20.74
C ASP A 41 -10.31 5.59 19.30
N GLU A 42 -11.56 5.16 19.08
CA GLU A 42 -12.05 4.85 17.74
C GLU A 42 -11.58 5.91 16.75
N ALA A 43 -10.94 5.45 15.68
CA ALA A 43 -10.40 6.34 14.65
C ALA A 43 -9.26 7.18 15.20
N ASP A 44 -8.13 7.18 14.50
CA ASP A 44 -6.96 7.94 14.93
C ASP A 44 -5.95 8.07 13.80
N LEU A 45 -5.43 9.27 13.63
CA LEU A 45 -4.45 9.56 12.57
C LEU A 45 -3.10 8.93 12.89
N VAL A 46 -2.48 8.32 11.88
CA VAL A 46 -1.17 7.69 12.06
C VAL A 46 -0.35 7.77 10.78
N PRO A 47 0.91 8.24 10.87
CA PRO A 47 1.78 8.38 9.70
C PRO A 47 1.97 7.05 8.97
N ALA A 48 1.86 7.08 7.65
CA ALA A 48 2.01 5.87 6.83
C ALA A 48 3.36 5.22 7.07
N LYS A 49 4.41 6.03 7.03
CA LYS A 49 5.77 5.51 7.23
C LYS A 49 5.85 4.72 8.51
N GLU A 50 5.16 5.19 9.55
CA GLU A 50 5.14 4.50 10.83
C GLU A 50 4.23 3.28 10.77
N ALA A 51 3.11 3.42 10.06
CA ALA A 51 2.15 2.33 9.92
C ALA A 51 2.76 1.13 9.19
N ASN A 52 3.72 1.39 8.30
CA ASN A 52 4.37 0.33 7.55
C ASN A 52 4.85 -0.78 8.48
N VAL A 53 5.39 -0.40 9.62
CA VAL A 53 5.87 -1.36 10.60
C VAL A 53 4.76 -1.82 11.53
N LYS A 54 3.82 -0.92 11.82
CA LYS A 54 2.70 -1.23 12.72
C LYS A 54 1.89 -2.43 12.22
N CYS A 55 1.51 -2.42 10.94
CA CYS A 55 0.74 -3.51 10.37
C CYS A 55 0.62 -3.35 8.84
N PRO A 56 1.70 -3.69 8.12
CA PRO A 56 1.70 -3.60 6.65
C PRO A 56 0.67 -4.50 6.02
N GLN A 57 0.48 -5.67 6.62
CA GLN A 57 -0.48 -6.65 6.13
C GLN A 57 -1.88 -6.05 6.09
N VAL A 58 -2.23 -5.28 7.11
CA VAL A 58 -3.55 -4.65 7.20
C VAL A 58 -3.71 -3.52 6.18
N VAL A 59 -2.74 -2.61 6.14
CA VAL A 59 -2.80 -1.48 5.21
C VAL A 59 -2.81 -1.94 3.76
N ILE A 60 -1.88 -2.83 3.41
CA ILE A 60 -1.80 -3.35 2.04
C ILE A 60 -3.13 -3.95 1.59
N SER A 61 -3.76 -4.69 2.50
CA SER A 61 -5.05 -5.32 2.21
C SER A 61 -6.13 -4.27 1.97
N PHE A 62 -6.08 -3.19 2.74
CA PHE A 62 -7.05 -2.11 2.62
C PHE A 62 -7.06 -1.53 1.22
N TYR A 63 -5.87 -1.24 0.69
CA TYR A 63 -5.75 -0.66 -0.65
C TYR A 63 -6.36 -1.57 -1.71
N GLU A 64 -6.17 -2.88 -1.54
CA GLU A 64 -6.70 -3.86 -2.50
C GLU A 64 -8.20 -3.66 -2.72
N GLU A 65 -8.94 -3.48 -1.63
CA GLU A 65 -10.39 -3.29 -1.72
C GLU A 65 -10.71 -1.97 -2.41
N ARG A 66 -10.00 -0.92 -2.02
CA ARG A 66 -10.19 0.41 -2.59
C ARG A 66 -9.71 0.47 -4.03
N LEU A 67 -8.85 -0.48 -4.40
CA LEU A 67 -8.29 -0.55 -5.75
C LEU A 67 -9.41 -0.42 -6.80
N THR A 68 -9.10 0.25 -7.91
CA THR A 68 -10.10 0.46 -8.96
C THR A 68 -9.55 0.16 -10.36
N TRP A 69 -8.25 0.35 -10.53
CA TRP A 69 -7.57 0.12 -11.81
C TRP A 69 -8.02 1.12 -12.86
N HIS A 70 -7.08 1.61 -13.66
CA HIS A 70 -7.38 2.57 -14.71
C HIS A 70 -8.14 1.90 -15.85
N SER A 71 -7.41 1.47 -16.89
CA SER A 71 -8.02 0.80 -18.03
C SER A 71 -6.96 0.28 -18.99
N TYR A 72 -7.13 -0.94 -19.45
CA TYR A 72 -6.19 -1.56 -20.38
C TYR A 72 -6.20 -0.83 -21.72
N PRO A 73 -5.01 -0.42 -22.21
CA PRO A 73 -4.90 0.30 -23.49
C PRO A 73 -5.15 -0.59 -24.69
N SER A 74 -4.50 -1.76 -24.69
CA SER A 74 -4.64 -2.71 -25.79
C SER A 74 -4.29 -2.06 -27.13
N ASP A 75 -3.16 -1.36 -27.18
CA ASP A 75 -2.72 -0.70 -28.39
C ASP A 75 -3.77 0.28 -28.90
N HIS B 1 21.88 -13.13 -15.98
CA HIS B 1 22.69 -12.82 -17.18
C HIS B 1 24.17 -12.70 -16.83
N MET B 2 24.45 -11.96 -15.76
CA MET B 2 25.83 -11.76 -15.31
C MET B 2 26.46 -13.10 -14.92
N LYS B 3 25.73 -13.89 -14.13
CA LYS B 3 26.22 -15.19 -13.68
C LYS B 3 26.43 -16.13 -14.87
N GLU B 4 27.57 -16.80 -14.89
CA GLU B 4 27.90 -17.73 -15.96
C GLU B 4 26.90 -18.88 -16.00
N GLU B 5 26.77 -19.57 -14.87
CA GLU B 5 25.84 -20.70 -14.76
C GLU B 5 25.47 -20.94 -13.29
N SER B 6 24.18 -20.88 -12.99
CA SER B 6 23.69 -21.11 -11.63
C SER B 6 22.17 -21.26 -11.62
N GLU B 7 21.68 -22.23 -10.85
CA GLU B 7 20.24 -22.46 -10.75
C GLU B 7 19.58 -21.48 -9.81
N LYS B 8 19.95 -20.20 -9.95
CA LYS B 8 19.39 -19.15 -9.10
C LYS B 8 17.91 -18.91 -9.41
N PRO B 9 17.15 -18.47 -8.40
CA PRO B 9 15.71 -18.19 -8.54
C PRO B 9 15.42 -17.11 -9.59
N ARG B 10 14.48 -16.22 -9.27
CA ARG B 10 14.12 -15.14 -10.18
C ARG B 10 13.93 -13.83 -9.43
N GLY B 11 13.04 -13.86 -8.44
CA GLY B 11 12.75 -12.68 -7.66
C GLY B 11 13.92 -12.24 -6.80
N PHE B 12 13.62 -11.93 -5.54
CA PHE B 12 14.63 -11.48 -4.59
C PHE B 12 15.79 -12.47 -4.51
N ALA B 13 15.46 -13.76 -4.50
CA ALA B 13 16.48 -14.79 -4.41
C ALA B 13 17.35 -14.58 -3.17
N ARG B 14 18.65 -14.36 -3.37
CA ARG B 14 19.56 -14.14 -2.26
C ARG B 14 19.17 -12.89 -1.47
N GLY B 15 18.86 -11.81 -2.18
CA GLY B 15 18.46 -10.58 -1.52
C GLY B 15 18.91 -9.34 -2.27
N LEU B 16 18.81 -9.38 -3.59
CA LEU B 16 19.20 -8.24 -4.42
C LEU B 16 18.26 -7.06 -4.23
N GLU B 17 18.83 -5.86 -4.21
CA GLU B 17 18.03 -4.64 -4.04
C GLU B 17 17.07 -4.43 -5.20
N PRO B 18 15.78 -4.21 -4.90
CA PRO B 18 14.75 -3.97 -5.92
C PRO B 18 14.89 -2.59 -6.55
N GLU B 19 14.92 -2.54 -7.88
CA GLU B 19 15.06 -1.27 -8.59
C GLU B 19 13.84 -0.40 -8.36
N ARG B 20 12.67 -0.88 -8.78
CA ARG B 20 11.41 -0.16 -8.61
C ARG B 20 10.26 -0.95 -9.21
N ILE B 21 9.15 -1.03 -8.47
CA ILE B 21 7.99 -1.75 -8.94
C ILE B 21 7.36 -1.05 -10.14
N ILE B 22 7.22 -1.78 -11.24
CA ILE B 22 6.63 -1.21 -12.45
C ILE B 22 5.11 -1.09 -12.31
N GLY B 23 4.50 -2.11 -11.70
CA GLY B 23 3.07 -2.10 -11.50
C GLY B 23 2.56 -3.33 -10.76
N ALA B 24 1.40 -3.84 -11.19
CA ALA B 24 0.81 -5.01 -10.57
C ALA B 24 -0.34 -5.55 -11.42
N THR B 25 -0.46 -6.87 -11.49
CA THR B 25 -1.51 -7.51 -12.29
C THR B 25 -2.12 -8.70 -11.55
N ASP B 26 -3.45 -8.77 -11.57
CA ASP B 26 -4.18 -9.86 -10.90
C ASP B 26 -4.20 -11.12 -11.78
N SER B 27 -3.07 -11.81 -11.85
CA SER B 27 -2.97 -13.03 -12.65
C SER B 27 -3.70 -14.19 -11.98
N SER B 28 -4.52 -14.90 -12.77
CA SER B 28 -5.29 -16.04 -12.28
C SER B 28 -6.36 -15.62 -11.28
N GLY B 29 -5.93 -15.13 -10.12
CA GLY B 29 -6.87 -14.68 -9.11
C GLY B 29 -6.16 -14.14 -7.89
N GLU B 30 -4.95 -13.63 -8.09
CA GLU B 30 -4.15 -13.07 -7.01
C GLU B 30 -3.23 -11.98 -7.54
N LEU B 31 -3.18 -10.86 -6.82
CA LEU B 31 -2.34 -9.73 -7.24
C LEU B 31 -0.87 -10.15 -7.33
N MET B 32 -0.23 -9.77 -8.42
CA MET B 32 1.18 -10.08 -8.62
C MET B 32 1.94 -8.82 -8.99
N PHE B 33 2.98 -8.52 -8.24
CA PHE B 33 3.78 -7.31 -8.49
C PHE B 33 4.99 -7.62 -9.33
N LEU B 34 5.11 -6.93 -10.47
CA LEU B 34 6.25 -7.11 -11.35
C LEU B 34 7.47 -6.41 -10.75
N MET B 35 8.26 -7.18 -10.00
CA MET B 35 9.45 -6.62 -9.36
C MET B 35 10.61 -6.52 -10.32
N LYS B 36 11.05 -5.30 -10.59
CA LYS B 36 12.18 -5.06 -11.49
C LYS B 36 13.49 -5.32 -10.77
N TRP B 37 14.36 -6.10 -11.40
CA TRP B 37 15.65 -6.42 -10.80
C TRP B 37 16.79 -5.76 -11.55
N LYS B 38 17.68 -5.13 -10.80
CA LYS B 38 18.83 -4.43 -11.38
C LYS B 38 19.79 -5.41 -12.04
N ASN B 39 20.06 -6.52 -11.38
CA ASN B 39 21.00 -7.51 -11.90
C ASN B 39 20.30 -8.78 -12.36
N SER B 40 19.33 -9.25 -11.58
CA SER B 40 18.61 -10.48 -11.92
C SER B 40 17.64 -10.30 -13.07
N ASP B 41 16.73 -11.28 -13.19
CA ASP B 41 15.73 -11.27 -14.24
C ASP B 41 14.87 -10.01 -14.15
N GLU B 42 15.37 -8.94 -14.75
CA GLU B 42 14.67 -7.66 -14.73
C GLU B 42 13.17 -7.87 -14.95
N ALA B 43 12.38 -7.40 -13.99
CA ALA B 43 10.92 -7.54 -14.06
C ALA B 43 10.51 -9.01 -13.99
N ASP B 44 9.70 -9.35 -12.99
CA ASP B 44 9.22 -10.71 -12.80
C ASP B 44 7.98 -10.72 -11.91
N LEU B 45 6.97 -11.47 -12.33
CA LEU B 45 5.72 -11.58 -11.57
C LEU B 45 5.96 -12.31 -10.25
N VAL B 46 5.35 -11.80 -9.18
CA VAL B 46 5.49 -12.40 -7.86
C VAL B 46 4.18 -12.33 -7.09
N PRO B 47 3.73 -13.46 -6.50
CA PRO B 47 2.48 -13.51 -5.75
C PRO B 47 2.40 -12.45 -4.65
N ALA B 48 1.19 -11.94 -4.45
CA ALA B 48 0.94 -10.93 -3.44
C ALA B 48 1.37 -11.40 -2.06
N LYS B 49 1.05 -12.65 -1.75
CA LYS B 49 1.40 -13.23 -0.45
C LYS B 49 2.90 -13.15 -0.22
N GLU B 50 3.65 -13.44 -1.28
CA GLU B 50 5.10 -13.42 -1.22
C GLU B 50 5.64 -11.99 -1.11
N ALA B 51 5.00 -11.08 -1.84
CA ALA B 51 5.41 -9.68 -1.86
C ALA B 51 5.30 -9.00 -0.49
N ASN B 52 4.15 -9.18 0.18
CA ASN B 52 3.92 -8.55 1.48
C ASN B 52 5.01 -8.90 2.49
N VAL B 53 5.45 -10.16 2.50
CA VAL B 53 6.48 -10.60 3.44
C VAL B 53 7.88 -10.19 2.98
N LYS B 54 8.15 -10.30 1.69
CA LYS B 54 9.47 -9.96 1.14
C LYS B 54 9.83 -8.49 1.37
N CYS B 55 8.91 -7.59 1.06
CA CYS B 55 9.17 -6.15 1.24
C CYS B 55 7.88 -5.35 1.22
N PRO B 56 7.14 -5.34 2.34
CA PRO B 56 5.88 -4.60 2.46
C PRO B 56 6.08 -3.09 2.31
N GLN B 57 7.20 -2.59 2.83
CA GLN B 57 7.50 -1.16 2.78
C GLN B 57 7.39 -0.61 1.36
N VAL B 58 8.13 -1.22 0.43
CA VAL B 58 8.10 -0.79 -0.96
C VAL B 58 6.70 -0.95 -1.54
N VAL B 59 6.05 -2.04 -1.16
CA VAL B 59 4.70 -2.36 -1.62
C VAL B 59 3.71 -1.28 -1.21
N ILE B 60 3.68 -0.95 0.08
CA ILE B 60 2.78 0.06 0.61
C ILE B 60 3.07 1.42 -0.03
N SER B 61 4.35 1.72 -0.20
CA SER B 61 4.77 2.99 -0.78
C SER B 61 4.29 3.14 -2.22
N PHE B 62 4.37 2.06 -3.00
CA PHE B 62 3.96 2.09 -4.39
C PHE B 62 2.55 2.68 -4.53
N TYR B 63 1.63 2.20 -3.69
CA TYR B 63 0.25 2.69 -3.71
C TYR B 63 0.18 4.16 -3.30
N GLU B 64 0.97 4.51 -2.29
CA GLU B 64 1.00 5.88 -1.78
C GLU B 64 1.18 6.89 -2.93
N GLU B 65 2.11 6.60 -3.81
CA GLU B 65 2.38 7.47 -4.95
C GLU B 65 1.18 7.52 -5.88
N ARG B 66 0.68 6.34 -6.26
CA ARG B 66 -0.47 6.25 -7.14
C ARG B 66 -1.78 6.26 -6.35
N LEU B 67 -1.80 7.03 -5.27
CA LEU B 67 -2.99 7.16 -4.44
C LEU B 67 -3.81 8.36 -4.85
N THR B 68 -5.13 8.19 -4.84
CA THR B 68 -6.03 9.28 -5.20
C THR B 68 -7.35 9.14 -4.44
N TRP B 69 -7.76 10.22 -3.79
CA TRP B 69 -8.98 10.21 -3.01
C TRP B 69 -10.19 10.56 -3.86
N HIS B 70 -11.25 9.79 -3.71
CA HIS B 70 -12.48 10.00 -4.45
C HIS B 70 -13.26 11.17 -3.84
N SER B 71 -14.18 11.74 -4.62
CA SER B 71 -14.97 12.87 -4.16
C SER B 71 -15.38 12.70 -2.70
N TYR B 72 -15.10 13.72 -1.89
CA TYR B 72 -15.43 13.68 -0.47
C TYR B 72 -16.94 13.75 -0.26
N PRO B 73 -17.54 12.67 0.27
CA PRO B 73 -18.97 12.62 0.53
C PRO B 73 -19.35 13.32 1.84
N SER B 74 -20.31 14.24 1.75
CA SER B 74 -20.77 14.97 2.93
C SER B 74 -21.95 15.86 2.58
N ASP B 75 -23.07 15.65 3.27
CA ASP B 75 -24.28 16.43 3.04
C ASP B 75 -24.68 16.39 1.57
N GLY C 1 -11.35 18.48 23.58
CA GLY C 1 -11.29 17.11 24.17
C GLY C 1 -12.19 16.13 23.46
N SER C 2 -12.19 16.19 22.13
CA SER C 2 -13.01 15.30 21.32
C SER C 2 -12.49 13.86 21.39
N LYS C 3 -13.40 12.91 21.54
CA LYS C 3 -13.04 11.51 21.62
C LYS C 3 -12.38 11.04 20.33
N ALA C 4 -13.01 11.36 19.20
CA ALA C 4 -12.48 10.97 17.90
C ALA C 4 -11.10 11.58 17.66
N GLY C 5 -10.97 12.86 18.00
CA GLY C 5 -9.70 13.55 17.84
C GLY C 5 -9.37 13.81 16.37
N ASP C 6 -9.00 15.05 16.08
CA ASP C 6 -8.64 15.46 14.72
C ASP C 6 -9.82 15.31 13.75
N LEU C 7 -10.06 16.36 12.98
CA LEU C 7 -11.15 16.39 12.01
C LEU C 7 -10.73 17.19 10.78
N LEU C 8 -9.65 17.95 10.96
CA LEU C 8 -9.10 18.80 9.90
C LEU C 8 -8.47 17.99 8.75
N PHE C 9 -9.22 17.07 8.18
CA PHE C 9 -8.72 16.25 7.08
C PHE C 9 -9.85 15.82 6.16
N ILE C 10 -9.76 14.61 5.61
CA ILE C 10 -10.78 14.11 4.71
C ILE C 10 -11.39 12.80 5.21
N GLU C 11 -12.70 12.70 5.07
CA GLU C 11 -13.44 11.51 5.49
C GLU C 11 -14.21 10.95 4.30
N LYS C 12 -13.49 10.68 3.23
CA LYS C 12 -14.09 10.15 2.01
C LYS C 12 -13.76 8.68 1.80
N VAL C 13 -13.64 8.28 0.55
CA VAL C 13 -13.31 6.91 0.20
C VAL C 13 -12.11 6.87 -0.74
N PRO C 14 -11.01 6.22 -0.30
CA PRO C 14 -9.79 6.13 -1.10
C PRO C 14 -9.93 5.16 -2.26
N VAL C 15 -9.22 5.46 -3.35
CA VAL C 15 -9.22 4.62 -4.54
C VAL C 15 -7.86 4.66 -5.19
N VAL C 16 -7.35 3.49 -5.55
CA VAL C 16 -6.04 3.40 -6.18
C VAL C 16 -6.15 3.03 -7.64
N VAL C 17 -5.39 3.73 -8.47
CA VAL C 17 -5.40 3.50 -9.91
C VAL C 17 -4.11 2.81 -10.36
N LEU C 18 -4.27 1.74 -11.11
CA LEU C 18 -3.12 0.98 -11.61
C LEU C 18 -3.36 0.53 -13.04
N GLU C 19 -2.32 0.57 -13.86
CA GLU C 19 -2.42 0.17 -15.25
C GLU C 19 -1.71 -1.16 -15.48
N ASP C 20 -2.09 -2.15 -14.68
CA ASP C 20 -1.50 -3.48 -14.77
C ASP C 20 0.03 -3.42 -14.66
N ILE C 21 0.72 -4.25 -15.45
CA ILE C 21 2.17 -4.27 -15.42
C ILE C 21 2.76 -3.73 -16.72
N LEU C 22 2.17 -4.13 -17.85
CA LEU C 22 2.63 -3.69 -19.16
C LEU C 22 1.46 -3.16 -19.99
N ALA C 23 0.52 -2.50 -19.33
CA ALA C 23 -0.64 -1.93 -20.00
C ALA C 23 -0.32 -0.53 -20.50
N THR C 24 0.73 -0.42 -21.30
CA THR C 24 1.15 0.87 -21.84
C THR C 24 1.56 0.76 -23.30
N LYS C 25 1.17 1.75 -24.09
CA LYS C 25 1.50 1.78 -25.51
C LYS C 25 1.61 3.22 -26.01
N PRO C 26 2.60 3.97 -25.49
CA PRO C 26 2.81 5.36 -25.88
C PRO C 26 3.57 5.51 -27.19
N SER C 27 3.16 4.73 -28.18
CA SER C 27 3.79 4.77 -29.50
C SER C 27 2.80 4.40 -30.59
N ILE C 28 2.80 5.18 -31.68
CA ILE C 28 1.90 4.93 -32.79
C ILE C 28 2.52 5.44 -34.10
N ALA C 29 3.14 6.60 -34.04
CA ALA C 29 3.78 7.21 -35.20
C ALA C 29 4.56 8.45 -34.82
N SER C 30 5.31 8.35 -33.72
CA SER C 30 6.11 9.48 -33.23
C SER C 30 7.34 8.98 -32.48
N HIS A 1 -6.04 -6.96 29.63
CA HIS A 1 -6.20 -5.84 30.59
C HIS A 1 -7.61 -5.26 30.53
N MET A 2 -8.19 -5.02 31.70
CA MET A 2 -9.54 -4.48 31.79
C MET A 2 -9.57 -2.97 31.56
N LYS A 3 -8.94 -2.52 30.47
CA LYS A 3 -8.90 -1.10 30.14
C LYS A 3 -10.31 -0.53 30.02
N GLU A 4 -10.52 0.65 30.60
CA GLU A 4 -11.82 1.30 30.56
C GLU A 4 -11.71 2.75 31.04
N GLU A 5 -10.88 2.96 32.06
CA GLU A 5 -10.68 4.30 32.62
C GLU A 5 -10.30 5.30 31.54
N SER A 6 -10.77 6.54 31.69
CA SER A 6 -10.49 7.60 30.73
C SER A 6 -8.99 7.81 30.55
N GLU A 7 -8.64 8.80 29.72
CA GLU A 7 -7.24 9.13 29.45
C GLU A 7 -6.54 7.97 28.76
N LYS A 8 -7.20 7.41 27.76
CA LYS A 8 -6.64 6.30 26.99
C LYS A 8 -5.52 6.77 26.07
N PRO A 9 -4.45 5.95 25.92
CA PRO A 9 -3.32 6.30 25.06
C PRO A 9 -3.70 6.37 23.59
N ARG A 10 -2.75 6.08 22.70
CA ARG A 10 -2.99 6.12 21.27
C ARG A 10 -1.73 5.77 20.47
N GLY A 11 -1.93 5.29 19.25
CA GLY A 11 -0.81 4.93 18.40
C GLY A 11 -0.23 3.57 18.73
N PHE A 12 -1.08 2.54 18.77
CA PHE A 12 -0.63 1.19 19.09
C PHE A 12 0.10 1.16 20.42
N ALA A 13 -0.51 1.74 21.44
CA ALA A 13 0.10 1.79 22.77
C ALA A 13 0.43 0.40 23.28
N ARG A 14 -0.60 -0.43 23.47
CA ARG A 14 -0.40 -1.79 23.95
C ARG A 14 -0.34 -2.78 22.79
N GLY A 15 -1.29 -2.64 21.86
CA GLY A 15 -1.33 -3.52 20.71
C GLY A 15 -2.75 -3.78 20.23
N LEU A 16 -3.57 -2.73 20.22
CA LEU A 16 -4.95 -2.86 19.78
C LEU A 16 -5.03 -3.23 18.31
N GLU A 17 -5.83 -4.25 18.00
CA GLU A 17 -5.99 -4.71 16.63
C GLU A 17 -6.84 -3.72 15.82
N PRO A 18 -6.37 -3.34 14.62
CA PRO A 18 -7.09 -2.41 13.77
C PRO A 18 -8.36 -3.05 13.21
N GLU A 19 -9.51 -2.43 13.49
CA GLU A 19 -10.78 -2.96 13.02
C GLU A 19 -10.88 -2.83 11.50
N ARG A 20 -10.55 -1.64 11.00
CA ARG A 20 -10.58 -1.38 9.56
C ARG A 20 -10.12 0.05 9.26
N ILE A 21 -9.22 0.19 8.30
CA ILE A 21 -8.72 1.51 7.90
C ILE A 21 -9.76 2.27 7.10
N ILE A 22 -9.88 3.57 7.38
CA ILE A 22 -10.85 4.42 6.69
C ILE A 22 -10.35 5.85 6.59
N GLY A 23 -9.04 6.02 6.41
CA GLY A 23 -8.47 7.34 6.31
C GLY A 23 -7.17 7.36 5.51
N ALA A 24 -6.79 8.56 5.04
CA ALA A 24 -5.57 8.74 4.26
C ALA A 24 -5.45 10.18 3.80
N THR A 25 -4.36 10.83 4.18
CA THR A 25 -4.12 12.21 3.80
C THR A 25 -2.64 12.55 3.77
N ASP A 26 -2.18 13.12 2.66
CA ASP A 26 -0.78 13.51 2.50
C ASP A 26 -0.55 14.92 3.05
N SER A 27 -0.82 15.09 4.33
CA SER A 27 -0.66 16.39 4.99
C SER A 27 0.78 16.90 4.89
N SER A 28 1.59 16.58 5.90
CA SER A 28 2.99 17.00 5.95
C SER A 28 3.85 16.19 4.99
N GLY A 29 3.30 15.85 3.82
CA GLY A 29 4.05 15.08 2.85
C GLY A 29 4.17 13.62 3.27
N GLU A 30 3.07 13.08 3.80
CA GLU A 30 3.05 11.70 4.25
C GLU A 30 1.61 11.23 4.41
N LEU A 31 1.33 10.00 3.99
CA LEU A 31 -0.02 9.44 4.10
C LEU A 31 -0.38 9.24 5.56
N MET A 32 -1.67 9.34 5.86
CA MET A 32 -2.12 9.17 7.23
C MET A 32 -3.46 8.46 7.27
N PHE A 33 -3.44 7.20 7.67
CA PHE A 33 -4.66 6.40 7.75
C PHE A 33 -5.33 6.51 9.11
N LEU A 34 -6.62 6.84 9.11
CA LEU A 34 -7.36 6.95 10.36
C LEU A 34 -7.56 5.56 10.96
N MET A 35 -6.57 5.12 11.73
CA MET A 35 -6.64 3.80 12.35
C MET A 35 -7.87 3.64 13.23
N LYS A 36 -8.78 2.79 12.80
CA LYS A 36 -10.00 2.53 13.55
C LYS A 36 -9.79 1.41 14.56
N TRP A 37 -10.32 1.58 15.76
CA TRP A 37 -10.17 0.57 16.80
C TRP A 37 -11.49 -0.14 17.09
N LYS A 38 -11.44 -1.46 17.13
CA LYS A 38 -12.63 -2.25 17.40
C LYS A 38 -13.08 -2.07 18.85
N ASN A 39 -12.13 -2.16 19.77
CA ASN A 39 -12.42 -1.99 21.19
C ASN A 39 -12.67 -0.52 21.51
N SER A 40 -11.70 0.33 21.15
CA SER A 40 -11.81 1.76 21.39
C SER A 40 -12.72 2.42 20.35
N ASP A 41 -13.68 3.20 20.83
CA ASP A 41 -14.61 3.88 19.93
C ASP A 41 -13.90 4.98 19.13
N GLU A 42 -13.08 5.77 19.82
CA GLU A 42 -12.34 6.85 19.16
C GLU A 42 -11.13 6.30 18.41
N ALA A 43 -11.02 6.66 17.13
CA ALA A 43 -9.91 6.20 16.31
C ALA A 43 -8.64 6.98 16.63
N ASP A 44 -7.74 7.05 15.65
CA ASP A 44 -6.48 7.77 15.83
C ASP A 44 -5.69 7.77 14.51
N LEU A 45 -5.31 8.96 14.06
CA LEU A 45 -4.55 9.06 12.82
C LEU A 45 -3.08 8.70 13.05
N VAL A 46 -2.53 7.89 12.16
CA VAL A 46 -1.15 7.45 12.28
C VAL A 46 -0.40 7.65 10.96
N PRO A 47 0.81 8.25 11.01
CA PRO A 47 1.63 8.49 9.82
C PRO A 47 1.96 7.20 9.09
N ALA A 48 1.97 7.26 7.76
CA ALA A 48 2.27 6.08 6.95
C ALA A 48 3.68 5.55 7.23
N LYS A 49 4.63 6.46 7.40
CA LYS A 49 6.02 6.09 7.67
C LYS A 49 6.12 5.13 8.85
N GLU A 50 5.28 5.35 9.87
CA GLU A 50 5.29 4.49 11.05
C GLU A 50 4.30 3.34 10.90
N ALA A 51 3.11 3.64 10.39
CA ALA A 51 2.07 2.63 10.21
C ALA A 51 2.57 1.40 9.46
N ASN A 52 3.44 1.62 8.48
CA ASN A 52 3.96 0.50 7.70
C ASN A 52 4.63 -0.56 8.58
N VAL A 53 5.40 -0.13 9.58
CA VAL A 53 6.07 -1.07 10.47
C VAL A 53 5.10 -1.61 11.52
N LYS A 54 4.16 -0.76 11.96
CA LYS A 54 3.19 -1.17 12.97
C LYS A 54 2.36 -2.36 12.50
N CYS A 55 1.89 -2.27 11.25
CA CYS A 55 1.07 -3.34 10.68
C CYS A 55 0.88 -3.13 9.17
N PRO A 56 1.84 -3.59 8.36
CA PRO A 56 1.77 -3.45 6.90
C PRO A 56 0.66 -4.30 6.29
N GLN A 57 0.44 -5.48 6.85
CA GLN A 57 -0.60 -6.38 6.35
C GLN A 57 -1.95 -5.68 6.30
N VAL A 58 -2.24 -4.88 7.33
CA VAL A 58 -3.51 -4.17 7.41
C VAL A 58 -3.60 -3.03 6.39
N VAL A 59 -2.58 -2.19 6.32
CA VAL A 59 -2.57 -1.06 5.40
C VAL A 59 -2.64 -1.53 3.94
N ILE A 60 -1.83 -2.52 3.60
CA ILE A 60 -1.80 -3.05 2.24
C ILE A 60 -3.18 -3.54 1.82
N SER A 61 -3.87 -4.20 2.76
CA SER A 61 -5.19 -4.72 2.51
C SER A 61 -6.19 -3.61 2.16
N PHE A 62 -6.08 -2.49 2.89
CA PHE A 62 -6.96 -1.35 2.67
C PHE A 62 -6.96 -0.92 1.21
N TYR A 63 -5.78 -0.80 0.62
CA TYR A 63 -5.67 -0.41 -0.78
C TYR A 63 -6.35 -1.41 -1.70
N GLU A 64 -6.15 -2.69 -1.41
CA GLU A 64 -6.73 -3.76 -2.22
C GLU A 64 -8.25 -3.59 -2.32
N GLU A 65 -8.89 -3.28 -1.20
CA GLU A 65 -10.33 -3.11 -1.16
C GLU A 65 -10.76 -1.93 -2.05
N ARG A 66 -10.14 -0.77 -1.84
CA ARG A 66 -10.49 0.42 -2.60
C ARG A 66 -9.72 0.48 -3.92
N LEU A 67 -9.53 -0.68 -4.56
CA LEU A 67 -8.83 -0.73 -5.83
C LEU A 67 -9.80 -0.43 -6.98
N THR A 68 -9.34 0.32 -7.97
CA THR A 68 -10.20 0.69 -9.10
C THR A 68 -9.47 0.53 -10.43
N TRP A 69 -8.16 0.32 -10.36
CA TRP A 69 -7.34 0.15 -11.54
C TRP A 69 -7.34 1.42 -12.39
N HIS A 70 -7.38 1.29 -13.72
CA HIS A 70 -7.38 2.46 -14.58
C HIS A 70 -7.70 2.12 -16.05
N SER A 71 -6.83 2.57 -16.96
CA SER A 71 -6.99 2.36 -18.40
C SER A 71 -7.07 0.89 -18.76
N TYR A 72 -6.61 0.59 -19.95
CA TYR A 72 -6.64 -0.77 -20.46
C TYR A 72 -6.12 -1.76 -19.42
N PRO A 73 -7.02 -2.62 -18.93
CA PRO A 73 -6.68 -3.64 -17.95
C PRO A 73 -6.17 -4.91 -18.63
N SER A 74 -7.07 -5.58 -19.36
CA SER A 74 -6.73 -6.81 -20.05
C SER A 74 -7.75 -7.15 -21.14
N ASP A 75 -8.19 -6.13 -21.88
CA ASP A 75 -9.16 -6.34 -22.95
C ASP A 75 -8.59 -7.27 -24.02
N HIS B 1 28.27 -12.15 -4.57
CA HIS B 1 28.41 -13.24 -5.59
C HIS B 1 28.53 -12.67 -7.00
N MET B 2 29.47 -13.20 -7.76
CA MET B 2 29.70 -12.75 -9.13
C MET B 2 28.68 -13.35 -10.10
N LYS B 3 27.40 -13.23 -9.75
CA LYS B 3 26.34 -13.76 -10.60
C LYS B 3 26.40 -13.14 -12.01
N GLU B 4 26.22 -13.98 -13.02
CA GLU B 4 26.27 -13.52 -14.41
C GLU B 4 25.78 -14.61 -15.36
N GLU B 5 26.14 -15.85 -15.07
CA GLU B 5 25.73 -16.98 -15.89
C GLU B 5 24.23 -17.02 -16.09
N SER B 6 23.80 -17.46 -17.27
CA SER B 6 22.38 -17.53 -17.61
C SER B 6 21.62 -18.41 -16.61
N GLU B 7 20.32 -18.58 -16.86
CA GLU B 7 19.46 -19.39 -16.00
C GLU B 7 19.37 -18.79 -14.61
N LYS B 8 19.16 -17.48 -14.56
CA LYS B 8 19.03 -16.75 -13.30
C LYS B 8 17.70 -17.07 -12.62
N PRO B 9 17.69 -17.19 -11.28
CA PRO B 9 16.47 -17.50 -10.52
C PRO B 9 15.44 -16.38 -10.61
N ARG B 10 14.63 -16.25 -9.55
CA ARG B 10 13.60 -15.21 -9.50
C ARG B 10 12.78 -15.32 -8.21
N GLY B 11 12.19 -14.21 -7.80
CA GLY B 11 11.37 -14.20 -6.60
C GLY B 11 12.19 -14.10 -5.32
N PHE B 12 13.05 -13.09 -5.24
CA PHE B 12 13.89 -12.88 -4.07
C PHE B 12 14.71 -14.12 -3.77
N ALA B 13 15.36 -14.66 -4.80
CA ALA B 13 16.18 -15.85 -4.65
C ALA B 13 17.24 -15.66 -3.58
N ARG B 14 18.17 -14.73 -3.82
CA ARG B 14 19.24 -14.45 -2.87
C ARG B 14 18.91 -13.25 -1.99
N GLY B 15 18.48 -12.16 -2.63
CA GLY B 15 18.14 -10.96 -1.90
C GLY B 15 18.39 -9.69 -2.71
N LEU B 16 18.06 -9.75 -3.99
CA LEU B 16 18.24 -8.60 -4.87
C LEU B 16 17.38 -7.42 -4.44
N GLU B 17 17.98 -6.24 -4.37
CA GLU B 17 17.27 -5.04 -3.98
C GLU B 17 16.38 -4.55 -5.12
N PRO B 18 15.09 -4.31 -4.84
CA PRO B 18 14.14 -3.84 -5.86
C PRO B 18 14.29 -2.35 -6.16
N GLU B 19 14.42 -2.01 -7.43
CA GLU B 19 14.57 -0.62 -7.85
C GLU B 19 13.27 0.14 -7.63
N ARG B 20 12.17 -0.44 -8.11
CA ARG B 20 10.84 0.17 -7.97
C ARG B 20 9.78 -0.73 -8.59
N ILE B 21 8.68 -0.94 -7.87
CA ILE B 21 7.59 -1.77 -8.35
C ILE B 21 6.98 -1.16 -9.61
N ILE B 22 6.94 -1.95 -10.69
CA ILE B 22 6.38 -1.48 -11.95
C ILE B 22 4.86 -1.41 -11.89
N GLY B 23 4.25 -2.48 -11.36
CA GLY B 23 2.80 -2.52 -11.26
C GLY B 23 2.29 -3.77 -10.58
N ALA B 24 1.14 -4.24 -11.04
CA ALA B 24 0.51 -5.44 -10.47
C ALA B 24 -0.73 -5.83 -11.27
N THR B 25 -0.87 -7.12 -11.54
CA THR B 25 -2.03 -7.62 -12.30
C THR B 25 -2.66 -8.83 -11.61
N ASP B 26 -3.98 -8.84 -11.56
CA ASP B 26 -4.71 -9.94 -10.93
C ASP B 26 -4.63 -11.21 -11.78
N SER B 27 -3.46 -11.84 -11.77
CA SER B 27 -3.25 -13.08 -12.53
C SER B 27 -3.64 -14.29 -11.70
N SER B 28 -4.42 -15.19 -12.29
CA SER B 28 -4.87 -16.40 -11.60
C SER B 28 -5.60 -16.07 -10.30
N GLY B 29 -6.39 -14.99 -10.35
CA GLY B 29 -7.16 -14.58 -9.18
C GLY B 29 -6.28 -14.07 -8.04
N GLU B 30 -5.09 -13.60 -8.38
CA GLU B 30 -4.16 -13.07 -7.39
C GLU B 30 -3.28 -11.99 -7.99
N LEU B 31 -3.14 -10.87 -7.28
CA LEU B 31 -2.32 -9.76 -7.75
C LEU B 31 -0.87 -10.19 -7.91
N MET B 32 -0.27 -9.79 -9.02
CA MET B 32 1.13 -10.12 -9.30
C MET B 32 1.95 -8.86 -9.46
N PHE B 33 2.71 -8.52 -8.42
CA PHE B 33 3.54 -7.32 -8.45
C PHE B 33 4.80 -7.56 -9.26
N LEU B 34 4.97 -6.80 -10.33
CA LEU B 34 6.14 -6.92 -11.18
C LEU B 34 7.34 -6.24 -10.52
N MET B 35 8.13 -7.02 -9.79
CA MET B 35 9.30 -6.48 -9.10
C MET B 35 10.45 -6.20 -10.05
N LYS B 36 10.95 -4.97 -9.99
CA LYS B 36 12.07 -4.56 -10.82
C LYS B 36 13.39 -4.74 -10.08
N TRP B 37 14.38 -5.30 -10.76
CA TRP B 37 15.68 -5.53 -10.14
C TRP B 37 16.72 -4.54 -10.65
N LYS B 38 17.52 -4.00 -9.74
CA LYS B 38 18.56 -3.03 -10.09
C LYS B 38 19.64 -3.69 -10.93
N ASN B 39 20.18 -4.78 -10.43
CA ASN B 39 21.24 -5.51 -11.12
C ASN B 39 20.69 -6.28 -12.32
N SER B 40 19.66 -7.08 -12.08
CA SER B 40 19.05 -7.87 -13.15
C SER B 40 18.20 -6.99 -14.06
N ASP B 41 18.42 -7.12 -15.37
CA ASP B 41 17.69 -6.34 -16.34
C ASP B 41 16.22 -6.79 -16.43
N GLU B 42 16.01 -8.11 -16.43
CA GLU B 42 14.67 -8.67 -16.50
C GLU B 42 13.99 -8.68 -15.14
N ALA B 43 12.75 -8.21 -15.10
CA ALA B 43 12.00 -8.17 -13.85
C ALA B 43 11.56 -9.57 -13.44
N ASP B 44 10.41 -9.67 -12.77
CA ASP B 44 9.88 -10.95 -12.32
C ASP B 44 8.53 -10.79 -11.62
N LEU B 45 7.57 -11.62 -11.99
CA LEU B 45 6.24 -11.58 -11.39
C LEU B 45 6.26 -12.24 -10.02
N VAL B 46 5.55 -11.65 -9.07
CA VAL B 46 5.47 -12.19 -7.72
C VAL B 46 4.07 -11.99 -7.12
N PRO B 47 3.49 -13.04 -6.53
CA PRO B 47 2.15 -12.97 -5.93
C PRO B 47 2.08 -11.96 -4.80
N ALA B 48 0.92 -11.36 -4.64
CA ALA B 48 0.70 -10.37 -3.59
C ALA B 48 0.99 -10.98 -2.22
N LYS B 49 0.58 -12.23 -2.03
CA LYS B 49 0.79 -12.92 -0.76
C LYS B 49 2.28 -12.98 -0.44
N GLU B 50 3.07 -13.35 -1.44
CA GLU B 50 4.51 -13.45 -1.27
C GLU B 50 5.12 -12.08 -1.03
N ALA B 51 4.60 -11.08 -1.74
CA ALA B 51 5.10 -9.71 -1.62
C ALA B 51 4.93 -9.17 -0.20
N ASN B 52 3.79 -9.46 0.41
CA ASN B 52 3.50 -8.99 1.77
C ASN B 52 4.59 -9.39 2.75
N VAL B 53 5.05 -10.63 2.66
CA VAL B 53 6.08 -11.13 3.58
C VAL B 53 7.49 -10.77 3.11
N LYS B 54 7.75 -10.86 1.80
CA LYS B 54 9.06 -10.57 1.25
C LYS B 54 9.47 -9.12 1.50
N CYS B 55 8.57 -8.18 1.21
CA CYS B 55 8.87 -6.76 1.39
C CYS B 55 7.60 -5.92 1.32
N PRO B 56 6.83 -5.89 2.43
CA PRO B 56 5.58 -5.12 2.50
C PRO B 56 5.82 -3.62 2.36
N GLN B 57 6.94 -3.16 2.90
CA GLN B 57 7.30 -1.74 2.84
C GLN B 57 7.28 -1.23 1.40
N VAL B 58 8.01 -1.89 0.51
CA VAL B 58 8.06 -1.49 -0.89
C VAL B 58 6.65 -1.54 -1.48
N VAL B 59 5.92 -2.58 -1.07
CA VAL B 59 4.55 -2.79 -1.52
C VAL B 59 3.64 -1.62 -1.12
N ILE B 60 3.79 -1.16 0.12
CA ILE B 60 3.00 -0.05 0.62
C ILE B 60 3.36 1.24 -0.09
N SER B 61 4.66 1.41 -0.35
CA SER B 61 5.17 2.61 -1.02
C SER B 61 4.60 2.76 -2.43
N PHE B 62 4.54 1.65 -3.16
CA PHE B 62 4.04 1.68 -4.53
C PHE B 62 2.66 2.33 -4.60
N TYR B 63 1.73 1.83 -3.79
CA TYR B 63 0.38 2.38 -3.76
C TYR B 63 0.39 3.83 -3.27
N GLU B 64 1.29 4.12 -2.34
CA GLU B 64 1.40 5.46 -1.78
C GLU B 64 1.49 6.50 -2.90
N GLU B 65 2.29 6.20 -3.91
CA GLU B 65 2.45 7.10 -5.05
C GLU B 65 1.23 7.02 -5.96
N ARG B 66 0.80 5.79 -6.26
CA ARG B 66 -0.35 5.55 -7.12
C ARG B 66 -1.66 5.72 -6.34
N LEU B 67 -1.72 6.78 -5.53
CA LEU B 67 -2.90 7.05 -4.73
C LEU B 67 -3.65 8.27 -5.24
N THR B 68 -4.98 8.26 -5.05
CA THR B 68 -5.83 9.35 -5.50
C THR B 68 -7.18 9.31 -4.78
N TRP B 69 -7.65 10.47 -4.34
CA TRP B 69 -8.91 10.56 -3.64
C TRP B 69 -10.08 10.47 -4.62
N HIS B 70 -11.14 9.76 -4.22
CA HIS B 70 -12.30 9.59 -5.09
C HIS B 70 -13.55 10.27 -4.51
N SER B 71 -14.32 10.89 -5.41
CA SER B 71 -15.55 11.57 -5.05
C SER B 71 -15.30 12.66 -3.99
N TYR B 72 -16.22 12.81 -3.05
CA TYR B 72 -16.11 13.81 -1.99
C TYR B 72 -14.78 13.70 -1.25
N PRO B 73 -13.86 14.66 -1.45
CA PRO B 73 -12.57 14.68 -0.79
C PRO B 73 -12.64 15.24 0.63
N SER B 74 -13.19 16.45 0.75
CA SER B 74 -13.34 17.11 2.03
C SER B 74 -13.97 18.49 1.87
N ASP B 75 -15.01 18.57 1.04
CA ASP B 75 -15.69 19.84 0.78
C ASP B 75 -16.39 20.33 2.04
N GLY C 1 -20.30 27.67 9.91
CA GLY C 1 -19.55 27.16 11.08
C GLY C 1 -20.35 26.18 11.90
N SER C 2 -19.72 25.06 12.27
CA SER C 2 -20.37 24.03 13.06
C SER C 2 -19.39 22.91 13.41
N LYS C 3 -18.60 22.50 12.42
CA LYS C 3 -17.61 21.44 12.61
C LYS C 3 -18.28 20.10 12.91
N ALA C 4 -17.82 19.05 12.23
CA ALA C 4 -18.36 17.71 12.43
C ALA C 4 -17.58 16.68 11.62
N GLY C 5 -17.29 17.01 10.37
CA GLY C 5 -16.56 16.10 9.50
C GLY C 5 -15.12 15.89 9.95
N ASP C 6 -14.19 15.95 8.99
CA ASP C 6 -12.78 15.75 9.28
C ASP C 6 -12.27 16.78 10.28
N LEU C 7 -11.40 16.33 11.19
CA LEU C 7 -10.82 17.21 12.20
C LEU C 7 -9.84 18.18 11.55
N LEU C 8 -9.03 17.66 10.63
CA LEU C 8 -8.04 18.46 9.93
C LEU C 8 -7.43 17.70 8.76
N PHE C 9 -8.24 16.88 8.10
CA PHE C 9 -7.79 16.09 6.97
C PHE C 9 -8.92 15.81 5.97
N ILE C 10 -8.96 14.59 5.45
CA ILE C 10 -9.97 14.22 4.48
C ILE C 10 -10.65 12.89 4.83
N GLU C 11 -11.96 12.84 4.61
CA GLU C 11 -12.75 11.65 4.88
C GLU C 11 -13.46 11.20 3.61
N LYS C 12 -12.68 10.83 2.61
CA LYS C 12 -13.20 10.43 1.30
C LYS C 12 -13.04 8.93 1.06
N VAL C 13 -12.75 8.58 -0.20
CA VAL C 13 -12.57 7.19 -0.60
C VAL C 13 -11.26 7.06 -1.39
N PRO C 14 -10.14 6.78 -0.70
CA PRO C 14 -8.81 6.66 -1.32
C PRO C 14 -8.69 5.49 -2.30
N VAL C 15 -9.28 5.63 -3.48
CA VAL C 15 -9.20 4.59 -4.50
C VAL C 15 -7.79 4.53 -5.08
N VAL C 16 -7.39 3.34 -5.53
CA VAL C 16 -6.06 3.18 -6.10
C VAL C 16 -6.12 2.97 -7.61
N VAL C 17 -5.16 3.58 -8.31
CA VAL C 17 -5.11 3.48 -9.76
C VAL C 17 -3.93 2.61 -10.20
N LEU C 18 -4.23 1.61 -11.01
CA LEU C 18 -3.22 0.68 -11.52
C LEU C 18 -3.62 0.14 -12.89
N GLU C 19 -2.67 0.13 -13.81
CA GLU C 19 -2.93 -0.38 -15.16
C GLU C 19 -2.20 -1.71 -15.37
N ASP C 20 -2.37 -2.61 -14.42
CA ASP C 20 -1.74 -3.92 -14.47
C ASP C 20 -0.20 -3.78 -14.45
N ILE C 21 0.48 -4.31 -15.46
CA ILE C 21 1.94 -4.22 -15.49
C ILE C 21 2.41 -3.71 -16.85
N LEU C 22 1.88 -4.29 -17.90
CA LEU C 22 2.21 -3.88 -19.27
C LEU C 22 0.91 -3.63 -20.01
N ALA C 23 -0.09 -3.22 -19.25
CA ALA C 23 -1.41 -2.95 -19.79
C ALA C 23 -1.71 -1.46 -19.81
N THR C 24 -1.56 -0.84 -20.97
CA THR C 24 -1.82 0.58 -21.13
C THR C 24 -2.26 0.91 -22.55
N LYS C 25 -3.33 1.71 -22.66
CA LYS C 25 -3.85 2.10 -23.97
C LYS C 25 -4.53 3.46 -23.89
N PRO C 26 -3.73 4.54 -23.74
CA PRO C 26 -4.27 5.92 -23.64
C PRO C 26 -5.13 6.29 -24.84
N SER C 27 -6.21 7.01 -24.57
CA SER C 27 -7.13 7.44 -25.62
C SER C 27 -7.81 8.75 -25.24
N ILE C 28 -7.01 9.78 -25.00
CA ILE C 28 -7.52 11.09 -24.62
C ILE C 28 -6.60 12.20 -25.10
N ALA C 29 -5.29 11.99 -24.95
CA ALA C 29 -4.31 12.99 -25.37
C ALA C 29 -4.34 13.20 -26.87
N SER C 30 -4.39 14.47 -27.29
CA SER C 30 -4.44 14.81 -28.71
C SER C 30 -3.79 16.17 -28.96
N HIS A 1 -16.43 0.12 24.17
CA HIS A 1 -16.81 0.06 25.61
C HIS A 1 -16.63 1.42 26.28
N MET A 2 -16.08 1.42 27.49
CA MET A 2 -15.85 2.66 28.23
C MET A 2 -14.59 2.55 29.08
N LYS A 3 -13.52 2.06 28.47
CA LYS A 3 -12.24 1.90 29.16
C LYS A 3 -11.76 3.22 29.75
N GLU A 4 -11.26 3.16 30.98
CA GLU A 4 -10.75 4.34 31.65
C GLU A 4 -10.07 3.94 32.97
N GLU A 5 -9.35 2.82 32.92
CA GLU A 5 -8.65 2.31 34.09
C GLU A 5 -7.42 3.16 34.40
N SER A 6 -6.73 3.59 33.35
CA SER A 6 -5.53 4.40 33.50
C SER A 6 -5.19 5.12 32.19
N GLU A 7 -4.66 6.33 32.31
CA GLU A 7 -4.29 7.13 31.15
C GLU A 7 -3.36 6.35 30.23
N LYS A 8 -3.56 6.49 28.93
CA LYS A 8 -2.75 5.79 27.93
C LYS A 8 -2.51 6.67 26.70
N PRO A 9 -1.37 6.47 26.02
CA PRO A 9 -1.00 7.24 24.82
C PRO A 9 -2.05 7.18 23.70
N ARG A 10 -1.59 7.11 22.45
CA ARG A 10 -2.49 7.05 21.31
C ARG A 10 -2.03 6.03 20.28
N GLY A 11 -2.91 5.72 19.33
CA GLY A 11 -2.57 4.75 18.29
C GLY A 11 -2.35 3.36 18.85
N PHE A 12 -1.23 2.74 18.48
CA PHE A 12 -0.91 1.40 18.96
C PHE A 12 -0.35 1.47 20.37
N ALA A 13 -0.88 2.40 21.17
CA ALA A 13 -0.45 2.58 22.54
C ALA A 13 -0.79 1.33 23.37
N ARG A 14 -2.08 1.06 23.47
CA ARG A 14 -2.56 -0.09 24.22
C ARG A 14 -2.40 -1.37 23.41
N GLY A 15 -2.53 -1.24 22.09
CA GLY A 15 -2.40 -2.38 21.21
C GLY A 15 -3.75 -2.87 20.72
N LEU A 16 -4.64 -1.94 20.42
CA LEU A 16 -5.97 -2.27 19.94
C LEU A 16 -5.92 -2.79 18.51
N GLU A 17 -6.65 -3.87 18.24
CA GLU A 17 -6.68 -4.47 16.91
C GLU A 17 -7.39 -3.56 15.90
N PRO A 18 -6.80 -3.38 14.70
CA PRO A 18 -7.39 -2.54 13.65
C PRO A 18 -8.68 -3.15 13.10
N GLU A 19 -9.75 -2.37 13.10
CA GLU A 19 -11.04 -2.85 12.60
C GLU A 19 -11.24 -2.50 11.12
N ARG A 20 -10.98 -1.25 10.77
CA ARG A 20 -11.15 -0.80 9.39
C ARG A 20 -10.56 0.59 9.18
N ILE A 21 -9.62 0.70 8.25
CA ILE A 21 -8.99 1.98 7.95
C ILE A 21 -9.93 2.85 7.12
N ILE A 22 -9.96 4.15 7.41
CA ILE A 22 -10.81 5.09 6.70
C ILE A 22 -10.25 6.51 6.73
N GLY A 23 -8.97 6.64 6.41
CA GLY A 23 -8.34 7.95 6.40
C GLY A 23 -6.95 7.93 5.80
N ALA A 24 -6.49 9.10 5.36
CA ALA A 24 -5.16 9.23 4.75
C ALA A 24 -4.97 10.65 4.22
N THR A 25 -3.84 11.26 4.57
CA THR A 25 -3.57 12.62 4.12
C THR A 25 -2.07 12.91 4.06
N ASP A 26 -1.65 13.49 2.94
CA ASP A 26 -0.25 13.84 2.74
C ASP A 26 0.11 15.11 3.51
N SER A 27 0.19 14.99 4.83
CA SER A 27 0.51 16.14 5.68
C SER A 27 1.91 16.68 5.37
N SER A 28 2.73 16.83 6.41
CA SER A 28 4.09 17.34 6.23
C SER A 28 4.79 16.59 5.10
N GLY A 29 4.52 15.30 5.03
CA GLY A 29 5.12 14.47 3.99
C GLY A 29 4.81 12.99 4.19
N GLU A 30 3.87 12.71 5.09
CA GLU A 30 3.49 11.34 5.39
C GLU A 30 1.98 11.16 5.30
N LEU A 31 1.55 10.05 4.72
CA LEU A 31 0.13 9.76 4.60
C LEU A 31 -0.43 9.36 5.96
N MET A 32 -1.24 10.22 6.54
CA MET A 32 -1.82 9.96 7.85
C MET A 32 -3.02 9.03 7.77
N PHE A 33 -2.80 7.76 8.13
CA PHE A 33 -3.87 6.76 8.11
C PHE A 33 -4.79 6.93 9.31
N LEU A 34 -6.07 7.20 9.04
CA LEU A 34 -7.06 7.37 10.11
C LEU A 34 -7.62 6.02 10.52
N MET A 35 -6.93 5.34 11.42
CA MET A 35 -7.32 4.02 11.88
C MET A 35 -8.57 4.05 12.76
N LYS A 36 -9.48 3.11 12.48
CA LYS A 36 -10.71 2.98 13.25
C LYS A 36 -10.56 1.87 14.28
N TRP A 37 -11.12 2.08 15.47
CA TRP A 37 -11.01 1.08 16.52
C TRP A 37 -12.37 0.45 16.85
N LYS A 38 -12.37 -0.87 16.99
CA LYS A 38 -13.59 -1.61 17.30
C LYS A 38 -14.14 -1.18 18.66
N ASN A 39 -13.26 -1.17 19.66
CA ASN A 39 -13.65 -0.81 21.00
C ASN A 39 -13.71 0.71 21.17
N SER A 40 -12.66 1.39 20.76
CA SER A 40 -12.59 2.85 20.87
C SER A 40 -13.43 3.50 19.77
N ASP A 41 -14.35 4.37 20.18
CA ASP A 41 -15.22 5.06 19.23
C ASP A 41 -14.43 6.10 18.43
N GLU A 42 -13.68 6.95 19.13
CA GLU A 42 -12.88 7.99 18.48
C GLU A 42 -11.67 7.38 17.78
N ALA A 43 -11.50 7.71 16.51
CA ALA A 43 -10.38 7.20 15.72
C ALA A 43 -9.10 7.97 16.00
N ASP A 44 -7.95 7.36 15.71
CA ASP A 44 -6.66 7.99 15.93
C ASP A 44 -5.84 7.99 14.65
N LEU A 45 -5.36 9.16 14.25
CA LEU A 45 -4.56 9.30 13.04
C LEU A 45 -3.12 8.85 13.30
N VAL A 46 -2.55 8.10 12.35
CA VAL A 46 -1.19 7.60 12.48
C VAL A 46 -0.37 7.81 11.20
N PRO A 47 0.88 8.28 11.34
CA PRO A 47 1.77 8.52 10.20
C PRO A 47 1.97 7.29 9.33
N ALA A 48 2.05 7.49 8.02
CA ALA A 48 2.22 6.39 7.08
C ALA A 48 3.48 5.57 7.39
N LYS A 49 4.59 6.26 7.62
CA LYS A 49 5.85 5.59 7.91
C LYS A 49 5.73 4.63 9.09
N GLU A 50 5.17 5.13 10.19
CA GLU A 50 4.99 4.32 11.38
C GLU A 50 3.98 3.20 11.13
N ALA A 51 2.88 3.54 10.47
CA ALA A 51 1.83 2.57 10.15
C ALA A 51 2.40 1.35 9.45
N ASN A 52 3.40 1.56 8.60
CA ASN A 52 4.02 0.48 7.85
C ASN A 52 4.53 -0.61 8.78
N VAL A 53 5.35 -0.22 9.75
CA VAL A 53 5.92 -1.18 10.71
C VAL A 53 4.88 -1.70 11.68
N LYS A 54 3.91 -0.86 12.03
CA LYS A 54 2.85 -1.25 12.97
C LYS A 54 2.09 -2.49 12.49
N CYS A 55 1.74 -2.52 11.21
CA CYS A 55 0.99 -3.64 10.64
C CYS A 55 0.82 -3.50 9.13
N PRO A 56 1.83 -3.93 8.35
CA PRO A 56 1.78 -3.85 6.89
C PRO A 56 0.60 -4.63 6.31
N GLN A 57 0.35 -5.80 6.87
CA GLN A 57 -0.74 -6.66 6.42
C GLN A 57 -2.07 -5.91 6.41
N VAL A 58 -2.30 -5.10 7.45
CA VAL A 58 -3.54 -4.34 7.57
C VAL A 58 -3.63 -3.23 6.52
N VAL A 59 -2.56 -2.45 6.39
CA VAL A 59 -2.55 -1.35 5.43
C VAL A 59 -2.57 -1.84 3.99
N ILE A 60 -1.73 -2.82 3.68
CA ILE A 60 -1.66 -3.39 2.33
C ILE A 60 -3.03 -3.88 1.88
N SER A 61 -3.72 -4.58 2.78
CA SER A 61 -5.05 -5.11 2.50
C SER A 61 -6.03 -3.98 2.18
N PHE A 62 -5.87 -2.85 2.88
CA PHE A 62 -6.74 -1.71 2.69
C PHE A 62 -6.70 -1.21 1.26
N TYR A 63 -5.49 -1.04 0.72
CA TYR A 63 -5.32 -0.58 -0.66
C TYR A 63 -5.80 -1.63 -1.65
N GLU A 64 -5.51 -2.90 -1.35
CA GLU A 64 -5.89 -4.01 -2.23
C GLU A 64 -7.40 -4.05 -2.47
N GLU A 65 -8.17 -4.03 -1.39
CA GLU A 65 -9.63 -4.09 -1.50
C GLU A 65 -10.20 -2.89 -2.24
N ARG A 66 -9.76 -1.69 -1.86
CA ARG A 66 -10.25 -0.48 -2.50
C ARG A 66 -9.49 -0.16 -3.78
N LEU A 67 -9.17 -1.21 -4.55
CA LEU A 67 -8.46 -1.04 -5.81
C LEU A 67 -9.44 -0.71 -6.94
N THR A 68 -9.05 0.22 -7.80
CA THR A 68 -9.90 0.62 -8.92
C THR A 68 -9.17 0.48 -10.25
N TRP A 69 -7.85 0.36 -10.17
CA TRP A 69 -7.01 0.22 -11.35
C TRP A 69 -7.04 1.50 -12.18
N HIS A 70 -7.11 1.36 -13.51
CA HIS A 70 -7.13 2.52 -14.39
C HIS A 70 -7.70 2.15 -15.76
N SER A 71 -6.89 2.27 -16.80
CA SER A 71 -7.34 1.95 -18.15
C SER A 71 -6.23 1.28 -18.96
N TYR A 72 -6.58 0.19 -19.64
CA TYR A 72 -5.63 -0.55 -20.46
C TYR A 72 -5.22 0.28 -21.68
N PRO A 73 -3.91 0.43 -21.91
CA PRO A 73 -3.39 1.20 -23.05
C PRO A 73 -3.62 0.52 -24.39
N SER A 74 -3.32 -0.78 -24.46
CA SER A 74 -3.52 -1.52 -25.68
C SER A 74 -4.99 -1.88 -25.85
N ASP A 75 -5.82 -0.94 -25.44
CA ASP A 75 -7.27 -1.09 -25.52
C ASP A 75 -7.70 -1.41 -26.94
N HIS B 1 23.48 -5.30 -16.06
CA HIS B 1 24.73 -5.89 -16.58
C HIS B 1 24.43 -7.07 -17.51
N MET B 2 25.20 -8.15 -17.36
CA MET B 2 25.01 -9.35 -18.19
C MET B 2 25.36 -10.60 -17.40
N LYS B 3 24.84 -10.67 -16.17
CA LYS B 3 25.11 -11.81 -15.30
C LYS B 3 24.67 -13.12 -15.96
N GLU B 4 25.52 -14.15 -15.84
CA GLU B 4 25.22 -15.45 -16.41
C GLU B 4 26.27 -16.47 -15.94
N GLU B 5 26.65 -16.35 -14.68
CA GLU B 5 27.64 -17.25 -14.09
C GLU B 5 27.05 -18.63 -13.84
N SER B 6 25.79 -18.65 -13.42
CA SER B 6 25.10 -19.90 -13.13
C SER B 6 23.58 -19.69 -13.07
N GLU B 7 22.84 -20.70 -13.53
CA GLU B 7 21.38 -20.64 -13.53
C GLU B 7 20.84 -20.32 -12.14
N LYS B 8 19.83 -19.46 -12.09
CA LYS B 8 19.21 -19.06 -10.83
C LYS B 8 17.70 -18.91 -10.99
N PRO B 9 16.94 -19.11 -9.89
CA PRO B 9 15.47 -19.02 -9.91
C PRO B 9 14.96 -17.65 -10.35
N ARG B 10 13.89 -17.18 -9.71
CA ARG B 10 13.29 -15.89 -10.05
C ARG B 10 12.92 -15.10 -8.80
N GLY B 11 12.54 -13.84 -9.00
CA GLY B 11 12.15 -13.00 -7.89
C GLY B 11 13.28 -12.79 -6.90
N PHE B 12 13.00 -13.06 -5.63
CA PHE B 12 14.00 -12.91 -4.58
C PHE B 12 14.93 -14.12 -4.56
N ALA B 13 15.30 -14.60 -5.75
CA ALA B 13 16.18 -15.74 -5.88
C ALA B 13 17.61 -15.40 -5.47
N ARG B 14 18.22 -14.51 -6.25
CA ARG B 14 19.59 -14.08 -5.99
C ARG B 14 19.64 -13.07 -4.85
N GLY B 15 18.56 -12.28 -4.72
CA GLY B 15 18.50 -11.28 -3.67
C GLY B 15 18.79 -9.90 -4.20
N LEU B 16 18.32 -9.62 -5.41
CA LEU B 16 18.52 -8.32 -6.04
C LEU B 16 17.67 -7.24 -5.36
N GLU B 17 18.27 -6.09 -5.10
CA GLU B 17 17.57 -4.99 -4.46
C GLU B 17 16.48 -4.43 -5.39
N PRO B 18 15.23 -4.32 -4.88
CA PRO B 18 14.12 -3.79 -5.69
C PRO B 18 14.25 -2.30 -5.98
N GLU B 19 14.18 -1.95 -7.26
CA GLU B 19 14.29 -0.55 -7.68
C GLU B 19 12.96 0.17 -7.48
N ARG B 20 11.89 -0.41 -8.02
CA ARG B 20 10.55 0.16 -7.90
C ARG B 20 9.51 -0.76 -8.54
N ILE B 21 8.41 -0.96 -7.84
CA ILE B 21 7.33 -1.82 -8.34
C ILE B 21 6.63 -1.16 -9.52
N ILE B 22 6.48 -1.92 -10.60
CA ILE B 22 5.82 -1.41 -11.80
C ILE B 22 4.30 -1.43 -11.65
N GLY B 23 3.77 -2.56 -11.16
CA GLY B 23 2.34 -2.67 -10.99
C GLY B 23 1.92 -4.02 -10.39
N ALA B 24 0.78 -4.53 -10.85
CA ALA B 24 0.25 -5.80 -10.36
C ALA B 24 -0.95 -6.25 -11.20
N THR B 25 -1.00 -7.55 -11.49
CA THR B 25 -2.10 -8.12 -12.28
C THR B 25 -2.75 -9.29 -11.54
N ASP B 26 -4.08 -9.33 -11.56
CA ASP B 26 -4.81 -10.40 -10.89
C ASP B 26 -4.67 -11.71 -11.66
N SER B 27 -3.49 -12.32 -11.57
CA SER B 27 -3.22 -13.57 -12.24
C SER B 27 -3.51 -14.76 -11.32
N SER B 28 -4.29 -15.72 -11.83
CA SER B 28 -4.65 -16.90 -11.05
C SER B 28 -5.28 -16.50 -9.71
N GLY B 29 -6.10 -15.47 -9.74
CA GLY B 29 -6.76 -15.00 -8.53
C GLY B 29 -5.77 -14.43 -7.53
N GLU B 30 -4.68 -13.88 -8.04
CA GLU B 30 -3.64 -13.29 -7.18
C GLU B 30 -2.95 -12.13 -7.88
N LEU B 31 -2.87 -11.00 -7.19
CA LEU B 31 -2.23 -9.81 -7.75
C LEU B 31 -0.71 -9.99 -7.81
N MET B 32 -0.22 -10.41 -8.96
CA MET B 32 1.21 -10.62 -9.15
C MET B 32 1.93 -9.29 -9.31
N PHE B 33 2.79 -8.96 -8.35
CA PHE B 33 3.54 -7.71 -8.40
C PHE B 33 4.75 -7.83 -9.31
N LEU B 34 4.80 -7.01 -10.35
CA LEU B 34 5.92 -7.03 -11.27
C LEU B 34 7.11 -6.28 -10.67
N MET B 35 8.00 -7.03 -10.03
CA MET B 35 9.17 -6.42 -9.39
C MET B 35 10.24 -6.07 -10.40
N LYS B 36 10.59 -4.79 -10.46
CA LYS B 36 11.62 -4.32 -11.36
C LYS B 36 13.00 -4.45 -10.71
N TRP B 37 14.00 -4.78 -11.50
CA TRP B 37 15.35 -4.94 -10.96
C TRP B 37 16.32 -3.94 -11.58
N LYS B 38 17.18 -3.36 -10.73
CA LYS B 38 18.16 -2.38 -11.16
C LYS B 38 19.13 -2.98 -12.18
N ASN B 39 19.76 -4.09 -11.81
CA ASN B 39 20.72 -4.76 -12.68
C ASN B 39 20.02 -5.54 -13.78
N SER B 40 19.03 -6.34 -13.40
CA SER B 40 18.28 -7.14 -14.37
C SER B 40 17.30 -6.27 -15.15
N ASP B 41 17.37 -6.34 -16.48
CA ASP B 41 16.48 -5.56 -17.34
C ASP B 41 15.06 -6.09 -17.26
N GLU B 42 14.90 -7.40 -17.45
CA GLU B 42 13.58 -8.03 -17.41
C GLU B 42 13.11 -8.20 -15.96
N ALA B 43 11.88 -7.79 -15.70
CA ALA B 43 11.31 -7.92 -14.36
C ALA B 43 10.95 -9.38 -14.08
N ASP B 44 10.16 -9.61 -13.05
CA ASP B 44 9.73 -10.96 -12.68
C ASP B 44 8.43 -10.94 -11.88
N LEU B 45 7.48 -11.76 -12.30
CA LEU B 45 6.20 -11.85 -11.61
C LEU B 45 6.36 -12.51 -10.25
N VAL B 46 5.66 -11.99 -9.25
CA VAL B 46 5.73 -12.51 -7.90
C VAL B 46 4.37 -12.47 -7.21
N PRO B 47 3.94 -13.59 -6.60
CA PRO B 47 2.64 -13.67 -5.91
C PRO B 47 2.51 -12.62 -4.82
N ALA B 48 1.33 -12.03 -4.72
CA ALA B 48 1.07 -11.00 -3.72
C ALA B 48 1.39 -11.52 -2.32
N LYS B 49 0.95 -12.75 -2.03
CA LYS B 49 1.19 -13.36 -0.72
C LYS B 49 2.69 -13.40 -0.42
N GLU B 50 3.48 -13.74 -1.42
CA GLU B 50 4.92 -13.83 -1.28
C GLU B 50 5.53 -12.45 -1.02
N ALA B 51 5.12 -11.49 -1.83
CA ALA B 51 5.63 -10.13 -1.72
C ALA B 51 5.36 -9.53 -0.33
N ASN B 52 4.18 -9.80 0.21
CA ASN B 52 3.80 -9.28 1.53
C ASN B 52 4.83 -9.66 2.61
N VAL B 53 5.34 -10.89 2.56
CA VAL B 53 6.31 -11.34 3.55
C VAL B 53 7.74 -10.94 3.18
N LYS B 54 8.08 -11.04 1.90
CA LYS B 54 9.42 -10.71 1.42
C LYS B 54 9.79 -9.25 1.67
N CYS B 55 8.87 -8.33 1.39
CA CYS B 55 9.15 -6.90 1.59
C CYS B 55 7.87 -6.06 1.56
N PRO B 56 7.06 -6.14 2.63
CA PRO B 56 5.82 -5.37 2.72
C PRO B 56 6.07 -3.87 2.63
N GLN B 57 7.23 -3.44 3.13
CA GLN B 57 7.61 -2.02 3.11
C GLN B 57 7.55 -1.46 1.69
N VAL B 58 8.29 -2.06 0.77
CA VAL B 58 8.29 -1.63 -0.62
C VAL B 58 6.89 -1.72 -1.21
N VAL B 59 6.19 -2.78 -0.81
CA VAL B 59 4.83 -3.04 -1.26
C VAL B 59 3.90 -1.89 -0.90
N ILE B 60 3.94 -1.47 0.35
CA ILE B 60 3.10 -0.37 0.82
C ILE B 60 3.49 0.93 0.13
N SER B 61 4.78 1.08 -0.15
CA SER B 61 5.30 2.27 -0.81
C SER B 61 4.69 2.48 -2.20
N PHE B 62 4.59 1.40 -2.97
CA PHE B 62 4.04 1.49 -4.32
C PHE B 62 2.64 2.10 -4.29
N TYR B 63 1.75 1.50 -3.50
CA TYR B 63 0.39 1.99 -3.39
C TYR B 63 0.35 3.34 -2.69
N GLU B 64 1.29 3.54 -1.78
CA GLU B 64 1.37 4.79 -1.01
C GLU B 64 1.39 6.00 -1.94
N GLU B 65 2.29 5.99 -2.91
CA GLU B 65 2.41 7.09 -3.85
C GLU B 65 1.31 7.04 -4.91
N ARG B 66 1.01 5.83 -5.39
CA ARG B 66 -0.04 5.63 -6.39
C ARG B 66 -1.41 5.69 -5.74
N LEU B 67 -1.62 6.68 -4.88
CA LEU B 67 -2.87 6.84 -4.18
C LEU B 67 -3.64 8.07 -4.69
N THR B 68 -4.96 8.00 -4.58
CA THR B 68 -5.84 9.08 -5.04
C THR B 68 -7.15 9.06 -4.27
N TRP B 69 -7.59 10.24 -3.84
CA TRP B 69 -8.82 10.35 -3.07
C TRP B 69 -10.05 10.25 -3.97
N HIS B 70 -10.98 9.37 -3.59
CA HIS B 70 -12.21 9.18 -4.34
C HIS B 70 -13.20 10.29 -4.01
N SER B 71 -14.34 10.29 -4.68
CA SER B 71 -15.37 11.30 -4.46
C SER B 71 -15.69 11.43 -2.98
N TYR B 72 -15.65 12.67 -2.48
CA TYR B 72 -15.96 12.94 -1.08
C TYR B 72 -17.46 12.82 -0.83
N PRO B 73 -17.88 11.86 0.01
CA PRO B 73 -19.29 11.64 0.32
C PRO B 73 -20.03 12.90 0.74
N SER B 74 -19.47 13.63 1.70
CA SER B 74 -20.07 14.85 2.19
C SER B 74 -20.06 15.94 1.12
N ASP B 75 -18.93 16.07 0.43
CA ASP B 75 -18.78 17.06 -0.63
C ASP B 75 -19.06 18.47 -0.10
N GLY C 1 -23.10 8.94 11.03
CA GLY C 1 -21.74 9.17 11.59
C GLY C 1 -21.74 10.15 12.75
N SER C 2 -20.77 11.06 12.76
CA SER C 2 -20.65 12.05 13.83
C SER C 2 -19.52 13.02 13.54
N LYS C 3 -19.49 13.55 12.32
CA LYS C 3 -18.46 14.50 11.92
C LYS C 3 -18.48 15.74 12.80
N ALA C 4 -17.32 16.13 13.31
CA ALA C 4 -17.19 17.30 14.16
C ALA C 4 -15.72 17.60 14.46
N GLY C 5 -14.88 17.48 13.44
CA GLY C 5 -13.47 17.74 13.60
C GLY C 5 -12.68 17.47 12.34
N ASP C 6 -12.97 16.33 11.70
CA ASP C 6 -12.29 15.94 10.48
C ASP C 6 -12.51 16.98 9.37
N LEU C 7 -11.42 17.52 8.85
CA LEU C 7 -11.49 18.54 7.81
C LEU C 7 -10.17 18.68 7.06
N LEU C 8 -9.11 18.94 7.81
CA LEU C 8 -7.78 19.12 7.24
C LEU C 8 -7.37 17.96 6.35
N PHE C 9 -7.84 16.76 6.69
CA PHE C 9 -7.50 15.57 5.93
C PHE C 9 -8.68 15.04 5.12
N ILE C 10 -8.72 13.74 4.92
CA ILE C 10 -9.77 13.11 4.13
C ILE C 10 -10.73 12.31 5.00
N GLU C 11 -11.89 12.00 4.42
CA GLU C 11 -12.90 11.21 5.09
C GLU C 11 -13.73 10.43 4.07
N LYS C 12 -13.03 9.84 3.10
CA LYS C 12 -13.68 9.05 2.06
C LYS C 12 -12.87 7.77 1.82
N VAL C 13 -12.90 7.27 0.60
CA VAL C 13 -12.15 6.07 0.25
C VAL C 13 -10.98 6.40 -0.67
N PRO C 14 -9.74 6.11 -0.23
CA PRO C 14 -8.54 6.37 -1.01
C PRO C 14 -8.30 5.31 -2.09
N VAL C 15 -9.14 5.32 -3.13
CA VAL C 15 -9.02 4.35 -4.22
C VAL C 15 -7.61 4.37 -4.80
N VAL C 16 -7.14 3.19 -5.23
CA VAL C 16 -5.80 3.08 -5.80
C VAL C 16 -5.85 2.82 -7.30
N VAL C 17 -4.96 3.46 -8.03
CA VAL C 17 -4.89 3.31 -9.47
C VAL C 17 -3.67 2.50 -9.88
N LEU C 18 -3.88 1.51 -10.73
CA LEU C 18 -2.80 0.65 -11.21
C LEU C 18 -2.96 0.37 -12.70
N GLU C 19 -1.84 0.32 -13.40
CA GLU C 19 -1.85 0.05 -14.84
C GLU C 19 -1.32 -1.34 -15.12
N ASP C 20 -1.86 -2.32 -14.41
CA ASP C 20 -1.46 -3.71 -14.57
C ASP C 20 0.04 -3.87 -14.36
N ILE C 21 0.69 -4.66 -15.21
CA ILE C 21 2.12 -4.88 -15.10
C ILE C 21 2.83 -4.51 -16.41
N LEU C 22 2.28 -4.97 -17.53
CA LEU C 22 2.85 -4.69 -18.83
C LEU C 22 1.92 -3.80 -19.66
N ALA C 23 1.08 -3.05 -18.96
CA ALA C 23 0.14 -2.15 -19.61
C ALA C 23 0.72 -0.75 -19.78
N THR C 24 1.89 -0.68 -20.41
CA THR C 24 2.56 0.60 -20.62
C THR C 24 3.30 0.61 -21.95
N LYS C 25 3.18 1.73 -22.66
CA LYS C 25 3.83 1.89 -23.96
C LYS C 25 4.17 3.36 -24.21
N PRO C 26 5.19 3.89 -23.51
CA PRO C 26 5.62 5.30 -23.64
C PRO C 26 6.32 5.58 -24.97
N SER C 27 5.70 5.15 -26.07
CA SER C 27 6.26 5.38 -27.40
C SER C 27 5.15 5.47 -28.44
N ILE C 28 5.23 6.49 -29.29
CA ILE C 28 4.23 6.69 -30.34
C ILE C 28 4.84 7.36 -31.55
N ALA C 29 5.66 8.38 -31.33
CA ALA C 29 6.30 9.10 -32.41
C ALA C 29 7.32 8.21 -33.14
N SER C 30 7.26 8.22 -34.46
CA SER C 30 8.17 7.42 -35.27
C SER C 30 8.42 8.08 -36.62
N HIS A 1 -19.13 2.42 25.57
CA HIS A 1 -17.88 1.98 26.26
C HIS A 1 -16.83 3.07 26.23
N MET A 2 -17.26 4.31 26.45
CA MET A 2 -16.35 5.45 26.45
C MET A 2 -15.34 5.35 27.59
N LYS A 3 -14.07 5.58 27.26
CA LYS A 3 -13.00 5.51 28.25
C LYS A 3 -13.11 6.66 29.24
N GLU A 4 -12.89 6.34 30.52
CA GLU A 4 -12.96 7.34 31.59
C GLU A 4 -12.47 6.73 32.90
N GLU A 5 -11.39 5.94 32.81
CA GLU A 5 -10.82 5.30 33.98
C GLU A 5 -9.56 4.53 33.60
N SER A 6 -8.76 5.12 32.70
CA SER A 6 -7.53 4.50 32.23
C SER A 6 -6.65 5.51 31.50
N GLU A 7 -5.38 5.57 31.88
CA GLU A 7 -4.43 6.49 31.27
C GLU A 7 -3.85 5.90 29.98
N LYS A 8 -4.72 5.38 29.13
CA LYS A 8 -4.30 4.77 27.87
C LYS A 8 -3.58 5.79 26.97
N PRO A 9 -2.43 5.39 26.41
CA PRO A 9 -1.63 6.25 25.52
C PRO A 9 -2.37 6.62 24.23
N ARG A 10 -1.77 6.32 23.08
CA ARG A 10 -2.36 6.64 21.79
C ARG A 10 -1.81 5.74 20.69
N GLY A 11 -2.67 5.42 19.72
CA GLY A 11 -2.27 4.57 18.62
C GLY A 11 -2.16 3.11 19.01
N PHE A 12 -1.11 2.46 18.51
CA PHE A 12 -0.88 1.04 18.81
C PHE A 12 -0.25 0.88 20.19
N ALA A 13 -0.78 1.59 21.17
CA ALA A 13 -0.26 1.52 22.53
C ALA A 13 -0.46 0.12 23.12
N ARG A 14 -1.72 -0.28 23.27
CA ARG A 14 -2.04 -1.59 23.82
C ARG A 14 -2.24 -2.61 22.71
N GLY A 15 -1.76 -2.28 21.52
CA GLY A 15 -1.87 -3.18 20.38
C GLY A 15 -3.32 -3.44 19.98
N LEU A 16 -4.12 -2.38 19.95
CA LEU A 16 -5.53 -2.51 19.56
C LEU A 16 -5.66 -2.98 18.13
N GLU A 17 -6.53 -3.96 17.90
CA GLU A 17 -6.75 -4.50 16.57
C GLU A 17 -7.49 -3.49 15.69
N PRO A 18 -6.96 -3.20 14.49
CA PRO A 18 -7.58 -2.24 13.57
C PRO A 18 -8.95 -2.73 13.11
N GLU A 19 -9.98 -1.94 13.41
CA GLU A 19 -11.35 -2.29 13.04
C GLU A 19 -11.54 -2.22 11.53
N ARG A 20 -11.10 -1.10 10.94
CA ARG A 20 -11.22 -0.89 9.51
C ARG A 20 -10.55 0.42 9.10
N ILE A 21 -9.60 0.33 8.18
CA ILE A 21 -8.90 1.52 7.72
C ILE A 21 -9.82 2.42 6.91
N ILE A 22 -9.73 3.73 7.12
CA ILE A 22 -10.57 4.68 6.42
C ILE A 22 -9.86 6.02 6.23
N GLY A 23 -8.95 6.34 7.15
CA GLY A 23 -8.22 7.58 7.07
C GLY A 23 -7.05 7.52 6.10
N ALA A 24 -6.71 8.69 5.54
CA ALA A 24 -5.59 8.81 4.60
C ALA A 24 -5.52 10.22 4.04
N THR A 25 -4.48 10.95 4.40
CA THR A 25 -4.30 12.32 3.93
C THR A 25 -2.83 12.72 3.94
N ASP A 26 -2.40 13.40 2.88
CA ASP A 26 -1.02 13.84 2.78
C ASP A 26 -0.82 15.15 3.56
N SER A 27 -0.14 15.06 4.69
CA SER A 27 0.12 16.23 5.52
C SER A 27 1.18 17.12 4.88
N SER A 28 2.16 17.55 5.67
CA SER A 28 3.23 18.39 5.15
C SER A 28 3.91 17.73 3.97
N GLY A 29 4.08 16.41 4.05
CA GLY A 29 4.71 15.66 2.98
C GLY A 29 4.72 14.18 3.25
N GLU A 30 3.62 13.66 3.81
CA GLU A 30 3.51 12.24 4.11
C GLU A 30 2.04 11.86 4.37
N LEU A 31 1.64 10.69 3.87
CA LEU A 31 0.29 10.20 4.05
C LEU A 31 0.03 9.87 5.51
N MET A 32 -1.24 9.87 5.92
CA MET A 32 -1.56 9.57 7.30
C MET A 32 -2.82 8.70 7.40
N PHE A 33 -2.63 7.49 7.91
CA PHE A 33 -3.74 6.54 8.05
C PHE A 33 -4.45 6.73 9.39
N LEU A 34 -5.73 7.06 9.33
CA LEU A 34 -6.52 7.22 10.55
C LEU A 34 -6.97 5.86 11.05
N MET A 35 -6.11 5.21 11.82
CA MET A 35 -6.40 3.87 12.34
C MET A 35 -7.66 3.87 13.19
N LYS A 36 -8.68 3.18 12.70
CA LYS A 36 -9.94 3.07 13.41
C LYS A 36 -9.83 2.02 14.50
N TRP A 37 -10.43 2.28 15.66
CA TRP A 37 -10.37 1.34 16.77
C TRP A 37 -11.73 0.76 17.11
N LYS A 38 -11.77 -0.55 17.31
CA LYS A 38 -13.00 -1.25 17.65
C LYS A 38 -13.48 -0.87 19.04
N ASN A 39 -12.57 -0.95 20.01
CA ASN A 39 -12.89 -0.63 21.39
C ASN A 39 -12.95 0.88 21.61
N SER A 40 -11.89 1.58 21.20
CA SER A 40 -11.83 3.02 21.35
C SER A 40 -12.76 3.71 20.35
N ASP A 41 -13.63 4.59 20.86
CA ASP A 41 -14.55 5.30 19.99
C ASP A 41 -13.81 6.26 19.08
N GLU A 42 -13.04 7.18 19.68
CA GLU A 42 -12.27 8.13 18.91
C GLU A 42 -11.01 7.47 18.36
N ALA A 43 -10.82 7.56 17.04
CA ALA A 43 -9.66 6.95 16.39
C ALA A 43 -8.37 7.70 16.74
N ASP A 44 -7.42 7.67 15.81
CA ASP A 44 -6.14 8.34 15.99
C ASP A 44 -5.32 8.26 14.71
N LEU A 45 -5.01 9.42 14.13
CA LEU A 45 -4.25 9.47 12.90
C LEU A 45 -2.79 9.09 13.14
N VAL A 46 -2.24 8.26 12.26
CA VAL A 46 -0.86 7.80 12.38
C VAL A 46 -0.14 7.91 11.04
N PRO A 47 1.09 8.46 11.04
CA PRO A 47 1.88 8.61 9.81
C PRO A 47 1.94 7.32 9.00
N ALA A 48 1.88 7.46 7.67
CA ALA A 48 1.92 6.32 6.77
C ALA A 48 3.18 5.49 7.00
N LYS A 49 4.30 6.19 7.12
CA LYS A 49 5.58 5.53 7.35
C LYS A 49 5.56 4.72 8.64
N GLU A 50 4.96 5.30 9.68
CA GLU A 50 4.86 4.64 10.98
C GLU A 50 3.94 3.42 10.90
N ALA A 51 2.83 3.58 10.19
CA ALA A 51 1.85 2.50 10.04
C ALA A 51 2.44 1.27 9.37
N ASN A 52 3.37 1.49 8.44
CA ASN A 52 4.00 0.39 7.71
C ASN A 52 4.51 -0.70 8.66
N VAL A 53 5.18 -0.30 9.73
CA VAL A 53 5.72 -1.26 10.69
C VAL A 53 4.64 -1.78 11.63
N LYS A 54 3.69 -0.92 11.99
CA LYS A 54 2.61 -1.30 12.90
C LYS A 54 1.83 -2.51 12.38
N CYS A 55 1.47 -2.48 11.10
CA CYS A 55 0.71 -3.58 10.50
C CYS A 55 0.62 -3.41 8.98
N PRO A 56 1.64 -3.83 8.24
CA PRO A 56 1.65 -3.71 6.77
C PRO A 56 0.55 -4.53 6.12
N GLN A 57 0.27 -5.72 6.65
CA GLN A 57 -0.76 -6.59 6.10
C GLN A 57 -2.12 -5.87 6.08
N VAL A 58 -2.42 -5.14 7.15
CA VAL A 58 -3.69 -4.42 7.24
C VAL A 58 -3.78 -3.30 6.22
N VAL A 59 -2.72 -2.50 6.11
CA VAL A 59 -2.71 -1.38 5.17
C VAL A 59 -2.72 -1.85 3.72
N ILE A 60 -1.88 -2.83 3.39
CA ILE A 60 -1.81 -3.36 2.04
C ILE A 60 -3.17 -3.91 1.59
N SER A 61 -3.83 -4.63 2.49
CA SER A 61 -5.14 -5.21 2.20
C SER A 61 -6.17 -4.12 1.89
N PHE A 62 -6.08 -3.02 2.63
CA PHE A 62 -7.01 -1.91 2.45
C PHE A 62 -7.01 -1.40 1.01
N TYR A 63 -5.82 -1.16 0.46
CA TYR A 63 -5.69 -0.67 -0.90
C TYR A 63 -6.27 -1.67 -1.90
N GLU A 64 -6.04 -2.96 -1.65
CA GLU A 64 -6.54 -4.01 -2.53
C GLU A 64 -8.05 -3.90 -2.74
N GLU A 65 -8.78 -3.71 -1.65
CA GLU A 65 -10.23 -3.59 -1.71
C GLU A 65 -10.64 -2.33 -2.48
N ARG A 66 -10.06 -1.20 -2.10
CA ARG A 66 -10.37 0.07 -2.75
C ARG A 66 -9.65 0.22 -4.09
N LEU A 67 -9.45 -0.90 -4.78
CA LEU A 67 -8.78 -0.89 -6.07
C LEU A 67 -9.79 -0.61 -7.19
N THR A 68 -9.37 0.15 -8.20
CA THR A 68 -10.27 0.50 -9.31
C THR A 68 -9.66 0.15 -10.66
N TRP A 69 -8.34 0.12 -10.71
CA TRP A 69 -7.61 -0.20 -11.95
C TRP A 69 -7.80 0.92 -12.98
N HIS A 70 -6.71 1.32 -13.62
CA HIS A 70 -6.76 2.38 -14.62
C HIS A 70 -7.50 1.91 -15.87
N SER A 71 -6.77 1.22 -16.76
CA SER A 71 -7.35 0.72 -17.99
C SER A 71 -6.33 -0.15 -18.74
N TYR A 72 -6.77 -1.35 -19.13
CA TYR A 72 -5.91 -2.27 -19.86
C TYR A 72 -6.42 -2.48 -21.29
N PRO A 73 -5.55 -2.33 -22.30
CA PRO A 73 -5.92 -2.50 -23.70
C PRO A 73 -6.65 -3.81 -23.97
N SER A 74 -6.04 -4.91 -23.56
CA SER A 74 -6.63 -6.23 -23.77
C SER A 74 -6.89 -6.49 -25.25
N ASP A 75 -5.93 -6.09 -26.09
CA ASP A 75 -6.06 -6.30 -27.53
C ASP A 75 -4.73 -6.01 -28.23
N HIS B 1 24.73 -5.42 -19.01
CA HIS B 1 25.07 -6.46 -18.00
C HIS B 1 24.09 -7.62 -18.06
N MET B 2 23.71 -8.02 -19.28
CA MET B 2 22.77 -9.11 -19.48
C MET B 2 23.34 -10.42 -18.96
N LYS B 3 22.54 -11.15 -18.19
CA LYS B 3 22.97 -12.43 -17.64
C LYS B 3 23.13 -13.48 -18.74
N GLU B 4 24.21 -14.26 -18.64
CA GLU B 4 24.49 -15.31 -19.62
C GLU B 4 25.65 -16.18 -19.14
N GLU B 5 25.66 -16.47 -17.84
CA GLU B 5 26.71 -17.29 -17.24
C GLU B 5 26.41 -17.55 -15.77
N SER B 6 25.13 -17.78 -15.46
CA SER B 6 24.70 -18.04 -14.08
C SER B 6 23.28 -18.61 -14.06
N GLU B 7 23.11 -19.70 -13.32
CA GLU B 7 21.81 -20.34 -13.20
C GLU B 7 20.97 -19.67 -12.12
N LYS B 8 20.88 -18.35 -12.18
CA LYS B 8 20.11 -17.60 -11.20
C LYS B 8 18.62 -17.96 -11.24
N PRO B 9 18.01 -18.13 -10.06
CA PRO B 9 16.59 -18.50 -9.95
C PRO B 9 15.66 -17.38 -10.42
N ARG B 10 14.72 -16.96 -9.56
CA ARG B 10 13.78 -15.93 -9.92
C ARG B 10 13.23 -15.23 -8.67
N GLY B 11 12.97 -13.94 -8.81
CA GLY B 11 12.43 -13.16 -7.70
C GLY B 11 13.48 -12.82 -6.66
N PHE B 12 13.11 -12.97 -5.40
CA PHE B 12 14.02 -12.66 -4.29
C PHE B 12 14.97 -13.82 -4.03
N ALA B 13 15.54 -14.36 -5.11
CA ALA B 13 16.46 -15.48 -5.00
C ALA B 13 17.75 -15.09 -4.28
N ARG B 14 18.52 -14.19 -4.88
CA ARG B 14 19.77 -13.74 -4.29
C ARG B 14 19.56 -12.48 -3.46
N GLY B 15 18.30 -12.20 -3.12
CA GLY B 15 17.98 -11.03 -2.34
C GLY B 15 18.32 -9.73 -3.04
N LEU B 16 18.00 -9.65 -4.34
CA LEU B 16 18.27 -8.46 -5.12
C LEU B 16 17.47 -7.27 -4.58
N GLU B 17 18.13 -6.13 -4.44
CA GLU B 17 17.48 -4.93 -3.95
C GLU B 17 16.49 -4.39 -4.98
N PRO B 18 15.20 -4.25 -4.59
CA PRO B 18 14.16 -3.75 -5.50
C PRO B 18 14.33 -2.27 -5.84
N GLU B 19 14.35 -1.96 -7.12
CA GLU B 19 14.49 -0.57 -7.58
C GLU B 19 13.19 0.19 -7.38
N ARG B 20 12.10 -0.38 -7.87
CA ARG B 20 10.78 0.22 -7.75
C ARG B 20 9.71 -0.68 -8.36
N ILE B 21 8.63 -0.88 -7.64
CA ILE B 21 7.54 -1.73 -8.12
C ILE B 21 6.86 -1.10 -9.33
N ILE B 22 6.78 -1.87 -10.41
CA ILE B 22 6.17 -1.38 -11.64
C ILE B 22 4.65 -1.39 -11.53
N GLY B 23 4.09 -2.52 -11.09
CA GLY B 23 2.65 -2.63 -10.94
C GLY B 23 2.21 -3.98 -10.43
N ALA B 24 1.08 -4.47 -10.94
CA ALA B 24 0.54 -5.76 -10.53
C ALA B 24 -0.66 -6.16 -11.39
N THR B 25 -0.76 -7.44 -11.71
CA THR B 25 -1.87 -7.94 -12.51
C THR B 25 -2.49 -9.19 -11.90
N ASP B 26 -3.83 -9.22 -11.86
CA ASP B 26 -4.56 -10.34 -11.29
C ASP B 26 -4.51 -11.57 -12.21
N SER B 27 -3.37 -12.24 -12.24
CA SER B 27 -3.22 -13.43 -13.08
C SER B 27 -3.87 -14.64 -12.42
N SER B 28 -4.71 -15.35 -13.17
CA SER B 28 -5.42 -16.53 -12.67
C SER B 28 -6.48 -16.16 -11.63
N GLY B 29 -6.02 -15.62 -10.51
CA GLY B 29 -6.94 -15.22 -9.45
C GLY B 29 -6.20 -14.62 -8.27
N GLU B 30 -5.01 -14.09 -8.53
CA GLU B 30 -4.20 -13.48 -7.48
C GLU B 30 -3.32 -12.38 -8.08
N LEU B 31 -3.29 -11.23 -7.41
CA LEU B 31 -2.49 -10.10 -7.87
C LEU B 31 -1.00 -10.44 -7.83
N MET B 32 -0.32 -10.22 -8.95
CA MET B 32 1.10 -10.51 -9.04
C MET B 32 1.90 -9.22 -9.27
N PHE B 33 2.85 -8.96 -8.38
CA PHE B 33 3.67 -7.76 -8.47
C PHE B 33 4.94 -8.02 -9.28
N LEU B 34 5.17 -7.18 -10.29
CA LEU B 34 6.36 -7.32 -11.12
C LEU B 34 7.52 -6.58 -10.47
N MET B 35 8.33 -7.29 -9.70
CA MET B 35 9.47 -6.69 -9.01
C MET B 35 10.60 -6.36 -9.98
N LYS B 36 10.91 -5.08 -10.09
CA LYS B 36 12.00 -4.63 -10.95
C LYS B 36 13.34 -4.84 -10.27
N TRP B 37 14.33 -5.28 -11.04
CA TRP B 37 15.66 -5.52 -10.48
C TRP B 37 16.69 -4.56 -11.06
N LYS B 38 17.54 -4.02 -10.19
CA LYS B 38 18.58 -3.09 -10.60
C LYS B 38 19.61 -3.76 -11.50
N ASN B 39 20.15 -4.88 -11.04
CA ASN B 39 21.15 -5.63 -11.79
C ASN B 39 20.51 -6.39 -12.94
N SER B 40 19.43 -7.12 -12.64
CA SER B 40 18.72 -7.89 -13.66
C SER B 40 17.87 -6.97 -14.53
N ASP B 41 18.05 -7.06 -15.84
CA ASP B 41 17.29 -6.24 -16.77
C ASP B 41 15.82 -6.59 -16.73
N GLU B 42 15.50 -7.87 -16.92
CA GLU B 42 14.12 -8.33 -16.90
C GLU B 42 13.63 -8.58 -15.48
N ALA B 43 12.46 -8.04 -15.16
CA ALA B 43 11.87 -8.22 -13.83
C ALA B 43 11.37 -9.65 -13.63
N ASP B 44 10.25 -9.78 -12.93
CA ASP B 44 9.67 -11.11 -12.68
C ASP B 44 8.35 -10.99 -11.91
N LEU B 45 7.34 -11.70 -12.39
CA LEU B 45 6.03 -11.70 -11.73
C LEU B 45 6.12 -12.49 -10.43
N VAL B 46 5.55 -11.93 -9.36
CA VAL B 46 5.58 -12.60 -8.07
C VAL B 46 4.23 -12.47 -7.36
N PRO B 47 3.72 -13.58 -6.80
CA PRO B 47 2.43 -13.60 -6.09
C PRO B 47 2.33 -12.53 -5.02
N ALA B 48 1.13 -12.01 -4.82
CA ALA B 48 0.88 -10.97 -3.82
C ALA B 48 1.32 -11.41 -2.44
N LYS B 49 0.97 -12.64 -2.06
CA LYS B 49 1.34 -13.18 -0.76
C LYS B 49 2.85 -13.26 -0.61
N GLU B 50 3.52 -13.73 -1.65
CA GLU B 50 4.96 -13.87 -1.65
C GLU B 50 5.64 -12.52 -1.44
N ALA B 51 5.26 -11.55 -2.27
CA ALA B 51 5.82 -10.21 -2.19
C ALA B 51 5.51 -9.56 -0.85
N ASN B 52 4.29 -9.78 -0.37
CA ASN B 52 3.83 -9.23 0.90
C ASN B 52 4.83 -9.50 2.02
N VAL B 53 5.28 -10.75 2.11
CA VAL B 53 6.23 -11.14 3.15
C VAL B 53 7.66 -10.73 2.80
N LYS B 54 8.00 -10.82 1.51
CA LYS B 54 9.34 -10.46 1.04
C LYS B 54 9.72 -9.03 1.41
N CYS B 55 8.79 -8.09 1.20
CA CYS B 55 9.07 -6.69 1.51
C CYS B 55 7.78 -5.86 1.49
N PRO B 56 6.99 -5.93 2.57
CA PRO B 56 5.74 -5.18 2.68
C PRO B 56 5.97 -3.67 2.59
N GLN B 57 7.11 -3.23 3.10
CA GLN B 57 7.46 -1.81 3.08
C GLN B 57 7.41 -1.25 1.67
N VAL B 58 8.14 -1.87 0.75
CA VAL B 58 8.16 -1.43 -0.63
C VAL B 58 6.76 -1.56 -1.24
N VAL B 59 6.08 -2.64 -0.86
CA VAL B 59 4.73 -2.91 -1.32
C VAL B 59 3.77 -1.79 -0.96
N ILE B 60 3.83 -1.34 0.29
CA ILE B 60 2.97 -0.27 0.75
C ILE B 60 3.32 1.04 0.05
N SER B 61 4.62 1.24 -0.18
CA SER B 61 5.11 2.45 -0.84
C SER B 61 4.48 2.64 -2.21
N PHE B 62 4.42 1.57 -3.00
CA PHE B 62 3.85 1.64 -4.34
C PHE B 62 2.42 2.19 -4.30
N TYR B 63 1.56 1.54 -3.51
CA TYR B 63 0.18 1.97 -3.39
C TYR B 63 0.10 3.33 -2.69
N GLU B 64 1.02 3.56 -1.76
CA GLU B 64 1.07 4.79 -0.99
C GLU B 64 1.05 6.01 -1.91
N GLU B 65 2.03 6.08 -2.81
CA GLU B 65 2.12 7.19 -3.74
C GLU B 65 1.00 7.12 -4.79
N ARG B 66 0.72 5.91 -5.27
CA ARG B 66 -0.32 5.70 -6.27
C ARG B 66 -1.70 5.72 -5.63
N LEU B 67 -1.95 6.69 -4.77
CA LEU B 67 -3.23 6.81 -4.09
C LEU B 67 -3.97 8.08 -4.51
N THR B 68 -5.28 7.98 -4.58
CA THR B 68 -6.13 9.11 -4.95
C THR B 68 -7.46 9.03 -4.24
N TRP B 69 -7.71 9.99 -3.35
CA TRP B 69 -8.95 10.01 -2.58
C TRP B 69 -10.08 10.68 -3.36
N HIS B 70 -11.30 10.25 -3.07
CA HIS B 70 -12.49 10.81 -3.71
C HIS B 70 -13.72 10.53 -2.86
N SER B 71 -14.87 11.04 -3.30
CA SER B 71 -16.14 10.87 -2.59
C SER B 71 -16.27 11.86 -1.43
N TYR B 72 -16.62 11.37 -0.24
CA TYR B 72 -16.81 12.22 0.95
C TYR B 72 -15.77 13.33 1.08
N PRO B 73 -16.10 14.53 0.59
CA PRO B 73 -15.21 15.68 0.66
C PRO B 73 -15.36 16.46 1.96
N SER B 74 -15.69 15.75 3.04
CA SER B 74 -15.86 16.36 4.34
C SER B 74 -16.78 17.57 4.26
N ASP B 75 -17.93 17.40 3.62
CA ASP B 75 -18.90 18.48 3.47
C ASP B 75 -19.39 18.96 4.84
N GLY C 1 -24.14 16.99 18.00
CA GLY C 1 -23.11 16.08 18.57
C GLY C 1 -21.88 15.98 17.69
N SER C 2 -21.42 17.13 17.19
CA SER C 2 -20.24 17.19 16.35
C SER C 2 -19.85 18.64 16.05
N LYS C 3 -18.56 18.93 16.18
CA LYS C 3 -18.06 20.27 15.94
C LYS C 3 -18.26 20.68 14.48
N ALA C 4 -17.96 19.75 13.57
CA ALA C 4 -18.12 20.00 12.14
C ALA C 4 -17.87 18.74 11.33
N GLY C 5 -16.76 18.07 11.62
CA GLY C 5 -16.41 16.85 10.91
C GLY C 5 -15.01 16.38 11.23
N ASP C 6 -14.22 16.12 10.19
CA ASP C 6 -12.85 15.67 10.37
C ASP C 6 -12.09 16.62 11.28
N LEU C 7 -11.13 16.09 12.03
CA LEU C 7 -10.34 16.90 12.94
C LEU C 7 -9.58 17.95 12.15
N LEU C 8 -9.02 17.53 11.02
CA LEU C 8 -8.27 18.42 10.14
C LEU C 8 -7.71 17.67 8.93
N PHE C 9 -8.49 16.73 8.41
CA PHE C 9 -8.06 15.95 7.26
C PHE C 9 -9.25 15.46 6.42
N ILE C 10 -9.16 14.23 5.91
CA ILE C 10 -10.21 13.65 5.08
C ILE C 10 -10.57 12.25 5.53
N GLU C 11 -11.82 11.88 5.29
CA GLU C 11 -12.33 10.56 5.65
C GLU C 11 -13.27 10.07 4.56
N LYS C 12 -12.77 10.07 3.33
CA LYS C 12 -13.55 9.65 2.17
C LYS C 12 -13.09 8.29 1.66
N VAL C 13 -13.12 8.11 0.34
CA VAL C 13 -12.71 6.86 -0.27
C VAL C 13 -11.40 7.01 -1.03
N PRO C 14 -10.37 6.24 -0.66
CA PRO C 14 -9.06 6.31 -1.29
C PRO C 14 -8.85 5.30 -2.42
N VAL C 15 -9.60 5.44 -3.51
CA VAL C 15 -9.46 4.52 -4.64
C VAL C 15 -8.03 4.51 -5.15
N VAL C 16 -7.55 3.34 -5.55
CA VAL C 16 -6.20 3.20 -6.06
C VAL C 16 -6.20 2.84 -7.53
N VAL C 17 -5.29 3.45 -8.28
CA VAL C 17 -5.18 3.19 -9.70
C VAL C 17 -3.92 2.39 -10.02
N LEU C 18 -4.07 1.36 -10.83
CA LEU C 18 -2.96 0.52 -11.22
C LEU C 18 -2.95 0.32 -12.73
N GLU C 19 -1.76 0.31 -13.31
CA GLU C 19 -1.63 0.13 -14.75
C GLU C 19 -1.07 -1.26 -15.04
N ASP C 20 -1.56 -2.25 -14.30
CA ASP C 20 -1.13 -3.63 -14.45
C ASP C 20 0.39 -3.75 -14.36
N ILE C 21 1.00 -4.53 -15.23
CA ILE C 21 2.45 -4.69 -15.22
C ILE C 21 3.11 -3.97 -16.41
N LEU C 22 2.56 -4.15 -17.60
CA LEU C 22 3.10 -3.51 -18.80
C LEU C 22 1.97 -2.89 -19.62
N ALA C 23 0.76 -2.90 -19.06
CA ALA C 23 -0.41 -2.34 -19.70
C ALA C 23 -0.48 -2.68 -21.19
N THR C 24 0.12 -3.80 -21.57
CA THR C 24 0.12 -4.23 -22.97
C THR C 24 0.26 -5.75 -23.07
N LYS C 25 -0.38 -6.34 -24.07
CA LYS C 25 -0.32 -7.78 -24.28
C LYS C 25 0.32 -8.13 -25.63
N PRO C 26 1.62 -7.80 -25.82
CA PRO C 26 2.32 -8.09 -27.06
C PRO C 26 2.35 -9.58 -27.40
N SER C 27 2.23 -9.90 -28.69
CA SER C 27 2.23 -11.29 -29.13
C SER C 27 2.80 -11.41 -30.54
N ILE C 28 4.01 -10.91 -30.72
CA ILE C 28 4.69 -10.95 -32.01
C ILE C 28 6.21 -10.99 -31.81
N ALA C 29 6.65 -11.83 -30.88
CA ALA C 29 8.07 -11.97 -30.59
C ALA C 29 8.32 -13.12 -29.62
N SER C 30 7.72 -14.27 -29.90
CA SER C 30 7.88 -15.45 -29.06
C SER C 30 7.73 -16.73 -29.87
N HIS A 1 -4.70 3.29 36.00
CA HIS A 1 -5.35 1.97 36.27
C HIS A 1 -5.97 1.40 35.00
N MET A 2 -6.68 2.24 34.26
CA MET A 2 -7.33 1.82 33.02
C MET A 2 -7.94 3.01 32.29
N LYS A 3 -7.77 3.05 30.97
CA LYS A 3 -8.31 4.13 30.15
C LYS A 3 -9.82 4.24 30.32
N GLU A 4 -10.30 5.47 30.53
CA GLU A 4 -11.73 5.73 30.71
C GLU A 4 -11.99 7.22 30.88
N GLU A 5 -11.13 7.89 31.65
CA GLU A 5 -11.26 9.32 31.89
C GLU A 5 -10.05 9.84 32.67
N SER A 6 -8.88 9.71 32.06
CA SER A 6 -7.65 10.15 32.70
C SER A 6 -6.53 10.38 31.67
N GLU A 7 -6.83 11.21 30.67
CA GLU A 7 -5.87 11.52 29.61
C GLU A 7 -5.52 10.27 28.80
N LYS A 8 -6.53 9.70 28.15
CA LYS A 8 -6.36 8.50 27.33
C LYS A 8 -5.23 8.70 26.31
N PRO A 9 -4.39 7.66 26.11
CA PRO A 9 -3.27 7.72 25.16
C PRO A 9 -3.75 7.87 23.71
N ARG A 10 -3.11 7.14 22.80
CA ARG A 10 -3.48 7.21 21.38
C ARG A 10 -2.73 6.16 20.55
N GLY A 11 -3.32 5.81 19.40
CA GLY A 11 -2.71 4.84 18.52
C GLY A 11 -2.66 3.44 19.12
N PHE A 12 -1.54 2.75 18.88
CA PHE A 12 -1.36 1.40 19.39
C PHE A 12 -0.91 1.41 20.85
N ALA A 13 -1.57 2.23 21.67
CA ALA A 13 -1.23 2.33 23.08
C ALA A 13 -1.43 1.00 23.79
N ARG A 14 -2.67 0.52 23.82
CA ARG A 14 -3.01 -0.74 24.45
C ARG A 14 -2.69 -1.91 23.53
N GLY A 15 -2.98 -1.72 22.24
CA GLY A 15 -2.75 -2.75 21.26
C GLY A 15 -4.03 -3.30 20.68
N LEU A 16 -5.00 -2.42 20.48
CA LEU A 16 -6.29 -2.79 19.93
C LEU A 16 -6.16 -3.25 18.49
N GLU A 17 -6.83 -4.36 18.16
CA GLU A 17 -6.77 -4.91 16.80
C GLU A 17 -7.40 -3.93 15.80
N PRO A 18 -6.70 -3.67 14.67
CA PRO A 18 -7.21 -2.76 13.65
C PRO A 18 -8.48 -3.28 12.99
N GLU A 19 -9.54 -2.48 13.03
CA GLU A 19 -10.82 -2.89 12.45
C GLU A 19 -10.85 -2.60 10.95
N ARG A 20 -10.55 -1.35 10.57
CA ARG A 20 -10.55 -0.97 9.16
C ARG A 20 -10.13 0.49 9.00
N ILE A 21 -9.28 0.74 8.00
CA ILE A 21 -8.81 2.10 7.72
C ILE A 21 -9.89 2.90 7.00
N ILE A 22 -10.01 4.18 7.34
CA ILE A 22 -11.01 5.05 6.73
C ILE A 22 -10.55 6.50 6.68
N GLY A 23 -9.29 6.71 6.30
CA GLY A 23 -8.76 8.06 6.23
C GLY A 23 -7.61 8.19 5.25
N ALA A 24 -6.42 8.49 5.78
CA ALA A 24 -5.22 8.66 4.96
C ALA A 24 -5.23 10.00 4.26
N THR A 25 -4.18 10.79 4.46
CA THR A 25 -4.08 12.11 3.86
C THR A 25 -2.62 12.54 3.69
N ASP A 26 -2.31 13.09 2.53
CA ASP A 26 -0.95 13.56 2.23
C ASP A 26 -0.63 14.83 3.00
N SER A 27 -0.38 14.70 4.29
CA SER A 27 -0.08 15.85 5.15
C SER A 27 1.25 16.49 4.73
N SER A 28 2.10 16.82 5.71
CA SER A 28 3.38 17.45 5.44
C SER A 28 4.18 16.64 4.42
N GLY A 29 4.14 15.32 4.57
CA GLY A 29 4.87 14.45 3.66
C GLY A 29 4.76 12.99 4.05
N GLU A 30 3.56 12.58 4.46
CA GLU A 30 3.31 11.21 4.88
C GLU A 30 1.81 10.91 4.90
N LEU A 31 1.45 9.70 4.48
CA LEU A 31 0.06 9.29 4.46
C LEU A 31 -0.46 9.03 5.87
N MET A 32 -1.25 9.95 6.38
CA MET A 32 -1.81 9.83 7.73
C MET A 32 -3.08 8.97 7.72
N PHE A 33 -2.91 7.66 7.91
CA PHE A 33 -4.06 6.75 7.91
C PHE A 33 -4.84 6.87 9.21
N LEU A 34 -6.15 7.12 9.09
CA LEU A 34 -7.03 7.23 10.25
C LEU A 34 -7.54 5.84 10.65
N MET A 35 -6.76 5.13 11.45
CA MET A 35 -7.13 3.79 11.90
C MET A 35 -8.34 3.81 12.81
N LYS A 36 -9.29 2.92 12.54
CA LYS A 36 -10.50 2.82 13.34
C LYS A 36 -10.37 1.73 14.40
N TRP A 37 -10.89 2.00 15.60
CA TRP A 37 -10.83 1.04 16.69
C TRP A 37 -12.17 0.34 16.87
N LYS A 38 -12.12 -0.99 16.99
CA LYS A 38 -13.32 -1.79 17.17
C LYS A 38 -14.00 -1.50 18.50
N ASN A 39 -13.23 -1.56 19.57
CA ASN A 39 -13.77 -1.33 20.89
C ASN A 39 -13.86 0.16 21.22
N SER A 40 -12.77 0.88 20.98
CA SER A 40 -12.74 2.32 21.25
C SER A 40 -13.57 3.08 20.23
N ASP A 41 -14.52 3.88 20.72
CA ASP A 41 -15.37 4.69 19.87
C ASP A 41 -14.74 6.04 19.57
N GLU A 42 -13.46 6.02 19.22
CA GLU A 42 -12.73 7.25 18.91
C GLU A 42 -11.65 6.99 17.87
N ALA A 43 -11.66 7.80 16.81
CA ALA A 43 -10.69 7.67 15.73
C ALA A 43 -9.34 8.27 16.10
N ASP A 44 -8.27 7.70 15.56
CA ASP A 44 -6.92 8.19 15.81
C ASP A 44 -6.06 8.10 14.56
N LEU A 45 -5.45 9.21 14.19
CA LEU A 45 -4.62 9.28 13.00
C LEU A 45 -3.23 8.70 13.25
N VAL A 46 -2.66 8.03 12.25
CA VAL A 46 -1.35 7.41 12.37
C VAL A 46 -0.51 7.63 11.11
N PRO A 47 0.75 8.09 11.26
CA PRO A 47 1.65 8.35 10.12
C PRO A 47 1.91 7.09 9.30
N ALA A 48 2.05 7.26 7.98
CA ALA A 48 2.31 6.14 7.09
C ALA A 48 3.61 5.44 7.46
N LYS A 49 4.65 6.22 7.73
CA LYS A 49 5.96 5.68 8.08
C LYS A 49 5.90 4.84 9.36
N GLU A 50 5.11 5.29 10.33
CA GLU A 50 4.99 4.58 11.59
C GLU A 50 4.06 3.38 11.46
N ALA A 51 2.91 3.58 10.85
CA ALA A 51 1.91 2.52 10.67
C ALA A 51 2.40 1.38 9.79
N ASN A 52 3.18 1.69 8.76
CA ASN A 52 3.67 0.66 7.84
C ASN A 52 4.34 -0.48 8.59
N VAL A 53 5.13 -0.13 9.62
CA VAL A 53 5.82 -1.14 10.41
C VAL A 53 4.90 -1.78 11.44
N LYS A 54 3.96 -1.00 11.97
CA LYS A 54 3.02 -1.50 12.98
C LYS A 54 2.25 -2.71 12.48
N CYS A 55 1.75 -2.61 11.25
CA CYS A 55 0.98 -3.69 10.65
C CYS A 55 0.86 -3.49 9.14
N PRO A 56 1.93 -3.79 8.38
CA PRO A 56 1.94 -3.64 6.93
C PRO A 56 0.80 -4.39 6.26
N GLN A 57 0.48 -5.57 6.79
CA GLN A 57 -0.59 -6.39 6.23
C GLN A 57 -1.91 -5.63 6.25
N VAL A 58 -2.14 -4.87 7.32
CA VAL A 58 -3.37 -4.10 7.47
C VAL A 58 -3.45 -2.98 6.43
N VAL A 59 -2.40 -2.16 6.35
CA VAL A 59 -2.39 -1.05 5.40
C VAL A 59 -2.46 -1.56 3.96
N ILE A 60 -1.62 -2.53 3.63
CA ILE A 60 -1.60 -3.09 2.27
C ILE A 60 -2.98 -3.64 1.89
N SER A 61 -3.61 -4.33 2.82
CA SER A 61 -4.94 -4.90 2.59
C SER A 61 -5.96 -3.82 2.27
N PHE A 62 -5.84 -2.69 2.96
CA PHE A 62 -6.75 -1.56 2.76
C PHE A 62 -6.79 -1.12 1.31
N TYR A 63 -5.61 -0.95 0.72
CA TYR A 63 -5.51 -0.52 -0.68
C TYR A 63 -6.21 -1.50 -1.62
N GLU A 64 -6.06 -2.79 -1.33
CA GLU A 64 -6.66 -3.84 -2.16
C GLU A 64 -8.16 -3.61 -2.35
N GLU A 65 -8.85 -3.31 -1.25
CA GLU A 65 -10.29 -3.07 -1.30
C GLU A 65 -10.61 -1.79 -2.06
N ARG A 66 -9.86 -0.73 -1.77
CA ARG A 66 -10.07 0.56 -2.41
C ARG A 66 -9.50 0.59 -3.83
N LEU A 67 -9.02 -0.55 -4.29
CA LEU A 67 -8.45 -0.66 -5.63
C LEU A 67 -9.53 -0.41 -6.69
N THR A 68 -9.14 0.26 -7.78
CA THR A 68 -10.09 0.58 -8.85
C THR A 68 -9.50 0.31 -10.23
N TRP A 69 -8.18 0.38 -10.32
CA TRP A 69 -7.45 0.16 -11.57
C TRP A 69 -7.73 1.27 -12.58
N HIS A 70 -6.70 1.69 -13.29
CA HIS A 70 -6.81 2.74 -14.30
C HIS A 70 -7.58 2.23 -15.52
N SER A 71 -6.84 1.77 -16.53
CA SER A 71 -7.43 1.25 -17.76
C SER A 71 -6.36 0.62 -18.64
N TYR A 72 -6.63 -0.58 -19.13
CA TYR A 72 -5.67 -1.28 -19.98
C TYR A 72 -5.50 -0.59 -21.32
N PRO A 73 -4.30 -0.05 -21.59
CA PRO A 73 -4.00 0.65 -22.85
C PRO A 73 -3.76 -0.32 -24.01
N SER A 74 -3.02 -1.39 -23.75
CA SER A 74 -2.71 -2.38 -24.77
C SER A 74 -1.97 -1.75 -25.94
N ASP A 75 -1.07 -0.82 -25.63
CA ASP A 75 -0.29 -0.14 -26.65
C ASP A 75 0.74 0.80 -26.01
N HIS B 1 26.36 -22.70 -11.47
CA HIS B 1 27.56 -21.88 -11.13
C HIS B 1 27.18 -20.40 -11.02
N MET B 2 26.41 -19.92 -11.98
CA MET B 2 25.97 -18.52 -11.99
C MET B 2 24.97 -18.28 -13.11
N LYS B 3 23.93 -17.52 -12.80
CA LYS B 3 22.89 -17.20 -13.78
C LYS B 3 23.48 -16.48 -14.99
N GLU B 4 23.10 -16.94 -16.18
CA GLU B 4 23.58 -16.36 -17.42
C GLU B 4 22.94 -17.02 -18.63
N GLU B 5 22.79 -18.34 -18.56
CA GLU B 5 22.19 -19.12 -19.64
C GLU B 5 22.04 -20.58 -19.22
N SER B 6 21.26 -20.81 -18.18
CA SER B 6 21.04 -22.16 -17.67
C SER B 6 19.76 -22.23 -16.83
N GLU B 7 18.65 -21.82 -17.43
CA GLU B 7 17.35 -21.83 -16.75
C GLU B 7 17.36 -20.90 -15.54
N LYS B 8 17.58 -19.61 -15.79
CA LYS B 8 17.61 -18.61 -14.74
C LYS B 8 16.36 -18.68 -13.87
N PRO B 9 16.51 -18.54 -12.54
CA PRO B 9 15.38 -18.59 -11.60
C PRO B 9 14.40 -17.44 -11.79
N ARG B 10 13.92 -16.86 -10.69
CA ARG B 10 12.98 -15.76 -10.74
C ARG B 10 12.71 -15.18 -9.36
N GLY B 11 12.28 -13.91 -9.33
CA GLY B 11 11.99 -13.25 -8.07
C GLY B 11 13.22 -13.01 -7.23
N PHE B 12 13.08 -13.18 -5.92
CA PHE B 12 14.18 -12.98 -4.98
C PHE B 12 15.10 -14.19 -4.93
N ALA B 13 15.44 -14.73 -6.11
CA ALA B 13 16.30 -15.89 -6.19
C ALA B 13 17.67 -15.59 -5.58
N ARG B 14 18.37 -14.63 -6.17
CA ARG B 14 19.69 -14.23 -5.69
C ARG B 14 19.57 -13.25 -4.54
N GLY B 15 18.61 -12.32 -4.67
CA GLY B 15 18.41 -11.32 -3.65
C GLY B 15 18.74 -9.93 -4.15
N LEU B 16 18.43 -9.67 -5.42
CA LEU B 16 18.70 -8.38 -6.03
C LEU B 16 17.87 -7.28 -5.38
N GLU B 17 18.49 -6.16 -5.09
CA GLU B 17 17.80 -5.03 -4.46
C GLU B 17 16.69 -4.51 -5.36
N PRO B 18 15.45 -4.42 -4.84
CA PRO B 18 14.30 -3.93 -5.62
C PRO B 18 14.46 -2.46 -5.99
N GLU B 19 14.38 -2.18 -7.29
CA GLU B 19 14.52 -0.81 -7.79
C GLU B 19 13.19 -0.07 -7.72
N ARG B 20 12.15 -0.67 -8.28
CA ARG B 20 10.82 -0.06 -8.29
C ARG B 20 9.76 -1.02 -8.85
N ILE B 21 8.61 -1.06 -8.20
CA ILE B 21 7.51 -1.91 -8.64
C ILE B 21 6.82 -1.30 -9.85
N ILE B 22 6.70 -2.07 -10.93
CA ILE B 22 6.04 -1.60 -12.14
C ILE B 22 4.53 -1.51 -11.95
N GLY B 23 3.98 -2.55 -11.33
CA GLY B 23 2.54 -2.57 -11.09
C GLY B 23 2.10 -3.84 -10.36
N ALA B 24 0.93 -4.35 -10.74
CA ALA B 24 0.37 -5.55 -10.13
C ALA B 24 -0.88 -6.00 -10.88
N THR B 25 -0.97 -7.30 -11.13
CA THR B 25 -2.12 -7.85 -11.85
C THR B 25 -2.75 -9.01 -11.07
N ASP B 26 -4.07 -9.03 -10.98
CA ASP B 26 -4.78 -10.08 -10.27
C ASP B 26 -4.76 -11.38 -11.05
N SER B 27 -3.61 -12.05 -11.05
CA SER B 27 -3.46 -13.32 -11.76
C SER B 27 -3.78 -14.49 -10.83
N SER B 28 -4.55 -15.45 -11.33
CA SER B 28 -4.93 -16.62 -10.56
C SER B 28 -5.63 -16.24 -9.26
N GLY B 29 -6.45 -15.19 -9.33
CA GLY B 29 -7.17 -14.73 -8.15
C GLY B 29 -6.25 -14.19 -7.07
N GLU B 30 -5.07 -13.73 -7.47
CA GLU B 30 -4.11 -13.17 -6.54
C GLU B 30 -3.24 -12.11 -7.22
N LEU B 31 -3.04 -10.98 -6.54
CA LEU B 31 -2.23 -9.90 -7.09
C LEU B 31 -0.81 -10.37 -7.39
N MET B 32 -0.27 -9.90 -8.51
CA MET B 32 1.09 -10.27 -8.91
C MET B 32 1.90 -9.01 -9.24
N PHE B 33 2.82 -8.65 -8.36
CA PHE B 33 3.65 -7.47 -8.57
C PHE B 33 4.87 -7.80 -9.40
N LEU B 34 5.08 -7.04 -10.47
CA LEU B 34 6.23 -7.25 -11.33
C LEU B 34 7.43 -6.48 -10.80
N MET B 35 8.27 -7.17 -10.03
CA MET B 35 9.45 -6.55 -9.44
C MET B 35 10.52 -6.31 -10.50
N LYS B 36 10.89 -5.04 -10.66
CA LYS B 36 11.91 -4.66 -11.62
C LYS B 36 13.30 -4.82 -11.01
N TRP B 37 14.21 -5.45 -11.75
CA TRP B 37 15.57 -5.66 -11.26
C TRP B 37 16.52 -4.62 -11.81
N LYS B 38 17.32 -4.03 -10.91
CA LYS B 38 18.28 -3.00 -11.28
C LYS B 38 19.37 -3.55 -12.21
N ASN B 39 20.01 -4.62 -11.78
CA ASN B 39 21.08 -5.23 -12.56
C ASN B 39 20.52 -6.11 -13.68
N SER B 40 19.56 -6.96 -13.33
CA SER B 40 18.96 -7.86 -14.32
C SER B 40 18.03 -7.10 -15.26
N ASP B 41 18.25 -7.24 -16.55
CA ASP B 41 17.44 -6.58 -17.57
C ASP B 41 16.20 -7.42 -17.92
N GLU B 42 15.55 -7.98 -16.90
CA GLU B 42 14.37 -8.82 -17.12
C GLU B 42 13.39 -8.70 -15.96
N ALA B 43 12.12 -8.51 -16.29
CA ALA B 43 11.06 -8.40 -15.28
C ALA B 43 10.55 -9.78 -14.87
N ASP B 44 10.21 -9.92 -13.59
CA ASP B 44 9.70 -11.18 -13.08
C ASP B 44 8.51 -10.97 -12.14
N LEU B 45 7.45 -11.75 -12.36
CA LEU B 45 6.24 -11.65 -11.55
C LEU B 45 6.46 -12.24 -10.16
N VAL B 46 5.75 -11.71 -9.17
CA VAL B 46 5.88 -12.18 -7.80
C VAL B 46 4.52 -12.20 -7.10
N PRO B 47 4.18 -13.32 -6.42
CA PRO B 47 2.89 -13.46 -5.72
C PRO B 47 2.67 -12.37 -4.69
N ALA B 48 1.42 -11.92 -4.58
CA ALA B 48 1.07 -10.88 -3.62
C ALA B 48 1.50 -11.25 -2.21
N LYS B 49 1.23 -12.49 -1.82
CA LYS B 49 1.59 -12.98 -0.50
C LYS B 49 3.11 -13.02 -0.34
N GLU B 50 3.80 -13.42 -1.40
CA GLU B 50 5.25 -13.52 -1.39
C GLU B 50 5.88 -12.16 -1.10
N ALA B 51 5.55 -11.17 -1.91
CA ALA B 51 6.07 -9.82 -1.76
C ALA B 51 5.61 -9.18 -0.45
N ASN B 52 4.38 -9.49 -0.05
CA ASN B 52 3.81 -8.94 1.17
C ASN B 52 4.74 -9.13 2.36
N VAL B 53 5.26 -10.34 2.51
CA VAL B 53 6.16 -10.67 3.61
C VAL B 53 7.62 -10.41 3.26
N LYS B 54 7.97 -10.67 2.00
CA LYS B 54 9.34 -10.50 1.54
C LYS B 54 9.84 -9.07 1.71
N CYS B 55 8.98 -8.09 1.40
CA CYS B 55 9.34 -6.69 1.51
C CYS B 55 8.11 -5.79 1.51
N PRO B 56 7.29 -5.84 2.58
CA PRO B 56 6.07 -5.03 2.69
C PRO B 56 6.35 -3.54 2.51
N GLN B 57 7.51 -3.10 2.96
CA GLN B 57 7.90 -1.69 2.86
C GLN B 57 7.85 -1.21 1.42
N VAL B 58 8.54 -1.91 0.52
CA VAL B 58 8.55 -1.54 -0.90
C VAL B 58 7.14 -1.61 -1.46
N VAL B 59 6.42 -2.65 -1.05
CA VAL B 59 5.05 -2.87 -1.48
C VAL B 59 4.13 -1.71 -1.08
N ILE B 60 4.24 -1.30 0.18
CA ILE B 60 3.45 -0.21 0.71
C ILE B 60 3.80 1.11 0.02
N SER B 61 5.09 1.26 -0.30
CA SER B 61 5.58 2.47 -0.95
C SER B 61 4.97 2.65 -2.34
N PHE B 62 4.86 1.56 -3.10
CA PHE B 62 4.30 1.62 -4.43
C PHE B 62 2.91 2.25 -4.41
N TYR B 63 2.04 1.75 -3.55
CA TYR B 63 0.69 2.27 -3.44
C TYR B 63 0.69 3.71 -2.94
N GLU B 64 1.64 4.03 -2.05
CA GLU B 64 1.75 5.36 -1.49
C GLU B 64 1.70 6.42 -2.60
N GLU B 65 2.46 6.17 -3.66
CA GLU B 65 2.49 7.07 -4.80
C GLU B 65 1.26 6.88 -5.68
N ARG B 66 0.92 5.62 -5.93
CA ARG B 66 -0.24 5.29 -6.76
C ARG B 66 -1.54 5.34 -5.96
N LEU B 67 -1.74 6.45 -5.26
CA LEU B 67 -2.95 6.64 -4.47
C LEU B 67 -3.62 7.96 -4.81
N THR B 68 -4.96 7.94 -4.85
CA THR B 68 -5.73 9.13 -5.16
C THR B 68 -6.97 9.20 -4.29
N TRP B 69 -7.20 10.37 -3.73
CA TRP B 69 -8.33 10.59 -2.84
C TRP B 69 -9.65 10.59 -3.58
N HIS B 70 -10.57 9.75 -3.12
CA HIS B 70 -11.90 9.67 -3.72
C HIS B 70 -12.79 10.76 -3.14
N SER B 71 -13.84 11.14 -3.87
CA SER B 71 -14.75 12.18 -3.42
C SER B 71 -15.12 11.98 -1.95
N TYR B 72 -14.85 13.00 -1.14
CA TYR B 72 -15.14 12.95 0.29
C TYR B 72 -16.66 12.94 0.54
N PRO B 73 -17.19 11.81 1.05
CA PRO B 73 -18.61 11.66 1.33
C PRO B 73 -19.15 12.79 2.22
N SER B 74 -18.55 12.93 3.40
CA SER B 74 -18.95 13.96 4.36
C SER B 74 -20.46 14.00 4.54
N ASP B 75 -21.06 12.83 4.72
CA ASP B 75 -22.50 12.72 4.90
C ASP B 75 -22.90 11.33 5.39
N GLY C 1 -5.47 19.43 26.40
CA GLY C 1 -5.62 20.33 25.21
C GLY C 1 -4.53 20.10 24.18
N SER C 2 -4.93 20.03 22.91
CA SER C 2 -3.98 19.81 21.83
C SER C 2 -4.59 20.24 20.49
N LYS C 3 -4.34 19.45 19.45
CA LYS C 3 -4.86 19.75 18.12
C LYS C 3 -4.60 18.60 17.16
N ALA C 4 -3.41 18.00 17.26
CA ALA C 4 -3.02 16.88 16.40
C ALA C 4 -3.10 17.28 14.93
N GLY C 5 -2.49 18.41 14.59
CA GLY C 5 -2.50 18.88 13.22
C GLY C 5 -3.90 19.21 12.73
N ASP C 6 -4.20 18.80 11.51
CA ASP C 6 -5.52 19.06 10.93
C ASP C 6 -6.59 18.24 11.64
N LEU C 7 -7.61 18.93 12.16
CA LEU C 7 -8.70 18.27 12.85
C LEU C 7 -9.62 17.62 11.83
N LEU C 8 -10.05 18.41 10.86
CA LEU C 8 -10.93 17.92 9.80
C LEU C 8 -10.21 17.97 8.46
N PHE C 9 -10.33 16.88 7.72
CA PHE C 9 -9.67 16.75 6.44
C PHE C 9 -10.46 15.84 5.51
N ILE C 10 -9.80 14.82 4.95
CA ILE C 10 -10.45 13.90 4.05
C ILE C 10 -10.64 12.53 4.70
N GLU C 11 -11.90 12.21 4.99
CA GLU C 11 -12.24 10.93 5.60
C GLU C 11 -13.11 10.15 4.64
N LYS C 12 -12.58 9.93 3.44
CA LYS C 12 -13.31 9.24 2.39
C LYS C 12 -12.76 7.84 2.13
N VAL C 13 -12.75 7.44 0.86
CA VAL C 13 -12.26 6.14 0.46
C VAL C 13 -11.15 6.26 -0.59
N PRO C 14 -9.90 6.46 -0.14
CA PRO C 14 -8.75 6.62 -1.04
C PRO C 14 -8.62 5.48 -2.05
N VAL C 15 -9.14 5.71 -3.25
CA VAL C 15 -9.08 4.73 -4.32
C VAL C 15 -7.67 4.61 -4.88
N VAL C 16 -7.30 3.40 -5.29
CA VAL C 16 -5.97 3.15 -5.83
C VAL C 16 -6.01 2.89 -7.33
N VAL C 17 -5.10 3.53 -8.04
CA VAL C 17 -5.01 3.36 -9.49
C VAL C 17 -3.77 2.57 -9.87
N LEU C 18 -3.95 1.61 -10.77
CA LEU C 18 -2.84 0.78 -11.22
C LEU C 18 -2.95 0.48 -12.72
N GLU C 19 -1.81 0.39 -13.38
CA GLU C 19 -1.77 0.12 -14.82
C GLU C 19 -1.30 -1.30 -15.08
N ASP C 20 -1.88 -2.25 -14.37
CA ASP C 20 -1.52 -3.66 -14.52
C ASP C 20 -0.02 -3.88 -14.33
N ILE C 21 0.59 -4.68 -15.20
CA ILE C 21 2.03 -4.96 -15.09
C ILE C 21 2.76 -4.62 -16.39
N LEU C 22 2.15 -4.96 -17.52
CA LEU C 22 2.75 -4.68 -18.83
C LEU C 22 1.77 -3.92 -19.72
N ALA C 23 1.00 -3.03 -19.10
CA ALA C 23 0.02 -2.22 -19.82
C ALA C 23 0.69 -1.34 -20.87
N THR C 24 1.73 -0.62 -20.44
CA THR C 24 2.46 0.26 -21.34
C THR C 24 3.92 0.40 -20.92
N LYS C 25 4.81 0.54 -21.90
CA LYS C 25 6.23 0.67 -21.61
C LYS C 25 6.93 1.49 -22.70
N PRO C 26 6.54 2.77 -22.85
CA PRO C 26 7.13 3.67 -23.85
C PRO C 26 8.64 3.79 -23.69
N SER C 27 9.35 3.80 -24.82
CA SER C 27 10.81 3.92 -24.80
C SER C 27 11.33 4.63 -26.06
N ILE C 28 12.17 5.63 -25.87
CA ILE C 28 12.75 6.38 -26.97
C ILE C 28 14.12 6.94 -26.60
N ALA C 29 14.99 6.06 -26.08
CA ALA C 29 16.32 6.46 -25.68
C ALA C 29 17.20 5.24 -25.36
N SER C 30 17.22 4.28 -26.28
CA SER C 30 17.99 3.06 -26.09
C SER C 30 19.20 3.04 -27.04
#